data_7N9B
#
_entry.id   7N9B
#
_cell.length_a   1.00
_cell.length_b   1.00
_cell.length_c   1.00
_cell.angle_alpha   90.00
_cell.angle_beta   90.00
_cell.angle_gamma   90.00
#
_symmetry.space_group_name_H-M   'P 1'
#
loop_
_entity.id
_entity.type
_entity.pdbx_description
1 polymer 'Spike glycoprotein'
2 polymer 'NB21 Nanobody'
#
loop_
_entity_poly.entity_id
_entity_poly.type
_entity_poly.pdbx_seq_one_letter_code
_entity_poly.pdbx_strand_id
1 'polypeptide(L)'
;MGGEGLRASPRRRPLLPLQPRGCPRGDGCLRGGRGRAGFGFWRVTGGSSASANHVHAFFFFLQLLGNVLVVVLSHHFGKE
LRPSQAEFGTATMFVFLVLLPLVSSQCVNLTTRTQLPPAYTNSFTRGVYYPDKVFRSSVLHSTQDLFLPFFSNVTWFHAI
HVSGTNGTKRFDNPVLPFNDGVYFASTEKSNIIRGWIFGTTLDSKTQSLLIVNNATNVVIKVCEFQFCNDPFLGVYYHKN
NKSWMESEFRVYSSANNCTFEYVSQPFLMDLEGKQGNFKNLREFVFKNIDGYFKIYSKHTPINLVRDLPQGFSALEPLVD
LPIGINITRFQTLLALHRSYLTPGDSSSGWTAGAAAYYVGYLQPRTFLLKYNENGTITDAVDCALDPLSETKCTLKSFTV
EKGIYQTSNFRVQPTESIVRFPNITNLCPFGEVFNATRFASVYAWNRKRISNCVADYSVLYNSASFSTFKCYGVSPTKLN
DLCFTNVYADSFVIRGDEVRQIAPGQTGKIADYNYKLPDDFTGCVIAWNSNNLDSKVGGNYNYLYRLFRKSNLKPFERDI
STEIYQAGSTPCNGVEGFNCYFPLQSYGFQPTNGVGYQPYRVVVLSFELLHAPATVCGPKKSTNLVKNKCVNFNFNGLTG
TGVLTESNKKFLPFQQFGRDIADTTDAVRDPQTLEILDITPCSFGGVSVITPGTNTSNQVAVLYQDVNCTEVPVAIHADQ
LTPTWRVYSTGSNVFQTRAGCLIGAEHVNNSYECDIPIGAGICASYQTQTNSPGSASSVASQSIIAYTMSLGAENSVAYS
NNSIAIPTNFTISVTTEILPVSMTKTSVDCTMYICGDSTECSNLLLQYGSFCTQLNRALTGIAVEQDKNTQEVFAQVKQI
YKTPPIKDFGGFNFSQILPDPSKPSKRSPIEDLLFNKVTLADAGFIKQYGDCLGDIAARDLICAQKFNGLTVLPPLLTDE
MIAQYTSALLAGTITSGWTFGAGPALQIPFPMQMAYRFNGIGVTQNVLYENQKLIANQFNSAIGKIQDSLSSTPSALGKL
QDVVNQNAQALNTLVKQLSSNFGAISSVLNDILSRLDPPEAEVQIDRLITGRLQSLQTYVTQQLIRAAEIRASANLAATK
MSECVLGQSKRVDFCGKGYHLMSFPQSAPHGVVFLHVTYVPAQEKNFTTAPAICHDGKAHFPREGVFVSNGTHWFVTQRN
FYEPQIITTDNTFVSGNCDVVIGIVNNTVYDPLQPELDSFKEELDKYFKNHTSPDVDLGDISGINASVVNIQKEIDRLNE
VAKNLNESLIDLQELGKYEQGSGYIPEAPRDGQAYVRKDGEWVLLSTFLGRSLEVLFQGPGHHHHHHHHSAWSHPQFEKG
GGSGGGGSGGSAWSHPQFEK
;
A,B,C
2 'polypeptide(L)'
;MASMTGGQQMGRDPNSQVQLVESGGGLVQAGGSLRLSCAVSGLGAHRVGWFRRAPGKEREFVAAIGANGGNTNYLDSVKG
RFTISRDNAKNTIYLQMNSLKPQDTAVYYCAARDIETAEYTYWGQGTQVTVSSKLAAALEHHHHHH
;
D,F
#
# COMPACT_ATOMS: atom_id res chain seq x y z
N ALA A 119 42.74 22.54 32.66
CA ALA A 119 43.31 23.01 31.37
C ALA A 119 42.50 22.47 30.21
N TYR A 120 41.97 23.36 29.39
CA TYR A 120 41.12 22.92 28.27
C TYR A 120 41.66 23.50 26.96
N THR A 121 41.74 22.64 25.96
CA THR A 121 42.16 23.11 24.62
C THR A 121 41.03 22.78 23.65
N ASN A 122 41.28 22.97 22.36
CA ASN A 122 40.19 22.81 21.38
C ASN A 122 40.30 21.43 20.76
N SER A 123 39.19 20.71 20.74
CA SER A 123 39.19 19.36 20.14
C SER A 123 39.01 19.54 18.65
N PHE A 124 40.10 19.48 17.92
CA PHE A 124 39.96 19.77 16.48
C PHE A 124 39.36 18.57 15.77
N THR A 125 39.36 18.57 14.45
CA THR A 125 38.59 17.51 13.75
C THR A 125 39.37 16.20 13.80
N ARG A 126 39.42 15.61 14.98
CA ARG A 126 40.16 14.34 15.11
C ARG A 126 39.36 13.26 15.85
N GLY A 127 38.20 13.56 16.40
CA GLY A 127 37.50 12.46 17.08
C GLY A 127 36.76 11.56 16.10
N VAL A 128 37.47 11.08 15.07
CA VAL A 128 36.80 10.30 14.02
C VAL A 128 37.53 8.98 13.86
N TYR A 129 36.79 7.89 13.94
CA TYR A 129 37.38 6.56 13.74
C TYR A 129 36.47 5.86 12.72
N TYR A 130 36.73 4.59 12.46
CA TYR A 130 35.92 3.89 11.46
C TYR A 130 34.89 3.14 12.26
N PRO A 131 33.60 3.46 12.12
CA PRO A 131 32.59 2.88 13.00
C PRO A 131 32.53 1.36 12.95
N ASP A 132 32.80 0.78 11.78
CA ASP A 132 32.60 -0.66 11.66
C ASP A 132 33.48 -1.23 10.54
N LYS A 133 33.41 -2.55 10.39
CA LYS A 133 34.23 -3.23 9.37
C LYS A 133 33.47 -3.32 8.06
N VAL A 134 33.43 -2.23 7.32
CA VAL A 134 32.82 -2.24 5.97
C VAL A 134 33.68 -1.36 5.09
N PHE A 135 33.60 -1.56 3.80
CA PHE A 135 34.48 -0.82 2.87
C PHE A 135 33.64 0.10 2.00
N ARG A 136 34.03 1.37 1.92
CA ARG A 136 33.31 2.33 1.07
C ARG A 136 34.34 3.10 0.26
N SER A 137 33.96 3.50 -0.94
CA SER A 137 34.92 4.23 -1.80
C SER A 137 34.23 5.36 -2.56
N SER A 138 34.76 6.58 -2.46
CA SER A 138 34.25 7.76 -3.21
C SER A 138 32.86 8.19 -2.71
N VAL A 139 32.32 7.49 -1.72
CA VAL A 139 30.92 7.73 -1.34
C VAL A 139 30.85 8.43 0.01
N LEU A 140 29.87 9.31 0.17
CA LEU A 140 29.69 10.00 1.45
C LEU A 140 28.69 9.15 2.23
N HIS A 141 29.14 8.60 3.35
CA HIS A 141 28.24 7.79 4.21
C HIS A 141 27.90 8.52 5.50
N SER A 142 26.63 8.49 5.88
CA SER A 142 26.20 9.14 7.13
C SER A 142 25.94 8.07 8.17
N THR A 143 26.55 8.24 9.35
CA THR A 143 26.45 7.21 10.40
C THR A 143 26.00 7.81 11.71
N GLN A 144 25.44 6.97 12.58
CA GLN A 144 25.06 7.44 13.93
C GLN A 144 25.77 6.54 14.91
N ASP A 145 26.93 6.97 15.37
CA ASP A 145 27.70 6.20 16.38
C ASP A 145 28.17 7.19 17.45
N LEU A 146 29.04 6.74 18.35
CA LEU A 146 29.58 7.66 19.36
C LEU A 146 30.88 8.21 18.82
N PHE A 147 30.95 9.52 18.65
CA PHE A 147 32.16 10.16 18.14
C PHE A 147 32.43 11.39 19.00
N LEU A 148 33.67 11.85 18.95
CA LEU A 148 33.97 13.06 19.75
C LEU A 148 33.55 14.29 18.95
N PRO A 149 32.72 15.17 19.51
CA PRO A 149 32.26 16.31 18.76
C PRO A 149 33.42 17.19 18.31
N PHE A 150 33.32 17.74 17.12
CA PHE A 150 34.42 18.58 16.61
C PHE A 150 34.43 19.91 17.34
N PHE A 151 35.60 20.52 17.43
CA PHE A 151 35.72 21.86 18.05
C PHE A 151 35.19 21.85 19.47
N SER A 152 35.35 20.75 20.17
CA SER A 152 34.94 20.70 21.59
C SER A 152 36.18 20.93 22.46
N ASN A 153 36.05 20.68 23.76
CA ASN A 153 37.19 20.88 24.66
C ASN A 153 37.62 19.52 25.21
N VAL A 154 38.88 19.16 24.96
CA VAL A 154 39.42 17.90 25.51
C VAL A 154 40.23 18.25 26.75
N THR A 155 39.97 17.54 27.84
CA THR A 155 40.65 17.91 29.09
C THR A 155 42.15 17.73 28.94
N TRP A 156 42.90 18.70 29.45
CA TRP A 156 44.37 18.67 29.31
C TRP A 156 44.97 18.36 30.67
N PHE A 157 46.09 17.67 30.67
CA PHE A 157 46.80 17.38 31.94
C PHE A 157 48.29 17.56 31.67
N HIS A 158 49.04 17.71 32.75
CA HIS A 158 50.51 17.89 32.63
C HIS A 158 51.21 16.69 33.28
N ALA A 159 52.28 16.22 32.65
CA ALA A 159 53.00 15.07 33.20
C ALA A 159 54.50 15.18 32.90
N PRO A 174 44.43 11.30 39.25
CA PRO A 174 43.48 12.05 38.44
C PRO A 174 42.28 11.19 38.03
N VAL A 175 41.41 10.84 38.98
CA VAL A 175 40.30 9.89 38.63
C VAL A 175 39.42 10.52 37.56
N LEU A 176 39.08 9.73 36.53
CA LEU A 176 38.25 10.28 35.44
C LEU A 176 37.07 9.34 35.20
N PRO A 177 35.85 9.88 34.99
CA PRO A 177 34.72 9.02 34.73
C PRO A 177 34.75 8.53 33.28
N PHE A 178 34.78 7.22 33.09
CA PHE A 178 34.70 6.64 31.73
C PHE A 178 33.24 6.39 31.43
N ASN A 179 32.46 7.46 31.35
CA ASN A 179 31.00 7.27 31.18
C ASN A 179 30.78 6.65 29.82
N ASP A 180 31.52 7.12 28.82
CA ASP A 180 31.44 6.55 27.46
C ASP A 180 32.88 6.52 26.99
N GLY A 181 33.13 5.98 25.81
CA GLY A 181 34.56 5.90 25.46
C GLY A 181 35.25 7.25 25.51
N VAL A 182 36.47 7.26 26.01
CA VAL A 182 37.22 8.53 26.07
C VAL A 182 38.18 8.66 24.90
N TYR A 183 38.40 9.88 24.46
CA TYR A 183 39.41 10.14 23.43
C TYR A 183 40.71 10.36 24.18
N PHE A 184 41.63 9.42 24.07
CA PHE A 184 42.92 9.52 24.77
C PHE A 184 44.00 9.75 23.72
N ALA A 185 44.60 10.93 23.73
CA ALA A 185 45.59 11.27 22.67
C ALA A 185 46.86 11.81 23.31
N SER A 186 47.56 10.96 24.05
CA SER A 186 48.77 11.42 24.77
C SER A 186 49.92 11.68 23.80
N THR A 187 50.68 12.73 24.09
CA THR A 187 51.84 13.05 23.22
C THR A 187 53.10 12.86 24.04
N GLU A 188 54.10 12.23 23.45
CA GLU A 188 55.31 11.91 24.25
C GLU A 188 56.52 11.89 23.32
N LYS A 189 57.70 12.01 23.90
CA LYS A 189 58.93 11.89 23.08
C LYS A 189 59.70 10.62 23.47
N SER A 190 59.64 10.21 24.73
CA SER A 190 60.44 9.05 25.19
C SER A 190 59.57 7.98 25.85
N ASN A 191 58.34 7.79 25.37
CA ASN A 191 57.50 6.67 25.87
C ASN A 191 57.33 6.74 27.39
N ILE A 192 57.01 7.90 27.92
CA ILE A 192 56.71 8.00 29.37
C ILE A 192 55.37 7.34 29.73
N ILE A 193 54.31 7.65 28.99
CA ILE A 193 52.99 7.09 29.37
C ILE A 193 52.96 5.63 28.92
N ARG A 194 52.56 4.72 29.81
CA ARG A 194 52.67 3.31 29.38
C ARG A 194 51.48 2.45 29.82
N GLY A 195 50.41 3.05 30.31
CA GLY A 195 49.32 2.13 30.71
C GLY A 195 47.99 2.80 30.94
N TRP A 196 46.96 1.98 31.00
CA TRP A 196 45.60 2.46 31.32
C TRP A 196 45.04 1.53 32.38
N ILE A 197 44.25 2.09 33.28
CA ILE A 197 43.59 1.23 34.29
C ILE A 197 42.09 1.35 34.07
N PHE A 198 41.37 0.26 34.31
CA PHE A 198 39.92 0.31 34.10
C PHE A 198 39.17 -0.28 35.28
N GLY A 199 37.90 0.08 35.41
CA GLY A 199 37.07 -0.55 36.46
C GLY A 199 35.95 0.34 36.89
N THR A 200 35.26 -0.06 37.95
CA THR A 200 34.21 0.81 38.54
C THR A 200 34.66 1.28 39.92
N THR A 201 35.61 0.58 40.55
CA THR A 201 36.15 1.04 41.86
C THR A 201 37.68 0.98 41.89
N LEU A 202 38.30 0.15 41.05
CA LEU A 202 39.79 -0.02 40.98
C LEU A 202 40.33 -0.80 42.17
N ASP A 203 39.46 -1.29 43.05
CA ASP A 203 39.90 -2.09 44.23
C ASP A 203 39.49 -3.53 43.97
N SER A 204 40.35 -4.47 44.32
CA SER A 204 40.11 -5.88 43.96
C SER A 204 39.03 -6.48 44.88
N LYS A 205 37.77 -6.16 44.57
CA LYS A 205 36.66 -6.74 45.35
C LYS A 205 35.94 -7.77 44.50
N SER A 208 37.85 -3.68 34.45
CA SER A 208 38.93 -3.99 35.42
C SER A 208 40.19 -4.36 34.64
N LEU A 209 40.20 -4.02 33.36
CA LEU A 209 41.36 -4.38 32.51
C LEU A 209 42.62 -3.70 32.97
N LEU A 210 43.71 -4.43 32.90
CA LEU A 210 45.04 -3.84 33.22
C LEU A 210 45.79 -3.79 31.90
N ILE A 211 46.36 -2.64 31.59
CA ILE A 211 47.21 -2.54 30.37
C ILE A 211 48.58 -2.07 30.84
N VAL A 212 49.58 -2.90 30.59
CA VAL A 212 50.96 -2.52 30.97
C VAL A 212 51.84 -2.59 29.75
N ASN A 213 52.55 -1.50 29.48
CA ASN A 213 53.50 -1.50 28.36
C ASN A 213 54.92 -1.49 28.94
N ASN A 214 55.72 -2.46 28.51
CA ASN A 214 57.15 -2.49 28.91
C ASN A 214 57.95 -2.17 27.65
N ALA A 215 59.26 -2.17 27.77
CA ALA A 215 60.03 -1.73 26.57
C ALA A 215 59.88 -2.72 25.41
N THR A 216 59.46 -3.95 25.70
CA THR A 216 59.35 -4.95 24.62
C THR A 216 57.96 -5.59 24.48
N ASN A 217 57.04 -5.35 25.41
CA ASN A 217 55.77 -6.11 25.40
C ASN A 217 54.58 -5.25 25.78
N VAL A 218 53.39 -5.69 25.38
CA VAL A 218 52.12 -5.04 25.79
C VAL A 218 51.20 -6.18 26.24
N VAL A 219 51.01 -6.31 27.54
CA VAL A 219 50.24 -7.47 28.05
C VAL A 219 49.00 -6.95 28.74
N ILE A 220 47.85 -7.47 28.33
CA ILE A 220 46.57 -7.01 28.90
C ILE A 220 45.97 -8.17 29.67
N LYS A 221 45.58 -7.91 30.91
CA LYS A 221 44.86 -8.95 31.67
C LYS A 221 43.77 -8.30 32.50
N VAL A 222 42.55 -8.80 32.36
CA VAL A 222 41.46 -8.30 33.23
C VAL A 222 41.28 -9.25 34.41
N CYS A 223 42.04 -9.03 35.47
CA CYS A 223 41.83 -9.79 36.72
C CYS A 223 41.99 -8.74 37.81
N GLU A 224 41.43 -9.01 38.98
CA GLU A 224 41.52 -7.96 40.02
C GLU A 224 42.94 -7.95 40.58
N PHE A 225 43.70 -6.91 40.29
CA PHE A 225 45.06 -6.78 40.84
C PHE A 225 45.06 -5.56 41.75
N GLN A 226 45.64 -5.67 42.94
CA GLN A 226 45.60 -4.52 43.87
C GLN A 226 46.73 -3.58 43.50
N PHE A 227 46.45 -2.66 42.60
CA PHE A 227 47.47 -1.65 42.24
C PHE A 227 47.47 -0.55 43.29
N CYS A 228 48.46 0.33 43.21
CA CYS A 228 48.61 1.36 44.26
C CYS A 228 47.63 2.51 44.11
N ASN A 229 47.54 3.35 45.13
CA ASN A 229 46.71 4.59 45.03
C ASN A 229 47.35 5.53 44.02
N ASP A 230 48.68 5.57 43.96
CA ASP A 230 49.40 6.41 42.97
C ASP A 230 50.34 5.48 42.23
N PRO A 231 49.81 4.60 41.36
CA PRO A 231 50.65 3.61 40.73
C PRO A 231 51.60 4.15 39.68
N PHE A 232 52.75 3.49 39.56
CA PHE A 232 53.76 3.86 38.55
C PHE A 232 54.44 2.56 38.17
N LEU A 233 55.04 2.51 36.99
CA LEU A 233 55.61 1.22 36.56
C LEU A 233 56.89 0.94 37.35
N GLY A 234 56.89 -0.17 38.10
CA GLY A 234 58.10 -0.56 38.83
C GLY A 234 59.04 -1.29 37.90
N VAL A 235 60.26 -0.76 37.74
CA VAL A 235 61.26 -1.49 36.92
C VAL A 235 62.54 -1.71 37.73
N THR A 259 41.99 -11.62 31.95
CA THR A 259 41.55 -12.92 31.43
C THR A 259 42.26 -13.10 30.11
N PHE A 260 42.51 -11.99 29.43
CA PHE A 260 43.30 -12.09 28.18
C PHE A 260 44.79 -12.15 28.47
N GLU A 261 45.54 -12.74 27.55
CA GLU A 261 47.02 -12.72 27.65
C GLU A 261 47.58 -12.60 26.24
N TYR A 262 48.51 -11.69 26.02
CA TYR A 262 49.05 -11.49 24.66
C TYR A 262 50.28 -10.58 24.75
N VAL A 263 50.96 -10.40 23.63
CA VAL A 263 52.07 -9.40 23.54
C VAL A 263 51.87 -8.64 22.23
N SER A 264 52.27 -7.37 22.19
CA SER A 264 52.09 -6.55 20.98
C SER A 264 53.22 -6.89 20.00
N PHE A 278 55.12 16.47 20.39
CA PHE A 278 56.46 16.29 19.81
C PHE A 278 56.31 15.70 18.42
N LYS A 279 57.04 14.65 18.11
CA LYS A 279 56.89 14.01 16.78
C LYS A 279 56.09 12.72 16.89
N ASN A 280 55.68 12.34 18.10
CA ASN A 280 54.89 11.11 18.30
C ASN A 280 53.77 11.36 19.31
N LEU A 281 52.53 11.14 18.89
CA LEU A 281 51.41 11.23 19.86
C LEU A 281 50.41 10.10 19.57
N ARG A 282 50.16 9.26 20.54
CA ARG A 282 49.29 8.10 20.27
C ARG A 282 47.84 8.51 20.43
N GLU A 283 47.06 8.35 19.36
CA GLU A 283 45.65 8.78 19.38
C GLU A 283 44.80 7.57 19.70
N PHE A 284 44.28 7.51 20.91
CA PHE A 284 43.49 6.34 21.33
C PHE A 284 42.08 6.74 21.67
N VAL A 285 41.12 6.00 21.16
CA VAL A 285 39.70 6.20 21.54
C VAL A 285 39.16 4.84 21.94
N PHE A 286 38.50 4.77 23.08
CA PHE A 286 38.08 3.43 23.56
C PHE A 286 36.58 3.37 23.59
N LYS A 287 36.04 2.16 23.69
CA LYS A 287 34.59 2.06 23.89
C LYS A 287 34.31 0.73 24.55
N ASN A 288 33.23 0.66 25.33
CA ASN A 288 32.97 -0.59 26.09
C ASN A 288 31.51 -0.96 25.88
N ILE A 289 31.22 -1.51 24.71
CA ILE A 289 29.82 -1.83 24.39
C ILE A 289 29.72 -3.29 23.94
N ASP A 290 28.56 -3.90 24.18
CA ASP A 290 28.31 -5.25 23.62
C ASP A 290 29.26 -6.29 24.20
N GLY A 291 29.74 -6.07 25.42
CA GLY A 291 30.55 -7.12 26.06
C GLY A 291 31.98 -7.17 25.55
N TYR A 292 32.34 -6.27 24.65
CA TYR A 292 33.70 -6.23 24.10
C TYR A 292 34.28 -4.86 24.42
N PHE A 293 35.56 -4.84 24.77
CA PHE A 293 36.22 -3.54 24.96
C PHE A 293 37.09 -3.34 23.73
N LYS A 294 36.63 -2.49 22.83
CA LYS A 294 37.33 -2.30 21.54
C LYS A 294 38.13 -1.01 21.58
N ILE A 295 39.33 -1.06 20.99
CA ILE A 295 40.24 0.12 21.09
C ILE A 295 40.60 0.56 19.69
N TYR A 296 40.80 1.86 19.52
CA TYR A 296 41.20 2.39 18.20
C TYR A 296 42.43 3.25 18.37
N SER A 297 43.39 3.12 17.47
CA SER A 297 44.65 3.85 17.69
C SER A 297 45.29 4.33 16.40
N LYS A 298 46.00 5.45 16.48
CA LYS A 298 46.80 5.94 15.34
C LYS A 298 48.02 6.65 15.93
N HIS A 299 49.18 6.51 15.29
CA HIS A 299 50.43 7.08 15.83
C HIS A 299 50.55 8.57 15.59
N THR A 300 50.00 9.05 14.49
CA THR A 300 50.04 10.50 14.16
C THR A 300 51.47 11.00 14.05
N PRO A 301 52.24 10.58 13.04
CA PRO A 301 53.64 10.99 12.96
C PRO A 301 53.81 12.43 12.43
N ILE A 302 53.32 13.40 13.20
CA ILE A 302 53.46 14.81 12.78
C ILE A 302 53.84 15.64 14.00
N ASN A 303 54.46 16.81 13.76
CA ASN A 303 54.96 17.60 14.90
C ASN A 303 54.12 18.83 15.20
N LEU A 304 53.49 18.85 16.39
CA LEU A 304 52.88 20.10 16.89
C LEU A 304 53.53 20.28 18.26
N VAL A 305 54.24 21.38 18.45
CA VAL A 305 55.08 21.49 19.68
C VAL A 305 54.29 21.41 20.97
N ARG A 306 53.17 22.10 21.07
CA ARG A 306 52.55 22.14 22.42
C ARG A 306 51.17 21.49 22.51
N ASP A 307 50.33 21.64 21.49
CA ASP A 307 48.92 21.19 21.64
C ASP A 307 48.53 20.20 20.56
N LEU A 308 47.22 19.98 20.42
CA LEU A 308 46.73 19.01 19.42
C LEU A 308 47.04 19.54 18.04
N PRO A 309 47.49 18.69 17.10
CA PRO A 309 47.69 19.15 15.74
C PRO A 309 46.39 19.55 15.04
N GLN A 310 46.48 20.53 14.14
CA GLN A 310 45.30 21.00 13.40
C GLN A 310 44.77 19.92 12.45
N GLY A 311 45.65 19.10 11.90
CA GLY A 311 45.23 18.18 10.83
C GLY A 311 44.18 17.17 11.17
N PHE A 312 43.49 16.69 10.15
CA PHE A 312 42.47 15.63 10.32
C PHE A 312 43.16 14.27 10.48
N SER A 313 42.72 13.51 11.47
CA SER A 313 43.32 12.17 11.69
C SER A 313 42.23 11.09 11.76
N ALA A 314 42.53 9.91 11.23
CA ALA A 314 41.55 8.81 11.24
C ALA A 314 42.04 7.69 12.15
N LEU A 315 41.14 7.15 12.98
CA LEU A 315 41.57 6.11 13.96
C LEU A 315 41.11 4.75 13.47
N GLU A 316 42.03 3.81 13.40
CA GLU A 316 41.72 2.48 12.84
C GLU A 316 41.57 1.44 13.94
N PRO A 317 40.81 0.36 13.70
CA PRO A 317 40.58 -0.64 14.72
C PRO A 317 41.76 -1.60 14.86
N LEU A 318 42.21 -1.80 16.10
CA LEU A 318 43.42 -2.63 16.26
C LEU A 318 43.13 -3.85 17.13
N VAL A 319 42.61 -3.64 18.32
CA VAL A 319 42.46 -4.80 19.22
C VAL A 319 41.03 -4.91 19.70
N ASP A 320 40.55 -6.15 19.79
CA ASP A 320 39.20 -6.39 20.38
C ASP A 320 39.37 -7.36 21.54
N LEU A 321 38.74 -7.07 22.66
CA LEU A 321 38.81 -8.00 23.80
C LEU A 321 37.42 -8.21 24.38
N PRO A 322 37.05 -9.46 24.72
CA PRO A 322 35.80 -9.68 25.40
C PRO A 322 35.95 -9.66 26.94
N ILE A 323 35.11 -8.87 27.60
CA ILE A 323 35.16 -8.81 29.09
C ILE A 323 33.77 -9.09 29.65
N GLY A 324 32.78 -8.35 29.20
CA GLY A 324 31.41 -8.47 29.73
C GLY A 324 31.16 -7.60 30.95
N ILE A 325 32.22 -7.04 31.52
CA ILE A 325 32.08 -6.31 32.81
C ILE A 325 32.09 -4.81 32.53
N ASN A 326 31.14 -4.09 33.14
CA ASN A 326 31.02 -2.64 32.84
C ASN A 326 32.17 -1.84 33.44
N ILE A 327 32.83 -1.04 32.62
CA ILE A 327 33.86 -0.10 33.14
C ILE A 327 33.16 1.22 33.34
N THR A 328 33.35 1.84 34.50
CA THR A 328 32.66 3.11 34.81
C THR A 328 33.66 4.24 35.00
N ARG A 329 34.79 3.95 35.65
CA ARG A 329 35.83 4.98 35.82
C ARG A 329 37.17 4.37 35.48
N PHE A 330 38.19 5.19 35.40
CA PHE A 330 39.50 4.67 34.97
C PHE A 330 40.57 5.67 35.34
N GLN A 331 41.81 5.29 35.10
CA GLN A 331 42.92 6.19 35.47
C GLN A 331 44.09 5.92 34.54
N THR A 332 45.02 6.86 34.51
CA THR A 332 46.19 6.72 33.61
C THR A 332 47.43 6.36 34.40
N LEU A 333 48.46 5.91 33.69
CA LEU A 333 49.69 5.46 34.35
C LEU A 333 50.84 6.28 33.77
N LEU A 334 51.74 6.72 34.63
CA LEU A 334 52.84 7.61 34.17
C LEU A 334 53.72 6.89 33.14
N ALA A 355 55.95 16.02 28.39
CA ALA A 355 55.00 14.89 28.45
C ALA A 355 53.64 15.39 28.93
N ALA A 356 52.70 15.55 28.00
CA ALA A 356 51.33 15.94 28.41
C ALA A 356 50.32 15.03 27.71
N TYR A 357 49.14 14.88 28.31
CA TYR A 357 48.13 13.98 27.73
C TYR A 357 46.76 14.62 27.75
N TYR A 358 45.97 14.35 26.71
CA TYR A 358 44.62 14.98 26.56
C TYR A 358 43.54 13.91 26.55
N VAL A 359 42.47 14.15 27.30
CA VAL A 359 41.35 13.18 27.37
C VAL A 359 40.03 13.85 27.01
N GLY A 360 39.25 13.23 26.14
CA GLY A 360 37.95 13.78 25.73
C GLY A 360 36.87 12.71 25.70
N TYR A 361 35.69 13.02 26.22
CA TYR A 361 34.65 11.97 26.34
C TYR A 361 33.73 11.94 25.13
N LEU A 362 33.44 10.75 24.65
CA LEU A 362 32.59 10.57 23.45
C LEU A 362 31.12 10.83 23.78
N GLN A 363 30.36 11.16 22.74
CA GLN A 363 28.90 11.37 22.88
C GLN A 363 28.28 10.81 21.60
N PRO A 364 27.02 10.37 21.60
CA PRO A 364 26.45 9.81 20.41
C PRO A 364 26.10 10.92 19.42
N ARG A 365 26.71 10.89 18.23
CA ARG A 365 26.46 11.95 17.25
C ARG A 365 26.36 11.38 15.85
N THR A 366 25.71 12.12 14.96
CA THR A 366 25.56 11.66 13.56
C THR A 366 26.62 12.35 12.72
N PHE A 367 27.40 11.56 12.00
CA PHE A 367 28.54 12.15 11.26
C PHE A 367 28.46 11.73 9.81
N LEU A 368 29.04 12.56 8.95
CA LEU A 368 29.08 12.23 7.51
C LEU A 368 30.55 12.05 7.14
N LEU A 369 30.89 10.91 6.56
CA LEU A 369 32.30 10.57 6.32
C LEU A 369 32.60 10.38 4.84
N LYS A 370 33.70 10.96 4.37
CA LYS A 370 34.03 10.86 2.93
C LYS A 370 35.12 9.83 2.73
N TYR A 371 34.73 8.66 2.26
CA TYR A 371 35.78 7.68 1.94
C TYR A 371 36.40 8.07 0.61
N ASN A 372 37.71 7.92 0.51
CA ASN A 372 38.39 8.28 -0.75
C ASN A 372 38.20 7.13 -1.74
N GLU A 373 38.88 7.19 -2.87
CA GLU A 373 38.79 6.03 -3.80
C GLU A 373 39.38 4.81 -3.10
N ASN A 374 40.46 4.99 -2.36
CA ASN A 374 41.16 3.85 -1.71
C ASN A 374 40.34 3.25 -0.56
N GLY A 375 39.40 4.00 0.00
CA GLY A 375 38.64 3.53 1.16
C GLY A 375 39.02 4.24 2.44
N THR A 376 40.07 5.07 2.39
CA THR A 376 40.49 5.84 3.58
C THR A 376 39.55 7.03 3.84
N ILE A 377 39.18 7.24 5.09
CA ILE A 377 38.23 8.32 5.42
C ILE A 377 39.04 9.60 5.45
N THR A 378 38.93 10.38 4.40
CA THR A 378 39.77 11.59 4.32
C THR A 378 39.12 12.81 4.98
N ASP A 379 37.81 12.81 5.10
CA ASP A 379 37.15 14.02 5.62
C ASP A 379 35.85 13.66 6.33
N ALA A 380 35.39 14.57 7.17
CA ALA A 380 34.10 14.38 7.85
C ALA A 380 33.50 15.74 8.14
N VAL A 381 32.20 15.77 8.32
CA VAL A 381 31.52 17.02 8.72
C VAL A 381 30.46 16.64 9.76
N ASP A 382 30.30 17.50 10.74
CA ASP A 382 29.34 17.19 11.82
C ASP A 382 27.92 17.45 11.34
N CYS A 383 26.97 16.89 12.04
CA CYS A 383 25.57 17.16 11.69
C CYS A 383 24.93 18.01 12.79
N ALA A 384 25.73 18.54 13.71
CA ALA A 384 25.14 19.47 14.70
C ALA A 384 26.01 20.69 14.98
N LEU A 385 27.20 20.79 14.40
CA LEU A 385 28.13 21.90 14.77
C LEU A 385 27.52 23.25 14.43
N ASP A 386 26.97 23.40 13.23
CA ASP A 386 26.45 24.72 12.80
C ASP A 386 25.48 24.49 11.66
N PRO A 387 24.63 25.46 11.29
CA PRO A 387 23.62 25.17 10.28
C PRO A 387 24.21 24.71 8.94
N LEU A 388 25.37 25.23 8.59
CA LEU A 388 26.01 24.79 7.33
C LEU A 388 26.26 23.29 7.41
N SER A 389 26.68 22.80 8.57
CA SER A 389 26.96 21.36 8.73
C SER A 389 25.66 20.61 8.54
N GLU A 390 24.57 21.13 9.07
CA GLU A 390 23.30 20.38 8.99
C GLU A 390 22.92 20.25 7.52
N THR A 391 23.12 21.32 6.76
CA THR A 391 22.76 21.28 5.34
C THR A 391 23.65 20.28 4.64
N LYS A 392 24.94 20.31 4.93
CA LYS A 392 25.87 19.45 4.20
C LYS A 392 25.43 18.02 4.45
N CYS A 393 24.97 17.75 5.65
CA CYS A 393 24.51 16.38 5.97
C CYS A 393 23.25 16.06 5.18
N THR A 394 22.31 16.99 5.11
CA THR A 394 21.01 16.66 4.47
C THR A 394 21.15 16.39 2.98
N LEU A 395 21.96 17.18 2.28
CA LEU A 395 22.06 16.99 0.83
C LEU A 395 22.92 15.76 0.48
N LYS A 396 23.56 15.13 1.47
CA LYS A 396 24.40 13.92 1.23
C LYS A 396 25.59 14.26 0.37
N SER A 397 26.10 15.48 0.51
CA SER A 397 27.35 15.84 -0.19
C SER A 397 28.05 16.94 0.61
N PHE A 398 29.36 17.05 0.45
CA PHE A 398 30.05 18.18 1.12
C PHE A 398 29.66 19.50 0.47
N THR A 399 29.66 19.55 -0.85
CA THR A 399 29.40 20.86 -1.50
C THR A 399 27.92 21.21 -1.42
N VAL A 400 27.62 22.49 -1.19
CA VAL A 400 26.21 22.93 -1.21
C VAL A 400 26.11 24.14 -2.12
N GLU A 401 25.23 24.08 -3.09
CA GLU A 401 25.09 25.18 -4.05
C GLU A 401 24.17 26.24 -3.49
N LYS A 402 24.25 27.43 -4.05
CA LYS A 402 23.49 28.56 -3.50
C LYS A 402 22.01 28.25 -3.50
N GLY A 403 21.35 28.62 -2.42
CA GLY A 403 19.91 28.36 -2.34
C GLY A 403 19.35 28.40 -0.95
N ILE A 404 18.15 27.86 -0.77
CA ILE A 404 17.54 27.71 0.57
C ILE A 404 17.20 26.24 0.74
N TYR A 405 17.57 25.66 1.88
CA TYR A 405 17.30 24.23 2.10
C TYR A 405 16.66 24.03 3.45
N GLN A 406 15.72 23.11 3.52
CA GLN A 406 15.05 22.78 4.79
C GLN A 406 15.88 21.68 5.44
N THR A 407 16.38 21.94 6.65
CA THR A 407 17.27 20.96 7.28
C THR A 407 16.57 20.20 8.39
N SER A 408 15.92 20.91 9.32
CA SER A 408 15.32 20.23 10.48
C SER A 408 14.12 21.00 10.96
N ASN A 409 13.49 20.51 12.01
CA ASN A 409 12.34 21.22 12.57
C ASN A 409 12.73 21.73 13.95
N PHE A 410 12.10 22.81 14.38
CA PHE A 410 12.45 23.40 15.68
C PHE A 410 11.23 23.35 16.57
N ARG A 411 11.37 22.76 17.76
CA ARG A 411 10.24 22.78 18.72
C ARG A 411 10.71 23.30 20.06
N VAL A 412 9.88 24.10 20.71
CA VAL A 412 10.23 24.63 22.05
C VAL A 412 10.24 23.49 23.06
N GLN A 413 11.12 23.57 24.03
CA GLN A 413 11.22 22.43 24.97
C GLN A 413 10.57 22.81 26.28
N PRO A 414 9.92 21.87 26.99
CA PRO A 414 9.18 22.24 28.19
C PRO A 414 10.06 22.90 29.25
N THR A 415 9.62 24.06 29.74
CA THR A 415 10.41 24.77 30.77
C THR A 415 10.35 24.05 32.10
N GLU A 416 9.15 23.67 32.51
CA GLU A 416 8.96 23.05 33.84
C GLU A 416 8.01 21.87 33.65
N SER A 417 7.73 21.16 34.72
CA SER A 417 6.75 20.05 34.62
C SER A 417 5.65 20.26 35.65
N ILE A 418 4.45 19.83 35.32
CA ILE A 418 3.30 19.99 36.25
C ILE A 418 2.49 18.71 36.34
N VAL A 419 1.89 18.48 37.49
CA VAL A 419 0.95 17.34 37.64
C VAL A 419 -0.16 17.81 38.58
N ARG A 420 -1.41 17.54 38.21
CA ARG A 420 -2.55 17.91 39.06
C ARG A 420 -3.46 16.70 39.22
N PHE A 421 -3.78 16.36 40.45
CA PHE A 421 -4.71 15.25 40.76
C PHE A 421 -5.67 15.83 41.79
N PRO A 422 -6.80 15.18 42.07
CA PRO A 422 -7.70 15.68 43.09
C PRO A 422 -6.99 15.72 44.45
N ASN A 423 -7.43 16.60 45.34
CA ASN A 423 -6.69 16.79 46.62
C ASN A 423 -7.05 15.70 47.60
N ILE A 424 -7.82 14.72 47.17
CA ILE A 424 -8.32 13.67 48.09
C ILE A 424 -7.13 13.01 48.78
N THR A 425 -7.22 12.86 50.10
CA THR A 425 -6.12 12.21 50.87
C THR A 425 -6.63 11.01 51.69
N ASN A 426 -7.88 10.57 51.48
CA ASN A 426 -8.42 9.49 52.35
C ASN A 426 -8.14 8.14 51.71
N LEU A 427 -7.09 7.47 52.16
CA LEU A 427 -6.68 6.22 51.48
C LEU A 427 -7.81 5.22 51.61
N CYS A 428 -8.01 4.44 50.56
CA CYS A 428 -9.22 3.60 50.59
C CYS A 428 -8.94 2.21 51.08
N PRO A 429 -9.94 1.59 51.74
CA PRO A 429 -9.73 0.30 52.33
C PRO A 429 -9.83 -0.88 51.36
N PHE A 430 -8.68 -1.30 50.87
CA PHE A 430 -8.68 -2.51 50.03
C PHE A 430 -8.44 -3.69 50.96
N GLY A 431 -8.19 -3.42 52.23
CA GLY A 431 -8.06 -4.52 53.19
C GLY A 431 -9.37 -5.25 53.32
N GLU A 432 -10.48 -4.53 53.29
CA GLU A 432 -11.79 -5.21 53.33
C GLU A 432 -11.98 -6.08 52.10
N VAL A 433 -11.72 -5.53 50.93
CA VAL A 433 -12.01 -6.31 49.69
C VAL A 433 -11.05 -7.49 49.57
N PHE A 434 -9.79 -7.32 49.90
CA PHE A 434 -8.84 -8.44 49.65
C PHE A 434 -8.65 -9.31 50.88
N ASN A 435 -8.76 -8.73 52.07
CA ASN A 435 -8.51 -9.48 53.34
C ASN A 435 -9.83 -9.66 54.08
N ALA A 436 -10.90 -9.94 53.35
CA ALA A 436 -12.19 -10.24 54.01
C ALA A 436 -12.25 -11.69 54.48
N THR A 437 -13.16 -11.95 55.42
CA THR A 437 -13.34 -13.34 55.91
C THR A 437 -14.40 -14.05 55.08
N ARG A 438 -15.36 -13.30 54.56
CA ARG A 438 -16.48 -13.95 53.83
C ARG A 438 -16.50 -13.51 52.37
N PHE A 439 -16.50 -14.48 51.47
CA PHE A 439 -16.65 -14.18 50.04
C PHE A 439 -17.89 -14.91 49.55
N ALA A 440 -18.67 -14.25 48.73
CA ALA A 440 -19.94 -14.87 48.31
C ALA A 440 -19.69 -15.92 47.25
N SER A 441 -20.71 -16.71 46.99
CA SER A 441 -20.61 -17.74 45.94
C SER A 441 -20.66 -17.08 44.57
N VAL A 442 -20.21 -17.81 43.58
CA VAL A 442 -20.15 -17.21 42.22
C VAL A 442 -21.55 -16.94 41.69
N TYR A 443 -22.52 -17.78 42.00
CA TYR A 443 -23.86 -17.63 41.38
C TYR A 443 -24.47 -16.28 41.72
N ALA A 444 -24.12 -15.71 42.87
CA ALA A 444 -24.62 -14.38 43.27
C ALA A 444 -23.43 -13.54 43.71
N TRP A 445 -22.50 -13.33 42.79
CA TRP A 445 -21.25 -12.62 43.16
C TRP A 445 -21.51 -11.21 43.64
N ASN A 446 -20.75 -10.80 44.66
CA ASN A 446 -20.90 -9.46 45.26
C ASN A 446 -20.19 -8.42 44.40
N ARG A 447 -20.55 -7.15 44.58
CA ARG A 447 -19.89 -6.04 43.84
C ARG A 447 -19.74 -4.88 44.80
N LYS A 448 -18.58 -4.27 44.84
CA LYS A 448 -18.34 -3.17 45.80
C LYS A 448 -18.05 -1.87 45.04
N ARG A 449 -18.65 -0.79 45.50
CA ARG A 449 -18.50 0.52 44.81
C ARG A 449 -17.32 1.28 45.38
N ILE A 450 -16.12 0.94 44.95
CA ILE A 450 -14.92 1.62 45.53
C ILE A 450 -14.87 3.02 44.94
N SER A 451 -14.73 4.01 45.81
CA SER A 451 -14.76 5.40 45.30
C SER A 451 -14.10 6.37 46.26
N ASN A 452 -13.83 7.58 45.78
CA ASN A 452 -13.36 8.70 46.63
C ASN A 452 -12.20 8.31 47.51
N CYS A 453 -11.11 7.90 46.90
CA CYS A 453 -9.92 7.53 47.68
C CYS A 453 -8.66 7.76 46.87
N VAL A 454 -7.54 7.37 47.43
CA VAL A 454 -6.25 7.48 46.71
C VAL A 454 -5.69 6.07 46.72
N ALA A 455 -6.15 5.26 45.78
CA ALA A 455 -5.74 3.84 45.79
C ALA A 455 -4.24 3.75 45.60
N ASP A 456 -3.64 2.78 46.25
CA ASP A 456 -2.18 2.57 46.09
C ASP A 456 -2.03 1.16 45.54
N TYR A 457 -2.07 1.05 44.22
CA TYR A 457 -1.91 -0.28 43.59
C TYR A 457 -0.47 -0.73 43.76
N SER A 458 0.42 0.14 44.24
CA SER A 458 1.80 -0.31 44.50
C SER A 458 1.77 -1.41 45.56
N VAL A 459 0.98 -1.22 46.60
CA VAL A 459 0.93 -2.21 47.71
C VAL A 459 0.30 -3.52 47.23
N LEU A 460 -0.74 -3.41 46.43
CA LEU A 460 -1.34 -4.64 45.87
C LEU A 460 -0.41 -5.33 44.89
N TYR A 461 0.29 -4.59 44.04
CA TYR A 461 1.09 -5.27 43.00
C TYR A 461 2.43 -5.77 43.52
N ASN A 462 3.08 -5.01 44.39
CA ASN A 462 4.44 -5.43 44.81
C ASN A 462 4.33 -6.79 45.51
N SER A 463 3.29 -6.97 46.32
CA SER A 463 3.08 -8.28 46.97
C SER A 463 2.68 -9.27 45.88
N ALA A 464 3.24 -10.48 45.90
CA ALA A 464 2.96 -11.44 44.82
C ALA A 464 2.33 -12.72 45.40
N SER A 465 1.57 -12.56 46.48
CA SER A 465 0.88 -13.74 47.06
C SER A 465 -0.11 -14.30 46.04
N PHE A 466 -0.71 -13.44 45.23
CA PHE A 466 -1.79 -13.86 44.32
C PHE A 466 -1.29 -14.89 43.32
N SER A 467 -2.11 -15.91 43.07
CA SER A 467 -1.75 -16.90 42.04
C SER A 467 -1.74 -16.25 40.66
N THR A 468 -2.74 -15.42 40.39
CA THR A 468 -2.78 -14.69 39.10
C THR A 468 -3.09 -13.22 39.33
N PHE A 469 -2.27 -12.33 38.78
CA PHE A 469 -2.55 -10.87 38.85
C PHE A 469 -2.41 -10.40 37.41
N LYS A 470 -3.47 -10.58 36.64
CA LYS A 470 -3.40 -10.25 35.20
C LYS A 470 -4.13 -8.94 34.96
N CYS A 471 -3.52 -8.05 34.19
CA CYS A 471 -4.11 -6.73 33.94
C CYS A 471 -4.45 -6.62 32.46
N TYR A 472 -5.68 -6.22 32.16
CA TYR A 472 -6.14 -6.15 30.76
C TYR A 472 -6.30 -4.68 30.38
N GLY A 473 -5.61 -4.26 29.33
CA GLY A 473 -5.82 -2.89 28.83
C GLY A 473 -5.08 -1.88 29.65
N VAL A 474 -4.36 -2.31 30.66
CA VAL A 474 -3.50 -1.39 31.45
C VAL A 474 -2.23 -2.16 31.80
N SER A 475 -1.18 -1.44 32.17
CA SER A 475 0.09 -2.09 32.55
C SER A 475 0.22 -1.96 34.06
N PRO A 476 0.40 -3.07 34.80
CA PRO A 476 0.39 -3.01 36.25
C PRO A 476 1.52 -2.15 36.84
N THR A 477 2.56 -1.94 36.05
CA THR A 477 3.70 -1.13 36.52
C THR A 477 3.25 0.30 36.81
N LYS A 478 2.36 0.86 36.00
CA LYS A 478 2.01 2.30 36.17
C LYS A 478 0.56 2.55 36.61
N LEU A 479 -0.11 1.58 37.24
CA LEU A 479 -1.50 1.85 37.70
C LEU A 479 -1.46 2.99 38.71
N ASN A 480 -0.32 3.20 39.35
CA ASN A 480 -0.20 4.24 40.41
C ASN A 480 -0.20 5.65 39.83
N ASP A 481 0.01 5.81 38.54
CA ASP A 481 0.10 7.16 37.93
C ASP A 481 -1.16 7.54 37.16
N LEU A 482 -2.13 6.64 37.01
CA LEU A 482 -3.39 6.93 36.30
C LEU A 482 -4.46 7.48 37.25
N CYS A 483 -5.61 7.88 36.69
CA CYS A 483 -6.75 8.30 37.53
C CYS A 483 -8.00 7.59 37.01
N PHE A 484 -8.86 7.13 37.91
CA PHE A 484 -10.07 6.38 37.49
C PHE A 484 -11.29 6.98 38.17
N THR A 485 -12.45 6.82 37.56
CA THR A 485 -13.61 7.54 38.14
C THR A 485 -14.40 6.63 39.08
N ASN A 486 -14.79 5.45 38.61
CA ASN A 486 -15.49 4.48 39.48
C ASN A 486 -14.78 3.15 39.31
N VAL A 487 -14.38 2.55 40.44
CA VAL A 487 -13.74 1.22 40.35
C VAL A 487 -14.56 0.23 41.16
N TYR A 488 -14.83 -0.93 40.57
CA TYR A 488 -15.68 -1.92 41.26
C TYR A 488 -14.97 -3.26 41.40
N ALA A 489 -15.21 -3.93 42.51
CA ALA A 489 -14.60 -5.25 42.77
C ALA A 489 -15.70 -6.30 42.86
N ASP A 490 -15.56 -7.37 42.09
CA ASP A 490 -16.53 -8.47 42.18
C ASP A 490 -15.86 -9.65 42.87
N SER A 491 -15.94 -9.68 44.20
CA SER A 491 -15.40 -10.84 44.94
C SER A 491 -16.22 -12.08 44.63
N PHE A 492 -15.54 -13.17 44.30
CA PHE A 492 -16.23 -14.46 44.13
C PHE A 492 -15.20 -15.55 44.36
N VAL A 493 -15.66 -16.79 44.49
CA VAL A 493 -14.75 -17.92 44.79
C VAL A 493 -15.00 -19.06 43.82
N ILE A 494 -13.91 -19.70 43.40
CA ILE A 494 -14.02 -20.85 42.46
C ILE A 494 -12.78 -21.71 42.62
N ARG A 495 -12.85 -22.92 42.11
CA ARG A 495 -11.67 -23.80 42.11
C ARG A 495 -10.61 -23.27 41.14
N GLY A 496 -9.36 -23.59 41.39
CA GLY A 496 -8.29 -23.09 40.51
C GLY A 496 -8.35 -23.70 39.14
N ASP A 497 -9.12 -24.77 38.96
CA ASP A 497 -9.17 -25.50 37.66
C ASP A 497 -9.76 -24.60 36.56
N GLU A 498 -10.68 -23.71 36.93
CA GLU A 498 -11.35 -22.86 35.93
C GLU A 498 -10.91 -21.40 36.06
N VAL A 499 -9.69 -21.16 36.54
CA VAL A 499 -9.18 -19.75 36.54
C VAL A 499 -8.97 -19.35 35.08
N ARG A 500 -8.81 -20.34 34.20
CA ARG A 500 -8.68 -20.01 32.77
C ARG A 500 -9.97 -19.32 32.32
N GLN A 501 -11.12 -19.73 32.85
CA GLN A 501 -12.41 -19.20 32.37
C GLN A 501 -12.59 -17.72 32.72
N ILE A 502 -11.96 -17.27 33.79
CA ILE A 502 -12.19 -15.84 34.19
C ILE A 502 -11.29 -14.96 33.33
N ALA A 503 -11.63 -14.88 32.05
CA ALA A 503 -10.91 -14.00 31.11
C ALA A 503 -11.92 -13.54 30.08
N PRO A 504 -11.81 -12.31 29.53
CA PRO A 504 -12.70 -11.89 28.48
C PRO A 504 -12.45 -12.72 27.22
N GLY A 505 -13.52 -13.33 26.71
CA GLY A 505 -13.43 -14.12 25.47
C GLY A 505 -13.40 -15.61 25.70
N GLN A 506 -13.02 -16.05 26.89
CA GLN A 506 -12.88 -17.50 27.10
C GLN A 506 -14.25 -18.13 27.29
N THR A 507 -14.36 -19.41 26.97
CA THR A 507 -15.65 -20.13 27.07
C THR A 507 -15.58 -21.23 28.11
N GLY A 508 -16.50 -21.19 29.08
CA GLY A 508 -16.59 -22.22 30.13
C GLY A 508 -17.90 -22.11 30.86
N LYS A 509 -18.27 -23.13 31.62
CA LYS A 509 -19.61 -23.09 32.25
C LYS A 509 -19.68 -21.94 33.25
N ILE A 510 -18.62 -21.74 34.02
CA ILE A 510 -18.60 -20.59 34.95
C ILE A 510 -18.60 -19.29 34.16
N ALA A 511 -17.88 -19.25 33.04
CA ALA A 511 -17.87 -18.05 32.18
C ALA A 511 -19.23 -17.83 31.53
N ASP A 512 -19.86 -18.91 31.07
CA ASP A 512 -21.09 -18.74 30.29
C ASP A 512 -22.32 -18.49 31.16
N TYR A 513 -22.55 -19.30 32.17
CA TYR A 513 -23.84 -19.19 32.90
C TYR A 513 -23.73 -18.41 34.20
N ASN A 514 -22.52 -18.20 34.72
CA ASN A 514 -22.44 -17.57 36.06
C ASN A 514 -21.76 -16.20 36.06
N TYR A 515 -20.62 -16.09 35.39
CA TYR A 515 -19.96 -14.77 35.30
C TYR A 515 -19.31 -14.63 33.93
N LYS A 516 -19.72 -13.64 33.17
CA LYS A 516 -19.06 -13.42 31.85
C LYS A 516 -18.42 -12.03 31.83
N LEU A 517 -17.12 -11.99 31.62
CA LEU A 517 -16.49 -10.67 31.49
C LEU A 517 -16.90 -10.12 30.13
N PRO A 518 -17.06 -8.81 29.95
CA PRO A 518 -17.37 -8.30 28.64
C PRO A 518 -16.22 -8.61 27.68
N ASP A 519 -16.53 -8.73 26.40
CA ASP A 519 -15.45 -8.95 25.41
C ASP A 519 -14.51 -7.75 25.36
N ASP A 520 -14.97 -6.59 25.82
CA ASP A 520 -14.12 -5.37 25.86
C ASP A 520 -13.74 -5.03 27.30
N PHE A 521 -13.34 -6.03 28.08
CA PHE A 521 -13.12 -5.74 29.52
C PHE A 521 -11.88 -4.88 29.72
N THR A 522 -11.95 -3.96 30.67
CA THR A 522 -10.75 -3.17 31.03
C THR A 522 -10.53 -3.24 32.55
N GLY A 523 -9.37 -3.70 32.97
CA GLY A 523 -9.11 -3.82 34.40
C GLY A 523 -8.06 -4.86 34.71
N CYS A 524 -7.97 -5.27 35.97
CA CYS A 524 -7.06 -6.35 36.35
C CYS A 524 -7.84 -7.45 37.07
N VAL A 525 -7.63 -8.70 36.68
CA VAL A 525 -8.26 -9.85 37.36
C VAL A 525 -7.25 -10.45 38.34
N ILE A 526 -7.68 -10.63 39.59
CA ILE A 526 -6.74 -11.10 40.64
C ILE A 526 -7.31 -12.36 41.30
N ALA A 527 -6.46 -13.34 41.53
CA ALA A 527 -6.89 -14.58 42.22
C ALA A 527 -5.81 -15.07 43.16
N TRP A 528 -6.22 -15.70 44.27
CA TRP A 528 -5.24 -16.35 45.15
C TRP A 528 -5.93 -17.44 45.94
N ASN A 529 -5.15 -18.42 46.38
CA ASN A 529 -5.72 -19.54 47.18
C ASN A 529 -5.97 -19.09 48.61
N SER A 530 -7.01 -19.65 49.21
CA SER A 530 -7.31 -19.29 50.62
C SER A 530 -7.71 -20.53 51.40
N ASN A 531 -7.10 -21.68 51.16
CA ASN A 531 -7.55 -22.92 51.83
C ASN A 531 -7.38 -22.77 53.35
N ASN A 532 -6.51 -21.88 53.77
CA ASN A 532 -6.31 -21.61 55.22
C ASN A 532 -7.62 -21.09 55.82
N LEU A 533 -8.39 -20.34 55.04
CA LEU A 533 -9.69 -19.83 55.54
C LEU A 533 -10.85 -20.39 54.73
N ASP A 534 -10.59 -21.25 53.73
CA ASP A 534 -11.67 -21.73 52.83
C ASP A 534 -11.90 -23.22 53.00
N SER A 535 -10.86 -24.03 52.77
CA SER A 535 -11.01 -25.50 52.97
C SER A 535 -11.07 -25.79 54.47
N LYS A 536 -11.83 -26.82 54.84
CA LYS A 536 -12.01 -27.09 56.28
C LYS A 536 -11.90 -28.59 56.51
N VAL A 537 -12.13 -29.00 57.75
CA VAL A 537 -12.15 -30.46 58.02
C VAL A 537 -13.46 -31.01 57.44
N GLY A 538 -13.35 -31.92 56.47
CA GLY A 538 -14.58 -32.40 55.83
C GLY A 538 -15.04 -31.47 54.72
N GLY A 539 -14.37 -30.35 54.51
CA GLY A 539 -14.70 -29.48 53.37
C GLY A 539 -15.90 -28.58 53.60
N ASN A 540 -16.21 -27.77 52.58
CA ASN A 540 -17.34 -26.82 52.69
C ASN A 540 -18.22 -26.91 51.46
N TYR A 541 -19.52 -26.88 51.69
CA TYR A 541 -20.51 -26.97 50.58
C TYR A 541 -21.30 -25.67 50.43
N ASN A 542 -20.86 -24.60 51.09
CA ASN A 542 -21.57 -23.31 50.99
C ASN A 542 -21.34 -22.64 49.63
N TYR A 543 -20.34 -23.07 48.88
CA TYR A 543 -19.99 -22.39 47.60
C TYR A 543 -20.74 -23.06 46.46
N LEU A 544 -21.38 -22.24 45.61
CA LEU A 544 -22.28 -22.82 44.58
C LEU A 544 -21.89 -22.36 43.18
N TYR A 545 -22.61 -22.88 42.20
CA TYR A 545 -22.45 -22.48 40.79
C TYR A 545 -23.65 -23.03 40.05
N ARG A 546 -23.74 -22.79 38.75
CA ARG A 546 -24.95 -23.23 38.00
C ARG A 546 -24.59 -24.22 36.89
N LEU A 547 -25.53 -25.11 36.61
CA LEU A 547 -25.33 -26.10 35.52
C LEU A 547 -26.24 -25.80 34.33
N PHE A 548 -27.40 -25.21 34.58
CA PHE A 548 -28.36 -24.95 33.49
C PHE A 548 -28.89 -23.53 33.62
N ARG A 549 -29.21 -22.93 32.48
CA ARG A 549 -29.87 -21.61 32.49
C ARG A 549 -30.60 -21.49 31.16
N LYS A 550 -31.53 -20.56 31.07
CA LYS A 550 -32.33 -20.44 29.83
C LYS A 550 -31.39 -20.17 28.66
N SER A 551 -30.41 -19.30 28.85
CA SER A 551 -29.50 -18.92 27.76
C SER A 551 -28.19 -18.44 28.36
N ASN A 552 -27.19 -18.25 27.51
CA ASN A 552 -25.91 -17.72 28.01
C ASN A 552 -26.13 -16.31 28.55
N LEU A 553 -25.71 -16.07 29.77
CA LEU A 553 -25.95 -14.75 30.39
C LEU A 553 -25.18 -13.66 29.66
N LYS A 554 -25.71 -12.46 29.68
CA LYS A 554 -24.99 -11.32 29.06
C LYS A 554 -23.79 -10.98 29.95
N PRO A 555 -22.79 -10.24 29.45
CA PRO A 555 -21.72 -9.86 30.32
C PRO A 555 -22.14 -9.01 31.51
N PHE A 556 -21.48 -9.22 32.65
CA PHE A 556 -21.72 -8.42 33.87
C PHE A 556 -23.18 -8.44 34.29
N GLU A 557 -23.76 -9.63 34.33
CA GLU A 557 -25.15 -9.71 34.85
C GLU A 557 -25.19 -10.72 35.99
N ARG A 558 -26.10 -10.50 36.93
CA ARG A 558 -26.22 -11.40 38.11
C ARG A 558 -27.47 -12.23 37.91
N ASP A 559 -27.37 -13.55 38.02
CA ASP A 559 -28.61 -14.37 37.96
C ASP A 559 -28.82 -15.03 39.32
N ILE A 560 -29.90 -14.67 40.00
CA ILE A 560 -30.19 -15.26 41.33
C ILE A 560 -31.50 -16.04 41.24
N SER A 561 -31.81 -16.57 40.04
CA SER A 561 -33.05 -17.32 39.84
C SER A 561 -32.97 -18.71 40.48
N THR A 562 -34.13 -19.32 40.75
CA THR A 562 -34.17 -20.66 41.37
C THR A 562 -34.99 -21.65 40.53
N GLU A 563 -35.78 -21.18 39.57
CA GLU A 563 -36.71 -22.09 38.85
C GLU A 563 -35.97 -23.19 38.12
N ILE A 564 -36.56 -24.37 38.09
CA ILE A 564 -35.92 -25.54 37.43
C ILE A 564 -35.85 -25.30 35.93
N TYR A 565 -34.85 -25.90 35.30
CA TYR A 565 -34.65 -25.74 33.84
C TYR A 565 -35.23 -26.95 33.11
N GLN A 566 -36.08 -26.69 32.12
CA GLN A 566 -36.76 -27.81 31.42
C GLN A 566 -35.88 -28.28 30.28
N ALA A 567 -35.08 -29.31 30.54
CA ALA A 567 -34.26 -29.87 29.45
C ALA A 567 -35.18 -30.47 28.38
N GLY A 568 -36.32 -31.02 28.80
CA GLY A 568 -37.25 -31.67 27.86
C GLY A 568 -38.53 -30.88 27.71
N SER A 569 -39.39 -31.32 26.80
CA SER A 569 -40.71 -30.65 26.63
C SER A 569 -41.63 -30.99 27.79
N THR A 570 -41.22 -31.96 28.61
CA THR A 570 -42.10 -32.39 29.72
C THR A 570 -42.36 -31.22 30.66
N PRO A 571 -43.62 -30.90 31.00
CA PRO A 571 -43.87 -29.89 32.02
C PRO A 571 -43.36 -30.41 33.38
N CYS A 572 -42.76 -29.51 34.16
CA CYS A 572 -42.28 -29.89 35.51
C CYS A 572 -43.19 -29.31 36.59
N ASN A 573 -43.95 -28.28 36.28
CA ASN A 573 -44.98 -27.77 37.22
C ASN A 573 -44.39 -27.40 38.56
N GLY A 574 -43.17 -26.87 38.59
CA GLY A 574 -42.59 -26.39 39.86
C GLY A 574 -41.98 -27.50 40.70
N VAL A 575 -42.00 -28.73 40.20
CA VAL A 575 -41.48 -29.87 40.99
C VAL A 575 -40.44 -30.59 40.15
N GLU A 576 -39.34 -30.99 40.78
CA GLU A 576 -38.27 -31.64 40.00
C GLU A 576 -38.63 -33.09 39.71
N GLY A 577 -37.90 -33.67 38.76
CA GLY A 577 -38.16 -35.06 38.36
C GLY A 577 -37.23 -35.47 37.24
N PHE A 578 -37.62 -36.45 36.43
CA PHE A 578 -36.79 -36.81 35.27
C PHE A 578 -36.96 -35.74 34.20
N ASN A 579 -35.83 -35.21 33.71
CA ASN A 579 -35.84 -34.12 32.69
C ASN A 579 -36.20 -32.79 33.33
N CYS A 580 -36.20 -32.74 34.67
CA CYS A 580 -36.46 -31.48 35.40
C CYS A 580 -35.16 -31.25 36.17
N TYR A 581 -34.27 -30.43 35.63
CA TYR A 581 -32.93 -30.31 36.24
C TYR A 581 -32.80 -29.06 37.08
N PHE A 582 -32.56 -29.26 38.37
CA PHE A 582 -32.29 -28.11 39.26
C PHE A 582 -30.99 -27.47 38.78
N PRO A 583 -30.92 -26.13 38.63
CA PRO A 583 -29.73 -25.56 38.06
C PRO A 583 -28.49 -25.56 38.94
N LEU A 584 -28.65 -25.12 40.19
CA LEU A 584 -27.44 -24.93 41.02
C LEU A 584 -26.84 -26.27 41.43
N GLN A 585 -25.53 -26.25 41.70
CA GLN A 585 -24.90 -27.44 42.30
C GLN A 585 -23.79 -26.93 43.19
N SER A 586 -23.60 -27.57 44.33
CA SER A 586 -22.52 -27.17 45.24
C SER A 586 -21.17 -27.75 44.81
N TYR A 587 -20.11 -27.25 45.43
CA TYR A 587 -18.77 -27.79 45.15
C TYR A 587 -18.30 -28.69 46.28
N GLY A 588 -17.08 -29.22 46.16
CA GLY A 588 -16.47 -29.97 47.25
C GLY A 588 -15.06 -29.44 47.47
N PHE A 589 -14.72 -29.06 48.69
CA PHE A 589 -13.39 -28.43 48.92
C PHE A 589 -12.67 -29.12 50.07
N GLN A 590 -12.12 -30.29 49.79
CA GLN A 590 -11.50 -31.03 50.90
C GLN A 590 -10.02 -30.71 50.91
N PRO A 591 -9.32 -30.84 52.06
CA PRO A 591 -7.88 -30.66 52.08
C PRO A 591 -7.18 -31.74 51.25
N THR A 592 -7.82 -32.90 51.11
CA THR A 592 -7.23 -33.99 50.30
C THR A 592 -7.18 -33.57 48.83
N ASN A 593 -8.11 -32.72 48.42
CA ASN A 593 -8.18 -32.30 47.00
C ASN A 593 -6.93 -31.53 46.59
N GLY A 594 -6.52 -31.74 45.35
CA GLY A 594 -5.32 -31.04 44.84
C GLY A 594 -5.63 -29.59 44.50
N VAL A 595 -4.61 -28.85 44.08
CA VAL A 595 -4.84 -27.46 43.63
C VAL A 595 -5.75 -27.51 42.41
N GLY A 596 -5.92 -28.69 41.80
CA GLY A 596 -6.87 -28.85 40.68
C GLY A 596 -8.29 -28.57 41.13
N TYR A 597 -8.56 -28.68 42.44
CA TYR A 597 -9.90 -28.33 42.98
C TYR A 597 -9.79 -27.41 44.18
N GLN A 598 -8.60 -26.87 44.46
CA GLN A 598 -8.45 -26.05 45.67
C GLN A 598 -9.20 -24.73 45.50
N PRO A 599 -9.62 -24.08 46.60
CA PRO A 599 -10.29 -22.82 46.48
C PRO A 599 -9.38 -21.62 46.24
N TYR A 600 -9.87 -20.70 45.43
CA TYR A 600 -9.12 -19.45 45.16
C TYR A 600 -10.06 -18.27 45.34
N ARG A 601 -9.51 -17.18 45.85
CA ARG A 601 -10.32 -15.97 46.08
C ARG A 601 -10.07 -15.07 44.89
N VAL A 602 -11.13 -14.76 44.16
CA VAL A 602 -10.98 -13.94 42.94
C VAL A 602 -11.67 -12.59 43.10
N VAL A 603 -10.94 -11.53 42.80
CA VAL A 603 -11.56 -10.17 42.77
C VAL A 603 -11.17 -9.57 41.44
N VAL A 604 -12.15 -9.05 40.70
CA VAL A 604 -11.85 -8.47 39.38
C VAL A 604 -11.93 -6.96 39.52
N LEU A 605 -10.81 -6.29 39.29
CA LEU A 605 -10.79 -4.84 39.49
C LEU A 605 -11.22 -4.23 38.16
N SER A 606 -12.50 -3.92 38.04
CA SER A 606 -13.01 -3.43 36.75
C SER A 606 -12.79 -1.93 36.67
N PHE A 607 -11.81 -1.52 35.87
CA PHE A 607 -11.56 -0.09 35.69
C PHE A 607 -12.27 0.37 34.44
N GLU A 608 -12.96 1.50 34.54
CA GLU A 608 -13.55 2.05 33.30
C GLU A 608 -12.87 3.39 33.03
N LEU A 609 -11.96 3.44 32.08
CA LEU A 609 -11.20 4.69 31.87
C LEU A 609 -12.13 5.60 31.11
N LEU A 610 -12.73 6.55 31.83
CA LEU A 610 -13.76 7.38 31.18
C LEU A 610 -13.39 8.85 31.26
N HIS A 611 -14.41 9.69 31.14
CA HIS A 611 -14.16 11.14 31.23
C HIS A 611 -14.72 11.73 32.51
N ALA A 612 -15.41 10.96 33.33
CA ALA A 612 -16.07 11.59 34.48
C ALA A 612 -15.00 12.06 35.44
N PRO A 613 -15.34 12.92 36.42
CA PRO A 613 -14.35 13.28 37.41
C PRO A 613 -13.70 12.02 38.00
N ALA A 614 -12.37 12.02 38.01
CA ALA A 614 -11.66 10.82 38.47
C ALA A 614 -11.72 10.80 39.98
N THR A 615 -12.40 9.81 40.53
CA THR A 615 -12.54 9.84 42.01
C THR A 615 -11.39 9.11 42.68
N VAL A 616 -10.90 8.05 42.05
CA VAL A 616 -9.84 7.24 42.71
C VAL A 616 -8.58 7.25 41.86
N CYS A 617 -7.50 7.77 42.44
CA CYS A 617 -6.23 7.64 41.72
C CYS A 617 -5.02 7.56 42.64
N GLY A 618 -3.88 7.22 42.07
CA GLY A 618 -2.68 6.92 42.87
C GLY A 618 -2.11 8.09 43.61
N PRO A 619 -1.05 7.84 44.38
CA PRO A 619 -0.51 8.85 45.26
C PRO A 619 0.30 10.00 44.67
N LYS A 620 0.36 10.13 43.36
CA LYS A 620 1.25 11.19 42.82
C LYS A 620 0.88 12.54 43.41
N LYS A 621 1.90 13.26 43.88
CA LYS A 621 1.66 14.59 44.47
C LYS A 621 1.41 15.63 43.40
N SER A 622 0.53 16.58 43.71
CA SER A 622 0.20 17.64 42.74
C SER A 622 1.29 18.69 42.77
N THR A 623 1.08 19.81 42.10
CA THR A 623 2.07 20.91 42.18
C THR A 623 1.40 22.21 41.78
N ASN A 624 2.21 23.25 41.69
CA ASN A 624 1.67 24.58 41.37
C ASN A 624 1.26 24.64 39.90
N LEU A 625 0.14 25.29 39.64
CA LEU A 625 -0.24 25.48 38.22
C LEU A 625 0.69 26.53 37.60
N VAL A 626 1.14 26.26 36.39
CA VAL A 626 1.99 27.24 35.67
C VAL A 626 1.30 27.60 34.36
N LYS A 627 1.30 28.88 34.02
CA LYS A 627 0.57 29.31 32.82
C LYS A 627 1.46 30.11 31.89
N ASN A 628 1.09 30.17 30.63
CA ASN A 628 1.77 31.04 29.65
C ASN A 628 3.15 30.53 29.27
N LYS A 629 3.55 29.37 29.79
CA LYS A 629 4.88 28.83 29.48
C LYS A 629 4.71 27.42 28.96
N CYS A 630 5.59 26.99 28.07
CA CYS A 630 5.40 25.68 27.45
C CYS A 630 5.80 24.66 28.50
N VAL A 631 4.81 24.15 29.22
CA VAL A 631 5.08 23.24 30.36
C VAL A 631 4.44 21.89 30.12
N ASN A 632 5.20 20.84 30.38
CA ASN A 632 4.63 19.48 30.23
C ASN A 632 3.56 19.33 31.28
N PHE A 633 2.43 18.73 30.93
CA PHE A 633 1.32 18.66 31.89
C PHE A 633 0.77 17.26 32.05
N ASN A 634 0.36 16.97 33.28
CA ASN A 634 -0.35 15.71 33.57
C ASN A 634 -1.58 16.09 34.39
N PHE A 635 -2.75 16.03 33.78
CA PHE A 635 -4.00 16.34 34.49
C PHE A 635 -4.79 15.04 34.57
N ASN A 636 -4.77 14.39 35.72
CA ASN A 636 -5.56 13.16 35.91
C ASN A 636 -5.20 12.14 34.84
N GLY A 637 -3.91 11.96 34.57
CA GLY A 637 -3.53 10.91 33.62
C GLY A 637 -3.67 11.37 32.19
N LEU A 638 -4.01 12.64 31.99
CA LEU A 638 -4.06 13.23 30.62
C LEU A 638 -2.73 13.90 30.33
N THR A 639 -1.71 13.09 30.15
CA THR A 639 -0.35 13.65 29.93
C THR A 639 -0.25 14.30 28.57
N GLY A 640 0.40 15.44 28.54
CA GLY A 640 0.58 16.15 27.28
C GLY A 640 1.50 17.34 27.49
N THR A 641 1.95 17.92 26.39
CA THR A 641 2.83 19.10 26.47
C THR A 641 2.15 20.24 25.76
N GLY A 642 2.18 21.41 26.36
CA GLY A 642 1.60 22.58 25.72
C GLY A 642 1.70 23.78 26.62
N VAL A 643 1.10 24.88 26.19
CA VAL A 643 1.05 26.07 27.05
C VAL A 643 -0.38 26.22 27.55
N LEU A 644 -0.53 26.44 28.85
CA LEU A 644 -1.89 26.55 29.44
C LEU A 644 -2.27 28.01 29.60
N THR A 645 -3.44 28.37 29.12
CA THR A 645 -3.95 29.74 29.34
C THR A 645 -5.42 29.61 29.74
N GLU A 646 -5.89 30.57 30.52
CA GLU A 646 -7.28 30.49 30.99
C GLU A 646 -8.21 30.53 29.79
N SER A 647 -9.25 29.69 29.81
CA SER A 647 -10.15 29.61 28.64
C SER A 647 -11.55 30.08 29.03
N ASN A 648 -12.18 30.83 28.15
CA ASN A 648 -13.52 31.39 28.44
C ASN A 648 -14.60 30.35 28.12
N LYS A 649 -14.20 29.19 27.62
CA LYS A 649 -15.18 28.16 27.20
C LYS A 649 -15.97 27.68 28.40
N LYS A 650 -17.29 27.61 28.23
CA LYS A 650 -18.16 27.27 29.38
C LYS A 650 -18.45 25.78 29.40
N PHE A 651 -17.99 25.12 30.44
CA PHE A 651 -18.18 23.67 30.55
C PHE A 651 -19.48 23.41 31.29
N LEU A 652 -20.25 22.45 30.77
CA LEU A 652 -21.50 22.08 31.45
C LEU A 652 -21.14 21.32 32.72
N PRO A 653 -22.06 21.22 33.69
CA PRO A 653 -21.70 20.66 34.97
C PRO A 653 -21.12 19.24 34.97
N PHE A 654 -21.27 18.50 33.89
CA PHE A 654 -20.77 17.09 33.97
C PHE A 654 -19.42 16.88 33.29
N GLN A 655 -19.15 17.50 32.15
CA GLN A 655 -17.90 17.17 31.41
C GLN A 655 -16.69 17.92 31.97
N GLN A 656 -15.52 17.32 31.81
CA GLN A 656 -14.29 17.92 32.38
C GLN A 656 -13.32 18.48 31.35
N PHE A 657 -12.97 17.73 30.30
CA PHE A 657 -11.98 18.27 29.35
C PHE A 657 -12.52 18.33 27.94
N GLY A 658 -12.17 19.40 27.25
CA GLY A 658 -12.62 19.60 25.87
C GLY A 658 -11.83 18.84 24.83
N ARG A 659 -12.35 18.78 23.62
CA ARG A 659 -11.72 18.01 22.54
C ARG A 659 -11.65 18.85 21.27
N ASP A 660 -10.63 18.60 20.47
CA ASP A 660 -10.44 19.32 19.20
C ASP A 660 -10.94 18.46 18.04
N ILE A 661 -10.91 19.00 16.84
CA ILE A 661 -11.43 18.25 15.67
C ILE A 661 -10.60 16.98 15.48
N ALA A 662 -9.32 17.02 15.85
CA ALA A 662 -8.43 15.86 15.64
C ALA A 662 -8.34 15.00 16.90
N ASP A 663 -9.29 15.13 17.81
CA ASP A 663 -9.32 14.29 19.03
C ASP A 663 -8.03 14.44 19.81
N THR A 664 -7.64 15.67 20.06
CA THR A 664 -6.52 15.92 20.98
C THR A 664 -7.11 16.96 21.94
N THR A 665 -6.83 16.81 23.23
CA THR A 665 -7.47 17.70 24.20
C THR A 665 -7.13 19.14 23.89
N ASP A 666 -8.17 19.96 23.82
CA ASP A 666 -7.96 21.40 23.56
C ASP A 666 -8.15 22.19 24.84
N ALA A 667 -9.08 21.76 25.70
CA ALA A 667 -9.30 22.42 27.00
C ALA A 667 -9.45 21.37 28.06
N VAL A 668 -8.97 21.66 29.26
CA VAL A 668 -9.16 20.75 30.41
C VAL A 668 -9.62 21.59 31.59
N ARG A 669 -10.26 20.96 32.56
CA ARG A 669 -10.66 21.69 33.77
C ARG A 669 -9.78 21.21 34.92
N ASP A 670 -9.25 22.15 35.69
CA ASP A 670 -8.31 21.81 36.76
C ASP A 670 -8.99 21.03 37.88
N PRO A 671 -8.44 19.89 38.31
CA PRO A 671 -9.07 19.17 39.39
C PRO A 671 -9.12 19.91 40.73
N GLN A 672 -8.02 20.55 41.12
CA GLN A 672 -7.98 21.20 42.45
C GLN A 672 -8.96 22.37 42.51
N THR A 673 -8.93 23.24 41.51
CA THR A 673 -9.88 24.38 41.44
C THR A 673 -10.68 24.20 40.16
N LEU A 674 -12.00 24.35 40.23
CA LEU A 674 -12.78 24.00 39.03
C LEU A 674 -12.66 25.14 38.03
N GLU A 675 -11.48 25.24 37.43
CA GLU A 675 -11.21 26.32 36.46
C GLU A 675 -11.05 25.70 35.09
N ILE A 676 -11.36 26.48 34.06
CA ILE A 676 -11.29 25.93 32.68
C ILE A 676 -10.07 26.50 31.99
N LEU A 677 -9.20 25.62 31.53
CA LEU A 677 -7.92 26.03 30.91
C LEU A 677 -7.86 25.55 29.46
N ASP A 678 -7.15 26.31 28.64
CA ASP A 678 -6.99 25.95 27.23
C ASP A 678 -5.61 25.33 27.04
N ILE A 679 -5.53 24.31 26.21
CA ILE A 679 -4.23 23.68 25.91
C ILE A 679 -3.84 24.10 24.49
N THR A 680 -2.74 24.83 24.38
CA THR A 680 -2.26 25.22 23.05
C THR A 680 -0.90 24.60 22.81
N PRO A 681 -0.63 24.00 21.64
CA PRO A 681 0.64 23.38 21.42
C PRO A 681 1.78 24.41 21.43
N CYS A 682 2.96 23.95 21.79
CA CYS A 682 4.07 24.90 21.96
C CYS A 682 4.56 25.35 20.59
N SER A 683 5.37 26.40 20.57
CA SER A 683 5.79 26.94 19.26
C SER A 683 6.53 25.88 18.45
N PHE A 684 6.13 25.73 17.21
CA PHE A 684 6.75 24.71 16.34
C PHE A 684 6.88 25.30 14.94
N GLY A 685 8.03 25.08 14.32
CA GLY A 685 8.19 25.52 12.94
C GLY A 685 9.47 25.02 12.33
N GLY A 686 9.46 24.81 11.03
CA GLY A 686 10.65 24.32 10.33
C GLY A 686 11.70 25.40 10.23
N VAL A 687 12.96 24.99 10.13
CA VAL A 687 14.06 25.99 10.07
C VAL A 687 14.79 25.80 8.77
N SER A 688 14.93 26.86 8.00
CA SER A 688 15.57 26.80 6.67
C SER A 688 16.81 27.65 6.69
N VAL A 689 17.83 27.19 6.00
CA VAL A 689 19.11 27.95 5.92
C VAL A 689 19.22 28.63 4.56
N ILE A 690 19.60 29.89 4.58
CA ILE A 690 19.77 30.63 3.31
C ILE A 690 21.25 30.61 3.05
N THR A 691 21.70 29.75 2.18
CA THR A 691 23.15 29.60 2.03
C THR A 691 23.70 30.05 0.70
N PRO A 692 24.58 31.06 0.66
CA PRO A 692 25.28 31.36 -0.56
C PRO A 692 26.14 30.12 -0.79
N GLY A 693 26.43 29.81 -2.05
CA GLY A 693 27.10 28.53 -2.32
C GLY A 693 28.36 28.34 -1.48
N THR A 694 28.66 27.11 -1.11
CA THR A 694 29.81 26.82 -0.25
C THR A 694 31.10 27.36 -0.88
N ASN A 695 31.18 27.40 -2.21
CA ASN A 695 32.37 28.01 -2.85
C ASN A 695 32.47 29.49 -2.53
N THR A 696 31.36 30.22 -2.60
CA THR A 696 31.45 31.68 -2.38
C THR A 696 31.83 31.98 -0.94
N SER A 697 31.23 31.27 0.00
CA SER A 697 31.48 31.57 1.43
C SER A 697 31.00 30.40 2.27
N ASN A 698 31.16 30.50 3.58
CA ASN A 698 30.62 29.44 4.48
C ASN A 698 29.68 30.03 5.51
N GLN A 699 29.51 31.34 5.55
CA GLN A 699 28.54 31.91 6.48
C GLN A 699 27.13 31.67 5.95
N VAL A 700 26.22 31.27 6.82
CA VAL A 700 24.84 30.96 6.39
C VAL A 700 23.85 31.55 7.36
N ALA A 701 22.84 32.24 6.88
CA ALA A 701 21.77 32.72 7.75
C ALA A 701 20.71 31.63 7.93
N VAL A 702 19.82 31.81 8.90
CA VAL A 702 18.78 30.78 9.16
C VAL A 702 17.41 31.42 9.18
N LEU A 703 16.43 30.68 8.72
CA LEU A 703 15.04 31.17 8.69
C LEU A 703 14.18 30.25 9.54
N TYR A 704 13.53 30.81 10.54
CA TYR A 704 12.64 29.99 11.38
C TYR A 704 11.25 30.15 10.79
N GLN A 705 10.69 29.07 10.26
CA GLN A 705 9.42 29.24 9.53
C GLN A 705 8.23 29.50 10.43
N ASP A 706 7.59 30.63 10.25
CA ASP A 706 6.30 30.92 10.92
C ASP A 706 6.38 30.92 12.42
N VAL A 707 7.55 31.19 12.98
CA VAL A 707 7.61 31.34 14.45
C VAL A 707 8.38 32.62 14.74
N ASN A 708 7.68 33.60 15.27
CA ASN A 708 8.37 34.88 15.49
C ASN A 708 9.42 34.62 16.54
N CYS A 709 10.62 35.15 16.31
CA CYS A 709 11.75 34.85 17.22
C CYS A 709 11.84 35.78 18.40
N THR A 710 10.85 35.68 19.28
CA THR A 710 10.98 36.35 20.59
C THR A 710 11.39 35.22 21.53
N GLU A 711 11.42 33.99 21.00
CA GLU A 711 11.86 32.81 21.78
C GLU A 711 13.18 32.34 21.19
N VAL A 712 14.28 32.62 21.88
CA VAL A 712 15.62 32.29 21.30
C VAL A 712 16.06 30.88 21.72
N ASN A 733 20.30 42.35 12.30
CA ASN A 733 20.69 40.95 12.56
C ASN A 733 19.43 40.13 12.73
N VAL A 734 18.40 40.70 13.34
CA VAL A 734 17.14 39.95 13.58
C VAL A 734 16.04 40.63 12.80
N PHE A 735 15.87 40.21 11.55
CA PHE A 735 14.82 40.80 10.69
C PHE A 735 13.59 39.91 10.76
N GLN A 736 12.47 40.49 11.17
CA GLN A 736 11.22 39.71 11.22
C GLN A 736 10.48 39.93 9.92
N THR A 737 10.33 38.87 9.14
CA THR A 737 9.63 38.95 7.84
C THR A 737 8.23 38.37 7.99
N ARG A 738 7.50 38.23 6.90
CA ARG A 738 6.18 37.56 7.01
C ARG A 738 6.37 36.06 6.79
N ALA A 739 7.57 35.63 6.43
CA ALA A 739 7.88 34.20 6.22
C ALA A 739 8.50 33.61 7.48
N GLY A 740 8.63 34.41 8.53
CA GLY A 740 9.26 34.01 9.79
C GLY A 740 10.18 35.13 10.18
N CYS A 741 11.16 34.83 11.02
CA CYS A 741 12.17 35.87 11.28
C CYS A 741 13.52 35.35 10.81
N LEU A 742 14.32 36.23 10.25
CA LEU A 742 15.58 35.80 9.64
C LEU A 742 16.72 36.22 10.54
N ILE A 743 17.60 35.28 10.82
CA ILE A 743 18.78 35.54 11.69
C ILE A 743 20.04 35.41 10.86
N GLY A 744 20.92 36.38 10.98
CA GLY A 744 22.21 36.34 10.29
C GLY A 744 22.29 37.30 9.12
N ALA A 745 21.18 37.93 8.76
CA ALA A 745 21.17 38.81 7.58
C ALA A 745 20.48 40.10 7.95
N GLU A 746 20.80 41.17 7.22
CA GLU A 746 20.29 42.48 7.64
C GLU A 746 19.38 43.09 6.61
N HIS A 747 18.40 43.84 7.08
CA HIS A 747 17.49 44.54 6.15
C HIS A 747 18.25 45.61 5.39
N VAL A 748 17.90 45.81 4.13
CA VAL A 748 18.54 46.86 3.30
C VAL A 748 17.40 47.64 2.66
N ASN A 749 17.67 48.88 2.28
CA ASN A 749 16.63 49.67 1.58
C ASN A 749 16.87 49.71 0.08
N ASN A 750 17.92 49.07 -0.40
CA ASN A 750 18.17 48.99 -1.86
C ASN A 750 17.56 47.71 -2.41
N SER A 751 16.71 47.83 -3.42
CA SER A 751 16.00 46.66 -3.96
C SER A 751 16.73 46.12 -5.17
N TYR A 752 17.04 44.84 -5.17
CA TYR A 752 17.84 44.22 -6.25
C TYR A 752 17.06 43.06 -6.85
N GLU A 753 17.62 42.43 -7.86
CA GLU A 753 16.88 41.35 -8.53
C GLU A 753 16.88 40.13 -7.62
N CYS A 754 15.97 39.19 -7.86
CA CYS A 754 15.86 38.06 -6.91
C CYS A 754 16.98 37.05 -7.09
N ASP A 755 17.63 36.67 -5.99
CA ASP A 755 18.64 35.60 -6.08
C ASP A 755 18.22 34.40 -5.25
N ILE A 756 17.96 34.61 -3.95
CA ILE A 756 17.44 33.51 -3.10
C ILE A 756 16.01 33.87 -2.70
N PRO A 757 15.01 33.08 -3.10
CA PRO A 757 13.65 33.39 -2.71
C PRO A 757 13.36 32.99 -1.27
N ILE A 758 12.89 33.92 -0.46
CA ILE A 758 12.49 33.53 0.92
C ILE A 758 10.97 33.47 1.00
N GLY A 759 10.29 34.58 0.74
CA GLY A 759 8.83 34.55 0.73
C GLY A 759 8.27 35.91 1.02
N ALA A 760 7.02 36.12 0.68
CA ALA A 760 6.33 37.38 0.96
C ALA A 760 7.05 38.54 0.32
N GLY A 761 7.74 38.29 -0.78
CA GLY A 761 8.34 39.40 -1.54
C GLY A 761 9.68 39.84 -1.03
N ILE A 762 10.29 39.07 -0.14
CA ILE A 762 11.64 39.42 0.37
C ILE A 762 12.61 38.41 -0.18
N CYS A 763 13.78 38.86 -0.56
CA CYS A 763 14.79 37.95 -1.12
C CYS A 763 16.17 38.31 -0.57
N ALA A 764 17.02 37.30 -0.42
CA ALA A 764 18.35 37.52 0.16
C ALA A 764 19.42 37.10 -0.80
N SER A 765 20.59 37.70 -0.71
CA SER A 765 21.72 37.29 -1.56
C SER A 765 23.02 37.73 -0.92
N TYR A 766 24.13 37.20 -1.43
CA TYR A 766 25.44 37.60 -0.91
C TYR A 766 25.92 38.83 -1.65
N GLN A 767 26.17 39.90 -0.91
CA GLN A 767 26.59 41.17 -1.53
C GLN A 767 27.98 41.54 -1.04
N THR A 768 28.70 42.33 -1.84
CA THR A 768 30.05 42.80 -1.41
C THR A 768 30.07 44.32 -1.35
N GLN A 782 31.28 42.34 3.75
CA GLN A 782 30.45 41.27 3.14
C GLN A 782 29.47 40.66 4.16
N SER A 783 28.23 40.42 3.73
CA SER A 783 27.25 39.77 4.62
C SER A 783 26.06 39.30 3.78
N ILE A 784 25.02 38.81 4.44
CA ILE A 784 23.77 38.42 3.73
C ILE A 784 22.77 39.55 3.96
N ILE A 785 22.15 39.98 2.87
CA ILE A 785 21.18 41.10 2.98
C ILE A 785 19.81 40.60 2.55
N ALA A 786 18.79 41.00 3.28
CA ALA A 786 17.40 40.65 2.91
C ALA A 786 16.74 41.95 2.52
N TYR A 787 16.38 42.06 1.25
CA TYR A 787 15.83 43.32 0.72
C TYR A 787 14.49 43.02 0.05
N THR A 788 13.69 44.05 -0.13
CA THR A 788 12.45 43.79 -0.88
C THR A 788 12.83 43.44 -2.30
N MET A 789 12.16 42.45 -2.87
CA MET A 789 12.51 42.00 -4.22
C MET A 789 12.16 43.10 -5.22
N SER A 790 12.97 43.23 -6.26
CA SER A 790 12.76 44.34 -7.22
C SER A 790 11.99 43.80 -8.41
N LEU A 791 10.86 44.40 -8.73
CA LEU A 791 10.01 43.88 -9.83
C LEU A 791 10.77 43.99 -11.14
N GLY A 792 11.51 45.09 -11.31
CA GLY A 792 12.25 45.32 -12.55
C GLY A 792 12.46 46.81 -12.70
N ALA A 793 12.99 47.22 -13.83
CA ALA A 793 13.20 48.66 -14.06
C ALA A 793 11.88 49.34 -14.32
N GLU A 794 11.85 50.65 -14.23
CA GLU A 794 10.61 51.37 -14.56
C GLU A 794 10.84 52.23 -15.79
N ASN A 795 9.83 52.28 -16.66
CA ASN A 795 9.97 53.02 -17.93
C ASN A 795 8.64 53.66 -18.23
N SER A 796 8.65 54.96 -18.49
CA SER A 796 7.39 55.63 -18.89
C SER A 796 7.54 55.97 -20.35
N VAL A 797 6.59 55.52 -21.17
CA VAL A 797 6.75 55.75 -22.63
C VAL A 797 6.03 57.04 -22.99
N ALA A 798 6.69 57.89 -23.75
CA ALA A 798 6.09 59.20 -24.00
C ALA A 798 4.80 58.94 -24.76
N TYR A 799 3.69 59.35 -24.16
CA TYR A 799 2.41 59.18 -24.86
C TYR A 799 1.86 60.55 -25.25
N SER A 800 1.34 60.64 -26.47
CA SER A 800 0.73 61.88 -26.96
C SER A 800 -0.28 61.49 -28.03
N ASN A 801 -1.17 62.38 -28.39
CA ASN A 801 -2.24 61.98 -29.34
C ASN A 801 -1.75 62.01 -30.78
N ASN A 802 -0.55 62.50 -31.01
CA ASN A 802 -0.07 62.64 -32.41
C ASN A 802 1.37 62.17 -32.54
N SER A 803 1.87 61.37 -31.62
CA SER A 803 3.31 61.02 -31.61
C SER A 803 3.49 59.53 -31.82
N ILE A 804 4.41 59.13 -32.69
CA ILE A 804 4.67 57.72 -33.01
C ILE A 804 6.15 57.49 -33.06
N ALA A 805 6.57 56.27 -32.81
CA ALA A 805 7.99 55.89 -32.85
C ALA A 805 8.14 54.75 -33.83
N ILE A 806 9.09 54.82 -34.72
CA ILE A 806 9.23 53.80 -35.76
C ILE A 806 10.67 53.31 -35.77
N PRO A 807 10.96 52.00 -35.80
CA PRO A 807 12.31 51.56 -35.76
C PRO A 807 13.09 51.88 -37.03
N THR A 808 14.40 52.00 -36.90
CA THR A 808 15.26 52.37 -38.04
C THR A 808 16.28 51.29 -38.37
N ASN A 809 16.68 50.48 -37.41
CA ASN A 809 17.60 49.36 -37.69
C ASN A 809 17.03 48.14 -36.99
N PHE A 810 17.76 47.04 -37.02
CA PHE A 810 17.27 45.86 -36.30
C PHE A 810 18.44 45.02 -35.86
N THR A 811 18.17 44.12 -34.92
CA THR A 811 19.24 43.26 -34.39
C THR A 811 18.76 41.82 -34.45
N ILE A 812 19.27 41.04 -35.39
CA ILE A 812 18.90 39.61 -35.39
C ILE A 812 19.41 38.99 -34.10
N SER A 813 18.57 38.25 -33.43
CA SER A 813 18.97 37.60 -32.16
C SER A 813 18.67 36.13 -32.20
N VAL A 814 19.53 35.32 -31.59
CA VAL A 814 19.26 33.86 -31.51
C VAL A 814 19.09 33.51 -30.05
N THR A 815 18.05 32.77 -29.74
CA THR A 815 17.77 32.37 -28.36
C THR A 815 17.71 30.85 -28.28
N THR A 816 17.68 30.32 -27.07
CA THR A 816 17.67 28.87 -26.93
C THR A 816 16.50 28.44 -26.07
N GLU A 817 15.84 27.37 -26.45
CA GLU A 817 14.76 26.82 -25.62
C GLU A 817 15.04 25.33 -25.39
N ILE A 818 15.19 24.93 -24.14
CA ILE A 818 15.56 23.53 -23.85
C ILE A 818 14.33 22.83 -23.29
N LEU A 819 13.89 21.75 -23.91
CA LEU A 819 12.66 21.07 -23.47
C LEU A 819 12.91 19.59 -23.23
N PRO A 820 12.58 19.04 -22.06
CA PRO A 820 12.69 17.61 -21.87
C PRO A 820 11.74 16.82 -22.76
N VAL A 821 12.20 15.74 -23.35
CA VAL A 821 11.33 15.02 -24.31
C VAL A 821 11.09 13.59 -23.86
N SER A 822 12.04 12.96 -23.19
CA SER A 822 11.84 11.59 -22.67
C SER A 822 12.65 11.35 -21.41
N MET A 823 12.27 10.33 -20.65
CA MET A 823 12.97 9.96 -19.42
C MET A 823 13.38 8.50 -19.49
N THR A 824 14.38 8.10 -18.72
CA THR A 824 14.95 6.75 -18.89
C THR A 824 13.92 5.67 -18.71
N LYS A 825 13.94 4.67 -19.61
CA LYS A 825 12.91 3.62 -19.59
C LYS A 825 13.34 2.53 -18.63
N THR A 826 12.85 2.58 -17.41
CA THR A 826 13.25 1.60 -16.38
C THR A 826 12.19 0.54 -16.24
N SER A 827 12.56 -0.58 -15.65
CA SER A 827 11.58 -1.64 -15.37
C SER A 827 12.00 -2.33 -14.08
N VAL A 828 11.02 -2.77 -13.30
CA VAL A 828 11.34 -3.44 -12.01
C VAL A 828 10.61 -4.76 -11.95
N ASP A 829 11.32 -5.82 -11.61
CA ASP A 829 10.65 -7.12 -11.43
C ASP A 829 10.12 -7.14 -10.00
N CYS A 830 8.82 -7.23 -9.85
CA CYS A 830 8.23 -7.16 -8.51
C CYS A 830 8.69 -8.34 -7.66
N THR A 831 8.70 -9.54 -8.21
CA THR A 831 9.00 -10.71 -7.35
C THR A 831 10.41 -10.61 -6.83
N MET A 832 11.35 -10.25 -7.69
CA MET A 832 12.76 -10.25 -7.27
C MET A 832 13.04 -9.11 -6.31
N TYR A 833 12.42 -7.99 -6.55
CA TYR A 833 12.65 -6.83 -5.65
C TYR A 833 12.07 -7.10 -4.27
N ILE A 834 10.85 -7.61 -4.19
CA ILE A 834 10.21 -7.76 -2.86
C ILE A 834 10.93 -8.81 -2.08
N CYS A 835 11.12 -9.98 -2.67
CA CYS A 835 11.98 -10.97 -1.99
C CYS A 835 12.71 -11.81 -3.01
N GLY A 836 14.01 -11.62 -3.07
CA GLY A 836 14.77 -12.27 -4.14
C GLY A 836 15.26 -13.63 -3.75
N ASP A 837 15.02 -14.63 -4.61
CA ASP A 837 15.57 -15.98 -4.37
C ASP A 837 15.05 -16.58 -3.06
N SER A 838 13.78 -16.43 -2.74
CA SER A 838 13.20 -17.10 -1.56
C SER A 838 11.80 -17.58 -1.93
N THR A 839 11.64 -18.87 -2.20
CA THR A 839 10.32 -19.42 -2.53
C THR A 839 9.37 -19.30 -1.36
N GLU A 840 9.88 -19.45 -0.14
CA GLU A 840 9.00 -19.37 1.05
C GLU A 840 8.33 -18.00 1.06
N CYS A 841 9.09 -16.96 0.79
CA CYS A 841 8.47 -15.62 0.67
C CYS A 841 7.66 -15.51 -0.61
N SER A 842 8.08 -16.16 -1.68
CA SER A 842 7.39 -16.00 -2.99
C SER A 842 5.94 -16.45 -2.84
N ASN A 843 5.71 -17.49 -2.06
CA ASN A 843 4.33 -17.98 -1.87
C ASN A 843 3.50 -16.93 -1.13
N LEU A 844 4.07 -16.33 -0.11
CA LEU A 844 3.34 -15.30 0.64
C LEU A 844 3.06 -14.10 -0.28
N LEU A 845 3.98 -13.74 -1.15
CA LEU A 845 3.69 -12.67 -2.11
C LEU A 845 2.58 -13.14 -3.03
N LEU A 846 2.59 -14.40 -3.44
CA LEU A 846 1.59 -14.90 -4.41
C LEU A 846 0.21 -14.77 -3.84
N GLN A 847 0.09 -14.81 -2.52
CA GLN A 847 -1.23 -14.80 -1.87
C GLN A 847 -1.74 -13.38 -1.68
N TYR A 848 -0.98 -12.38 -2.10
CA TYR A 848 -1.41 -10.96 -2.03
C TYR A 848 -2.07 -10.51 -3.32
N GLY A 849 -2.20 -11.38 -4.30
CA GLY A 849 -2.95 -10.97 -5.48
C GLY A 849 -2.11 -10.65 -6.68
N SER A 850 -2.63 -9.81 -7.55
CA SER A 850 -1.97 -9.46 -8.84
C SER A 850 -1.21 -8.16 -8.72
N PHE A 851 -0.82 -7.76 -7.51
CA PHE A 851 -0.12 -6.48 -7.32
C PHE A 851 1.19 -6.50 -8.07
N CYS A 852 1.79 -7.66 -8.28
CA CYS A 852 3.00 -7.70 -9.14
C CYS A 852 2.69 -7.41 -10.61
N THR A 853 1.67 -8.04 -11.16
CA THR A 853 1.45 -7.86 -12.61
C THR A 853 1.00 -6.44 -12.89
N GLN A 854 0.18 -5.87 -12.04
CA GLN A 854 -0.32 -4.53 -12.36
C GLN A 854 0.83 -3.54 -12.36
N LEU A 855 1.75 -3.69 -11.42
CA LEU A 855 2.91 -2.79 -11.38
C LEU A 855 3.75 -2.97 -12.62
N ASN A 856 3.94 -4.21 -13.04
CA ASN A 856 4.80 -4.47 -14.21
C ASN A 856 4.17 -3.84 -15.45
N ARG A 857 2.87 -3.97 -15.58
CA ARG A 857 2.17 -3.36 -16.73
C ARG A 857 2.30 -1.85 -16.68
N ALA A 858 2.20 -1.25 -15.50
CA ALA A 858 2.22 0.22 -15.44
C ALA A 858 3.58 0.74 -15.86
N LEU A 859 4.63 0.11 -15.39
CA LEU A 859 5.99 0.53 -15.77
C LEU A 859 6.20 0.31 -17.26
N THR A 860 5.64 -0.77 -17.80
CA THR A 860 5.76 -1.02 -19.25
C THR A 860 5.05 0.08 -20.01
N GLY A 861 3.93 0.54 -19.53
CA GLY A 861 3.19 1.56 -20.30
C GLY A 861 4.00 2.83 -20.37
N ILE A 862 4.63 3.21 -19.29
CA ILE A 862 5.50 4.40 -19.28
C ILE A 862 6.65 4.14 -20.25
N ALA A 863 7.21 2.95 -20.25
CA ALA A 863 8.39 2.69 -21.10
C ALA A 863 8.05 2.80 -22.59
N VAL A 864 6.92 2.26 -23.00
CA VAL A 864 6.46 2.44 -24.40
C VAL A 864 6.16 3.92 -24.66
N GLU A 865 5.59 4.62 -23.71
CA GLU A 865 5.20 6.02 -23.93
C GLU A 865 6.45 6.82 -24.23
N GLN A 866 7.58 6.48 -23.62
CA GLN A 866 8.79 7.30 -23.81
C GLN A 866 9.20 7.24 -25.27
N ASP A 867 9.13 6.06 -25.84
CA ASP A 867 9.48 5.90 -27.27
C ASP A 867 8.49 6.67 -28.14
N LYS A 868 7.23 6.65 -27.76
CA LYS A 868 6.24 7.43 -28.52
C LYS A 868 6.57 8.90 -28.46
N ASN A 869 7.02 9.39 -27.32
CA ASN A 869 7.27 10.83 -27.19
C ASN A 869 8.39 11.20 -28.13
N THR A 870 9.44 10.42 -28.15
CA THR A 870 10.61 10.78 -28.98
C THR A 870 10.22 10.72 -30.46
N GLN A 871 9.49 9.70 -30.84
CA GLN A 871 9.12 9.54 -32.25
C GLN A 871 8.25 10.70 -32.65
N GLU A 872 7.34 11.11 -31.80
CA GLU A 872 6.39 12.17 -32.20
C GLU A 872 7.11 13.49 -32.38
N VAL A 873 7.98 13.87 -31.46
CA VAL A 873 8.64 15.18 -31.56
C VAL A 873 9.62 15.20 -32.69
N PHE A 874 10.40 14.15 -32.90
CA PHE A 874 11.50 14.23 -33.90
C PHE A 874 11.10 13.74 -35.27
N ALA A 875 10.39 12.65 -35.38
CA ALA A 875 10.10 12.06 -36.69
C ALA A 875 8.90 12.73 -37.31
N GLN A 876 9.14 13.87 -37.93
CA GLN A 876 8.07 14.57 -38.64
C GLN A 876 8.42 14.75 -40.11
N VAL A 877 9.51 14.14 -40.57
CA VAL A 877 9.87 14.22 -42.00
C VAL A 877 9.71 12.85 -42.63
N LYS A 878 8.99 12.79 -43.72
CA LYS A 878 8.84 11.52 -44.46
C LYS A 878 10.18 11.10 -45.06
N GLN A 879 10.98 12.04 -45.54
CA GLN A 879 12.22 11.70 -46.25
C GLN A 879 13.40 12.38 -45.57
N ILE A 880 14.54 11.71 -45.56
CA ILE A 880 15.73 12.27 -44.90
C ILE A 880 16.52 13.09 -45.90
N TYR A 881 16.34 14.39 -45.88
CA TYR A 881 17.02 15.26 -46.85
C TYR A 881 18.47 15.38 -46.46
N LYS A 882 19.29 15.82 -47.41
CA LYS A 882 20.73 15.99 -47.13
C LYS A 882 21.21 17.35 -47.60
N THR A 883 22.03 18.00 -46.81
CA THR A 883 22.48 19.36 -47.18
C THR A 883 23.33 19.28 -48.43
N PRO A 884 23.25 20.25 -49.35
CA PRO A 884 24.10 20.21 -50.52
C PRO A 884 25.57 20.27 -50.15
N PRO A 885 26.46 19.66 -50.94
CA PRO A 885 27.91 19.77 -50.69
C PRO A 885 28.42 21.22 -50.69
N ILE A 886 27.83 22.07 -51.50
CA ILE A 886 28.21 23.51 -51.51
C ILE A 886 27.65 24.26 -50.30
N LYS A 887 28.30 25.37 -49.94
CA LYS A 887 27.85 26.20 -48.82
C LYS A 887 27.62 27.64 -49.29
N ASP A 888 26.97 27.81 -50.44
CA ASP A 888 26.68 29.17 -50.96
C ASP A 888 25.33 29.66 -50.47
N PHE A 889 25.26 30.06 -49.21
CA PHE A 889 23.97 30.51 -48.62
C PHE A 889 23.93 32.03 -48.54
N GLY A 890 24.82 32.72 -49.22
CA GLY A 890 24.71 34.19 -49.23
C GLY A 890 25.25 34.84 -48.00
N GLY A 891 26.24 34.23 -47.35
CA GLY A 891 26.89 34.88 -46.21
C GLY A 891 26.40 34.33 -44.89
N PHE A 892 25.56 33.31 -44.93
CA PHE A 892 25.07 32.67 -43.68
C PHE A 892 25.93 31.45 -43.42
N ASN A 893 26.62 31.44 -42.28
CA ASN A 893 27.52 30.33 -41.92
C ASN A 893 26.73 29.39 -41.00
N PHE A 894 26.34 28.25 -41.53
CA PHE A 894 25.55 27.27 -40.76
C PHE A 894 26.48 26.16 -40.28
N SER A 895 27.77 26.45 -40.18
CA SER A 895 28.77 25.47 -39.72
C SER A 895 28.48 25.02 -38.30
N GLN A 896 27.93 25.90 -37.47
CA GLN A 896 27.73 25.53 -36.06
C GLN A 896 26.42 24.79 -35.81
N ILE A 897 25.60 24.59 -36.82
CA ILE A 897 24.35 23.80 -36.59
C ILE A 897 24.37 22.57 -37.48
N LEU A 898 25.01 22.63 -38.64
CA LEU A 898 24.94 21.50 -39.57
C LEU A 898 25.84 20.37 -39.11
N PRO A 899 25.58 19.12 -39.54
CA PRO A 899 26.42 18.01 -39.15
C PRO A 899 27.88 18.21 -39.53
N ASP A 900 28.78 17.66 -38.74
CA ASP A 900 30.23 17.82 -39.01
C ASP A 900 30.82 16.46 -39.32
N PRO A 901 31.39 16.24 -40.51
CA PRO A 901 32.09 14.97 -40.80
C PRO A 901 33.38 14.76 -40.00
N SER A 902 33.98 15.84 -39.47
CA SER A 902 35.27 15.78 -38.74
C SER A 902 35.18 14.92 -37.48
N LYS A 903 33.99 14.57 -37.02
CA LYS A 903 33.92 13.64 -35.87
C LYS A 903 33.07 12.43 -36.22
N PRO A 904 33.30 11.25 -35.62
CA PRO A 904 32.39 10.14 -35.78
C PRO A 904 31.06 10.47 -35.10
N SER A 905 29.98 9.78 -35.50
CA SER A 905 28.64 10.16 -34.96
C SER A 905 28.49 11.64 -35.24
N LYS A 906 28.48 11.99 -36.53
CA LYS A 906 28.55 13.41 -36.88
C LYS A 906 27.48 14.20 -36.15
N ARG A 907 27.95 15.20 -35.43
CA ARG A 907 27.04 16.10 -34.71
C ARG A 907 27.62 17.49 -34.90
N SER A 908 26.76 18.49 -34.82
CA SER A 908 27.25 19.85 -35.00
C SER A 908 28.01 20.26 -33.76
N PRO A 909 28.83 21.32 -33.80
CA PRO A 909 29.57 21.65 -32.62
C PRO A 909 28.63 21.96 -31.45
N ILE A 910 27.54 22.63 -31.69
CA ILE A 910 26.67 23.03 -30.56
C ILE A 910 26.09 21.79 -29.92
N GLU A 911 25.70 20.82 -30.72
CA GLU A 911 25.05 19.61 -30.19
C GLU A 911 26.01 18.81 -29.32
N ASP A 912 27.29 18.75 -29.71
CA ASP A 912 28.30 18.02 -28.92
C ASP A 912 28.51 18.72 -27.57
N LEU A 913 28.53 20.04 -27.56
CA LEU A 913 28.64 20.71 -26.26
C LEU A 913 27.46 20.32 -25.37
N LEU A 914 26.27 20.24 -25.95
CA LEU A 914 25.08 19.87 -25.17
C LEU A 914 25.32 18.48 -24.61
N PHE A 915 25.82 17.55 -25.41
CA PHE A 915 25.97 16.17 -24.88
C PHE A 915 27.00 16.18 -23.76
N ASN A 916 28.06 16.94 -23.93
CA ASN A 916 29.16 16.91 -22.93
C ASN A 916 28.72 17.59 -21.64
N LYS A 917 27.67 18.38 -21.67
CA LYS A 917 27.28 19.16 -20.49
C LYS A 917 26.07 18.57 -19.77
N VAL A 918 25.63 17.38 -20.19
CA VAL A 918 24.51 16.69 -19.47
C VAL A 918 25.10 15.46 -18.78
N THR A 919 25.03 15.42 -17.46
CA THR A 919 25.73 14.37 -16.68
C THR A 919 24.77 13.30 -16.17
N PHE A 947 21.11 -2.99 -8.52
CA PHE A 947 20.48 -3.86 -9.54
C PHE A 947 19.79 -5.02 -8.85
N ASN A 948 19.10 -4.74 -7.74
CA ASN A 948 18.41 -5.81 -6.98
C ASN A 948 17.07 -6.11 -7.62
N GLY A 949 17.08 -6.68 -8.82
CA GLY A 949 15.84 -6.95 -9.54
C GLY A 949 15.38 -5.83 -10.45
N LEU A 950 16.14 -4.76 -10.57
CA LEU A 950 15.68 -3.59 -11.35
C LEU A 950 16.62 -3.36 -12.51
N THR A 951 16.07 -2.98 -13.66
CA THR A 951 16.88 -2.83 -14.88
C THR A 951 16.55 -1.52 -15.59
N VAL A 952 17.31 -1.19 -16.61
CA VAL A 952 17.01 0.01 -17.44
C VAL A 952 16.91 -0.42 -18.90
N LEU A 953 15.76 -0.23 -19.51
CA LEU A 953 15.56 -0.68 -20.89
C LEU A 953 16.24 0.30 -21.82
N PRO A 954 16.53 -0.06 -23.08
CA PRO A 954 17.23 0.85 -23.95
C PRO A 954 16.26 1.67 -24.80
N PRO A 955 16.65 2.88 -25.25
CA PRO A 955 15.80 3.64 -26.12
C PRO A 955 15.60 2.97 -27.47
N LEU A 956 14.42 3.07 -28.04
CA LEU A 956 14.18 2.51 -29.39
C LEU A 956 14.96 3.29 -30.44
N LEU A 957 15.07 4.60 -30.29
CA LEU A 957 15.77 5.42 -31.29
C LEU A 957 17.10 5.83 -30.69
N THR A 958 18.17 5.33 -31.28
CA THR A 958 19.51 5.63 -30.76
C THR A 958 19.90 7.05 -31.14
N ASP A 959 20.87 7.60 -30.44
CA ASP A 959 21.20 9.02 -30.68
C ASP A 959 21.70 9.21 -32.11
N GLU A 960 22.17 8.16 -32.76
CA GLU A 960 22.55 8.30 -34.18
C GLU A 960 21.30 8.63 -34.98
N MET A 961 20.22 7.93 -34.71
CA MET A 961 18.99 8.15 -35.48
C MET A 961 18.39 9.51 -35.13
N ILE A 962 18.49 9.93 -33.89
CA ILE A 962 18.02 11.29 -33.52
C ILE A 962 18.86 12.32 -34.26
N ALA A 963 20.14 12.09 -34.41
CA ALA A 963 20.97 13.02 -35.19
C ALA A 963 20.51 13.04 -36.64
N GLN A 964 20.19 11.89 -37.19
CA GLN A 964 19.81 11.83 -38.60
C GLN A 964 18.52 12.60 -38.79
N TYR A 965 17.59 12.49 -37.86
CA TYR A 965 16.35 13.26 -37.96
C TYR A 965 16.63 14.75 -37.83
N THR A 966 17.44 15.14 -36.86
CA THR A 966 17.65 16.58 -36.69
C THR A 966 18.37 17.11 -37.92
N SER A 967 19.29 16.36 -38.49
CA SER A 967 19.99 16.80 -39.71
C SER A 967 18.99 16.95 -40.84
N ALA A 968 18.03 16.06 -40.93
CA ALA A 968 17.06 16.10 -42.03
C ALA A 968 16.21 17.34 -41.89
N LEU A 969 15.79 17.65 -40.68
CA LEU A 969 14.94 18.83 -40.46
C LEU A 969 15.73 20.08 -40.80
N LEU A 970 16.95 20.16 -40.35
CA LEU A 970 17.78 21.35 -40.58
C LEU A 970 18.13 21.47 -42.06
N ALA A 971 18.48 20.40 -42.72
CA ALA A 971 18.75 20.49 -44.17
C ALA A 971 17.51 20.95 -44.92
N GLY A 972 16.36 20.42 -44.61
CA GLY A 972 15.18 20.93 -45.30
C GLY A 972 14.93 22.37 -44.97
N THR A 973 15.08 22.79 -43.74
CA THR A 973 14.68 24.15 -43.37
C THR A 973 15.67 25.13 -43.93
N ILE A 974 16.78 24.64 -44.42
CA ILE A 974 17.86 25.53 -44.93
C ILE A 974 17.79 25.61 -46.45
N THR A 975 17.40 24.53 -47.10
CA THR A 975 17.30 24.55 -48.56
C THR A 975 15.88 24.77 -49.06
N SER A 976 14.90 23.99 -48.59
CA SER A 976 13.53 24.04 -49.14
C SER A 976 12.59 24.96 -48.37
N GLY A 977 13.02 25.56 -47.30
CA GLY A 977 12.11 26.51 -46.64
C GLY A 977 10.99 25.81 -45.91
N TRP A 978 9.83 26.44 -45.86
CA TRP A 978 8.71 25.84 -45.13
C TRP A 978 7.91 24.92 -46.02
N THR A 979 8.42 24.59 -47.20
CA THR A 979 7.64 23.79 -48.15
C THR A 979 7.89 22.30 -47.99
N PHE A 980 8.74 21.87 -47.08
CA PHE A 980 9.00 20.41 -47.03
C PHE A 980 8.12 19.72 -46.01
N GLY A 981 7.58 20.47 -45.07
CA GLY A 981 6.65 19.82 -44.13
C GLY A 981 5.23 19.89 -44.61
N ALA A 982 5.01 20.60 -45.71
CA ALA A 982 3.67 20.81 -46.26
C ALA A 982 3.55 20.15 -47.62
N GLY A 983 4.26 19.07 -47.84
CA GLY A 983 4.13 18.34 -49.11
C GLY A 983 5.48 18.09 -49.73
N PRO A 984 5.63 18.24 -51.05
CA PRO A 984 6.92 18.11 -51.64
C PRO A 984 7.86 19.25 -51.33
N ALA A 985 9.16 18.97 -51.27
CA ALA A 985 10.16 20.00 -50.97
C ALA A 985 10.46 20.81 -52.21
N LEU A 986 10.37 22.13 -52.09
CA LEU A 986 10.71 23.02 -53.21
C LEU A 986 11.85 23.92 -52.80
N GLN A 987 12.92 23.95 -53.58
CA GLN A 987 14.11 24.70 -53.19
C GLN A 987 13.86 26.17 -53.30
N ILE A 988 14.59 26.96 -52.53
CA ILE A 988 14.48 28.43 -52.65
C ILE A 988 15.86 28.98 -52.34
N PRO A 989 16.38 30.01 -53.03
CA PRO A 989 17.63 30.59 -52.63
C PRO A 989 17.49 31.08 -51.19
N PHE A 990 18.46 30.80 -50.35
CA PHE A 990 18.28 31.12 -48.93
C PHE A 990 18.08 32.60 -48.72
N PRO A 991 18.77 33.54 -49.37
CA PRO A 991 18.45 34.92 -49.11
C PRO A 991 16.99 35.24 -49.48
N MET A 992 16.50 34.67 -50.55
CA MET A 992 15.08 34.88 -50.92
C MET A 992 14.21 34.29 -49.83
N GLN A 993 14.62 33.18 -49.26
CA GLN A 993 13.79 32.54 -48.24
C GLN A 993 13.66 33.50 -47.07
N MET A 994 14.75 34.12 -46.69
CA MET A 994 14.71 35.04 -45.54
C MET A 994 13.91 36.27 -45.93
N ALA A 995 13.85 36.62 -47.20
CA ALA A 995 13.02 37.77 -47.62
C ALA A 995 11.55 37.44 -47.45
N TYR A 996 11.17 36.23 -47.76
CA TYR A 996 9.78 35.80 -47.55
C TYR A 996 9.47 35.82 -46.06
N ARG A 997 10.39 35.38 -45.23
CA ARG A 997 10.21 35.44 -43.78
C ARG A 997 10.14 36.88 -43.29
N PHE A 998 10.86 37.82 -43.88
CA PHE A 998 10.70 39.24 -43.49
C PHE A 998 9.33 39.72 -43.92
N ASN A 999 8.85 39.30 -45.06
CA ASN A 999 7.53 39.68 -45.57
C ASN A 999 6.46 39.10 -44.67
N GLY A 1000 6.73 38.03 -43.97
CA GLY A 1000 5.78 37.47 -43.00
C GLY A 1000 5.63 38.32 -41.77
N ILE A 1001 6.68 39.05 -41.36
CA ILE A 1001 6.63 39.79 -40.08
C ILE A 1001 6.29 41.24 -40.31
N GLY A 1002 5.88 41.59 -41.51
CA GLY A 1002 5.40 42.96 -41.78
C GLY A 1002 6.43 43.91 -42.32
N VAL A 1003 7.63 43.46 -42.56
CA VAL A 1003 8.68 44.32 -43.17
C VAL A 1003 8.83 43.89 -44.63
N THR A 1004 8.92 44.83 -45.55
CA THR A 1004 8.95 44.49 -46.98
C THR A 1004 10.22 43.78 -47.34
N GLN A 1005 10.22 43.07 -48.44
CA GLN A 1005 11.38 42.24 -48.75
C GLN A 1005 12.59 43.04 -49.13
N ASN A 1006 12.42 44.26 -49.56
CA ASN A 1006 13.58 45.03 -50.04
C ASN A 1006 14.56 45.25 -48.90
N VAL A 1007 14.09 45.25 -47.67
CA VAL A 1007 14.98 45.55 -46.53
C VAL A 1007 16.07 44.49 -46.40
N LEU A 1008 15.73 43.24 -46.59
CA LEU A 1008 16.78 42.21 -46.53
C LEU A 1008 17.71 42.38 -47.71
N TYR A 1009 17.20 42.65 -48.90
CA TYR A 1009 18.11 42.69 -50.05
C TYR A 1009 19.09 43.83 -49.92
N GLU A 1010 18.62 44.97 -49.44
CA GLU A 1010 19.55 46.09 -49.20
C GLU A 1010 20.51 45.78 -48.06
N ASN A 1011 20.14 44.99 -47.07
CA ASN A 1011 21.01 44.80 -45.89
C ASN A 1011 21.47 43.37 -45.75
N GLN A 1012 21.68 42.66 -46.84
CA GLN A 1012 21.98 41.20 -46.76
C GLN A 1012 23.27 40.98 -46.02
N LYS A 1013 24.28 41.79 -46.29
CA LYS A 1013 25.58 41.56 -45.64
C LYS A 1013 25.49 41.80 -44.13
N LEU A 1014 24.84 42.88 -43.73
CA LEU A 1014 24.72 43.16 -42.30
C LEU A 1014 23.90 42.06 -41.63
N ILE A 1015 22.84 41.61 -42.28
CA ILE A 1015 21.95 40.59 -41.64
C ILE A 1015 22.70 39.27 -41.52
N ALA A 1016 23.48 38.92 -42.52
CA ALA A 1016 24.27 37.69 -42.38
C ALA A 1016 25.27 37.85 -41.25
N ASN A 1017 25.90 39.01 -41.14
CA ASN A 1017 26.95 39.15 -40.10
C ASN A 1017 26.32 39.07 -38.74
N GLN A 1018 25.16 39.68 -38.58
CA GLN A 1018 24.46 39.67 -37.28
C GLN A 1018 24.07 38.23 -36.96
N PHE A 1019 23.60 37.49 -37.94
CA PHE A 1019 23.15 36.12 -37.67
C PHE A 1019 24.33 35.28 -37.25
N ASN A 1020 25.44 35.41 -37.94
CA ASN A 1020 26.63 34.60 -37.64
C ASN A 1020 27.15 34.95 -36.25
N SER A 1021 27.19 36.24 -35.92
CA SER A 1021 27.70 36.67 -34.60
C SER A 1021 26.81 36.12 -33.50
N ALA A 1022 25.49 36.19 -33.66
CA ALA A 1022 24.58 35.71 -32.61
C ALA A 1022 24.74 34.20 -32.45
N ILE A 1023 24.79 33.48 -33.56
CA ILE A 1023 24.85 32.00 -33.42
C ILE A 1023 26.15 31.65 -32.76
N GLY A 1024 27.21 32.36 -33.08
CA GLY A 1024 28.50 32.09 -32.42
C GLY A 1024 28.41 32.35 -30.94
N LYS A 1025 27.72 33.41 -30.56
CA LYS A 1025 27.64 33.77 -29.13
C LYS A 1025 26.82 32.74 -28.38
N ILE A 1026 26.03 31.95 -29.08
CA ILE A 1026 25.28 30.87 -28.39
C ILE A 1026 26.30 29.90 -27.80
N GLN A 1027 27.35 29.58 -28.53
CA GLN A 1027 28.34 28.59 -28.03
C GLN A 1027 29.02 29.11 -26.77
N ASP A 1028 29.43 30.37 -26.78
CA ASP A 1028 30.04 30.97 -25.57
C ASP A 1028 29.02 31.06 -24.44
N SER A 1029 27.78 31.43 -24.74
CA SER A 1029 26.73 31.58 -23.69
C SER A 1029 26.45 30.23 -23.07
N LEU A 1030 26.53 29.16 -23.85
CA LEU A 1030 26.16 27.85 -23.28
C LEU A 1030 27.37 27.20 -22.62
N SER A 1031 28.51 27.17 -23.32
CA SER A 1031 29.67 26.41 -22.77
C SER A 1031 30.12 27.03 -21.46
N SER A 1032 30.17 28.35 -21.40
CA SER A 1032 30.68 29.02 -20.19
C SER A 1032 29.75 28.75 -19.02
N THR A 1033 28.44 28.77 -19.26
CA THR A 1033 27.51 28.65 -18.12
C THR A 1033 27.13 27.18 -17.94
N PRO A 1034 27.43 26.54 -16.79
CA PRO A 1034 27.21 25.11 -16.65
C PRO A 1034 25.75 24.72 -16.37
N SER A 1035 24.98 25.63 -15.79
CA SER A 1035 23.60 25.31 -15.36
C SER A 1035 22.58 25.63 -16.45
N ALA A 1036 23.03 25.91 -17.68
CA ALA A 1036 22.07 26.30 -18.72
C ALA A 1036 21.10 25.15 -18.96
N LEU A 1037 21.62 23.93 -19.01
CA LEU A 1037 20.76 22.77 -19.33
C LEU A 1037 20.13 22.23 -18.06
N GLY A 1038 19.47 23.12 -17.33
CA GLY A 1038 18.84 22.74 -16.06
C GLY A 1038 17.70 21.77 -16.23
N LYS A 1039 16.87 21.95 -17.24
CA LYS A 1039 15.68 21.08 -17.34
C LYS A 1039 16.06 19.62 -17.53
N LEU A 1040 16.96 19.36 -18.46
CA LEU A 1040 17.33 17.96 -18.72
C LEU A 1040 18.03 17.39 -17.48
N GLN A 1041 18.84 18.21 -16.83
CA GLN A 1041 19.59 17.72 -15.66
C GLN A 1041 18.59 17.35 -14.59
N ASP A 1042 17.58 18.17 -14.41
CA ASP A 1042 16.63 17.91 -13.31
C ASP A 1042 15.93 16.60 -13.61
N VAL A 1043 15.62 16.34 -14.87
CA VAL A 1043 14.85 15.11 -15.17
C VAL A 1043 15.70 13.90 -14.77
N VAL A 1044 16.97 13.92 -15.13
CA VAL A 1044 17.86 12.77 -14.80
C VAL A 1044 18.04 12.68 -13.30
N ASN A 1045 18.24 13.81 -12.64
CA ASN A 1045 18.48 13.80 -11.18
C ASN A 1045 17.25 13.24 -10.47
N GLN A 1046 16.06 13.65 -10.86
CA GLN A 1046 14.87 13.19 -10.12
C GLN A 1046 14.70 11.70 -10.34
N ASN A 1047 14.88 11.23 -11.56
CA ASN A 1047 14.64 9.81 -11.81
C ASN A 1047 15.65 8.98 -11.02
N ALA A 1048 16.90 9.39 -11.00
CA ALA A 1048 17.94 8.64 -10.30
C ALA A 1048 17.69 8.66 -8.81
N GLN A 1049 17.26 9.79 -8.26
CA GLN A 1049 16.94 9.89 -6.83
C GLN A 1049 15.78 8.97 -6.48
N ALA A 1050 14.78 8.86 -7.33
CA ALA A 1050 13.70 7.89 -7.07
C ALA A 1050 14.26 6.47 -7.08
N LEU A 1051 15.12 6.12 -8.01
CA LEU A 1051 15.60 4.72 -8.03
C LEU A 1051 16.44 4.50 -6.78
N ASN A 1052 17.23 5.47 -6.42
CA ASN A 1052 18.14 5.31 -5.27
C ASN A 1052 17.31 5.11 -4.01
N THR A 1053 16.24 5.85 -3.85
CA THR A 1053 15.37 5.63 -2.68
C THR A 1053 14.74 4.24 -2.77
N LEU A 1054 14.31 3.80 -3.93
CA LEU A 1054 13.62 2.50 -3.99
C LEU A 1054 14.59 1.42 -3.57
N VAL A 1055 15.84 1.47 -4.01
CA VAL A 1055 16.83 0.45 -3.63
C VAL A 1055 17.17 0.61 -2.17
N LYS A 1056 17.26 1.82 -1.67
CA LYS A 1056 17.70 2.02 -0.27
C LYS A 1056 16.64 1.52 0.67
N GLN A 1057 15.40 1.44 0.26
CA GLN A 1057 14.32 1.05 1.18
C GLN A 1057 14.40 -0.43 1.47
N LEU A 1058 15.21 -1.17 0.76
CA LEU A 1058 15.37 -2.63 1.00
C LEU A 1058 16.20 -2.88 2.26
N SER A 1059 16.79 -1.84 2.85
CA SER A 1059 17.61 -1.99 4.08
C SER A 1059 16.80 -1.78 5.35
N SER A 1060 15.53 -1.43 5.23
CA SER A 1060 14.71 -1.11 6.41
C SER A 1060 13.88 -2.32 6.79
N ASN A 1061 13.74 -2.55 8.09
CA ASN A 1061 13.05 -3.75 8.59
C ASN A 1061 11.54 -3.55 8.69
N PHE A 1062 11.07 -2.32 8.67
CA PHE A 1062 9.62 -2.04 8.66
C PHE A 1062 8.91 -2.54 9.91
N GLY A 1063 9.62 -2.62 11.02
CA GLY A 1063 9.00 -3.17 12.24
C GLY A 1063 9.30 -4.64 12.50
N ALA A 1064 9.98 -5.32 11.59
CA ALA A 1064 10.39 -6.71 11.83
C ALA A 1064 11.72 -6.70 12.56
N ILE A 1065 12.39 -7.85 12.67
CA ILE A 1065 13.62 -7.90 13.50
C ILE A 1065 14.90 -7.86 12.67
N SER A 1066 14.77 -7.95 11.35
CA SER A 1066 15.97 -7.82 10.48
C SER A 1066 15.53 -7.52 9.06
N SER A 1067 16.30 -6.68 8.37
CA SER A 1067 16.00 -6.37 6.96
C SER A 1067 16.26 -7.60 6.11
N VAL A 1068 17.33 -8.32 6.42
CA VAL A 1068 17.74 -9.44 5.53
C VAL A 1068 16.73 -10.55 5.66
N LEU A 1069 16.14 -10.95 4.55
CA LEU A 1069 15.05 -11.96 4.62
C LEU A 1069 15.61 -13.27 5.14
N ASN A 1070 16.84 -13.62 4.77
CA ASN A 1070 17.36 -14.95 5.15
C ASN A 1070 17.42 -15.08 6.67
N ASP A 1071 17.87 -14.04 7.36
CA ASP A 1071 17.95 -14.09 8.83
C ASP A 1071 16.54 -14.28 9.40
N ILE A 1072 15.57 -13.56 8.85
CA ILE A 1072 14.20 -13.65 9.41
C ILE A 1072 13.71 -15.07 9.24
N LEU A 1073 13.98 -15.67 8.08
CA LEU A 1073 13.47 -17.03 7.80
C LEU A 1073 14.19 -18.03 8.69
N SER A 1074 15.51 -17.85 8.88
CA SER A 1074 16.27 -18.88 9.63
C SER A 1074 16.12 -18.79 11.14
N ARG A 1075 16.33 -17.61 11.71
CA ARG A 1075 16.38 -17.48 13.18
C ARG A 1075 15.07 -17.92 13.80
N LEU A 1076 13.97 -17.64 13.13
CA LEU A 1076 12.65 -18.01 13.68
C LEU A 1076 12.13 -19.22 12.94
N ASP A 1077 11.36 -20.03 13.63
CA ASP A 1077 10.82 -21.25 13.01
C ASP A 1077 9.80 -20.84 11.97
N PRO A 1078 9.40 -21.72 11.06
CA PRO A 1078 8.54 -21.30 9.97
C PRO A 1078 7.24 -20.60 10.41
N PRO A 1079 6.49 -21.05 11.42
CA PRO A 1079 5.22 -20.45 11.70
C PRO A 1079 5.34 -19.10 12.41
N GLU A 1080 6.49 -18.82 13.00
CA GLU A 1080 6.68 -17.48 13.60
C GLU A 1080 7.49 -16.61 12.63
N ALA A 1081 8.20 -17.24 11.70
CA ALA A 1081 8.94 -16.49 10.66
C ALA A 1081 7.97 -15.86 9.68
N GLU A 1082 6.88 -16.55 9.38
CA GLU A 1082 5.95 -16.06 8.34
C GLU A 1082 5.40 -14.68 8.69
N VAL A 1083 5.04 -14.43 9.95
CA VAL A 1083 4.43 -13.12 10.26
C VAL A 1083 5.45 -12.00 10.07
N GLN A 1084 6.69 -12.23 10.47
CA GLN A 1084 7.73 -11.21 10.23
C GLN A 1084 7.91 -11.02 8.72
N ILE A 1085 7.87 -12.10 7.97
CA ILE A 1085 8.09 -11.97 6.52
C ILE A 1085 6.92 -11.19 5.97
N ASP A 1086 5.75 -11.35 6.54
CA ASP A 1086 4.57 -10.65 5.98
C ASP A 1086 4.77 -9.15 6.15
N ARG A 1087 5.30 -8.77 7.30
CA ARG A 1087 5.53 -7.34 7.57
C ARG A 1087 6.58 -6.80 6.61
N LEU A 1088 7.61 -7.56 6.35
CA LEU A 1088 8.65 -7.15 5.39
C LEU A 1088 8.07 -7.05 3.98
N ILE A 1089 7.24 -7.99 3.58
CA ILE A 1089 6.63 -7.96 2.23
C ILE A 1089 5.74 -6.73 2.13
N THR A 1090 4.99 -6.43 3.16
CA THR A 1090 4.06 -5.30 3.06
C THR A 1090 4.87 -4.03 2.90
N GLY A 1091 5.94 -3.89 3.65
CA GLY A 1091 6.70 -2.64 3.55
C GLY A 1091 7.29 -2.49 2.19
N ARG A 1092 7.86 -3.54 1.67
CA ARG A 1092 8.52 -3.47 0.36
C ARG A 1092 7.50 -3.20 -0.74
N LEU A 1093 6.34 -3.82 -0.66
CA LEU A 1093 5.30 -3.60 -1.68
C LEU A 1093 4.82 -2.15 -1.64
N GLN A 1094 4.68 -1.57 -0.46
CA GLN A 1094 4.29 -0.16 -0.37
C GLN A 1094 5.37 0.74 -0.96
N SER A 1095 6.62 0.43 -0.76
CA SER A 1095 7.71 1.23 -1.36
C SER A 1095 7.67 1.13 -2.87
N LEU A 1096 7.41 -0.04 -3.41
CA LEU A 1096 7.28 -0.19 -4.87
C LEU A 1096 6.09 0.57 -5.39
N GLN A 1097 4.97 0.54 -4.70
CA GLN A 1097 3.76 1.22 -5.19
C GLN A 1097 3.99 2.72 -5.16
N THR A 1098 4.65 3.23 -4.15
CA THR A 1098 4.95 4.67 -4.08
C THR A 1098 5.86 5.06 -5.24
N TYR A 1099 6.81 4.23 -5.58
CA TYR A 1099 7.68 4.54 -6.72
C TYR A 1099 6.90 4.56 -8.02
N VAL A 1100 6.06 3.58 -8.26
CA VAL A 1100 5.32 3.52 -9.54
C VAL A 1100 4.35 4.69 -9.63
N THR A 1101 3.68 5.05 -8.55
CA THR A 1101 2.78 6.22 -8.62
C THR A 1101 3.56 7.49 -8.92
N GLN A 1102 4.68 7.69 -8.28
CA GLN A 1102 5.44 8.92 -8.49
C GLN A 1102 5.94 8.96 -9.90
N GLN A 1103 6.36 7.83 -10.44
CA GLN A 1103 6.81 7.79 -11.85
C GLN A 1103 5.68 8.04 -12.82
N LEU A 1104 4.50 7.53 -12.59
CA LEU A 1104 3.39 7.81 -13.52
C LEU A 1104 3.11 9.32 -13.54
N ILE A 1105 3.14 9.98 -12.40
CA ILE A 1105 2.91 11.44 -12.38
C ILE A 1105 4.04 12.15 -13.13
N ARG A 1106 5.27 11.75 -12.90
CA ARG A 1106 6.41 12.44 -13.53
C ARG A 1106 6.35 12.23 -15.02
N ALA A 1107 5.98 11.04 -15.46
CA ALA A 1107 5.89 10.72 -16.90
C ALA A 1107 4.82 11.55 -17.55
N ALA A 1108 3.72 11.80 -16.88
CA ALA A 1108 2.69 12.67 -17.46
C ALA A 1108 3.21 14.09 -17.61
N GLU A 1109 3.96 14.60 -16.66
CA GLU A 1109 4.54 15.94 -16.85
C GLU A 1109 5.49 15.93 -18.03
N ILE A 1110 6.27 14.89 -18.20
CA ILE A 1110 7.22 14.80 -19.34
C ILE A 1110 6.42 14.78 -20.62
N ARG A 1111 5.30 14.09 -20.66
CA ARG A 1111 4.52 14.01 -21.90
C ARG A 1111 3.98 15.37 -22.26
N ALA A 1112 3.59 16.16 -21.28
CA ALA A 1112 3.12 17.52 -21.59
C ALA A 1112 4.25 18.34 -22.20
N SER A 1113 5.46 18.21 -21.67
CA SER A 1113 6.63 18.91 -22.23
C SER A 1113 6.98 18.38 -23.61
N ALA A 1114 6.90 17.10 -23.84
CA ALA A 1114 7.12 16.52 -25.17
C ALA A 1114 6.08 16.98 -26.17
N ASN A 1115 4.83 17.10 -25.79
CA ASN A 1115 3.79 17.62 -26.69
C ASN A 1115 4.08 19.08 -27.02
N LEU A 1116 4.50 19.87 -26.06
CA LEU A 1116 4.88 21.27 -26.38
C LEU A 1116 6.06 21.27 -27.33
N ALA A 1117 7.02 20.38 -27.15
CA ALA A 1117 8.16 20.29 -28.05
C ALA A 1117 7.72 19.92 -29.45
N ALA A 1118 6.77 19.01 -29.59
CA ALA A 1118 6.27 18.61 -30.91
C ALA A 1118 5.57 19.77 -31.57
N THR A 1119 4.81 20.53 -30.82
CA THR A 1119 4.14 21.72 -31.36
C THR A 1119 5.17 22.75 -31.79
N LYS A 1120 6.25 22.97 -31.05
CA LYS A 1120 7.31 23.86 -31.53
C LYS A 1120 7.98 23.26 -32.77
N MET A 1121 8.25 21.98 -32.81
CA MET A 1121 8.93 21.42 -34.00
C MET A 1121 8.00 21.44 -35.19
N SER A 1122 6.72 21.64 -35.00
CA SER A 1122 5.86 21.69 -36.18
C SER A 1122 5.62 23.13 -36.55
N GLU A 1123 5.25 23.97 -35.61
CA GLU A 1123 4.78 25.33 -35.92
C GLU A 1123 5.89 26.35 -35.86
N CYS A 1124 7.10 25.94 -35.59
CA CYS A 1124 8.18 26.92 -35.39
C CYS A 1124 9.41 26.59 -36.22
N VAL A 1125 9.66 25.32 -36.58
CA VAL A 1125 10.79 25.02 -37.49
C VAL A 1125 10.30 24.68 -38.88
N LEU A 1126 9.15 24.06 -39.02
CA LEU A 1126 8.66 23.63 -40.33
C LEU A 1126 7.85 24.77 -40.92
N GLY A 1127 7.88 25.93 -40.29
CA GLY A 1127 7.05 27.05 -40.74
C GLY A 1127 7.46 28.31 -40.06
N GLN A 1128 6.64 29.34 -40.16
CA GLN A 1128 6.90 30.61 -39.46
C GLN A 1128 5.70 30.88 -38.60
N SER A 1129 5.92 31.24 -37.34
CA SER A 1129 4.81 31.38 -36.39
C SER A 1129 4.49 32.82 -36.12
N LYS A 1130 3.23 33.21 -36.26
CA LYS A 1130 2.82 34.58 -35.90
C LYS A 1130 2.66 34.71 -34.40
N ARG A 1131 2.47 33.61 -33.71
CA ARG A 1131 2.18 33.63 -32.26
C ARG A 1131 3.29 34.31 -31.48
N VAL A 1132 2.90 35.14 -30.54
CA VAL A 1132 3.90 35.93 -29.82
C VAL A 1132 4.53 35.11 -28.73
N ASP A 1133 5.84 35.21 -28.57
CA ASP A 1133 6.57 34.65 -27.40
C ASP A 1133 6.59 33.16 -27.44
N PHE A 1134 5.97 32.56 -28.44
CA PHE A 1134 6.06 31.09 -28.58
C PHE A 1134 7.46 30.72 -28.99
N CYS A 1135 8.06 31.52 -29.85
CA CYS A 1135 9.38 31.19 -30.38
C CYS A 1135 10.33 32.36 -30.19
N GLY A 1136 10.63 32.66 -28.95
CA GLY A 1136 11.66 33.66 -28.67
C GLY A 1136 11.07 35.01 -28.46
N LYS A 1137 11.67 35.82 -27.61
CA LYS A 1137 11.00 37.10 -27.36
C LYS A 1137 11.38 37.96 -28.54
N GLY A 1138 10.48 38.02 -29.52
CA GLY A 1138 10.73 38.89 -30.68
C GLY A 1138 9.83 38.48 -31.80
N TYR A 1139 10.13 38.95 -32.99
CA TYR A 1139 9.38 38.51 -34.16
C TYR A 1139 10.10 37.29 -34.71
N HIS A 1140 9.39 36.20 -34.86
CA HIS A 1140 10.02 34.92 -35.23
C HIS A 1140 10.34 34.93 -36.69
N LEU A 1141 11.60 34.69 -37.01
CA LEU A 1141 12.00 34.60 -38.42
C LEU A 1141 12.14 33.14 -38.80
N MET A 1142 12.94 32.38 -38.07
CA MET A 1142 13.07 30.94 -38.35
C MET A 1142 13.73 30.26 -37.16
N SER A 1143 13.55 28.95 -37.02
CA SER A 1143 14.15 28.20 -35.90
C SER A 1143 14.87 26.97 -36.38
N PHE A 1144 15.82 26.48 -35.60
CA PHE A 1144 16.63 25.31 -35.96
C PHE A 1144 16.72 24.38 -34.77
N PRO A 1145 16.43 23.09 -34.93
CA PRO A 1145 16.45 22.19 -33.82
C PRO A 1145 17.82 21.60 -33.55
N GLN A 1146 18.07 21.25 -32.30
CA GLN A 1146 19.34 20.56 -31.98
C GLN A 1146 19.05 19.47 -30.97
N SER A 1147 19.70 18.35 -31.13
CA SER A 1147 19.41 17.24 -30.21
C SER A 1147 20.05 17.50 -28.88
N ALA A 1148 19.59 16.81 -27.85
CA ALA A 1148 20.23 16.89 -26.54
C ALA A 1148 19.87 15.63 -25.79
N PRO A 1149 20.63 15.20 -24.76
CA PRO A 1149 20.29 13.95 -24.13
C PRO A 1149 18.92 14.03 -23.47
N HIS A 1150 18.01 13.17 -23.89
CA HIS A 1150 16.64 13.16 -23.33
C HIS A 1150 15.99 14.52 -23.49
N GLY A 1151 16.25 15.21 -24.58
CA GLY A 1151 15.60 16.50 -24.80
C GLY A 1151 15.87 17.09 -26.14
N VAL A 1152 15.24 18.22 -26.44
CA VAL A 1152 15.50 18.93 -27.71
C VAL A 1152 15.81 20.36 -27.38
N VAL A 1153 16.65 20.98 -28.18
CA VAL A 1153 17.03 22.39 -27.97
C VAL A 1153 16.76 23.13 -29.26
N PHE A 1154 16.09 24.27 -29.15
CA PHE A 1154 15.67 25.02 -30.35
C PHE A 1154 16.45 26.30 -30.42
N LEU A 1155 16.85 26.66 -31.62
CA LEU A 1155 17.58 27.92 -31.83
C LEU A 1155 16.61 28.85 -32.51
N HIS A 1156 16.12 29.84 -31.79
CA HIS A 1156 15.04 30.70 -32.32
C HIS A 1156 15.64 31.98 -32.86
N VAL A 1157 15.56 32.18 -34.15
CA VAL A 1157 16.14 33.38 -34.76
C VAL A 1157 15.03 34.40 -34.82
N THR A 1158 15.19 35.51 -34.12
CA THR A 1158 14.11 36.50 -34.05
C THR A 1158 14.55 37.90 -34.41
N TYR A 1159 13.83 38.56 -35.27
CA TYR A 1159 14.09 39.97 -35.62
C TYR A 1159 13.78 40.82 -34.41
N VAL A 1160 14.56 41.86 -34.19
CA VAL A 1160 14.22 42.77 -33.07
C VAL A 1160 14.34 44.22 -33.53
N PRO A 1161 13.34 45.09 -33.33
CA PRO A 1161 13.49 46.48 -33.66
C PRO A 1161 14.60 47.08 -32.80
N ALA A 1162 15.36 48.03 -33.34
CA ALA A 1162 16.55 48.47 -32.60
C ALA A 1162 16.58 49.95 -32.25
N GLN A 1163 16.67 50.84 -33.21
CA GLN A 1163 16.86 52.26 -32.86
C GLN A 1163 15.62 53.06 -33.19
N GLU A 1164 14.75 53.18 -32.23
CA GLU A 1164 13.49 53.91 -32.43
C GLU A 1164 13.73 55.41 -32.52
N LYS A 1165 12.91 56.10 -33.31
CA LYS A 1165 12.98 57.57 -33.33
C LYS A 1165 11.60 58.17 -33.36
N ASN A 1166 11.41 59.30 -32.67
CA ASN A 1166 10.07 59.89 -32.45
C ASN A 1166 9.59 60.79 -33.58
N PHE A 1167 8.49 60.45 -34.21
CA PHE A 1167 7.93 61.22 -35.33
C PHE A 1167 6.49 61.55 -35.03
N THR A 1168 5.98 62.56 -35.72
CA THR A 1168 4.61 63.05 -35.46
C THR A 1168 3.68 62.37 -36.42
N THR A 1169 2.47 62.05 -35.99
CA THR A 1169 1.60 61.25 -36.86
C THR A 1169 0.21 61.86 -36.97
N ALA A 1170 -0.55 61.37 -37.92
CA ALA A 1170 -1.94 61.85 -38.13
C ALA A 1170 -2.71 60.71 -38.75
N PRO A 1171 -3.99 60.51 -38.41
CA PRO A 1171 -4.69 59.36 -38.91
C PRO A 1171 -4.81 59.33 -40.43
N ALA A 1172 -5.10 60.47 -41.03
CA ALA A 1172 -5.31 60.52 -42.50
C ALA A 1172 -5.04 61.92 -43.02
N ILE A 1173 -4.84 62.02 -44.32
CA ILE A 1173 -4.56 63.34 -44.93
C ILE A 1173 -5.68 63.69 -45.88
N CYS A 1174 -5.96 64.97 -46.01
CA CYS A 1174 -7.04 65.45 -46.90
C CYS A 1174 -6.42 66.34 -47.95
N HIS A 1175 -6.66 66.03 -49.22
CA HIS A 1175 -6.04 66.83 -50.29
C HIS A 1175 -7.07 67.48 -51.20
N ASP A 1176 -8.02 66.71 -51.71
CA ASP A 1176 -9.00 67.26 -52.68
C ASP A 1176 -10.38 67.28 -52.05
N GLY A 1177 -10.46 67.56 -50.75
CA GLY A 1177 -11.77 67.45 -50.09
C GLY A 1177 -12.11 65.99 -49.91
N LYS A 1178 -11.11 65.11 -50.01
CA LYS A 1178 -11.33 63.67 -49.78
C LYS A 1178 -10.31 63.17 -48.76
N ALA A 1179 -10.62 62.06 -48.08
CA ALA A 1179 -9.66 61.46 -47.14
C ALA A 1179 -8.69 60.57 -47.89
N HIS A 1180 -7.58 60.25 -47.24
CA HIS A 1180 -6.62 59.31 -47.84
C HIS A 1180 -6.02 58.47 -46.71
N PHE A 1181 -6.25 57.17 -46.74
CA PHE A 1181 -5.76 56.32 -45.66
C PHE A 1181 -4.60 55.47 -46.16
N PRO A 1182 -3.55 55.22 -45.37
CA PRO A 1182 -2.40 54.52 -45.87
C PRO A 1182 -2.76 53.12 -46.30
N ARG A 1183 -2.07 52.57 -47.28
CA ARG A 1183 -2.49 51.19 -47.61
C ARG A 1183 -1.83 50.20 -46.67
N GLU A 1184 -0.51 50.23 -46.55
CA GLU A 1184 0.19 49.38 -45.54
C GLU A 1184 1.31 50.19 -44.91
N GLY A 1185 1.00 51.17 -44.10
CA GLY A 1185 2.06 52.02 -43.57
C GLY A 1185 1.51 53.01 -42.60
N VAL A 1186 2.36 53.91 -42.15
CA VAL A 1186 1.91 54.97 -41.22
C VAL A 1186 2.27 56.34 -41.74
N PHE A 1187 1.41 57.32 -41.53
CA PHE A 1187 1.74 58.71 -41.89
C PHE A 1187 2.71 59.27 -40.86
N VAL A 1188 3.79 59.87 -41.31
CA VAL A 1188 4.83 60.38 -40.39
C VAL A 1188 5.39 61.66 -40.97
N SER A 1189 5.91 62.52 -40.10
CA SER A 1189 6.42 63.82 -40.55
C SER A 1189 7.61 64.26 -39.72
N ASN A 1190 8.70 64.64 -40.37
CA ASN A 1190 9.92 65.14 -39.68
C ASN A 1190 9.81 66.65 -39.47
N GLY A 1191 8.63 67.22 -39.74
CA GLY A 1191 8.36 68.66 -39.57
C GLY A 1191 8.41 69.43 -40.88
N THR A 1192 8.84 68.81 -41.96
CA THR A 1192 9.02 69.56 -43.22
C THR A 1192 8.31 68.87 -44.37
N HIS A 1193 7.83 67.66 -44.13
CA HIS A 1193 7.23 66.86 -45.21
C HIS A 1193 6.36 65.81 -44.55
N TRP A 1194 5.59 65.09 -45.34
CA TRP A 1194 4.81 63.98 -44.81
C TRP A 1194 5.18 62.76 -45.63
N PHE A 1195 5.47 61.67 -44.96
CA PHE A 1195 5.76 60.43 -45.68
C PHE A 1195 4.92 59.30 -45.14
N VAL A 1196 4.78 58.24 -45.93
CA VAL A 1196 4.12 57.01 -45.44
C VAL A 1196 5.21 55.96 -45.36
N THR A 1197 5.35 55.32 -44.21
CA THR A 1197 6.47 54.38 -44.02
C THR A 1197 5.99 53.09 -43.38
N GLN A 1198 6.79 52.05 -43.51
CA GLN A 1198 6.44 50.72 -42.97
C GLN A 1198 6.35 50.85 -41.46
N ARG A 1199 5.43 50.16 -40.85
CA ARG A 1199 5.24 50.31 -39.40
C ARG A 1199 6.46 49.81 -38.65
N ASN A 1200 7.14 48.78 -39.15
CA ASN A 1200 8.27 48.19 -38.39
C ASN A 1200 9.64 48.60 -38.92
N PHE A 1201 9.71 49.42 -39.97
CA PHE A 1201 11.02 49.97 -40.39
C PHE A 1201 10.81 51.41 -40.86
N TYR A 1202 11.78 52.27 -40.59
CA TYR A 1202 11.65 53.67 -41.04
C TYR A 1202 12.24 53.84 -42.42
N GLU A 1203 11.43 53.61 -43.46
CA GLU A 1203 11.87 53.93 -44.83
C GLU A 1203 10.88 54.95 -45.37
N PRO A 1204 11.16 56.26 -45.27
CA PRO A 1204 10.20 57.25 -45.69
C PRO A 1204 9.95 57.24 -47.19
N GLN A 1205 8.72 57.50 -47.59
CA GLN A 1205 8.38 57.45 -49.02
C GLN A 1205 7.28 58.45 -49.32
N ILE A 1206 7.15 58.85 -50.57
CA ILE A 1206 6.21 59.95 -50.91
C ILE A 1206 4.78 59.46 -50.81
N ILE A 1207 3.87 60.39 -50.53
CA ILE A 1207 2.44 60.04 -50.42
C ILE A 1207 1.85 60.21 -51.80
N THR A 1208 1.87 59.16 -52.56
CA THR A 1208 1.25 59.18 -53.89
C THR A 1208 -0.18 58.68 -53.76
N THR A 1209 -0.88 58.49 -54.86
CA THR A 1209 -2.21 57.89 -54.77
C THR A 1209 -2.08 56.40 -55.03
N ASP A 1210 -0.86 55.93 -55.26
CA ASP A 1210 -0.60 54.48 -55.47
C ASP A 1210 -0.62 53.72 -54.14
N ASN A 1211 -0.42 54.42 -53.03
CA ASN A 1211 -0.32 53.73 -51.72
C ASN A 1211 -1.37 54.20 -50.73
N THR A 1212 -2.24 55.11 -51.12
CA THR A 1212 -3.35 55.48 -50.21
C THR A 1212 -4.69 55.31 -50.92
N PHE A 1213 -5.67 54.79 -50.20
CA PHE A 1213 -6.99 54.57 -50.80
C PHE A 1213 -7.89 55.63 -50.25
N VAL A 1214 -8.92 55.99 -51.00
CA VAL A 1214 -9.75 57.13 -50.59
C VAL A 1214 -11.08 56.68 -50.03
N SER A 1215 -11.47 57.26 -48.92
CA SER A 1215 -12.83 57.03 -48.38
C SER A 1215 -13.33 58.27 -47.66
N GLY A 1216 -14.32 58.95 -48.20
CA GLY A 1216 -14.95 60.03 -47.43
C GLY A 1216 -14.37 61.41 -47.54
N ASN A 1217 -14.82 62.28 -46.65
CA ASN A 1217 -14.40 63.69 -46.70
C ASN A 1217 -13.67 64.11 -45.43
N CYS A 1218 -13.31 65.37 -45.38
CA CYS A 1218 -12.44 65.87 -44.28
C CYS A 1218 -13.08 65.82 -42.90
N ASP A 1219 -14.36 66.13 -42.80
CA ASP A 1219 -14.95 66.32 -41.45
C ASP A 1219 -14.97 65.10 -40.53
N VAL A 1220 -15.38 63.94 -41.03
CA VAL A 1220 -15.61 62.81 -40.11
C VAL A 1220 -14.33 62.35 -39.43
N VAL A 1221 -13.24 62.25 -40.15
CA VAL A 1221 -12.03 61.66 -39.54
C VAL A 1221 -11.40 62.65 -38.58
N ILE A 1222 -11.14 62.20 -37.37
CA ILE A 1222 -10.63 63.14 -36.34
C ILE A 1222 -9.19 63.48 -36.62
N GLY A 1223 -8.79 64.70 -36.33
CA GLY A 1223 -7.36 65.05 -36.43
C GLY A 1223 -6.78 64.97 -37.82
N ILE A 1224 -7.62 65.04 -38.85
CA ILE A 1224 -7.11 64.92 -40.23
C ILE A 1224 -6.26 66.13 -40.54
N VAL A 1225 -5.18 65.93 -41.28
CA VAL A 1225 -4.25 67.04 -41.61
C VAL A 1225 -4.31 67.31 -43.10
N ASN A 1226 -4.50 68.57 -43.46
CA ASN A 1226 -4.55 68.93 -44.89
C ASN A 1226 -3.14 68.88 -45.43
N ASN A 1227 -2.95 68.18 -46.53
CA ASN A 1227 -1.63 68.10 -47.17
C ASN A 1227 -1.84 67.77 -48.64
N THR A 1228 -0.75 67.56 -49.36
CA THR A 1228 -0.83 67.32 -50.81
C THR A 1228 -0.38 65.92 -51.13
N VAL A 1229 -1.19 65.24 -51.93
CA VAL A 1229 -0.86 63.87 -52.37
C VAL A 1229 -0.52 63.92 -53.85
N TYR A 1230 0.69 63.51 -54.18
CA TYR A 1230 1.12 63.56 -55.58
C TYR A 1230 0.50 62.41 -56.34
N ASP A 1231 0.43 62.57 -57.64
CA ASP A 1231 -0.12 61.48 -58.48
C ASP A 1231 0.88 61.11 -59.55
N PRO A 1232 0.96 59.85 -59.97
CA PRO A 1232 1.81 59.48 -61.08
C PRO A 1232 1.23 59.87 -62.45
N LEU A 1233 0.10 60.57 -62.45
CA LEU A 1233 -0.59 60.92 -63.72
C LEU A 1233 -0.33 62.37 -64.13
N GLN A 1234 -0.35 63.28 -63.18
CA GLN A 1234 -0.23 64.71 -63.56
C GLN A 1234 1.08 65.00 -64.30
N PRO A 1235 2.28 64.52 -63.89
CA PRO A 1235 3.48 64.89 -64.62
C PRO A 1235 3.43 64.34 -66.06
N GLU A 1236 3.00 63.10 -66.20
CA GLU A 1236 2.88 62.49 -67.54
C GLU A 1236 1.80 63.20 -68.33
N LEU A 1237 0.69 63.54 -67.68
CA LEU A 1237 -0.43 64.18 -68.42
C LEU A 1237 0.04 65.52 -68.98
N ASP A 1238 0.80 66.27 -68.19
CA ASP A 1238 1.23 67.62 -68.62
C ASP A 1238 2.09 67.50 -69.89
N SER A 1239 2.89 66.44 -69.98
CA SER A 1239 3.75 66.22 -71.16
C SER A 1239 3.57 64.79 -71.71
N ALA B 119 11.78 -49.46 -25.87
CA ALA B 119 11.33 -48.38 -26.80
C ALA B 119 10.47 -47.36 -26.05
N TYR B 120 10.51 -46.10 -26.48
CA TYR B 120 9.79 -45.04 -25.75
C TYR B 120 8.80 -44.36 -26.67
N THR B 121 7.80 -43.75 -26.06
CA THR B 121 6.77 -43.03 -26.85
C THR B 121 6.54 -41.65 -26.24
N ASN B 122 6.05 -40.74 -27.05
CA ASN B 122 5.78 -39.38 -26.57
C ASN B 122 4.39 -39.31 -25.94
N SER B 123 4.23 -38.43 -24.96
CA SER B 123 2.90 -38.17 -24.38
C SER B 123 2.52 -36.80 -24.89
N PHE B 124 1.67 -36.76 -25.91
CA PHE B 124 1.44 -35.47 -26.62
C PHE B 124 0.88 -34.37 -25.73
N THR B 125 -0.26 -34.62 -25.09
CA THR B 125 -0.89 -33.58 -24.25
C THR B 125 -1.54 -34.25 -23.04
N ARG B 126 -0.77 -35.02 -22.28
CA ARG B 126 -1.35 -35.74 -21.12
C ARG B 126 -0.65 -35.31 -19.84
N GLY B 127 -1.41 -35.22 -18.76
CA GLY B 127 -0.83 -34.68 -17.51
C GLY B 127 -1.73 -33.66 -16.84
N VAL B 128 -2.94 -33.46 -17.37
CA VAL B 128 -3.91 -32.55 -16.71
C VAL B 128 -5.15 -33.31 -16.27
N TYR B 129 -5.57 -33.10 -15.03
CA TYR B 129 -6.81 -33.70 -14.48
C TYR B 129 -7.64 -32.50 -14.02
N TYR B 130 -8.73 -32.72 -13.31
CA TYR B 130 -9.45 -31.53 -12.81
C TYR B 130 -8.85 -31.22 -11.45
N PRO B 131 -8.13 -30.09 -11.29
CA PRO B 131 -7.43 -29.84 -10.02
C PRO B 131 -8.40 -29.67 -8.85
N ASP B 132 -9.64 -29.28 -9.12
CA ASP B 132 -10.62 -29.01 -8.04
C ASP B 132 -11.99 -29.57 -8.40
N LYS B 133 -12.89 -29.59 -7.42
CA LYS B 133 -14.22 -30.21 -7.63
C LYS B 133 -15.28 -29.21 -8.07
N VAL B 134 -14.91 -27.96 -8.23
CA VAL B 134 -15.90 -26.91 -8.59
C VAL B 134 -16.35 -27.05 -10.04
N PHE B 135 -17.49 -26.46 -10.36
CA PHE B 135 -17.93 -26.42 -11.78
C PHE B 135 -17.57 -25.06 -12.34
N ARG B 136 -16.51 -25.00 -13.13
CA ARG B 136 -16.06 -23.71 -13.70
C ARG B 136 -16.57 -23.61 -15.13
N SER B 137 -16.90 -22.40 -15.56
CA SER B 137 -17.42 -22.25 -16.92
C SER B 137 -16.96 -20.96 -17.58
N SER B 138 -16.71 -20.99 -18.89
CA SER B 138 -16.45 -19.75 -19.67
C SER B 138 -15.37 -18.89 -19.03
N VAL B 139 -14.32 -19.50 -18.51
CA VAL B 139 -13.21 -18.69 -17.96
C VAL B 139 -11.90 -19.37 -18.30
N LEU B 140 -10.86 -18.58 -18.57
CA LEU B 140 -9.52 -19.20 -18.76
C LEU B 140 -8.98 -19.32 -17.33
N HIS B 141 -9.00 -20.53 -16.80
CA HIS B 141 -8.64 -20.71 -15.37
C HIS B 141 -7.21 -21.22 -15.24
N SER B 142 -6.49 -20.66 -14.27
CA SER B 142 -5.08 -21.06 -14.06
C SER B 142 -5.03 -22.07 -12.94
N THR B 143 -4.30 -23.16 -13.14
CA THR B 143 -4.09 -24.11 -12.03
C THR B 143 -2.62 -24.51 -11.92
N GLN B 144 -2.19 -24.73 -10.69
CA GLN B 144 -0.80 -25.19 -10.46
C GLN B 144 -0.88 -26.48 -9.68
N ASP B 145 -0.16 -27.49 -10.12
CA ASP B 145 -0.10 -28.75 -9.34
C ASP B 145 0.97 -29.65 -9.96
N LEU B 146 1.16 -30.82 -9.38
CA LEU B 146 2.07 -31.80 -10.01
C LEU B 146 1.36 -32.28 -11.28
N PHE B 147 2.04 -32.16 -12.41
CA PHE B 147 1.42 -32.53 -13.69
C PHE B 147 2.46 -33.21 -14.57
N LEU B 148 1.97 -34.00 -15.54
CA LEU B 148 2.93 -34.57 -16.50
C LEU B 148 3.06 -33.60 -17.68
N PRO B 149 4.26 -33.08 -17.98
CA PRO B 149 4.37 -32.12 -19.06
C PRO B 149 3.92 -32.69 -20.41
N PHE B 150 3.29 -31.84 -21.21
CA PHE B 150 2.77 -32.32 -22.50
C PHE B 150 3.95 -32.55 -23.44
N PHE B 151 3.79 -33.46 -24.39
CA PHE B 151 4.91 -33.82 -25.29
C PHE B 151 6.11 -34.32 -24.49
N SER B 152 5.84 -35.25 -23.58
CA SER B 152 6.93 -35.87 -22.75
C SER B 152 7.04 -37.35 -23.08
N ASN B 153 8.17 -37.95 -22.72
CA ASN B 153 8.45 -39.36 -23.08
C ASN B 153 7.91 -40.33 -22.04
N VAL B 154 7.33 -41.43 -22.53
CA VAL B 154 6.83 -42.50 -21.63
C VAL B 154 7.56 -43.77 -22.03
N THR B 155 7.57 -44.76 -21.14
CA THR B 155 8.18 -46.07 -21.48
C THR B 155 7.12 -46.95 -22.13
N TRP B 156 7.33 -47.30 -23.39
CA TRP B 156 6.31 -48.07 -24.14
C TRP B 156 6.41 -49.54 -23.76
N PHE B 157 5.99 -49.84 -22.55
CA PHE B 157 6.16 -51.23 -22.05
C PHE B 157 5.22 -52.18 -22.77
N HIS B 158 5.76 -53.32 -23.19
CA HIS B 158 4.94 -54.32 -23.91
C HIS B 158 4.32 -55.30 -22.91
N ASN B 173 4.71 -55.46 -15.54
CA ASN B 173 5.57 -56.59 -15.11
C ASN B 173 6.76 -56.10 -14.28
N PRO B 174 7.56 -55.11 -14.72
CA PRO B 174 8.74 -54.75 -13.98
C PRO B 174 8.49 -53.82 -12.79
N VAL B 175 9.57 -53.33 -12.21
CA VAL B 175 9.45 -52.37 -11.07
C VAL B 175 9.98 -51.02 -11.55
N LEU B 176 9.34 -49.94 -11.15
CA LEU B 176 9.73 -48.60 -11.62
C LEU B 176 9.89 -47.69 -10.42
N PRO B 177 10.65 -46.60 -10.54
CA PRO B 177 10.77 -45.64 -9.45
C PRO B 177 9.49 -44.83 -9.23
N PHE B 178 9.44 -44.12 -8.11
CA PHE B 178 8.29 -43.22 -7.84
C PHE B 178 8.83 -41.93 -7.24
N ASN B 179 8.70 -40.81 -7.96
CA ASN B 179 9.33 -39.56 -7.50
C ASN B 179 8.30 -38.64 -6.85
N ASP B 180 7.27 -38.25 -7.60
CA ASP B 180 6.21 -37.39 -7.02
C ASP B 180 4.85 -37.95 -7.41
N GLY B 181 4.81 -38.57 -8.58
CA GLY B 181 3.53 -39.09 -9.06
C GLY B 181 3.73 -40.08 -10.15
N VAL B 182 2.65 -40.65 -10.63
CA VAL B 182 2.75 -41.57 -11.78
C VAL B 182 1.56 -41.36 -12.69
N TYR B 183 1.78 -41.58 -13.97
CA TYR B 183 0.69 -41.53 -14.96
C TYR B 183 0.63 -42.95 -15.52
N PHE B 184 -0.54 -43.36 -15.95
CA PHE B 184 -0.64 -44.71 -16.52
C PHE B 184 -1.54 -44.71 -17.74
N ALA B 185 -1.21 -45.56 -18.70
CA ALA B 185 -2.05 -45.71 -19.90
C ALA B 185 -1.94 -47.17 -20.34
N SER B 186 -3.06 -47.90 -20.33
CA SER B 186 -3.01 -49.36 -20.61
C SER B 186 -3.55 -49.66 -21.99
N THR B 187 -2.77 -50.40 -22.78
CA THR B 187 -3.30 -50.85 -24.08
C THR B 187 -3.80 -52.28 -23.92
N GLU B 188 -5.11 -52.43 -23.76
CA GLU B 188 -5.67 -53.80 -23.69
C GLU B 188 -7.16 -53.74 -24.00
N LYS B 189 -7.72 -54.83 -24.52
CA LYS B 189 -9.18 -54.89 -24.71
C LYS B 189 -9.75 -55.93 -23.74
N SER B 190 -8.89 -56.79 -23.18
CA SER B 190 -9.36 -57.91 -22.32
C SER B 190 -9.04 -57.70 -20.83
N ASN B 191 -8.74 -56.48 -20.41
CA ASN B 191 -8.56 -56.23 -18.95
C ASN B 191 -7.41 -57.10 -18.41
N ILE B 192 -6.31 -57.15 -19.14
CA ILE B 192 -5.16 -57.98 -18.69
C ILE B 192 -4.60 -57.45 -17.37
N ILE B 193 -4.39 -56.13 -17.28
CA ILE B 193 -3.79 -55.56 -16.05
C ILE B 193 -4.92 -54.96 -15.22
N ARG B 194 -5.07 -55.43 -14.00
CA ARG B 194 -6.22 -54.97 -13.18
C ARG B 194 -5.75 -54.29 -11.90
N GLY B 195 -4.46 -54.35 -11.56
CA GLY B 195 -4.04 -53.82 -10.26
C GLY B 195 -2.63 -53.32 -10.22
N TRP B 196 -2.23 -52.84 -9.05
CA TRP B 196 -0.86 -52.31 -8.86
C TRP B 196 -0.38 -52.64 -7.45
N ILE B 197 0.88 -52.34 -7.19
CA ILE B 197 1.48 -52.57 -5.85
C ILE B 197 2.31 -51.33 -5.56
N PHE B 198 2.45 -51.01 -4.29
CA PHE B 198 3.15 -49.76 -3.93
C PHE B 198 4.01 -50.01 -2.70
N GLY B 199 4.76 -49.00 -2.30
CA GLY B 199 5.52 -49.09 -1.05
C GLY B 199 6.94 -48.62 -1.22
N THR B 200 7.77 -48.90 -0.21
CA THR B 200 9.21 -48.58 -0.31
C THR B 200 9.97 -49.89 -0.55
N THR B 201 10.05 -50.76 0.45
CA THR B 201 10.74 -52.07 0.28
C THR B 201 10.02 -52.91 -0.75
N LEU B 202 8.69 -52.84 -0.80
CA LEU B 202 7.88 -53.65 -1.76
C LEU B 202 8.11 -55.14 -1.54
N ASP B 203 8.28 -55.55 -0.28
CA ASP B 203 8.49 -56.96 0.06
C ASP B 203 7.45 -57.39 1.10
N SER B 204 7.33 -58.69 1.30
CA SER B 204 6.27 -59.19 2.20
C SER B 204 6.47 -58.64 3.62
N LYS B 205 5.38 -58.36 4.33
CA LYS B 205 5.40 -57.85 5.74
C LYS B 205 5.65 -56.34 5.75
N THR B 206 5.66 -55.72 4.56
CA THR B 206 5.86 -54.25 4.47
C THR B 206 4.57 -53.62 3.96
N GLN B 207 4.12 -52.56 4.62
CA GLN B 207 2.80 -51.98 4.27
C GLN B 207 2.79 -51.53 2.81
N SER B 208 1.85 -52.05 2.04
CA SER B 208 1.74 -51.74 0.60
C SER B 208 0.27 -51.63 0.23
N LEU B 209 -0.05 -50.74 -0.70
CA LEU B 209 -1.46 -50.59 -1.11
C LEU B 209 -1.72 -51.61 -2.22
N LEU B 210 -2.74 -52.43 -2.04
CA LEU B 210 -3.03 -53.49 -3.03
C LEU B 210 -4.41 -53.27 -3.65
N ILE B 211 -4.42 -52.92 -4.93
CA ILE B 211 -5.72 -52.75 -5.63
C ILE B 211 -5.84 -53.93 -6.57
N VAL B 212 -6.94 -54.67 -6.43
CA VAL B 212 -7.08 -55.93 -7.22
C VAL B 212 -8.51 -56.07 -7.72
N ASN B 213 -8.67 -56.70 -8.87
CA ASN B 213 -10.02 -57.00 -9.40
C ASN B 213 -10.16 -58.52 -9.48
N ASN B 214 -11.24 -59.07 -8.93
CA ASN B 214 -11.40 -60.54 -8.88
C ASN B 214 -12.39 -61.04 -9.94
N ALA B 215 -12.76 -60.18 -10.91
CA ALA B 215 -13.65 -60.57 -12.04
C ALA B 215 -15.10 -60.68 -11.57
N THR B 216 -15.34 -60.40 -10.30
CA THR B 216 -16.73 -60.36 -9.76
C THR B 216 -16.89 -59.00 -9.08
N ASN B 217 -15.77 -58.45 -8.59
CA ASN B 217 -15.78 -57.13 -7.93
C ASN B 217 -14.35 -56.60 -7.88
N VAL B 218 -14.22 -55.29 -7.65
CA VAL B 218 -12.87 -54.67 -7.52
C VAL B 218 -12.59 -54.41 -6.05
N VAL B 219 -11.42 -54.86 -5.60
CA VAL B 219 -11.08 -54.72 -4.16
C VAL B 219 -9.89 -53.79 -4.00
N ILE B 220 -9.94 -52.93 -3.00
CA ILE B 220 -8.77 -52.10 -2.66
C ILE B 220 -8.36 -52.48 -1.24
N LYS B 221 -7.12 -52.88 -1.06
CA LYS B 221 -6.69 -53.37 0.25
C LYS B 221 -5.31 -52.84 0.58
N VAL B 222 -4.89 -52.97 1.82
CA VAL B 222 -3.50 -52.59 2.18
C VAL B 222 -2.82 -53.85 2.73
N CYS B 223 -3.31 -55.00 2.33
CA CYS B 223 -2.77 -56.26 2.90
C CYS B 223 -1.49 -56.67 2.16
N GLU B 224 -0.39 -56.83 2.89
CA GLU B 224 0.88 -57.16 2.19
C GLU B 224 0.89 -58.67 1.90
N PHE B 225 0.07 -59.07 0.92
CA PHE B 225 0.01 -60.50 0.57
C PHE B 225 1.39 -60.94 0.08
N GLN B 226 1.77 -62.18 0.36
CA GLN B 226 3.15 -62.59 0.05
C GLN B 226 3.38 -62.44 -1.45
N PHE B 227 4.34 -61.60 -1.80
CA PHE B 227 4.68 -61.35 -3.21
C PHE B 227 6.18 -61.54 -3.42
N CYS B 228 6.53 -62.39 -4.39
CA CYS B 228 7.95 -62.59 -4.74
C CYS B 228 8.34 -61.51 -5.75
N ASN B 229 9.51 -61.63 -6.35
CA ASN B 229 9.97 -60.55 -7.26
C ASN B 229 9.01 -60.39 -8.43
N ASP B 230 8.44 -61.51 -8.90
CA ASP B 230 7.57 -61.44 -10.10
C ASP B 230 6.21 -62.08 -9.78
N PRO B 231 5.36 -61.43 -8.96
CA PRO B 231 4.11 -62.05 -8.58
C PRO B 231 3.06 -61.93 -9.69
N PHE B 232 2.36 -63.03 -9.93
CA PHE B 232 1.31 -63.06 -10.98
C PHE B 232 -0.07 -63.20 -10.34
N ASN B 256 -2.17 -60.85 5.21
CA ASN B 256 -1.55 -60.85 6.56
C ASN B 256 -1.63 -59.46 7.18
N ASN B 257 -2.07 -59.37 8.45
CA ASN B 257 -2.18 -58.07 9.16
C ASN B 257 -3.05 -57.12 8.33
N CYS B 258 -4.13 -57.65 7.78
CA CYS B 258 -4.98 -56.80 6.90
C CYS B 258 -5.50 -55.61 7.71
N THR B 259 -5.39 -54.41 7.13
CA THR B 259 -5.83 -53.20 7.86
C THR B 259 -6.96 -52.47 7.15
N PHE B 260 -7.00 -52.51 5.82
CA PHE B 260 -8.01 -51.74 5.07
C PHE B 260 -8.71 -52.68 4.10
N GLU B 261 -9.97 -52.37 3.79
CA GLU B 261 -10.68 -53.17 2.78
C GLU B 261 -11.69 -52.29 2.05
N TYR B 262 -11.96 -52.62 0.80
CA TYR B 262 -13.00 -51.92 0.03
C TYR B 262 -13.40 -52.89 -1.08
N VAL B 263 -14.70 -53.09 -1.27
CA VAL B 263 -15.13 -53.93 -2.42
C VAL B 263 -16.26 -53.23 -3.15
N SER B 264 -16.14 -53.12 -4.47
CA SER B 264 -17.22 -52.52 -5.28
C SER B 264 -17.55 -53.42 -6.48
N PHE B 278 -8.42 -52.30 -26.88
CA PHE B 278 -8.20 -51.64 -28.19
C PHE B 278 -9.08 -50.40 -28.27
N LYS B 279 -10.37 -50.54 -27.96
CA LYS B 279 -11.31 -49.41 -28.11
C LYS B 279 -11.12 -48.30 -27.06
N ASN B 280 -10.44 -48.58 -25.95
CA ASN B 280 -10.37 -47.54 -24.91
C ASN B 280 -9.00 -47.56 -24.24
N LEU B 281 -8.64 -46.42 -23.65
CA LEU B 281 -7.39 -46.34 -22.87
C LEU B 281 -7.71 -45.69 -21.53
N ARG B 282 -7.15 -46.24 -20.45
CA ARG B 282 -7.45 -45.71 -19.11
C ARG B 282 -6.25 -44.90 -18.64
N GLU B 283 -6.50 -43.65 -18.24
CA GLU B 283 -5.40 -42.77 -17.80
C GLU B 283 -5.47 -42.55 -16.29
N PHE B 284 -4.40 -42.89 -15.59
CA PHE B 284 -4.47 -42.84 -14.11
C PHE B 284 -3.41 -41.89 -13.61
N VAL B 285 -3.78 -41.11 -12.60
CA VAL B 285 -2.83 -40.14 -12.03
C VAL B 285 -2.75 -40.37 -10.53
N PHE B 286 -1.54 -40.52 -10.01
CA PHE B 286 -1.38 -40.86 -8.59
C PHE B 286 -0.55 -39.78 -7.94
N LYS B 287 -0.88 -39.43 -6.71
CA LYS B 287 0.00 -38.49 -6.00
C LYS B 287 -0.20 -38.58 -4.50
N ASN B 288 0.80 -38.12 -3.76
CA ASN B 288 0.66 -38.08 -2.29
C ASN B 288 1.08 -36.69 -1.75
N TYR B 292 -2.81 -37.18 1.50
CA TYR B 292 -3.13 -38.63 1.42
C TYR B 292 -3.38 -39.03 -0.02
N PHE B 293 -3.46 -40.33 -0.28
CA PHE B 293 -3.45 -40.85 -1.66
C PHE B 293 -4.54 -40.25 -2.53
N LYS B 294 -4.23 -40.06 -3.81
CA LYS B 294 -5.23 -39.55 -4.77
C LYS B 294 -5.30 -40.43 -6.01
N ILE B 295 -6.48 -40.47 -6.62
CA ILE B 295 -6.69 -41.25 -7.86
C ILE B 295 -7.53 -40.43 -8.82
N TYR B 296 -7.17 -40.46 -10.09
CA TYR B 296 -7.98 -39.80 -11.13
C TYR B 296 -8.01 -40.72 -12.35
N SER B 297 -9.10 -40.68 -13.08
CA SER B 297 -9.17 -41.47 -14.32
C SER B 297 -10.31 -40.99 -15.20
N LYS B 298 -10.25 -41.39 -16.47
CA LYS B 298 -11.36 -41.14 -17.40
C LYS B 298 -11.17 -42.10 -18.56
N HIS B 299 -12.21 -42.28 -19.35
CA HIS B 299 -12.12 -43.28 -20.44
C HIS B 299 -12.40 -42.64 -21.79
N THR B 300 -11.77 -43.17 -22.82
CA THR B 300 -11.95 -42.61 -24.18
C THR B 300 -12.27 -43.73 -25.18
N PRO B 301 -13.54 -43.87 -25.60
CA PRO B 301 -13.87 -44.94 -26.52
C PRO B 301 -13.39 -44.59 -27.92
N ILE B 302 -12.32 -45.26 -28.35
CA ILE B 302 -11.69 -44.93 -29.66
C ILE B 302 -11.84 -46.11 -30.62
N ASN B 303 -12.13 -45.81 -31.89
CA ASN B 303 -12.42 -46.87 -32.89
C ASN B 303 -11.11 -47.51 -33.33
N ASP B 307 -3.00 -45.56 -31.14
CA ASP B 307 -3.74 -45.82 -29.89
C ASP B 307 -3.81 -44.52 -29.07
N LEU B 308 -2.97 -43.53 -29.37
CA LEU B 308 -2.93 -42.30 -28.54
C LEU B 308 -3.15 -41.09 -29.43
N PRO B 309 -4.37 -40.56 -29.54
CA PRO B 309 -4.57 -39.31 -30.28
C PRO B 309 -3.90 -38.16 -29.51
N GLN B 310 -3.48 -37.12 -30.22
CA GLN B 310 -2.69 -36.03 -29.58
C GLN B 310 -3.60 -34.94 -29.03
N GLY B 311 -4.87 -35.26 -28.84
CA GLY B 311 -5.82 -34.22 -28.44
C GLY B 311 -5.85 -33.93 -26.96
N PHE B 312 -6.78 -33.06 -26.59
CA PHE B 312 -6.86 -32.63 -25.18
C PHE B 312 -7.18 -33.81 -24.25
N SER B 313 -6.61 -33.78 -23.06
CA SER B 313 -6.86 -34.85 -22.07
C SER B 313 -7.01 -34.27 -20.66
N ALA B 314 -8.15 -34.50 -20.04
CA ALA B 314 -8.39 -34.07 -18.65
C ALA B 314 -8.90 -35.26 -17.86
N LEU B 315 -8.51 -35.37 -16.60
CA LEU B 315 -8.90 -36.58 -15.84
C LEU B 315 -9.83 -36.24 -14.67
N GLU B 316 -10.79 -37.13 -14.38
CA GLU B 316 -11.81 -36.85 -13.35
C GLU B 316 -11.50 -37.63 -12.09
N PRO B 317 -11.44 -36.96 -10.92
CA PRO B 317 -11.05 -37.66 -9.69
C PRO B 317 -11.96 -38.85 -9.38
N LEU B 318 -11.37 -39.93 -8.89
CA LEU B 318 -12.15 -41.17 -8.66
C LEU B 318 -12.31 -41.47 -7.17
N VAL B 319 -11.20 -41.53 -6.43
CA VAL B 319 -11.30 -41.73 -4.96
C VAL B 319 -10.00 -41.25 -4.35
N ASP B 320 -10.07 -40.76 -3.12
CA ASP B 320 -8.85 -40.30 -2.41
C ASP B 320 -8.83 -41.00 -1.05
N LEU B 321 -8.39 -42.25 -1.04
CA LEU B 321 -8.42 -43.04 0.21
C LEU B 321 -7.12 -42.84 0.96
N PRO B 322 -7.14 -42.40 2.22
CA PRO B 322 -5.91 -42.11 2.92
C PRO B 322 -5.18 -43.35 3.44
N ILE B 323 -3.85 -43.27 3.46
CA ILE B 323 -3.05 -44.38 4.04
C ILE B 323 -2.02 -43.84 5.05
N GLY B 324 -1.60 -42.59 4.93
CA GLY B 324 -0.60 -42.02 5.85
C GLY B 324 0.74 -42.75 5.88
N ILE B 325 1.22 -43.22 4.74
CA ILE B 325 2.48 -44.02 4.72
C ILE B 325 3.39 -43.51 3.62
N ASN B 326 4.69 -43.74 3.79
CA ASN B 326 5.67 -43.26 2.80
C ASN B 326 5.67 -44.20 1.60
N ILE B 327 5.70 -43.63 0.39
CA ILE B 327 5.87 -44.48 -0.80
C ILE B 327 7.01 -43.88 -1.64
N THR B 328 8.01 -44.69 -1.96
CA THR B 328 9.09 -44.23 -2.89
C THR B 328 9.22 -45.15 -4.12
N ARG B 329 8.48 -46.27 -4.19
CA ARG B 329 8.55 -47.12 -5.38
C ARG B 329 7.20 -47.80 -5.59
N PHE B 330 7.06 -48.54 -6.68
CA PHE B 330 5.80 -49.29 -6.92
C PHE B 330 6.07 -50.37 -7.94
N GLN B 331 5.01 -51.03 -8.38
CA GLN B 331 5.15 -52.14 -9.33
C GLN B 331 3.81 -52.39 -9.99
N THR B 332 3.72 -53.48 -10.75
CA THR B 332 2.48 -53.78 -11.49
C THR B 332 2.00 -55.20 -11.24
N LEU B 333 0.79 -55.49 -11.71
CA LEU B 333 0.15 -56.80 -11.47
C LEU B 333 -0.21 -57.42 -12.81
N LEU B 334 -0.06 -58.75 -12.92
CA LEU B 334 -0.40 -59.48 -14.16
C LEU B 334 -0.79 -60.93 -13.81
N ALA B 355 -1.64 -56.09 -25.06
CA ALA B 355 -0.64 -56.54 -24.04
C ALA B 355 0.48 -55.50 -23.94
N ALA B 356 0.18 -54.30 -23.48
CA ALA B 356 1.22 -53.26 -23.29
C ALA B 356 0.65 -52.12 -22.45
N TYR B 357 1.52 -51.25 -21.94
CA TYR B 357 1.01 -50.07 -21.22
C TYR B 357 2.04 -48.96 -21.19
N TYR B 358 1.59 -47.75 -20.86
CA TYR B 358 2.48 -46.57 -20.85
C TYR B 358 2.54 -45.96 -19.45
N VAL B 359 3.75 -45.65 -18.99
CA VAL B 359 3.92 -45.02 -17.66
C VAL B 359 4.78 -43.78 -17.77
N GLY B 360 4.35 -42.70 -17.15
CA GLY B 360 5.04 -41.41 -17.24
C GLY B 360 4.99 -40.72 -15.92
N TYR B 361 6.01 -39.91 -15.64
CA TYR B 361 6.08 -39.30 -14.30
C TYR B 361 5.66 -37.84 -14.32
N LEU B 362 4.79 -37.48 -13.38
CA LEU B 362 4.28 -36.09 -13.28
C LEU B 362 5.33 -35.13 -12.74
N GLN B 363 5.17 -33.86 -13.02
CA GLN B 363 6.18 -32.87 -12.66
C GLN B 363 5.50 -31.64 -12.07
N PRO B 364 6.15 -30.91 -11.15
CA PRO B 364 5.58 -29.66 -10.68
C PRO B 364 5.57 -28.60 -11.79
N ARG B 365 4.41 -28.02 -12.05
CA ARG B 365 4.30 -27.10 -13.20
C ARG B 365 3.10 -26.17 -13.03
N THR B 366 2.88 -25.30 -14.01
CA THR B 366 1.70 -24.41 -14.01
C THR B 366 0.92 -24.68 -15.28
N PHE B 367 -0.39 -24.82 -15.18
CA PHE B 367 -1.20 -25.10 -16.37
C PHE B 367 -2.42 -24.20 -16.40
N LEU B 368 -3.00 -24.02 -17.59
CA LEU B 368 -4.14 -23.08 -17.75
C LEU B 368 -5.25 -23.78 -18.49
N LEU B 369 -6.49 -23.54 -18.10
CA LEU B 369 -7.63 -24.32 -18.68
C LEU B 369 -8.62 -23.44 -19.43
N LYS B 370 -9.05 -23.90 -20.60
CA LYS B 370 -10.08 -23.16 -21.35
C LYS B 370 -11.44 -23.65 -20.89
N TYR B 371 -11.96 -23.09 -19.81
CA TYR B 371 -13.30 -23.57 -19.42
C TYR B 371 -14.33 -23.02 -20.39
N ASN B 372 -15.13 -23.91 -20.95
CA ASN B 372 -16.14 -23.49 -21.94
C ASN B 372 -17.45 -23.17 -21.22
N GLU B 373 -18.49 -22.87 -21.99
CA GLU B 373 -19.82 -22.71 -21.36
C GLU B 373 -20.24 -24.07 -20.81
N ASN B 374 -19.89 -25.15 -21.50
CA ASN B 374 -20.34 -26.50 -21.11
C ASN B 374 -19.77 -26.89 -19.75
N GLY B 375 -18.70 -26.26 -19.33
CA GLY B 375 -18.18 -26.51 -17.98
C GLY B 375 -17.07 -27.54 -17.93
N THR B 376 -16.86 -28.27 -19.03
CA THR B 376 -15.77 -29.28 -19.08
C THR B 376 -14.46 -28.64 -19.53
N ILE B 377 -13.48 -29.48 -19.79
CA ILE B 377 -12.16 -28.99 -20.28
C ILE B 377 -12.02 -29.38 -21.75
N THR B 378 -11.73 -28.42 -22.63
CA THR B 378 -11.55 -28.77 -24.05
C THR B 378 -10.13 -28.47 -24.51
N ASP B 379 -9.44 -27.51 -23.90
CA ASP B 379 -8.02 -27.26 -24.24
C ASP B 379 -7.27 -26.68 -23.05
N ALA B 380 -6.01 -27.06 -22.92
CA ALA B 380 -5.15 -26.52 -21.85
C ALA B 380 -3.76 -26.31 -22.43
N VAL B 381 -3.06 -25.28 -21.97
CA VAL B 381 -1.75 -24.97 -22.57
C VAL B 381 -0.70 -24.97 -21.47
N ASP B 382 0.44 -25.58 -21.76
CA ASP B 382 1.49 -25.68 -20.73
C ASP B 382 2.02 -24.30 -20.49
N CYS B 383 2.58 -24.09 -19.31
CA CYS B 383 3.21 -22.78 -19.06
C CYS B 383 4.73 -22.93 -19.04
N ALA B 384 5.25 -24.12 -19.35
CA ALA B 384 6.72 -24.27 -19.48
C ALA B 384 7.08 -25.25 -20.59
N LEU B 385 6.39 -25.21 -21.71
CA LEU B 385 6.83 -26.07 -22.85
C LEU B 385 7.58 -25.23 -23.88
N ASP B 386 6.99 -24.16 -24.40
CA ASP B 386 7.63 -23.37 -25.49
C ASP B 386 7.26 -21.92 -25.28
N PRO B 387 8.03 -20.95 -25.81
CA PRO B 387 7.79 -19.56 -25.47
C PRO B 387 6.37 -19.07 -25.80
N LEU B 388 5.81 -19.54 -26.88
CA LEU B 388 4.45 -19.10 -27.22
C LEU B 388 3.52 -19.55 -26.11
N SER B 389 3.72 -20.73 -25.58
CA SER B 389 2.81 -21.25 -24.53
C SER B 389 2.97 -20.40 -23.27
N GLU B 390 4.21 -20.06 -22.95
CA GLU B 390 4.45 -19.28 -21.72
C GLU B 390 3.80 -17.92 -21.92
N THR B 391 3.83 -17.39 -23.14
CA THR B 391 3.15 -16.11 -23.41
C THR B 391 1.65 -16.31 -23.26
N LYS B 392 1.14 -17.41 -23.76
CA LYS B 392 -0.32 -17.62 -23.71
C LYS B 392 -0.71 -17.60 -22.24
N CYS B 393 0.10 -18.22 -21.40
CA CYS B 393 -0.23 -18.29 -19.96
C CYS B 393 -0.10 -16.92 -19.31
N THR B 394 0.99 -16.21 -19.56
CA THR B 394 1.19 -14.92 -18.82
C THR B 394 0.17 -13.89 -19.27
N LEU B 395 -0.12 -13.84 -20.56
CA LEU B 395 -1.17 -12.93 -21.06
C LEU B 395 -2.53 -13.48 -20.62
N LYS B 396 -2.59 -14.76 -20.26
CA LYS B 396 -3.84 -15.42 -19.86
C LYS B 396 -4.87 -15.39 -20.98
N SER B 397 -4.45 -15.75 -22.19
CA SER B 397 -5.46 -15.89 -23.25
C SER B 397 -4.96 -16.87 -24.31
N PHE B 398 -5.85 -17.33 -25.18
CA PHE B 398 -5.42 -18.24 -26.27
C PHE B 398 -5.10 -17.48 -27.54
N THR B 399 -5.35 -16.18 -27.55
CA THR B 399 -4.99 -15.35 -28.73
C THR B 399 -4.01 -14.29 -28.31
N VAL B 400 -2.87 -14.23 -28.99
CA VAL B 400 -1.91 -13.14 -28.71
C VAL B 400 -1.82 -12.26 -29.96
N GLU B 401 -2.12 -10.98 -29.80
CA GLU B 401 -1.97 -10.04 -30.94
C GLU B 401 -0.48 -9.81 -31.17
N LYS B 402 -0.12 -9.46 -32.39
CA LYS B 402 1.32 -9.35 -32.67
C LYS B 402 1.92 -8.27 -31.79
N GLY B 403 3.11 -8.53 -31.29
CA GLY B 403 3.82 -7.51 -30.52
C GLY B 403 4.87 -8.14 -29.64
N ILE B 404 5.75 -7.34 -29.09
CA ILE B 404 6.70 -7.90 -28.11
C ILE B 404 5.92 -8.09 -26.83
N TYR B 405 6.21 -9.16 -26.11
CA TYR B 405 5.54 -9.38 -24.82
C TYR B 405 6.54 -9.85 -23.80
N GLN B 406 6.73 -9.10 -22.73
CA GLN B 406 7.62 -9.56 -21.67
C GLN B 406 6.84 -10.59 -20.89
N THR B 407 7.45 -11.74 -20.64
CA THR B 407 6.65 -12.84 -20.07
C THR B 407 7.14 -13.24 -18.69
N SER B 408 8.45 -13.34 -18.49
CA SER B 408 8.94 -13.87 -17.20
C SER B 408 10.42 -13.60 -17.05
N ASN B 409 11.06 -14.34 -16.16
CA ASN B 409 12.48 -14.05 -15.84
C ASN B 409 13.40 -15.18 -16.23
N PHE B 410 14.69 -14.92 -16.19
CA PHE B 410 15.69 -15.96 -16.44
C PHE B 410 16.61 -15.92 -15.23
N ARG B 411 16.18 -16.51 -14.12
CA ARG B 411 16.99 -16.46 -12.87
C ARG B 411 17.84 -17.71 -12.83
N VAL B 412 19.15 -17.55 -13.01
CA VAL B 412 20.01 -18.76 -13.07
C VAL B 412 20.13 -19.36 -11.68
N GLN B 413 20.21 -20.69 -11.58
CA GLN B 413 20.39 -21.32 -10.26
C GLN B 413 21.88 -21.46 -9.94
N PRO B 414 22.26 -21.48 -8.65
CA PRO B 414 23.63 -21.71 -8.29
C PRO B 414 24.08 -23.14 -8.60
N THR B 415 25.37 -23.31 -8.87
CA THR B 415 25.93 -24.67 -9.08
C THR B 415 26.25 -25.37 -7.75
N GLU B 416 26.76 -24.62 -6.76
CA GLU B 416 27.19 -25.25 -5.48
C GLU B 416 27.19 -24.23 -4.35
N SER B 417 27.29 -24.72 -3.12
CA SER B 417 27.30 -23.84 -1.92
C SER B 417 28.70 -23.88 -1.31
N ILE B 418 29.32 -22.71 -1.12
CA ILE B 418 30.71 -22.67 -0.60
C ILE B 418 30.74 -22.08 0.80
N VAL B 419 31.56 -22.67 1.68
CA VAL B 419 31.76 -22.10 3.04
C VAL B 419 33.25 -21.85 3.19
N ARG B 420 33.62 -20.62 3.55
CA ARG B 420 35.06 -20.31 3.76
C ARG B 420 35.27 -19.58 5.08
N PHE B 421 36.37 -19.87 5.76
CA PHE B 421 36.64 -19.28 7.09
C PHE B 421 38.15 -19.28 7.31
N PRO B 422 38.65 -18.67 8.40
CA PRO B 422 40.07 -18.73 8.71
C PRO B 422 40.56 -20.12 9.11
N ASN B 423 41.88 -20.28 9.17
CA ASN B 423 42.48 -21.60 9.42
C ASN B 423 42.04 -22.12 10.78
N ILE B 424 42.09 -23.43 10.96
CA ILE B 424 41.54 -24.03 12.21
C ILE B 424 42.31 -23.60 13.46
N THR B 425 43.50 -23.02 13.31
CA THR B 425 44.20 -22.52 14.50
C THR B 425 43.31 -21.52 15.26
N ASN B 426 43.25 -21.64 16.59
CA ASN B 426 44.19 -22.47 17.37
C ASN B 426 43.38 -23.40 18.28
N LEU B 427 43.97 -24.51 18.68
CA LEU B 427 43.18 -25.51 19.45
C LEU B 427 43.41 -25.30 20.95
N CYS B 428 42.37 -25.57 21.73
CA CYS B 428 42.51 -25.48 23.20
C CYS B 428 43.37 -26.65 23.67
N PRO B 429 44.15 -26.50 24.76
CA PRO B 429 44.92 -27.64 25.27
C PRO B 429 44.09 -28.62 26.11
N PHE B 430 43.16 -29.31 25.45
CA PHE B 430 42.40 -30.37 26.15
C PHE B 430 43.34 -31.55 26.45
N GLY B 431 44.37 -31.69 25.62
CA GLY B 431 45.33 -32.79 25.84
C GLY B 431 45.98 -32.67 27.20
N GLU B 432 46.25 -31.44 27.64
CA GLU B 432 46.98 -31.29 28.92
C GLU B 432 46.15 -31.90 30.05
N VAL B 433 44.86 -31.59 30.07
CA VAL B 433 43.99 -32.11 31.15
C VAL B 433 43.78 -33.63 30.97
N PHE B 434 43.53 -34.06 29.74
CA PHE B 434 43.22 -35.51 29.56
C PHE B 434 44.48 -36.37 29.55
N ASN B 435 45.56 -35.91 28.91
CA ASN B 435 46.75 -36.76 28.69
C ASN B 435 47.80 -36.60 29.80
N ALA B 436 47.40 -36.09 30.96
CA ALA B 436 48.40 -35.83 32.03
C ALA B 436 48.80 -37.13 32.76
N THR B 437 50.09 -37.44 32.76
CA THR B 437 50.56 -38.65 33.48
C THR B 437 50.36 -38.46 34.97
N ARG B 438 50.76 -37.30 35.50
CA ARG B 438 50.59 -37.03 36.93
C ARG B 438 49.36 -36.15 37.08
N PHE B 439 48.49 -36.52 38.01
CA PHE B 439 47.29 -35.69 38.25
C PHE B 439 47.14 -35.57 39.76
N ALA B 440 46.23 -34.70 40.19
CA ALA B 440 46.02 -34.51 41.63
C ALA B 440 44.85 -35.37 42.11
N SER B 441 44.95 -35.86 43.34
CA SER B 441 43.95 -36.82 43.86
C SER B 441 42.56 -36.22 43.96
N VAL B 442 41.59 -37.06 44.32
CA VAL B 442 40.17 -36.64 44.32
C VAL B 442 39.96 -35.41 45.20
N TYR B 443 40.57 -35.38 46.38
CA TYR B 443 40.44 -34.17 47.22
C TYR B 443 41.23 -33.00 46.63
N ALA B 444 42.35 -33.26 45.96
CA ALA B 444 43.28 -32.17 45.55
C ALA B 444 43.11 -31.81 44.08
N TRP B 445 41.92 -32.03 43.53
CA TRP B 445 41.74 -31.91 42.07
C TRP B 445 42.19 -30.56 41.51
N ASN B 446 42.66 -30.58 40.28
CA ASN B 446 43.12 -29.34 39.60
C ASN B 446 41.96 -28.82 38.75
N ARG B 447 41.60 -27.55 38.95
CA ARG B 447 40.56 -26.95 38.10
C ARG B 447 41.27 -26.09 37.06
N LYS B 448 41.05 -26.41 35.79
CA LYS B 448 41.65 -25.60 34.71
C LYS B 448 40.53 -24.79 34.07
N ARG B 449 40.59 -23.48 34.21
CA ARG B 449 39.58 -22.61 33.57
C ARG B 449 39.84 -22.60 32.06
N ILE B 450 38.78 -22.79 31.29
CA ILE B 450 38.94 -22.81 29.82
C ILE B 450 37.97 -21.83 29.15
N SER B 451 38.48 -20.99 28.26
CA SER B 451 37.66 -20.03 27.50
C SER B 451 38.52 -19.57 26.31
N ASN B 452 37.91 -18.90 25.35
CA ASN B 452 38.65 -18.46 24.14
C ASN B 452 39.34 -19.66 23.50
N CYS B 453 38.59 -20.73 23.28
CA CYS B 453 39.21 -21.94 22.72
C CYS B 453 38.34 -22.48 21.59
N VAL B 454 38.99 -23.25 20.71
CA VAL B 454 38.21 -23.94 19.65
C VAL B 454 37.85 -25.28 20.27
N ALA B 455 36.56 -25.47 20.55
CA ALA B 455 36.16 -26.65 21.35
C ALA B 455 36.16 -27.87 20.46
N ASP B 456 37.31 -28.51 20.40
CA ASP B 456 37.43 -29.76 19.60
C ASP B 456 36.86 -30.88 20.46
N TYR B 457 35.55 -31.06 20.37
CA TYR B 457 34.92 -32.12 21.18
C TYR B 457 35.12 -33.47 20.51
N SER B 458 35.74 -33.47 19.33
CA SER B 458 35.87 -34.72 18.57
C SER B 458 36.66 -35.73 19.39
N VAL B 459 37.75 -35.30 19.98
CA VAL B 459 38.62 -36.26 20.71
C VAL B 459 37.80 -36.85 21.87
N LEU B 460 36.95 -36.03 22.48
CA LEU B 460 36.16 -36.50 23.62
C LEU B 460 35.11 -37.54 23.20
N TYR B 461 34.38 -37.29 22.11
CA TYR B 461 33.27 -38.22 21.80
C TYR B 461 33.50 -39.02 20.53
N ASN B 462 34.21 -38.49 19.54
CA ASN B 462 34.53 -39.33 18.36
C ASN B 462 35.41 -40.49 18.79
N SER B 463 36.36 -40.22 19.70
CA SER B 463 37.18 -41.34 20.22
C SER B 463 36.35 -42.24 21.14
N ALA B 464 36.40 -43.56 20.90
CA ALA B 464 35.64 -44.53 21.70
C ALA B 464 36.44 -45.07 22.89
N SER B 465 37.71 -44.70 23.04
CA SER B 465 38.54 -45.27 24.12
C SER B 465 37.93 -44.91 25.48
N PHE B 466 37.41 -43.69 25.62
CA PHE B 466 36.93 -43.25 26.95
C PHE B 466 35.77 -44.15 27.39
N SER B 467 35.85 -44.65 28.62
CA SER B 467 34.83 -45.62 29.06
C SER B 467 33.44 -44.99 29.16
N THR B 468 33.34 -43.87 29.87
CA THR B 468 31.99 -43.29 30.09
C THR B 468 31.96 -41.85 29.57
N PHE B 469 31.05 -41.56 28.65
CA PHE B 469 30.89 -40.18 28.15
C PHE B 469 29.47 -39.77 28.47
N LYS B 470 29.28 -39.19 29.65
CA LYS B 470 27.89 -38.94 30.10
C LYS B 470 27.59 -37.46 30.26
N CYS B 471 26.46 -37.01 29.72
CA CYS B 471 26.01 -35.63 29.99
C CYS B 471 24.49 -35.60 29.83
N TYR B 472 23.84 -34.72 30.57
CA TYR B 472 22.36 -34.63 30.49
C TYR B 472 22.01 -33.21 30.05
N GLY B 473 21.02 -33.08 29.18
CA GLY B 473 20.57 -31.72 28.80
C GLY B 473 21.44 -31.14 27.71
N VAL B 474 22.46 -31.89 27.29
CA VAL B 474 23.30 -31.46 26.14
C VAL B 474 23.66 -32.71 25.35
N SER B 475 23.80 -32.56 24.05
CA SER B 475 24.04 -33.75 23.19
C SER B 475 25.50 -34.14 23.19
N PRO B 476 25.87 -35.39 23.53
CA PRO B 476 27.26 -35.82 23.41
C PRO B 476 27.79 -35.74 21.97
N THR B 477 26.93 -36.05 20.99
CA THR B 477 27.37 -36.08 19.58
C THR B 477 27.30 -34.70 18.92
N LYS B 478 26.47 -33.81 19.47
CA LYS B 478 26.29 -32.48 18.83
C LYS B 478 27.04 -31.39 19.61
N LEU B 479 27.98 -31.75 20.48
CA LEU B 479 28.61 -30.73 21.35
C LEU B 479 29.30 -29.65 20.51
N ASN B 480 29.83 -30.01 19.35
CA ASN B 480 30.47 -29.00 18.47
C ASN B 480 29.44 -27.97 18.04
N ASP B 481 28.17 -28.34 18.05
CA ASP B 481 27.09 -27.44 17.55
C ASP B 481 26.50 -26.54 18.64
N LEU B 482 27.09 -26.56 19.83
CA LEU B 482 26.56 -25.74 20.95
C LEU B 482 27.63 -24.82 21.50
N CYS B 483 27.20 -23.87 22.33
CA CYS B 483 28.17 -22.85 22.80
C CYS B 483 28.22 -22.77 24.33
N PHE B 484 29.41 -22.50 24.86
CA PHE B 484 29.57 -22.30 26.33
C PHE B 484 30.49 -21.11 26.54
N THR B 485 30.07 -20.16 27.37
CA THR B 485 30.92 -18.96 27.57
C THR B 485 32.21 -19.34 28.29
N ASN B 486 32.10 -20.08 29.40
CA ASN B 486 33.30 -20.38 30.23
C ASN B 486 33.18 -21.78 30.80
N VAL B 487 34.28 -22.55 30.75
CA VAL B 487 34.21 -23.95 31.23
C VAL B 487 35.41 -24.24 32.13
N TYR B 488 35.19 -25.08 33.13
CA TYR B 488 36.32 -25.52 34.00
C TYR B 488 36.41 -27.04 33.95
N ALA B 489 37.63 -27.56 34.12
CA ALA B 489 37.86 -29.02 34.06
C ALA B 489 38.46 -29.53 35.37
N ASP B 490 37.93 -30.64 35.87
CA ASP B 490 38.47 -31.26 37.11
C ASP B 490 39.01 -32.65 36.79
N SER B 491 40.13 -33.01 37.39
CA SER B 491 40.75 -34.33 37.13
C SER B 491 41.05 -35.04 38.44
N PHE B 492 40.65 -36.30 38.55
CA PHE B 492 40.94 -37.10 39.75
C PHE B 492 40.73 -38.58 39.44
N VAL B 493 40.96 -39.42 40.43
CA VAL B 493 40.67 -40.87 40.26
C VAL B 493 39.79 -41.37 41.40
N ILE B 494 38.73 -42.10 41.05
CA ILE B 494 37.87 -42.74 42.08
C ILE B 494 37.85 -44.23 41.74
N ARG B 495 37.77 -45.06 42.76
CA ARG B 495 37.90 -46.52 42.50
C ARG B 495 36.72 -47.06 41.69
N GLY B 496 36.93 -48.21 41.07
CA GLY B 496 35.94 -48.79 40.15
C GLY B 496 34.59 -49.09 40.76
N ASP B 497 34.51 -49.30 42.06
CA ASP B 497 33.16 -49.46 42.69
C ASP B 497 32.35 -48.16 42.61
N GLU B 498 32.99 -46.99 42.80
CA GLU B 498 32.22 -45.74 42.96
C GLU B 498 32.36 -44.80 41.77
N VAL B 499 32.67 -45.35 40.60
CA VAL B 499 32.93 -44.46 39.44
C VAL B 499 31.69 -43.59 39.16
N ARG B 500 30.49 -44.10 39.42
CA ARG B 500 29.27 -43.37 39.00
C ARG B 500 28.86 -42.30 39.99
N GLN B 501 29.56 -42.16 41.11
CA GLN B 501 29.18 -41.18 42.15
C GLN B 501 29.24 -39.75 41.57
N ILE B 502 29.96 -39.56 40.47
CA ILE B 502 30.10 -38.21 39.86
C ILE B 502 28.86 -37.98 39.00
N ALA B 503 27.73 -37.72 39.65
CA ALA B 503 26.48 -37.47 38.92
C ALA B 503 25.46 -36.90 39.89
N PRO B 504 24.42 -36.20 39.41
CA PRO B 504 23.32 -35.75 40.28
C PRO B 504 22.46 -36.93 40.76
N GLY B 505 21.85 -36.78 41.93
CA GLY B 505 21.00 -37.84 42.48
C GLY B 505 21.79 -38.90 43.22
N GLN B 506 23.10 -38.77 43.28
CA GLN B 506 23.95 -39.80 43.91
C GLN B 506 24.43 -39.33 45.28
N THR B 507 24.93 -40.27 46.06
CA THR B 507 25.50 -39.92 47.38
C THR B 507 26.77 -40.72 47.60
N GLY B 508 27.67 -40.16 48.42
CA GLY B 508 28.86 -40.94 48.80
C GLY B 508 29.69 -40.22 49.84
N LYS B 509 30.59 -40.94 50.49
CA LYS B 509 31.54 -40.25 51.39
C LYS B 509 32.48 -39.39 50.53
N ILE B 510 32.95 -39.95 49.42
CA ILE B 510 33.91 -39.20 48.56
C ILE B 510 33.21 -37.98 47.96
N ALA B 511 31.97 -38.16 47.50
CA ALA B 511 31.26 -37.03 46.86
C ALA B 511 31.02 -35.89 47.86
N ASP B 512 30.59 -36.22 49.07
CA ASP B 512 30.28 -35.18 50.07
C ASP B 512 31.56 -34.61 50.68
N TYR B 513 32.62 -35.40 50.75
CA TYR B 513 33.82 -34.94 51.48
C TYR B 513 34.98 -34.61 50.56
N ASN B 514 34.98 -35.07 49.30
CA ASN B 514 36.17 -34.86 48.45
C ASN B 514 35.84 -34.06 47.19
N TYR B 515 34.94 -34.59 46.36
CA TYR B 515 34.56 -33.86 45.12
C TYR B 515 33.06 -33.63 45.09
N LYS B 516 32.63 -32.38 45.22
CA LYS B 516 31.18 -32.08 45.29
C LYS B 516 30.64 -31.79 43.89
N LEU B 517 29.48 -32.36 43.55
CA LEU B 517 28.87 -32.04 42.22
C LEU B 517 27.59 -31.23 42.37
N PRO B 518 27.47 -30.07 41.70
CA PRO B 518 26.22 -29.30 41.72
C PRO B 518 25.12 -30.00 40.92
N ASP B 519 23.93 -30.08 41.50
CA ASP B 519 22.79 -30.73 40.81
C ASP B 519 22.39 -29.94 39.56
N ASP B 520 22.36 -28.62 39.66
CA ASP B 520 21.91 -27.79 38.52
C ASP B 520 22.86 -27.93 37.34
N PHE B 521 24.15 -27.95 37.62
CA PHE B 521 25.15 -27.98 36.53
C PHE B 521 25.08 -29.31 35.80
N THR B 522 25.10 -29.23 34.48
CA THR B 522 25.08 -30.45 33.65
C THR B 522 26.35 -30.47 32.81
N GLY B 523 27.08 -31.56 32.88
CA GLY B 523 28.37 -31.57 32.20
C GLY B 523 28.80 -32.96 31.77
N CYS B 524 29.73 -33.01 30.82
CA CYS B 524 30.21 -34.31 30.31
C CYS B 524 31.28 -34.85 31.25
N VAL B 525 30.99 -35.96 31.91
CA VAL B 525 32.03 -36.57 32.77
C VAL B 525 32.71 -37.62 31.90
N ILE B 526 34.03 -37.64 31.93
CA ILE B 526 34.78 -38.65 31.14
C ILE B 526 35.74 -39.41 32.06
N ALA B 527 35.71 -40.74 31.98
CA ALA B 527 36.58 -41.55 32.84
C ALA B 527 37.21 -42.69 32.04
N TRP B 528 38.41 -43.08 32.42
CA TRP B 528 39.05 -44.25 31.78
C TRP B 528 40.12 -44.76 32.73
N ASN B 529 40.34 -46.07 32.70
CA ASN B 529 41.38 -46.65 33.59
C ASN B 529 42.75 -46.27 33.07
N SER B 530 43.74 -46.25 33.96
CA SER B 530 45.14 -46.03 33.48
C SER B 530 46.08 -47.06 34.12
N ASN B 531 45.75 -48.35 34.03
CA ASN B 531 46.57 -49.37 34.72
C ASN B 531 47.99 -49.40 34.16
N ASN B 532 48.14 -49.31 32.84
CA ASN B 532 49.48 -49.41 32.22
C ASN B 532 50.37 -48.26 32.70
N LEU B 533 49.80 -47.08 32.89
CA LEU B 533 50.63 -45.89 33.27
C LEU B 533 50.58 -45.62 34.77
N ASP B 534 49.40 -45.42 35.33
CA ASP B 534 49.31 -45.02 36.75
C ASP B 534 49.87 -46.09 37.69
N SER B 535 49.60 -47.35 37.39
CA SER B 535 50.01 -48.42 38.33
C SER B 535 51.53 -48.51 38.43
N LYS B 536 52.00 -48.92 39.61
CA LYS B 536 53.45 -49.11 39.82
C LYS B 536 53.68 -50.49 40.45
N VAL B 537 54.95 -50.89 40.51
CA VAL B 537 55.25 -52.25 41.05
C VAL B 537 55.17 -52.22 42.56
N GLY B 538 54.37 -53.13 43.13
CA GLY B 538 54.16 -53.14 44.60
C GLY B 538 53.04 -52.21 45.01
N GLY B 539 52.37 -51.58 44.06
CA GLY B 539 51.22 -50.71 44.34
C GLY B 539 51.56 -49.24 44.40
N ASN B 540 50.61 -48.40 43.99
CA ASN B 540 50.79 -46.94 44.08
C ASN B 540 49.71 -46.41 45.02
N TYR B 541 50.08 -45.55 45.96
CA TYR B 541 49.09 -45.08 46.95
C TYR B 541 49.04 -43.55 46.99
N ASN B 542 49.36 -42.89 45.89
CA ASN B 542 49.40 -41.40 45.93
C ASN B 542 48.01 -40.81 46.11
N TYR B 543 46.96 -41.60 45.89
CA TYR B 543 45.58 -41.05 45.88
C TYR B 543 44.96 -41.18 47.26
N LEU B 544 44.83 -40.04 47.94
CA LEU B 544 44.24 -40.02 49.30
C LEU B 544 42.73 -39.77 49.19
N TYR B 545 42.02 -39.90 50.31
CA TYR B 545 40.58 -39.54 50.29
C TYR B 545 40.13 -39.19 51.69
N ARG B 546 39.00 -38.49 51.77
CA ARG B 546 38.52 -37.98 53.08
C ARG B 546 37.33 -38.79 53.55
N LEU B 547 37.27 -39.03 54.86
CA LEU B 547 36.17 -39.84 55.41
C LEU B 547 35.54 -39.10 56.58
N PHE B 548 36.31 -38.25 57.25
CA PHE B 548 35.78 -37.51 58.42
C PHE B 548 36.05 -36.02 58.26
N ARG B 549 35.01 -35.21 58.41
CA ARG B 549 35.13 -33.75 58.26
C ARG B 549 33.91 -33.17 58.97
N LYS B 550 33.87 -31.86 59.15
CA LYS B 550 32.74 -31.26 59.89
C LYS B 550 31.40 -31.54 59.20
N SER B 551 31.34 -31.41 57.87
CA SER B 551 30.05 -31.58 57.15
C SER B 551 30.28 -31.71 55.64
N ASN B 552 29.22 -31.50 54.87
CA ASN B 552 29.31 -31.61 53.39
C ASN B 552 30.12 -30.46 52.81
N LEU B 553 30.64 -30.66 51.60
CA LEU B 553 31.42 -29.60 50.93
C LEU B 553 30.53 -28.74 50.05
N LYS B 554 31.00 -27.54 49.75
CA LYS B 554 30.28 -26.67 48.80
C LYS B 554 30.45 -27.25 47.39
N PRO B 555 29.50 -27.00 46.47
CA PRO B 555 29.62 -27.52 45.13
C PRO B 555 30.95 -27.08 44.50
N PHE B 556 31.68 -28.04 43.90
CA PHE B 556 33.00 -27.76 43.30
C PHE B 556 33.95 -27.12 44.33
N GLU B 557 34.11 -27.76 45.47
CA GLU B 557 35.00 -27.21 46.51
C GLU B 557 36.31 -27.97 46.55
N ARG B 558 37.41 -27.24 46.73
CA ARG B 558 38.75 -27.86 46.79
C ARG B 558 39.28 -27.77 48.22
N ASP B 559 39.73 -28.89 48.76
CA ASP B 559 40.26 -28.90 50.15
C ASP B 559 41.48 -29.81 50.26
N ILE B 560 42.60 -29.26 50.71
CA ILE B 560 43.84 -30.08 50.91
C ILE B 560 44.37 -29.80 52.32
N SER B 561 43.50 -29.40 53.22
CA SER B 561 43.94 -29.19 54.62
C SER B 561 44.26 -30.53 55.27
N THR B 562 45.09 -30.49 56.33
CA THR B 562 45.40 -31.72 57.09
C THR B 562 44.75 -31.60 58.48
N GLU B 563 43.45 -31.30 58.50
CA GLU B 563 42.74 -31.19 59.79
C GLU B 563 42.84 -32.52 60.55
N ILE B 564 43.25 -32.47 61.81
CA ILE B 564 43.24 -33.74 62.60
C ILE B 564 41.81 -33.89 63.10
N TYR B 565 41.11 -34.91 62.63
CA TYR B 565 39.67 -34.98 63.00
C TYR B 565 39.54 -35.56 64.41
N GLN B 566 38.86 -34.83 65.29
CA GLN B 566 38.69 -35.29 66.68
C GLN B 566 37.20 -35.47 66.97
N ALA B 567 36.78 -36.68 67.32
CA ALA B 567 35.33 -36.95 67.52
C ALA B 567 34.98 -37.12 69.01
N GLY B 568 35.97 -37.02 69.90
CA GLY B 568 35.70 -37.13 71.34
C GLY B 568 35.23 -35.83 71.94
N SER B 569 34.95 -35.83 73.25
CA SER B 569 34.60 -34.56 73.93
C SER B 569 35.81 -33.60 73.92
N THR B 570 37.03 -34.13 74.08
CA THR B 570 38.22 -33.27 74.23
C THR B 570 39.18 -33.47 73.06
N PRO B 571 39.76 -32.41 72.51
CA PRO B 571 40.65 -32.55 71.36
C PRO B 571 41.87 -33.44 71.61
N CYS B 572 42.10 -34.39 70.71
CA CYS B 572 43.21 -35.35 70.88
C CYS B 572 44.53 -34.70 70.48
N ASN B 573 44.46 -33.59 69.75
CA ASN B 573 45.68 -32.81 69.42
C ASN B 573 46.72 -33.62 68.66
N GLY B 574 46.30 -34.45 67.72
CA GLY B 574 47.28 -35.15 66.87
C GLY B 574 47.65 -36.56 67.26
N VAL B 575 46.96 -37.14 68.23
CA VAL B 575 47.23 -38.56 68.58
C VAL B 575 46.21 -39.45 67.87
N GLU B 576 46.72 -40.47 67.15
CA GLU B 576 45.82 -41.36 66.38
C GLU B 576 45.22 -42.40 67.32
N GLY B 577 43.96 -42.75 67.08
CA GLY B 577 43.29 -43.75 67.93
C GLY B 577 41.79 -43.64 67.81
N PHE B 578 41.08 -44.09 68.84
CA PHE B 578 39.61 -43.96 68.84
C PHE B 578 39.20 -42.48 68.84
N ASN B 579 38.20 -42.16 68.03
CA ASN B 579 37.62 -40.78 67.98
C ASN B 579 38.54 -39.84 67.23
N CYS B 580 39.68 -40.32 66.75
CA CYS B 580 40.56 -39.47 65.91
C CYS B 580 41.01 -40.32 64.74
N TYR B 581 40.42 -40.08 63.56
CA TYR B 581 40.72 -40.94 62.39
C TYR B 581 41.48 -40.12 61.37
N PHE B 582 42.52 -40.72 60.78
CA PHE B 582 43.38 -39.93 59.87
C PHE B 582 42.51 -39.63 58.66
N PRO B 583 42.15 -38.36 58.41
CA PRO B 583 41.14 -38.06 57.39
C PRO B 583 41.52 -38.47 55.98
N LEU B 584 42.78 -38.28 55.59
CA LEU B 584 43.22 -38.67 54.24
C LEU B 584 43.90 -40.03 54.28
N GLN B 585 43.25 -41.03 53.70
CA GLN B 585 43.86 -42.38 53.59
C GLN B 585 44.11 -42.65 52.11
N SER B 586 45.10 -43.47 51.83
CA SER B 586 45.50 -43.74 50.42
C SER B 586 44.67 -44.84 49.76
N TYR B 587 44.35 -44.64 48.47
CA TYR B 587 43.69 -45.73 47.72
C TYR B 587 44.79 -46.76 47.44
N GLY B 588 44.55 -47.99 47.85
CA GLY B 588 45.57 -49.02 47.57
C GLY B 588 45.36 -49.57 46.19
N PHE B 589 45.99 -48.97 45.19
CA PHE B 589 45.91 -49.53 43.83
C PHE B 589 47.09 -50.46 43.61
N GLN B 590 47.00 -51.65 44.18
CA GLN B 590 48.06 -52.65 43.96
C GLN B 590 47.97 -53.18 42.54
N PRO B 591 49.05 -53.76 41.99
CA PRO B 591 48.99 -54.35 40.66
C PRO B 591 47.99 -55.50 40.56
N THR B 592 47.72 -56.19 41.68
CA THR B 592 46.89 -57.41 41.64
C THR B 592 45.42 -57.17 42.00
N ASN B 593 45.05 -55.93 42.29
CA ASN B 593 43.66 -55.68 42.75
C ASN B 593 42.69 -55.84 41.59
N GLY B 594 41.43 -56.05 41.93
CA GLY B 594 40.42 -56.22 40.88
C GLY B 594 40.12 -54.91 40.17
N VAL B 595 39.40 -55.00 39.07
CA VAL B 595 39.08 -53.79 38.29
C VAL B 595 38.29 -52.81 39.17
N GLY B 596 37.44 -53.32 40.06
CA GLY B 596 36.71 -52.43 40.97
C GLY B 596 37.66 -51.65 41.86
N TYR B 597 38.85 -52.19 42.12
CA TYR B 597 39.80 -51.53 43.05
C TYR B 597 41.03 -51.05 42.28
N GLN B 598 40.84 -50.65 41.01
CA GLN B 598 41.96 -50.21 40.15
C GLN B 598 41.71 -48.76 39.77
N PRO B 599 42.75 -47.93 39.58
CA PRO B 599 42.54 -46.53 39.34
C PRO B 599 41.87 -46.27 37.99
N TYR B 600 40.93 -45.34 37.98
CA TYR B 600 40.35 -44.91 36.69
C TYR B 600 40.54 -43.39 36.58
N ARG B 601 41.32 -42.96 35.58
CA ARG B 601 41.55 -41.51 35.39
C ARG B 601 40.21 -40.87 35.06
N VAL B 602 39.81 -39.92 35.91
CA VAL B 602 38.48 -39.28 35.74
C VAL B 602 38.67 -37.80 35.49
N VAL B 603 38.15 -37.31 34.35
CA VAL B 603 38.16 -35.86 34.08
C VAL B 603 36.71 -35.41 33.98
N VAL B 604 36.39 -34.31 34.66
CA VAL B 604 35.00 -33.82 34.69
C VAL B 604 34.97 -32.47 34.01
N LEU B 605 34.00 -32.30 33.10
CA LEU B 605 33.91 -31.03 32.34
C LEU B 605 32.66 -30.28 32.75
N SER B 606 32.82 -29.03 33.14
CA SER B 606 31.68 -28.22 33.62
C SER B 606 31.31 -27.21 32.53
N PHE B 607 30.06 -27.26 32.06
CA PHE B 607 29.69 -26.40 30.92
C PHE B 607 28.70 -25.34 31.39
N GLU B 608 29.20 -24.09 31.50
CA GLU B 608 28.35 -23.02 32.07
C GLU B 608 28.50 -21.74 31.27
N LEU B 609 27.54 -20.83 31.46
CA LEU B 609 27.55 -19.54 30.73
C LEU B 609 27.64 -18.40 31.74
N LEU B 610 28.41 -17.38 31.39
CA LEU B 610 28.54 -16.18 32.25
C LEU B 610 28.17 -14.96 31.41
N HIS B 611 28.07 -13.80 32.05
CA HIS B 611 27.60 -12.61 31.29
C HIS B 611 28.76 -12.12 30.44
N ALA B 612 28.99 -12.81 29.33
CA ALA B 612 30.03 -12.41 28.36
C ALA B 612 29.60 -13.04 27.05
N PRO B 613 30.07 -12.55 25.89
CA PRO B 613 29.76 -13.23 24.66
C PRO B 613 30.38 -14.64 24.74
N ALA B 614 29.72 -15.61 24.10
CA ALA B 614 30.23 -17.00 24.20
C ALA B 614 31.43 -17.11 23.26
N THR B 615 32.62 -16.93 23.82
CA THR B 615 33.85 -16.96 23.00
C THR B 615 34.18 -18.38 22.55
N VAL B 616 33.73 -19.38 23.29
CA VAL B 616 33.97 -20.79 22.84
C VAL B 616 32.71 -21.28 22.12
N CYS B 617 32.79 -21.39 20.80
CA CYS B 617 31.63 -21.84 20.01
C CYS B 617 32.05 -22.95 19.05
N GLY B 618 33.01 -23.77 19.46
CA GLY B 618 33.35 -24.96 18.66
C GLY B 618 34.18 -24.62 17.46
N PRO B 619 34.60 -25.62 16.68
CA PRO B 619 35.30 -25.34 15.44
C PRO B 619 34.39 -24.75 14.36
N LYS B 620 35.01 -24.04 13.41
CA LYS B 620 34.24 -23.54 12.25
C LYS B 620 34.63 -24.31 10.99
N LYS B 621 33.63 -24.82 10.27
CA LYS B 621 33.92 -25.68 9.09
C LYS B 621 34.38 -24.84 7.90
N SER B 622 35.04 -25.48 6.94
CA SER B 622 35.43 -24.73 5.73
C SER B 622 35.56 -25.64 4.51
N THR B 623 35.05 -25.19 3.37
CA THR B 623 35.07 -25.98 2.12
C THR B 623 35.65 -25.14 1.00
N ASN B 624 35.99 -25.79 -0.10
CA ASN B 624 36.69 -25.11 -1.20
C ASN B 624 35.85 -24.01 -1.87
N LEU B 625 36.54 -22.95 -2.28
CA LEU B 625 35.89 -21.85 -3.03
C LEU B 625 36.36 -21.89 -4.49
N VAL B 626 35.61 -21.24 -5.36
CA VAL B 626 35.95 -21.26 -6.81
C VAL B 626 35.79 -19.84 -7.35
N LYS B 627 35.94 -19.71 -8.66
CA LYS B 627 35.74 -18.38 -9.28
C LYS B 627 34.93 -18.48 -10.56
N ASN B 628 34.23 -17.39 -10.90
CA ASN B 628 33.47 -17.30 -12.17
C ASN B 628 32.32 -18.29 -12.29
N LYS B 629 31.70 -18.70 -11.20
CA LYS B 629 30.48 -19.50 -11.33
C LYS B 629 29.56 -19.26 -10.15
N CYS B 630 28.25 -19.34 -10.37
CA CYS B 630 27.30 -18.97 -9.30
C CYS B 630 27.49 -19.86 -8.07
N VAL B 631 27.57 -19.23 -6.90
CA VAL B 631 27.82 -19.97 -5.64
C VAL B 631 27.02 -19.36 -4.52
N ASN B 632 26.86 -20.10 -3.43
CA ASN B 632 26.21 -19.55 -2.20
C ASN B 632 27.30 -19.57 -1.14
N PHE B 633 27.69 -18.40 -0.63
CA PHE B 633 28.87 -18.37 0.26
C PHE B 633 28.50 -17.98 1.68
N ASN B 634 28.84 -18.84 2.64
CA ASN B 634 28.57 -18.58 4.07
C ASN B 634 29.83 -18.00 4.69
N PHE B 635 30.19 -16.80 4.29
CA PHE B 635 31.36 -16.14 4.90
C PHE B 635 31.11 -15.81 6.36
N ASN B 636 32.17 -15.47 7.06
CA ASN B 636 32.06 -15.30 8.53
C ASN B 636 31.03 -14.25 8.93
N GLY B 637 31.05 -13.09 8.31
CA GLY B 637 30.01 -12.11 8.60
C GLY B 637 28.63 -12.47 8.07
N LEU B 638 28.52 -12.90 6.82
CA LEU B 638 27.16 -13.03 6.25
C LEU B 638 27.05 -14.13 5.22
N THR B 639 25.82 -14.39 4.81
CA THR B 639 25.55 -15.39 3.77
C THR B 639 25.18 -14.67 2.47
N GLY B 640 25.61 -15.18 1.33
CA GLY B 640 25.20 -14.54 0.07
C GLY B 640 25.31 -15.43 -1.15
N THR B 641 24.81 -14.95 -2.29
CA THR B 641 24.91 -15.69 -3.57
C THR B 641 25.47 -14.76 -4.65
N GLY B 642 26.34 -15.29 -5.49
CA GLY B 642 26.87 -14.47 -6.59
C GLY B 642 27.97 -15.18 -7.33
N VAL B 643 28.49 -14.54 -8.35
CA VAL B 643 29.64 -15.10 -9.09
C VAL B 643 30.87 -14.47 -8.46
N LEU B 644 31.61 -15.26 -7.69
CA LEU B 644 32.74 -14.67 -6.93
C LEU B 644 33.96 -14.58 -7.82
N THR B 645 34.24 -13.38 -8.31
CA THR B 645 35.45 -13.17 -9.13
C THR B 645 36.41 -12.29 -8.37
N GLU B 646 37.69 -12.39 -8.68
CA GLU B 646 38.66 -11.51 -8.00
C GLU B 646 38.56 -10.09 -8.52
N SER B 647 38.65 -9.12 -7.61
CA SER B 647 38.72 -7.70 -8.04
C SER B 647 40.12 -7.20 -7.70
N ASN B 648 40.55 -6.14 -8.35
CA ASN B 648 41.86 -5.57 -7.95
C ASN B 648 41.63 -4.52 -6.86
N LYS B 649 40.37 -4.24 -6.51
CA LYS B 649 40.07 -3.15 -5.55
C LYS B 649 40.59 -3.56 -4.18
N LYS B 650 41.49 -2.76 -3.63
CA LYS B 650 42.13 -3.16 -2.36
C LYS B 650 41.33 -2.74 -1.13
N PHE B 651 41.03 -3.69 -0.26
CA PHE B 651 40.34 -3.36 1.01
C PHE B 651 41.34 -2.79 2.00
N LEU B 652 40.79 -2.28 3.09
CA LEU B 652 41.70 -1.86 4.15
C LEU B 652 42.02 -3.10 4.97
N PRO B 653 43.17 -3.16 5.66
CA PRO B 653 43.54 -4.41 6.32
C PRO B 653 42.49 -4.98 7.28
N PHE B 654 41.90 -4.15 8.13
CA PHE B 654 40.84 -4.66 9.00
C PHE B 654 39.51 -4.87 8.29
N GLN B 655 39.21 -4.08 7.25
CA GLN B 655 37.86 -4.16 6.64
C GLN B 655 37.56 -5.56 6.10
N GLN B 656 36.36 -6.06 6.41
CA GLN B 656 36.05 -7.44 6.00
C GLN B 656 34.76 -7.51 5.19
N PHE B 657 34.18 -6.37 4.82
CA PHE B 657 32.95 -6.33 3.98
C PHE B 657 33.17 -5.33 2.86
N GLY B 658 32.25 -5.32 1.92
CA GLY B 658 32.34 -4.33 0.83
C GLY B 658 30.98 -3.76 0.53
N ARG B 659 30.89 -2.46 0.38
CA ARG B 659 29.56 -1.88 0.19
C ARG B 659 29.59 -0.89 -0.97
N ASP B 660 28.51 -0.86 -1.73
CA ASP B 660 28.38 0.12 -2.82
C ASP B 660 27.58 1.32 -2.29
N ILE B 661 27.22 2.24 -3.16
CA ILE B 661 26.44 3.42 -2.71
C ILE B 661 25.10 2.96 -2.16
N ALA B 662 24.59 1.83 -2.65
CA ALA B 662 23.21 1.39 -2.30
C ALA B 662 23.19 0.49 -1.08
N ASP B 663 24.33 0.38 -0.39
CA ASP B 663 24.43 -0.54 0.77
C ASP B 663 24.29 -1.98 0.29
N THR B 664 24.87 -2.28 -0.87
CA THR B 664 24.85 -3.65 -1.37
C THR B 664 26.20 -4.30 -1.15
N THR B 665 26.21 -5.47 -0.56
CA THR B 665 27.48 -6.20 -0.36
C THR B 665 28.03 -6.52 -1.74
N ASP B 666 29.22 -6.03 -2.02
CA ASP B 666 29.77 -6.15 -3.40
C ASP B 666 31.05 -6.96 -3.41
N ALA B 667 32.01 -6.67 -2.53
CA ALA B 667 33.30 -7.37 -2.59
C ALA B 667 33.71 -7.81 -1.20
N VAL B 668 34.25 -9.02 -1.09
CA VAL B 668 34.65 -9.57 0.23
C VAL B 668 36.06 -10.12 0.16
N ARG B 669 36.83 -9.87 1.22
CA ARG B 669 38.20 -10.43 1.30
C ARG B 669 38.11 -11.88 1.74
N ASP B 670 39.10 -12.66 1.35
CA ASP B 670 39.04 -14.10 1.67
C ASP B 670 39.01 -14.28 3.18
N PRO B 671 38.15 -15.14 3.74
CA PRO B 671 38.22 -15.41 5.18
C PRO B 671 39.52 -16.12 5.61
N GLN B 672 40.21 -16.77 4.68
CA GLN B 672 41.46 -17.48 5.01
C GLN B 672 42.72 -16.68 4.65
N THR B 673 42.65 -15.82 3.63
CA THR B 673 43.83 -14.97 3.31
C THR B 673 43.36 -13.58 2.86
N LEU B 674 44.26 -12.80 2.31
CA LEU B 674 43.93 -11.43 1.85
C LEU B 674 43.61 -11.45 0.36
N GLU B 675 43.19 -12.59 -0.19
CA GLU B 675 42.74 -12.66 -1.60
C GLU B 675 41.33 -12.09 -1.66
N ILE B 676 41.12 -11.17 -2.58
CA ILE B 676 39.80 -10.47 -2.60
C ILE B 676 38.85 -11.17 -3.55
N LEU B 677 37.61 -11.36 -3.11
CA LEU B 677 36.56 -11.90 -4.01
C LEU B 677 35.53 -10.80 -4.23
N ASP B 678 35.29 -10.46 -5.49
CA ASP B 678 34.30 -9.43 -5.85
C ASP B 678 33.01 -10.14 -6.24
N ILE B 679 31.94 -9.90 -5.51
CA ILE B 679 30.70 -10.67 -5.75
C ILE B 679 29.99 -10.05 -6.95
N THR B 680 29.88 -10.83 -8.02
CA THR B 680 29.16 -10.31 -9.20
C THR B 680 27.80 -11.00 -9.20
N PRO B 681 26.68 -10.28 -9.36
CA PRO B 681 25.40 -10.93 -9.27
C PRO B 681 25.26 -12.01 -10.33
N CYS B 682 24.62 -13.11 -9.95
CA CYS B 682 24.34 -14.16 -10.96
C CYS B 682 23.39 -13.54 -11.99
N SER B 683 23.61 -13.82 -13.28
CA SER B 683 22.85 -13.08 -14.30
C SER B 683 21.36 -13.36 -14.27
N PHE B 684 20.59 -12.36 -13.90
CA PHE B 684 19.12 -12.47 -13.92
C PHE B 684 18.67 -11.88 -15.25
N GLY B 685 17.40 -11.55 -15.37
CA GLY B 685 16.98 -10.87 -16.61
C GLY B 685 15.51 -11.07 -16.88
N GLY B 686 15.12 -10.86 -18.12
CA GLY B 686 13.74 -11.11 -18.55
C GLY B 686 13.75 -11.78 -19.90
N VAL B 687 12.91 -12.77 -20.07
CA VAL B 687 12.80 -13.39 -21.42
C VAL B 687 11.63 -12.67 -22.08
N SER B 688 11.87 -12.11 -23.26
CA SER B 688 10.82 -11.36 -23.96
C SER B 688 10.53 -12.02 -25.30
N VAL B 689 9.36 -12.61 -25.42
CA VAL B 689 8.98 -13.25 -26.70
C VAL B 689 8.58 -12.16 -27.68
N ILE B 690 9.00 -12.30 -28.93
CA ILE B 690 8.69 -11.28 -29.96
C ILE B 690 7.97 -12.07 -31.04
N THR B 691 6.66 -12.01 -31.01
CA THR B 691 5.94 -12.90 -31.92
C THR B 691 4.90 -12.19 -32.75
N PRO B 692 4.60 -12.68 -33.96
CA PRO B 692 3.51 -12.15 -34.72
C PRO B 692 2.23 -12.67 -34.07
N GLY B 693 1.09 -12.24 -34.57
CA GLY B 693 -0.16 -12.75 -34.00
C GLY B 693 -0.34 -14.24 -34.20
N THR B 694 -1.01 -14.90 -33.28
CA THR B 694 -1.37 -16.33 -33.48
C THR B 694 -2.37 -16.44 -34.63
N ASN B 695 -3.09 -15.37 -34.94
CA ASN B 695 -4.05 -15.36 -36.05
C ASN B 695 -3.30 -15.32 -37.38
N THR B 696 -2.00 -15.06 -37.33
CA THR B 696 -1.19 -15.04 -38.58
C THR B 696 -0.21 -16.21 -38.61
N SER B 697 0.56 -16.39 -37.54
CA SER B 697 1.56 -17.49 -37.51
C SER B 697 1.72 -17.99 -36.08
N ASN B 698 2.19 -19.22 -35.92
CA ASN B 698 2.47 -19.73 -34.56
C ASN B 698 3.96 -19.63 -34.24
N GLN B 699 4.76 -19.02 -35.10
CA GLN B 699 6.21 -18.98 -34.88
C GLN B 699 6.54 -17.92 -33.83
N VAL B 700 7.72 -18.02 -33.24
CA VAL B 700 8.05 -17.07 -32.15
C VAL B 700 9.53 -16.76 -32.16
N ALA B 701 9.92 -15.65 -31.58
CA ALA B 701 11.35 -15.35 -31.39
C ALA B 701 11.52 -14.94 -29.94
N VAL B 702 12.74 -15.00 -29.44
CA VAL B 702 12.94 -14.73 -28.00
C VAL B 702 14.10 -13.76 -27.84
N LEU B 703 13.94 -12.81 -26.93
CA LEU B 703 14.99 -11.81 -26.67
C LEU B 703 15.38 -11.86 -25.21
N TYR B 704 16.68 -11.90 -24.96
CA TYR B 704 17.16 -11.97 -23.58
C TYR B 704 17.75 -10.61 -23.23
N GLN B 705 17.15 -9.94 -22.27
CA GLN B 705 17.58 -8.56 -22.01
C GLN B 705 18.92 -8.46 -21.32
N ASP B 706 19.81 -7.69 -21.92
CA ASP B 706 21.09 -7.31 -21.29
C ASP B 706 21.95 -8.51 -20.90
N VAL B 707 21.81 -9.62 -21.59
CA VAL B 707 22.73 -10.75 -21.36
C VAL B 707 23.36 -11.03 -22.71
N ASN B 708 24.67 -11.19 -22.72
CA ASN B 708 25.30 -11.55 -24.02
C ASN B 708 24.79 -12.94 -24.37
N CYS B 709 24.89 -13.33 -25.64
CA CYS B 709 24.30 -14.63 -26.01
C CYS B 709 25.32 -15.74 -26.10
N THR B 710 26.51 -15.52 -25.54
CA THR B 710 27.44 -16.67 -25.45
C THR B 710 27.15 -17.34 -24.11
N GLU B 711 26.26 -16.71 -23.31
CA GLU B 711 25.99 -17.16 -21.93
C GLU B 711 24.68 -17.92 -21.83
N VAL B 712 24.12 -18.33 -22.96
CA VAL B 712 22.88 -19.14 -22.89
C VAL B 712 23.11 -20.54 -23.49
N ASN B 733 19.81 -16.98 -37.30
CA ASN B 733 19.97 -17.94 -36.18
C ASN B 733 20.14 -17.18 -34.89
N VAL B 734 21.35 -16.69 -34.65
CA VAL B 734 21.60 -15.86 -33.44
C VAL B 734 22.11 -14.49 -33.87
N PHE B 735 21.47 -13.43 -33.40
CA PHE B 735 21.95 -12.06 -33.70
C PHE B 735 21.97 -11.30 -32.38
N GLN B 736 23.06 -10.58 -32.11
CA GLN B 736 23.17 -9.85 -30.84
C GLN B 736 22.96 -8.36 -31.07
N THR B 737 22.18 -7.73 -30.23
CA THR B 737 21.88 -6.28 -30.38
C THR B 737 22.46 -5.51 -29.21
N ARG B 738 22.08 -4.24 -29.07
CA ARG B 738 22.53 -3.49 -27.88
C ARG B 738 21.48 -3.66 -26.79
N ALA B 739 20.44 -4.44 -27.09
CA ALA B 739 19.36 -4.73 -26.11
C ALA B 739 19.35 -6.22 -25.81
N GLY B 740 20.52 -6.82 -25.83
CA GLY B 740 20.61 -8.25 -25.57
C GLY B 740 20.68 -9.02 -26.87
N CYS B 741 20.64 -10.33 -26.77
CA CYS B 741 20.82 -11.12 -27.99
C CYS B 741 19.52 -11.83 -28.32
N LEU B 742 19.21 -11.91 -29.60
CA LEU B 742 17.91 -12.43 -30.06
C LEU B 742 18.07 -13.82 -30.62
N ILE B 743 17.18 -14.72 -30.24
CA ILE B 743 17.20 -16.11 -30.74
C ILE B 743 15.88 -16.38 -31.44
N GLY B 744 15.95 -16.95 -32.63
CA GLY B 744 14.71 -17.33 -33.34
C GLY B 744 14.36 -16.46 -34.51
N ALA B 745 15.13 -15.40 -34.79
CA ALA B 745 14.83 -14.60 -35.99
C ALA B 745 16.11 -14.30 -36.74
N GLU B 746 16.07 -14.42 -38.07
CA GLU B 746 17.32 -14.25 -38.85
C GLU B 746 17.66 -12.79 -39.00
N HIS B 747 18.90 -12.42 -38.68
CA HIS B 747 19.31 -11.03 -38.89
C HIS B 747 19.35 -10.74 -40.37
N VAL B 748 18.97 -9.54 -40.76
CA VAL B 748 19.00 -9.13 -42.18
C VAL B 748 19.74 -7.80 -42.29
N ASN B 749 20.65 -7.69 -43.23
CA ASN B 749 21.36 -6.42 -43.46
C ASN B 749 20.37 -5.37 -43.97
N ASN B 750 19.38 -5.80 -44.76
CA ASN B 750 18.44 -4.84 -45.37
C ASN B 750 17.65 -4.11 -44.27
N SER B 751 17.16 -2.91 -44.58
CA SER B 751 16.33 -2.15 -43.62
C SER B 751 14.92 -1.96 -44.15
N TYR B 752 13.95 -1.94 -43.26
CA TYR B 752 12.54 -1.73 -43.64
C TYR B 752 11.91 -0.79 -42.63
N GLU B 753 10.58 -0.73 -42.64
CA GLU B 753 9.86 0.14 -41.67
C GLU B 753 9.76 -0.57 -40.33
N CYS B 754 9.36 0.17 -39.30
CA CYS B 754 9.29 -0.44 -37.94
C CYS B 754 7.96 -1.12 -37.73
N ASP B 755 7.99 -2.43 -37.48
CA ASP B 755 6.74 -3.20 -37.26
C ASP B 755 6.62 -3.60 -35.79
N ILE B 756 7.65 -4.23 -35.22
CA ILE B 756 7.63 -4.57 -33.78
C ILE B 756 8.90 -3.98 -33.19
N PRO B 757 8.82 -3.10 -32.20
CA PRO B 757 10.01 -2.60 -31.58
C PRO B 757 10.79 -3.65 -30.81
N ILE B 758 12.10 -3.50 -30.77
CA ILE B 758 12.94 -4.42 -29.96
C ILE B 758 13.86 -3.58 -29.09
N GLY B 759 14.51 -2.59 -29.68
CA GLY B 759 15.37 -1.70 -28.89
C GLY B 759 16.64 -1.36 -29.60
N ALA B 760 17.13 -0.16 -29.40
CA ALA B 760 18.39 0.29 -29.98
C ALA B 760 18.35 0.28 -31.50
N GLY B 761 17.18 0.28 -32.10
CA GLY B 761 17.04 0.39 -33.55
C GLY B 761 16.51 -0.84 -34.21
N ILE B 762 16.82 -1.99 -33.67
CA ILE B 762 16.42 -3.26 -34.33
C ILE B 762 14.92 -3.47 -34.19
N CYS B 763 14.31 -3.99 -35.23
CA CYS B 763 12.86 -4.27 -35.21
C CYS B 763 12.62 -5.63 -35.81
N ALA B 764 11.47 -6.22 -35.54
CA ALA B 764 11.21 -7.58 -36.00
C ALA B 764 9.92 -7.60 -36.81
N SER B 765 9.84 -8.54 -37.73
CA SER B 765 8.68 -8.58 -38.63
C SER B 765 8.49 -9.98 -39.17
N TYR B 766 7.31 -10.25 -39.72
CA TYR B 766 7.02 -11.57 -40.30
C TYR B 766 6.92 -11.40 -41.81
N GLN B 767 7.74 -12.13 -42.54
CA GLN B 767 7.76 -11.98 -44.00
C GLN B 767 8.27 -13.28 -44.63
N THR B 768 8.09 -13.41 -45.94
CA THR B 768 8.57 -14.60 -46.65
C THR B 768 10.07 -14.49 -46.94
N SER B 781 10.96 -20.73 -45.10
CA SER B 781 10.43 -19.86 -46.18
C SER B 781 9.96 -18.53 -45.59
N GLN B 782 8.90 -18.58 -44.79
CA GLN B 782 8.36 -17.34 -44.17
C GLN B 782 8.75 -17.39 -42.70
N SER B 783 9.55 -16.43 -42.26
CA SER B 783 10.10 -16.48 -40.89
C SER B 783 10.10 -15.09 -40.28
N ILE B 784 10.78 -14.94 -39.15
CA ILE B 784 10.85 -13.64 -38.43
C ILE B 784 12.23 -13.06 -38.64
N ILE B 785 12.30 -11.76 -38.89
CA ILE B 785 13.61 -11.13 -39.20
C ILE B 785 13.91 -10.01 -38.22
N ALA B 786 15.19 -9.69 -38.08
CA ALA B 786 15.62 -8.57 -37.23
C ALA B 786 16.46 -7.65 -38.10
N TYR B 787 15.98 -6.43 -38.29
CA TYR B 787 16.69 -5.48 -39.18
C TYR B 787 16.78 -4.14 -38.52
N THR B 788 17.76 -3.36 -38.94
CA THR B 788 17.89 -1.99 -38.41
C THR B 788 16.74 -1.15 -38.94
N MET B 789 16.22 -0.25 -38.15
CA MET B 789 15.07 0.57 -38.56
C MET B 789 15.53 1.53 -39.64
N SER B 790 14.72 1.71 -40.67
CA SER B 790 15.07 2.73 -41.71
C SER B 790 14.22 3.95 -41.44
N LEU B 791 14.84 5.06 -41.11
CA LEU B 791 14.06 6.25 -40.69
C LEU B 791 13.16 6.72 -41.83
N GLY B 792 13.62 6.57 -43.07
CA GLY B 792 12.76 6.90 -44.20
C GLY B 792 13.53 6.89 -45.49
N ALA B 793 12.89 7.31 -46.56
CA ALA B 793 13.55 7.35 -47.86
C ALA B 793 14.60 8.46 -47.89
N GLU B 794 15.55 8.35 -48.78
CA GLU B 794 16.59 9.40 -48.91
C GLU B 794 16.20 10.36 -50.03
N ASN B 795 16.40 11.65 -49.80
CA ASN B 795 15.97 12.65 -50.80
C ASN B 795 16.92 13.83 -50.72
N SER B 796 17.90 13.93 -51.60
CA SER B 796 18.75 15.13 -51.62
C SER B 796 18.03 16.23 -52.38
N VAL B 797 18.22 17.46 -51.98
CA VAL B 797 17.46 18.57 -52.60
C VAL B 797 18.38 19.38 -53.49
N ALA B 798 17.85 19.83 -54.63
CA ALA B 798 18.67 20.58 -55.59
C ALA B 798 18.70 22.03 -55.15
N TYR B 799 19.82 22.48 -54.61
CA TYR B 799 19.87 23.86 -54.07
C TYR B 799 20.97 24.63 -54.76
N SER B 800 20.64 25.86 -55.16
CA SER B 800 21.62 26.73 -55.85
C SER B 800 21.24 28.16 -55.60
N ASN B 801 22.14 29.09 -55.84
CA ASN B 801 21.86 30.49 -55.47
C ASN B 801 20.82 31.14 -56.39
N ASN B 802 20.43 30.50 -57.48
CA ASN B 802 19.50 31.21 -58.39
C ASN B 802 18.42 30.30 -58.98
N SER B 803 18.09 29.20 -58.33
CA SER B 803 17.00 28.32 -58.84
C SER B 803 15.79 28.36 -57.93
N ILE B 804 14.61 28.07 -58.46
CA ILE B 804 13.37 28.03 -57.67
C ILE B 804 12.46 27.00 -58.30
N ALA B 805 11.68 26.32 -57.48
CA ALA B 805 10.72 25.31 -57.96
C ALA B 805 9.32 25.75 -57.57
N ILE B 806 8.40 25.80 -58.50
CA ILE B 806 7.05 26.32 -58.22
C ILE B 806 6.04 25.25 -58.59
N PRO B 807 5.02 24.97 -57.77
CA PRO B 807 4.07 23.99 -58.13
C PRO B 807 3.20 24.40 -59.32
N THR B 808 2.60 23.43 -59.99
CA THR B 808 1.82 23.73 -61.20
C THR B 808 0.41 23.19 -61.05
N ASN B 809 0.21 22.20 -60.22
CA ASN B 809 -1.10 21.57 -60.03
C ASN B 809 -1.19 21.25 -58.55
N PHE B 810 -2.27 20.67 -58.11
CA PHE B 810 -2.41 20.44 -56.67
C PHE B 810 -3.30 19.26 -56.39
N THR B 811 -3.21 18.76 -55.17
CA THR B 811 -4.06 17.63 -54.77
C THR B 811 -4.81 18.02 -53.52
N ILE B 812 -6.10 17.76 -53.48
CA ILE B 812 -6.88 18.00 -52.26
C ILE B 812 -6.89 16.69 -51.49
N SER B 813 -6.21 16.65 -50.36
CA SER B 813 -6.10 15.43 -49.57
C SER B 813 -6.95 15.55 -48.33
N VAL B 814 -7.80 14.55 -48.08
CA VAL B 814 -8.61 14.55 -46.85
C VAL B 814 -8.05 13.50 -45.91
N THR B 815 -7.43 13.95 -44.84
CA THR B 815 -6.80 13.07 -43.85
C THR B 815 -7.76 12.84 -42.69
N THR B 816 -7.28 12.26 -41.62
CA THR B 816 -8.15 12.01 -40.46
C THR B 816 -7.34 12.12 -39.18
N GLU B 817 -7.95 12.61 -38.12
CA GLU B 817 -7.28 12.71 -36.82
C GLU B 817 -8.26 12.25 -35.75
N ILE B 818 -7.92 11.20 -35.02
CA ILE B 818 -8.88 10.61 -34.04
C ILE B 818 -8.42 10.97 -32.65
N LEU B 819 -9.28 11.60 -31.87
CA LEU B 819 -8.88 12.04 -30.53
C LEU B 819 -9.85 11.50 -29.48
N PRO B 820 -9.39 10.77 -28.45
CA PRO B 820 -10.27 10.38 -27.38
C PRO B 820 -10.77 11.60 -26.62
N VAL B 821 -12.05 11.63 -26.30
CA VAL B 821 -12.61 12.83 -25.64
C VAL B 821 -13.16 12.47 -24.27
N SER B 822 -13.63 11.26 -24.06
CA SER B 822 -14.06 10.87 -22.71
C SER B 822 -13.84 9.41 -22.42
N MET B 823 -13.62 9.08 -21.17
CA MET B 823 -13.46 7.68 -20.75
C MET B 823 -14.80 7.25 -20.19
N THR B 824 -14.87 6.07 -19.60
CA THR B 824 -16.16 5.55 -19.15
C THR B 824 -16.42 5.95 -17.70
N LYS B 825 -17.64 6.36 -17.41
CA LYS B 825 -17.93 6.89 -16.07
C LYS B 825 -18.26 5.73 -15.16
N THR B 826 -17.29 5.32 -14.36
CA THR B 826 -17.48 4.17 -13.46
C THR B 826 -17.46 4.64 -12.01
N SER B 827 -18.37 4.11 -11.21
CA SER B 827 -18.40 4.42 -9.77
C SER B 827 -18.32 3.13 -8.99
N VAL B 828 -17.69 3.17 -7.82
CA VAL B 828 -17.50 1.97 -6.99
C VAL B 828 -17.99 2.28 -5.59
N ASP B 829 -18.71 1.35 -4.98
CA ASP B 829 -19.15 1.56 -3.60
C ASP B 829 -18.12 0.94 -2.68
N CYS B 830 -17.48 1.77 -1.86
CA CYS B 830 -16.42 1.24 -1.02
C CYS B 830 -16.99 0.23 -0.02
N THR B 831 -18.11 0.52 0.61
CA THR B 831 -18.63 -0.38 1.65
C THR B 831 -19.02 -1.71 1.05
N MET B 832 -19.73 -1.70 -0.06
CA MET B 832 -20.21 -2.95 -0.67
C MET B 832 -19.02 -3.75 -1.18
N TYR B 833 -18.03 -3.09 -1.73
CA TYR B 833 -16.90 -3.85 -2.29
C TYR B 833 -16.03 -4.44 -1.20
N ILE B 834 -15.62 -3.62 -0.24
CA ILE B 834 -14.70 -4.12 0.80
C ILE B 834 -15.39 -5.14 1.69
N CYS B 835 -16.60 -4.87 2.12
CA CYS B 835 -17.28 -5.74 3.10
C CYS B 835 -18.26 -6.73 2.49
N GLY B 836 -18.93 -6.41 1.41
CA GLY B 836 -19.94 -7.33 0.88
C GLY B 836 -21.13 -7.50 1.78
N ASP B 837 -21.61 -6.41 2.36
CA ASP B 837 -22.84 -6.46 3.19
C ASP B 837 -22.69 -7.31 4.43
N SER B 838 -21.71 -7.00 5.26
CA SER B 838 -21.57 -7.67 6.57
C SER B 838 -21.46 -6.58 7.63
N THR B 839 -22.35 -6.56 8.60
CA THR B 839 -22.31 -5.48 9.60
C THR B 839 -21.03 -5.56 10.42
N GLU B 840 -20.54 -6.76 10.68
CA GLU B 840 -19.31 -6.89 11.48
C GLU B 840 -18.17 -6.23 10.70
N CYS B 841 -18.06 -6.54 9.43
CA CYS B 841 -17.04 -5.91 8.57
C CYS B 841 -17.32 -4.42 8.46
N SER B 842 -18.57 -4.03 8.28
CA SER B 842 -18.87 -2.61 8.02
C SER B 842 -18.64 -1.78 9.26
N ASN B 843 -18.67 -2.40 10.43
CA ASN B 843 -18.30 -1.64 11.67
C ASN B 843 -16.78 -1.62 11.85
N LEU B 844 -16.10 -2.66 11.39
CA LEU B 844 -14.64 -2.66 11.47
C LEU B 844 -14.12 -1.60 10.51
N LEU B 845 -14.77 -1.44 9.37
CA LEU B 845 -14.25 -0.50 8.34
C LEU B 845 -14.40 0.90 8.85
N LEU B 846 -15.45 1.19 9.59
CA LEU B 846 -15.72 2.58 10.05
C LEU B 846 -14.58 3.03 10.97
N GLN B 847 -13.82 2.10 11.50
CA GLN B 847 -12.69 2.42 12.39
C GLN B 847 -11.56 3.01 11.57
N TYR B 848 -11.53 2.77 10.27
CA TYR B 848 -10.41 3.21 9.40
C TYR B 848 -10.59 4.64 8.94
N GLY B 849 -11.68 5.27 9.33
CA GLY B 849 -11.78 6.69 9.00
C GLY B 849 -12.41 6.98 7.67
N SER B 850 -11.98 8.06 7.04
CA SER B 850 -12.62 8.54 5.81
C SER B 850 -12.09 7.86 4.55
N PHE B 851 -11.85 6.57 4.57
CA PHE B 851 -11.25 5.93 3.38
C PHE B 851 -12.39 5.44 2.50
N CYS B 852 -13.61 5.81 2.82
CA CYS B 852 -14.77 5.45 1.96
C CYS B 852 -15.32 6.70 1.30
N THR B 853 -15.42 7.80 2.03
CA THR B 853 -15.86 9.06 1.39
C THR B 853 -14.82 9.55 0.39
N GLN B 854 -13.54 9.43 0.70
CA GLN B 854 -12.52 10.00 -0.19
C GLN B 854 -12.56 9.30 -1.55
N LEU B 855 -12.67 7.99 -1.56
CA LEU B 855 -12.63 7.27 -2.83
C LEU B 855 -13.87 7.58 -3.65
N ASN B 856 -15.01 7.69 -2.99
CA ASN B 856 -16.26 8.05 -3.71
C ASN B 856 -16.12 9.44 -4.30
N ARG B 857 -15.54 10.36 -3.56
CA ARG B 857 -15.40 11.73 -4.06
C ARG B 857 -14.47 11.73 -5.27
N ALA B 858 -13.39 10.97 -5.22
CA ALA B 858 -12.43 11.00 -6.33
C ALA B 858 -13.05 10.44 -7.60
N LEU B 859 -13.71 9.32 -7.49
CA LEU B 859 -14.37 8.72 -8.66
C LEU B 859 -15.47 9.64 -9.18
N THR B 860 -16.20 10.28 -8.29
CA THR B 860 -17.27 11.20 -8.70
C THR B 860 -16.68 12.38 -9.45
N GLY B 861 -15.54 12.86 -9.02
CA GLY B 861 -14.93 13.98 -9.75
C GLY B 861 -14.55 13.58 -11.14
N ILE B 862 -14.00 12.39 -11.29
CA ILE B 862 -13.60 11.92 -12.63
C ILE B 862 -14.86 11.85 -13.49
N ALA B 863 -15.96 11.36 -12.95
CA ALA B 863 -17.21 11.20 -13.72
C ALA B 863 -17.78 12.55 -14.16
N VAL B 864 -17.79 13.53 -13.28
CA VAL B 864 -18.23 14.88 -13.67
C VAL B 864 -17.30 15.47 -14.73
N GLU B 865 -16.02 15.23 -14.62
CA GLU B 865 -15.07 15.77 -15.61
C GLU B 865 -15.38 15.19 -16.98
N GLN B 866 -15.78 13.94 -17.10
CA GLN B 866 -16.01 13.38 -18.44
C GLN B 866 -17.14 14.12 -19.15
N ASP B 867 -18.18 14.45 -18.42
CA ASP B 867 -19.29 15.25 -19.00
C ASP B 867 -18.83 16.64 -19.35
N LYS B 868 -17.99 17.26 -18.53
CA LYS B 868 -17.46 18.58 -18.90
C LYS B 868 -16.62 18.46 -20.16
N ASN B 869 -15.86 17.39 -20.31
CA ASN B 869 -14.98 17.25 -21.48
C ASN B 869 -15.87 17.23 -22.72
N THR B 870 -16.93 16.47 -22.68
CA THR B 870 -17.81 16.36 -23.87
C THR B 870 -18.43 17.70 -24.15
N GLN B 871 -18.90 18.40 -23.15
CA GLN B 871 -19.59 19.68 -23.38
C GLN B 871 -18.61 20.68 -23.96
N GLU B 872 -17.38 20.74 -23.48
CA GLU B 872 -16.38 21.65 -24.08
C GLU B 872 -16.08 21.28 -25.53
N VAL B 873 -15.92 20.02 -25.85
CA VAL B 873 -15.52 19.65 -27.23
C VAL B 873 -16.65 19.86 -28.20
N PHE B 874 -17.86 19.44 -27.87
CA PHE B 874 -18.94 19.47 -28.87
C PHE B 874 -19.81 20.72 -28.80
N ALA B 875 -20.14 21.21 -27.62
CA ALA B 875 -21.07 22.35 -27.52
C ALA B 875 -20.32 23.64 -27.74
N GLN B 876 -19.78 23.79 -28.94
CA GLN B 876 -19.10 25.05 -29.32
C GLN B 876 -20.07 25.94 -30.11
N VAL B 877 -21.28 25.46 -30.40
CA VAL B 877 -22.19 26.23 -31.27
C VAL B 877 -23.42 26.64 -30.48
N LYS B 878 -23.77 27.93 -30.53
CA LYS B 878 -24.93 28.42 -29.75
C LYS B 878 -26.24 27.86 -30.31
N GLN B 879 -26.46 28.00 -31.61
CA GLN B 879 -27.73 27.57 -32.21
C GLN B 879 -27.56 26.17 -32.77
N ILE B 880 -28.61 25.62 -33.34
CA ILE B 880 -28.51 24.29 -33.98
C ILE B 880 -28.90 24.47 -35.44
N TYR B 881 -27.93 24.78 -36.27
CA TYR B 881 -28.20 25.04 -37.68
C TYR B 881 -28.58 23.76 -38.38
N LYS B 882 -29.13 23.90 -39.56
CA LYS B 882 -29.62 22.72 -40.29
C LYS B 882 -29.20 22.86 -41.73
N THR B 883 -29.19 21.74 -42.44
CA THR B 883 -28.66 21.91 -43.80
C THR B 883 -29.83 22.11 -44.74
N PRO B 884 -29.81 23.13 -45.60
CA PRO B 884 -30.92 23.34 -46.50
C PRO B 884 -31.09 22.14 -47.44
N PRO B 885 -32.33 21.85 -47.89
CA PRO B 885 -32.54 20.68 -48.72
C PRO B 885 -32.01 20.86 -50.14
N ILE B 886 -31.59 22.06 -50.49
CA ILE B 886 -30.93 22.27 -51.81
C ILE B 886 -29.56 21.62 -51.71
N LYS B 887 -29.33 20.54 -52.45
CA LYS B 887 -28.07 19.79 -52.26
C LYS B 887 -27.06 20.08 -53.36
N ASP B 888 -27.18 21.22 -54.03
CA ASP B 888 -26.14 21.59 -55.02
C ASP B 888 -25.28 22.70 -54.42
N PHE B 889 -24.04 22.36 -54.05
CA PHE B 889 -23.11 23.35 -53.46
C PHE B 889 -22.09 23.80 -54.49
N GLY B 890 -22.30 23.46 -55.75
CA GLY B 890 -21.32 23.83 -56.78
C GLY B 890 -20.45 22.67 -57.21
N GLY B 891 -20.79 21.46 -56.81
CA GLY B 891 -20.05 20.27 -57.26
C GLY B 891 -19.43 19.48 -56.14
N PHE B 892 -19.65 19.92 -54.90
CA PHE B 892 -19.10 19.22 -53.72
C PHE B 892 -20.17 18.31 -53.13
N ASN B 893 -19.88 17.01 -53.03
CA ASN B 893 -20.89 16.04 -52.57
C ASN B 893 -20.55 15.70 -51.14
N PHE B 894 -21.40 16.11 -50.21
CA PHE B 894 -21.13 15.92 -48.78
C PHE B 894 -21.99 14.79 -48.22
N SER B 895 -22.64 14.02 -49.05
CA SER B 895 -23.59 13.01 -48.56
C SER B 895 -22.87 11.98 -47.72
N GLN B 896 -21.58 11.81 -47.87
CA GLN B 896 -20.87 10.87 -47.00
C GLN B 896 -20.49 11.52 -45.68
N ILE B 897 -20.85 12.78 -45.47
CA ILE B 897 -20.57 13.49 -44.20
C ILE B 897 -21.87 13.95 -43.55
N LEU B 898 -22.84 14.39 -44.33
CA LEU B 898 -24.06 14.98 -43.75
C LEU B 898 -24.98 13.91 -43.22
N PRO B 899 -25.84 14.25 -42.25
CA PRO B 899 -26.66 13.24 -41.63
C PRO B 899 -27.60 12.54 -42.60
N ASP B 900 -27.87 11.27 -42.30
CA ASP B 900 -28.87 10.53 -43.13
C ASP B 900 -30.10 10.22 -42.28
N PRO B 901 -31.25 10.90 -42.49
CA PRO B 901 -32.43 10.64 -41.68
C PRO B 901 -33.00 9.23 -41.84
N SER B 902 -32.75 8.59 -42.97
CA SER B 902 -33.34 7.25 -43.24
C SER B 902 -32.86 6.22 -42.21
N LYS B 903 -31.76 6.48 -41.52
CA LYS B 903 -31.21 5.49 -40.56
C LYS B 903 -31.65 5.82 -39.13
N SER B 905 -28.88 5.83 -36.01
CA SER B 905 -29.89 6.92 -36.01
C SER B 905 -29.53 7.97 -37.04
N LYS B 906 -29.61 9.24 -36.66
CA LYS B 906 -29.34 10.32 -37.62
C LYS B 906 -27.85 10.57 -37.68
N ARG B 907 -27.13 9.58 -38.20
CA ARG B 907 -25.68 9.72 -38.36
C ARG B 907 -25.28 9.43 -39.79
N SER B 908 -24.19 10.04 -40.22
CA SER B 908 -23.69 9.95 -41.61
C SER B 908 -23.06 8.61 -41.88
N PRO B 909 -22.89 8.22 -43.16
CA PRO B 909 -22.34 6.93 -43.46
C PRO B 909 -20.98 6.68 -42.83
N ILE B 910 -20.15 7.71 -42.69
CA ILE B 910 -18.85 7.53 -41.99
C ILE B 910 -19.09 7.21 -40.52
N GLU B 911 -19.98 7.92 -39.85
CA GLU B 911 -20.16 7.67 -38.41
C GLU B 911 -20.74 6.27 -38.17
N ASP B 912 -21.52 5.74 -39.11
CA ASP B 912 -22.01 4.37 -38.95
C ASP B 912 -20.83 3.40 -38.89
N LEU B 913 -19.88 3.54 -39.81
CA LEU B 913 -18.70 2.67 -39.75
C LEU B 913 -17.96 2.94 -38.45
N LEU B 914 -17.90 4.19 -38.02
CA LEU B 914 -17.10 4.48 -36.81
C LEU B 914 -17.70 3.75 -35.62
N PHE B 915 -19.01 3.79 -35.47
CA PHE B 915 -19.63 3.14 -34.30
C PHE B 915 -19.42 1.64 -34.40
N ASN B 916 -19.53 1.08 -35.59
CA ASN B 916 -19.36 -0.38 -35.75
C ASN B 916 -17.93 -0.81 -35.42
N LYS B 917 -16.94 -0.01 -35.80
CA LYS B 917 -15.53 -0.39 -35.58
C LYS B 917 -15.20 -0.45 -34.10
N VAL B 918 -15.69 0.50 -33.32
CA VAL B 918 -15.28 0.55 -31.88
C VAL B 918 -16.27 -0.25 -31.03
N THR B 919 -15.74 -1.12 -30.16
CA THR B 919 -16.62 -2.00 -29.38
C THR B 919 -17.05 -1.28 -28.11
N LYS B 946 -19.47 -7.67 -11.49
CA LYS B 946 -20.67 -6.92 -11.90
C LYS B 946 -21.54 -6.63 -10.69
N PHE B 947 -21.59 -7.57 -9.75
CA PHE B 947 -22.50 -7.43 -8.60
C PHE B 947 -21.71 -7.05 -7.36
N ASN B 948 -20.46 -6.61 -7.50
CA ASN B 948 -19.64 -6.35 -6.29
C ASN B 948 -19.72 -4.90 -5.85
N GLY B 949 -20.77 -4.19 -6.23
CA GLY B 949 -20.84 -2.75 -5.94
C GLY B 949 -20.22 -1.88 -7.00
N LEU B 950 -19.91 -2.45 -8.16
CA LEU B 950 -19.21 -1.72 -9.23
C LEU B 950 -20.24 -1.33 -10.28
N THR B 951 -20.34 -0.05 -10.60
CA THR B 951 -21.38 0.38 -11.54
C THR B 951 -20.79 1.23 -12.66
N VAL B 952 -21.53 1.39 -13.74
CA VAL B 952 -21.11 2.30 -14.84
C VAL B 952 -22.21 3.32 -15.07
N LEU B 953 -21.93 4.57 -14.78
CA LEU B 953 -22.96 5.61 -14.90
C LEU B 953 -23.19 5.88 -16.38
N PRO B 954 -24.35 6.40 -16.80
CA PRO B 954 -24.56 6.71 -18.18
C PRO B 954 -24.03 8.11 -18.52
N PRO B 955 -23.73 8.41 -19.80
CA PRO B 955 -23.26 9.71 -20.15
C PRO B 955 -24.36 10.76 -20.02
N LEU B 956 -23.99 12.00 -19.75
CA LEU B 956 -24.99 13.09 -19.72
C LEU B 956 -25.54 13.37 -21.12
N LEU B 957 -24.73 13.30 -22.16
CA LEU B 957 -25.18 13.58 -23.53
C LEU B 957 -25.26 12.27 -24.29
N THR B 958 -26.42 11.96 -24.81
CA THR B 958 -26.60 10.69 -25.53
C THR B 958 -25.96 10.75 -26.89
N ASP B 959 -25.75 9.60 -27.51
CA ASP B 959 -25.03 9.60 -28.79
C ASP B 959 -25.86 10.35 -29.84
N GLU B 960 -27.17 10.31 -29.74
CA GLU B 960 -27.98 11.07 -30.72
C GLU B 960 -27.65 12.53 -30.59
N MET B 961 -27.57 13.02 -29.37
CA MET B 961 -27.36 14.46 -29.14
C MET B 961 -25.97 14.85 -29.58
N ILE B 962 -24.99 13.99 -29.36
CA ILE B 962 -23.61 14.28 -29.84
C ILE B 962 -23.62 14.35 -31.37
N ALA B 963 -24.31 13.45 -32.04
CA ALA B 963 -24.39 13.51 -33.51
C ALA B 963 -25.14 14.75 -33.94
N GLN B 964 -26.12 15.19 -33.18
CA GLN B 964 -26.84 16.42 -33.52
C GLN B 964 -25.89 17.60 -33.45
N TYR B 965 -25.02 17.64 -32.48
CA TYR B 965 -24.05 18.74 -32.41
C TYR B 965 -23.09 18.67 -33.60
N THR B 966 -22.60 17.50 -33.97
CA THR B 966 -21.70 17.46 -35.12
C THR B 966 -22.45 17.88 -36.38
N SER B 967 -23.71 17.51 -36.50
CA SER B 967 -24.51 17.92 -37.67
C SER B 967 -24.65 19.42 -37.69
N ALA B 968 -24.81 20.04 -36.54
CA ALA B 968 -24.89 21.51 -36.49
C ALA B 968 -23.58 22.09 -36.99
N LEU B 969 -22.46 21.52 -36.61
CA LEU B 969 -21.18 22.09 -37.01
C LEU B 969 -20.98 21.95 -38.52
N LEU B 970 -21.33 20.81 -39.08
CA LEU B 970 -21.21 20.63 -40.54
C LEU B 970 -22.15 21.62 -41.23
N ALA B 971 -23.37 21.80 -40.75
CA ALA B 971 -24.30 22.69 -41.46
C ALA B 971 -23.79 24.11 -41.41
N GLY B 972 -23.35 24.54 -40.28
CA GLY B 972 -22.87 25.92 -40.15
C GLY B 972 -21.66 26.12 -41.00
N THR B 973 -20.82 25.11 -41.12
CA THR B 973 -19.56 25.29 -41.88
C THR B 973 -19.84 25.37 -43.35
N ILE B 974 -20.64 24.47 -43.87
CA ILE B 974 -20.92 24.41 -45.31
C ILE B 974 -21.77 25.59 -45.77
N THR B 975 -22.85 25.90 -45.09
CA THR B 975 -23.63 27.10 -45.44
C THR B 975 -22.95 28.42 -45.09
N SER B 976 -22.36 28.57 -43.91
CA SER B 976 -21.86 29.89 -43.49
C SER B 976 -20.35 30.04 -43.40
N GLY B 977 -19.59 29.01 -43.66
CA GLY B 977 -18.13 29.16 -43.49
C GLY B 977 -17.70 29.42 -42.07
N TRP B 978 -16.63 30.17 -41.89
CA TRP B 978 -16.12 30.41 -40.53
C TRP B 978 -16.98 31.39 -39.77
N THR B 979 -17.87 32.10 -40.42
CA THR B 979 -18.62 33.14 -39.70
C THR B 979 -19.48 32.51 -38.61
N PHE B 980 -19.69 31.20 -38.66
CA PHE B 980 -20.56 30.50 -37.70
C PHE B 980 -20.00 30.76 -36.31
N GLY B 981 -18.68 30.71 -36.17
CA GLY B 981 -18.02 30.85 -34.87
C GLY B 981 -18.19 32.23 -34.29
N ALA B 982 -18.10 33.25 -35.12
CA ALA B 982 -18.39 34.61 -34.63
C ALA B 982 -19.89 34.69 -34.43
N GLY B 983 -20.38 35.79 -33.92
CA GLY B 983 -21.78 35.79 -33.51
C GLY B 983 -22.83 35.46 -34.55
N PRO B 984 -22.85 36.06 -35.74
CA PRO B 984 -23.89 35.73 -36.66
C PRO B 984 -23.46 34.78 -37.78
N ALA B 985 -24.34 33.88 -38.20
CA ALA B 985 -24.02 32.99 -39.32
C ALA B 985 -24.43 33.68 -40.61
N LEU B 986 -23.45 33.96 -41.46
CA LEU B 986 -23.70 34.64 -42.74
C LEU B 986 -23.53 33.63 -43.88
N GLN B 987 -24.53 33.52 -44.74
CA GLN B 987 -24.44 32.52 -45.82
C GLN B 987 -23.47 32.97 -46.89
N ILE B 988 -22.65 32.08 -47.38
CA ILE B 988 -21.75 32.42 -48.49
C ILE B 988 -21.81 31.22 -49.43
N PRO B 989 -21.87 31.36 -50.77
CA PRO B 989 -22.00 30.23 -51.61
C PRO B 989 -20.76 29.40 -51.42
N PHE B 990 -20.87 28.09 -51.48
CA PHE B 990 -19.71 27.24 -51.12
C PHE B 990 -18.56 27.52 -52.03
N PRO B 991 -18.68 27.69 -53.35
CA PRO B 991 -17.50 27.97 -54.12
C PRO B 991 -16.80 29.27 -53.68
N MET B 992 -17.54 30.28 -53.34
CA MET B 992 -16.92 31.53 -52.86
C MET B 992 -16.28 31.32 -51.51
N GLN B 993 -16.84 30.47 -50.68
CA GLN B 993 -16.20 30.19 -49.39
C GLN B 993 -14.87 29.49 -49.63
N MET B 994 -14.84 28.50 -50.49
CA MET B 994 -13.58 27.80 -50.71
C MET B 994 -12.60 28.73 -51.42
N ALA B 995 -13.08 29.69 -52.18
CA ALA B 995 -12.17 30.68 -52.79
C ALA B 995 -11.52 31.53 -51.73
N TYR B 996 -12.26 31.96 -50.74
CA TYR B 996 -11.67 32.74 -49.65
C TYR B 996 -10.63 31.90 -48.94
N ARG B 997 -10.92 30.63 -48.78
CA ARG B 997 -9.95 29.73 -48.12
C ARG B 997 -8.68 29.59 -48.96
N PHE B 998 -8.79 29.46 -50.26
CA PHE B 998 -7.56 29.42 -51.08
C PHE B 998 -6.81 30.73 -50.93
N ASN B 999 -7.50 31.84 -50.91
CA ASN B 999 -6.84 33.15 -50.86
C ASN B 999 -6.07 33.18 -49.57
N GLY B 1000 -6.62 32.61 -48.54
CA GLY B 1000 -5.96 32.66 -47.24
C GLY B 1000 -4.71 31.83 -47.22
N ILE B 1001 -4.71 30.70 -47.88
CA ILE B 1001 -3.58 29.74 -47.83
C ILE B 1001 -2.49 30.17 -48.78
N GLY B 1002 -2.74 31.11 -49.66
CA GLY B 1002 -1.71 31.71 -50.52
C GLY B 1002 -2.15 31.83 -51.96
N VAL B 1003 -2.75 30.78 -52.47
CA VAL B 1003 -3.13 30.75 -53.89
C VAL B 1003 -4.23 31.76 -54.11
N THR B 1004 -4.28 32.34 -55.30
CA THR B 1004 -5.23 33.43 -55.54
C THR B 1004 -6.62 32.90 -55.83
N GLN B 1005 -7.60 33.78 -55.81
CA GLN B 1005 -8.99 33.33 -55.95
C GLN B 1005 -9.23 32.68 -57.30
N ASN B 1006 -8.65 33.20 -58.36
CA ASN B 1006 -9.01 32.72 -59.71
C ASN B 1006 -8.70 31.26 -59.88
N VAL B 1007 -7.74 30.74 -59.14
CA VAL B 1007 -7.31 29.33 -59.35
C VAL B 1007 -8.45 28.39 -59.01
N LEU B 1008 -9.21 28.67 -57.96
CA LEU B 1008 -10.35 27.76 -57.71
C LEU B 1008 -11.40 27.90 -58.79
N TYR B 1009 -11.75 29.13 -59.15
CA TYR B 1009 -12.88 29.32 -60.08
C TYR B 1009 -12.54 28.69 -61.42
N GLU B 1010 -11.31 28.83 -61.85
CA GLU B 1010 -10.93 28.31 -63.17
C GLU B 1010 -10.88 26.79 -63.16
N ASN B 1011 -10.68 26.18 -61.99
CA ASN B 1011 -10.54 24.71 -61.92
C ASN B 1011 -11.57 24.10 -60.97
N GLN B 1012 -12.76 24.67 -60.89
CA GLN B 1012 -13.72 24.22 -59.86
C GLN B 1012 -14.05 22.78 -60.09
N LYS B 1013 -14.16 22.35 -61.33
CA LYS B 1013 -14.64 20.97 -61.57
C LYS B 1013 -13.63 19.96 -61.04
N LEU B 1014 -12.37 20.19 -61.30
CA LEU B 1014 -11.35 19.24 -60.85
C LEU B 1014 -11.28 19.27 -59.33
N ILE B 1015 -11.38 20.46 -58.74
CA ILE B 1015 -11.25 20.56 -57.26
C ILE B 1015 -12.39 19.77 -56.63
N ALA B 1016 -13.59 19.90 -57.19
CA ALA B 1016 -14.72 19.15 -56.64
C ALA B 1016 -14.48 17.67 -56.81
N ASN B 1017 -13.95 17.25 -57.95
CA ASN B 1017 -13.80 15.80 -58.18
C ASN B 1017 -12.77 15.25 -57.22
N GLN B 1018 -11.72 16.00 -56.99
CA GLN B 1018 -10.65 15.54 -56.08
C GLN B 1018 -11.25 15.42 -54.69
N PHE B 1019 -12.06 16.39 -54.29
CA PHE B 1019 -12.60 16.37 -52.92
C PHE B 1019 -13.52 15.17 -52.77
N ASN B 1020 -14.37 14.93 -53.75
CA ASN B 1020 -15.35 13.83 -53.63
C ASN B 1020 -14.62 12.50 -53.57
N SER B 1021 -13.63 12.31 -54.42
CA SER B 1021 -12.88 11.04 -54.43
C SER B 1021 -12.16 10.89 -53.10
N ALA B 1022 -11.66 12.00 -52.55
CA ALA B 1022 -10.89 11.94 -51.30
C ALA B 1022 -11.79 11.45 -50.17
N ILE B 1023 -13.00 11.97 -50.09
CA ILE B 1023 -13.93 11.54 -49.03
C ILE B 1023 -14.25 10.07 -49.24
N GLY B 1024 -14.42 9.66 -50.48
CA GLY B 1024 -14.77 8.26 -50.74
C GLY B 1024 -13.66 7.33 -50.28
N LYS B 1025 -12.44 7.71 -50.56
CA LYS B 1025 -11.30 6.90 -50.14
C LYS B 1025 -11.24 6.89 -48.64
N ILE B 1026 -11.54 7.99 -47.97
CA ILE B 1026 -11.37 7.99 -46.49
C ILE B 1026 -12.36 7.02 -45.88
N GLN B 1027 -13.55 6.95 -46.44
CA GLN B 1027 -14.54 5.97 -45.94
C GLN B 1027 -14.04 4.55 -46.18
N ASP B 1028 -13.53 4.29 -47.36
CA ASP B 1028 -13.04 2.94 -47.72
C ASP B 1028 -11.84 2.64 -46.84
N SER B 1029 -10.98 3.62 -46.61
CA SER B 1029 -9.78 3.39 -45.80
C SER B 1029 -10.18 2.98 -44.39
N LEU B 1030 -11.17 3.65 -43.81
CA LEU B 1030 -11.50 3.31 -42.41
C LEU B 1030 -12.16 1.92 -42.40
N SER B 1031 -13.04 1.66 -43.34
CA SER B 1031 -13.78 0.36 -43.30
C SER B 1031 -12.81 -0.80 -43.57
N SER B 1032 -11.93 -0.64 -44.55
CA SER B 1032 -11.00 -1.73 -44.92
C SER B 1032 -10.01 -2.02 -43.80
N THR B 1033 -9.52 -1.00 -43.12
CA THR B 1033 -8.50 -1.34 -42.11
C THR B 1033 -9.13 -1.64 -40.75
N PRO B 1034 -8.68 -2.68 -40.04
CA PRO B 1034 -9.14 -2.94 -38.68
C PRO B 1034 -8.44 -2.12 -37.58
N SER B 1035 -7.30 -1.48 -37.88
CA SER B 1035 -6.50 -0.77 -36.84
C SER B 1035 -6.82 0.72 -36.84
N ALA B 1036 -7.92 1.13 -37.48
CA ALA B 1036 -8.20 2.58 -37.65
C ALA B 1036 -8.44 3.30 -36.34
N LEU B 1037 -9.22 2.71 -35.44
CA LEU B 1037 -9.63 3.44 -34.22
C LEU B 1037 -8.82 2.95 -33.02
N GLY B 1038 -7.53 2.86 -33.17
CA GLY B 1038 -6.71 2.30 -32.10
C GLY B 1038 -6.78 3.10 -30.83
N LYS B 1039 -6.76 4.43 -30.90
CA LYS B 1039 -6.69 5.20 -29.64
C LYS B 1039 -7.95 4.99 -28.82
N LEU B 1040 -9.10 5.01 -29.47
CA LEU B 1040 -10.36 4.81 -28.73
C LEU B 1040 -10.39 3.37 -28.18
N GLN B 1041 -9.95 2.42 -28.96
CA GLN B 1041 -10.02 1.02 -28.51
C GLN B 1041 -9.09 0.85 -27.33
N ASP B 1042 -7.94 1.49 -27.39
CA ASP B 1042 -6.95 1.39 -26.30
C ASP B 1042 -7.51 1.98 -25.01
N VAL B 1043 -8.22 3.08 -25.11
CA VAL B 1043 -8.84 3.66 -23.90
C VAL B 1043 -9.86 2.67 -23.34
N VAL B 1044 -10.67 2.09 -24.19
CA VAL B 1044 -11.71 1.15 -23.69
C VAL B 1044 -11.03 -0.05 -23.03
N ASN B 1045 -9.99 -0.57 -23.66
CA ASN B 1045 -9.27 -1.74 -23.11
C ASN B 1045 -8.64 -1.38 -21.77
N GLN B 1046 -8.01 -0.23 -21.64
CA GLN B 1046 -7.33 0.07 -20.37
C GLN B 1046 -8.35 0.17 -19.24
N ASN B 1047 -9.44 0.84 -19.49
CA ASN B 1047 -10.43 1.02 -18.43
C ASN B 1047 -11.00 -0.34 -18.06
N ALA B 1048 -11.31 -1.17 -19.05
CA ALA B 1048 -11.94 -2.47 -18.77
C ALA B 1048 -10.98 -3.41 -18.06
N GLN B 1049 -9.73 -3.45 -18.46
CA GLN B 1049 -8.78 -4.28 -17.72
C GLN B 1049 -8.65 -3.80 -16.27
N ALA B 1050 -8.67 -2.50 -16.04
CA ALA B 1050 -8.49 -2.04 -14.66
C ALA B 1050 -9.67 -2.52 -13.83
N LEU B 1051 -10.88 -2.49 -14.37
CA LEU B 1051 -12.05 -3.00 -13.62
C LEU B 1051 -11.90 -4.51 -13.40
N ASN B 1052 -11.42 -5.23 -14.39
CA ASN B 1052 -11.29 -6.70 -14.25
C ASN B 1052 -10.31 -7.03 -13.16
N THR B 1053 -9.20 -6.32 -13.09
CA THR B 1053 -8.25 -6.54 -11.99
C THR B 1053 -8.86 -6.16 -10.65
N LEU B 1054 -9.67 -5.13 -10.60
CA LEU B 1054 -10.33 -4.75 -9.34
C LEU B 1054 -11.22 -5.88 -8.87
N VAL B 1055 -11.97 -6.48 -9.76
CA VAL B 1055 -12.85 -7.62 -9.39
C VAL B 1055 -12.02 -8.83 -9.02
N LYS B 1056 -10.95 -9.10 -9.74
CA LYS B 1056 -10.14 -10.30 -9.48
C LYS B 1056 -9.39 -10.20 -8.15
N GLN B 1057 -9.13 -9.02 -7.64
CA GLN B 1057 -8.47 -8.91 -6.33
C GLN B 1057 -9.36 -9.49 -5.25
N LEU B 1058 -10.66 -9.57 -5.46
CA LEU B 1058 -11.58 -10.06 -4.42
C LEU B 1058 -11.40 -11.55 -4.17
N SER B 1059 -10.68 -12.27 -5.01
CA SER B 1059 -10.48 -13.72 -4.83
C SER B 1059 -9.17 -14.01 -4.12
N SER B 1060 -8.47 -12.99 -3.65
CA SER B 1060 -7.15 -13.18 -3.02
C SER B 1060 -7.31 -13.10 -1.52
N ASN B 1061 -6.76 -14.06 -0.80
CA ASN B 1061 -6.93 -14.16 0.65
C ASN B 1061 -6.14 -13.12 1.42
N PHE B 1062 -5.06 -12.61 0.87
CA PHE B 1062 -4.26 -11.54 1.50
C PHE B 1062 -3.64 -12.00 2.79
N GLY B 1063 -3.44 -13.28 2.93
CA GLY B 1063 -2.81 -13.82 4.15
C GLY B 1063 -3.79 -14.42 5.14
N ALA B 1064 -5.08 -14.29 4.88
CA ALA B 1064 -6.10 -14.80 5.80
C ALA B 1064 -6.50 -16.21 5.40
N ILE B 1065 -7.40 -16.81 6.16
CA ILE B 1065 -7.75 -18.23 5.92
C ILE B 1065 -8.35 -18.39 4.54
N SER B 1066 -9.28 -17.53 4.16
CA SER B 1066 -9.95 -17.70 2.86
C SER B 1066 -10.42 -16.35 2.33
N SER B 1067 -10.58 -16.25 1.03
CA SER B 1067 -10.98 -14.97 0.42
C SER B 1067 -12.39 -14.62 0.85
N VAL B 1068 -13.25 -15.61 0.97
CA VAL B 1068 -14.69 -15.31 1.22
C VAL B 1068 -14.86 -14.84 2.65
N LEU B 1069 -15.40 -13.66 2.81
CA LEU B 1069 -15.56 -13.09 4.17
C LEU B 1069 -16.63 -13.86 4.91
N ASN B 1070 -17.66 -14.30 4.22
CA ASN B 1070 -18.77 -15.00 4.90
C ASN B 1070 -18.31 -16.30 5.53
N ASP B 1071 -17.50 -17.08 4.84
CA ASP B 1071 -16.95 -18.31 5.43
C ASP B 1071 -16.01 -18.01 6.60
N ILE B 1072 -15.21 -16.96 6.53
CA ILE B 1072 -14.36 -16.59 7.69
C ILE B 1072 -15.25 -16.23 8.86
N LEU B 1073 -16.36 -15.58 8.63
CA LEU B 1073 -17.30 -15.32 9.76
C LEU B 1073 -17.95 -16.62 10.21
N SER B 1074 -18.24 -17.52 9.28
CA SER B 1074 -19.01 -18.74 9.64
C SER B 1074 -18.12 -19.90 10.01
N ARG B 1075 -16.83 -19.68 10.19
CA ARG B 1075 -15.96 -20.78 10.65
C ARG B 1075 -15.01 -20.28 11.73
N LEU B 1076 -15.25 -19.10 12.29
CA LEU B 1076 -14.42 -18.65 13.44
C LEU B 1076 -15.29 -17.83 14.37
N ASP B 1077 -14.90 -17.78 15.62
CA ASP B 1077 -15.70 -17.00 16.58
C ASP B 1077 -15.39 -15.52 16.33
N PRO B 1078 -16.20 -14.58 16.83
CA PRO B 1078 -15.90 -13.18 16.61
C PRO B 1078 -14.52 -12.73 17.09
N PRO B 1079 -14.01 -13.16 18.26
CA PRO B 1079 -12.72 -12.64 18.67
C PRO B 1079 -11.60 -12.99 17.70
N GLU B 1080 -11.63 -14.20 17.16
CA GLU B 1080 -10.55 -14.65 16.26
C GLU B 1080 -10.89 -14.35 14.81
N ALA B 1081 -12.16 -14.11 14.52
CA ALA B 1081 -12.58 -13.67 13.17
C ALA B 1081 -12.11 -12.26 12.87
N GLU B 1082 -12.12 -11.39 13.86
CA GLU B 1082 -11.80 -9.97 13.60
C GLU B 1082 -10.38 -9.79 13.09
N VAL B 1083 -9.43 -10.58 13.57
CA VAL B 1083 -8.05 -10.47 13.01
C VAL B 1083 -8.02 -10.86 11.54
N GLN B 1084 -8.66 -11.94 11.15
CA GLN B 1084 -8.69 -12.27 9.72
C GLN B 1084 -9.45 -11.19 8.94
N ILE B 1085 -10.53 -10.70 9.49
CA ILE B 1085 -11.35 -9.74 8.71
C ILE B 1085 -10.51 -8.51 8.50
N ASP B 1086 -9.76 -8.12 9.49
CA ASP B 1086 -8.98 -6.88 9.36
C ASP B 1086 -7.92 -7.08 8.30
N ARG B 1087 -7.35 -8.27 8.23
CA ARG B 1087 -6.32 -8.55 7.20
C ARG B 1087 -6.96 -8.43 5.81
N LEU B 1088 -8.13 -8.99 5.64
CA LEU B 1088 -8.84 -8.92 4.35
C LEU B 1088 -9.22 -7.48 4.03
N ILE B 1089 -9.68 -6.71 5.01
CA ILE B 1089 -10.07 -5.30 4.79
C ILE B 1089 -8.85 -4.50 4.37
N THR B 1090 -7.72 -4.75 4.99
CA THR B 1090 -6.51 -4.02 4.61
C THR B 1090 -6.16 -4.30 3.16
N GLY B 1091 -6.20 -5.54 2.74
CA GLY B 1091 -5.84 -5.86 1.36
C GLY B 1091 -6.80 -5.29 0.37
N ARG B 1092 -8.08 -5.43 0.62
CA ARG B 1092 -9.10 -4.93 -0.33
C ARG B 1092 -9.07 -3.41 -0.42
N LEU B 1093 -8.91 -2.71 0.67
CA LEU B 1093 -8.82 -1.24 0.64
C LEU B 1093 -7.57 -0.81 -0.12
N GLN B 1094 -6.46 -1.50 0.04
CA GLN B 1094 -5.25 -1.15 -0.70
C GLN B 1094 -5.48 -1.33 -2.19
N SER B 1095 -6.18 -2.38 -2.59
CA SER B 1095 -6.51 -2.60 -4.01
C SER B 1095 -7.38 -1.47 -4.52
N LEU B 1096 -8.34 -1.05 -3.73
CA LEU B 1096 -9.25 0.01 -4.19
C LEU B 1096 -8.49 1.32 -4.35
N GLN B 1097 -7.60 1.65 -3.44
CA GLN B 1097 -6.88 2.92 -3.54
C GLN B 1097 -6.00 2.89 -4.77
N THR B 1098 -5.39 1.75 -5.06
CA THR B 1098 -4.54 1.63 -6.25
C THR B 1098 -5.38 1.85 -7.51
N TYR B 1099 -6.57 1.30 -7.56
CA TYR B 1099 -7.44 1.53 -8.72
C TYR B 1099 -7.81 3.00 -8.83
N VAL B 1100 -8.16 3.65 -7.75
CA VAL B 1100 -8.62 5.04 -7.85
C VAL B 1100 -7.46 5.88 -8.34
N THR B 1101 -6.26 5.63 -7.85
CA THR B 1101 -5.11 6.48 -8.23
C THR B 1101 -4.78 6.31 -9.71
N GLN B 1102 -4.81 5.09 -10.21
CA GLN B 1102 -4.56 4.91 -11.64
C GLN B 1102 -5.65 5.62 -12.42
N GLN B 1103 -6.88 5.58 -11.98
CA GLN B 1103 -7.97 6.20 -12.75
C GLN B 1103 -7.76 7.69 -12.79
N LEU B 1104 -7.28 8.29 -11.72
CA LEU B 1104 -7.03 9.74 -11.68
C LEU B 1104 -5.96 10.11 -12.69
N ILE B 1105 -4.90 9.33 -12.79
CA ILE B 1105 -3.88 9.61 -13.84
C ILE B 1105 -4.48 9.45 -15.22
N ARG B 1106 -5.23 8.40 -15.47
CA ARG B 1106 -5.76 8.18 -16.82
C ARG B 1106 -6.71 9.31 -17.17
N ALA B 1107 -7.50 9.77 -16.22
CA ALA B 1107 -8.44 10.86 -16.47
C ALA B 1107 -7.66 12.12 -16.80
N ALA B 1108 -6.50 12.32 -16.21
CA ALA B 1108 -5.70 13.50 -16.59
C ALA B 1108 -5.27 13.42 -18.04
N GLU B 1109 -4.87 12.25 -18.50
CA GLU B 1109 -4.48 12.10 -19.92
C GLU B 1109 -5.67 12.34 -20.83
N ILE B 1110 -6.83 11.82 -20.50
CA ILE B 1110 -8.06 12.06 -21.30
C ILE B 1110 -8.44 13.52 -21.25
N ARG B 1111 -8.25 14.19 -20.13
CA ARG B 1111 -8.56 15.62 -20.07
C ARG B 1111 -7.67 16.37 -21.02
N ALA B 1112 -6.41 16.02 -21.09
CA ALA B 1112 -5.48 16.74 -21.98
C ALA B 1112 -5.89 16.51 -23.41
N SER B 1113 -6.26 15.29 -23.76
CA SER B 1113 -6.71 14.97 -25.13
C SER B 1113 -8.01 15.68 -25.45
N ALA B 1114 -8.94 15.77 -24.51
CA ALA B 1114 -10.19 16.50 -24.73
C ALA B 1114 -9.92 17.99 -24.91
N ASN B 1115 -8.98 18.56 -24.19
CA ASN B 1115 -8.62 19.97 -24.41
C ASN B 1115 -7.99 20.14 -25.79
N LEU B 1116 -7.18 19.21 -26.22
CA LEU B 1116 -6.61 19.31 -27.58
C LEU B 1116 -7.74 19.23 -28.56
N ALA B 1117 -8.70 18.36 -28.36
CA ALA B 1117 -9.80 18.21 -29.30
C ALA B 1117 -10.64 19.47 -29.32
N ALA B 1118 -10.82 20.12 -28.19
CA ALA B 1118 -11.58 21.35 -28.17
C ALA B 1118 -10.89 22.38 -29.00
N THR B 1119 -9.59 22.50 -28.88
CA THR B 1119 -8.82 23.49 -29.65
C THR B 1119 -8.87 23.15 -31.13
N LYS B 1120 -8.74 21.90 -31.52
CA LYS B 1120 -8.83 21.51 -32.93
C LYS B 1120 -10.22 21.76 -33.46
N MET B 1121 -11.25 21.51 -32.68
CA MET B 1121 -12.62 21.81 -33.13
C MET B 1121 -12.75 23.30 -33.36
N SER B 1122 -12.31 24.10 -32.43
CA SER B 1122 -12.53 25.55 -32.57
C SER B 1122 -11.67 26.13 -33.67
N GLU B 1123 -10.38 25.83 -33.73
CA GLU B 1123 -9.49 26.51 -34.68
C GLU B 1123 -9.37 25.80 -36.01
N CYS B 1124 -9.97 24.65 -36.19
CA CYS B 1124 -9.95 23.98 -37.49
C CYS B 1124 -11.34 23.73 -38.08
N VAL B 1125 -12.41 23.75 -37.29
CA VAL B 1125 -13.77 23.60 -37.84
C VAL B 1125 -14.42 24.96 -37.92
N LEU B 1126 -14.19 25.82 -36.94
CA LEU B 1126 -14.90 27.11 -36.89
C LEU B 1126 -14.02 28.18 -37.50
N GLY B 1127 -13.01 27.80 -38.24
CA GLY B 1127 -12.07 28.77 -38.80
C GLY B 1127 -11.11 28.11 -39.74
N GLN B 1128 -10.08 28.81 -40.17
CA GLN B 1128 -9.00 28.20 -40.97
C GLN B 1128 -7.71 28.46 -40.22
N SER B 1129 -6.91 27.42 -39.98
CA SER B 1129 -5.73 27.58 -39.12
C SER B 1129 -4.46 27.72 -39.92
N LYS B 1130 -3.63 28.70 -39.55
CA LYS B 1130 -2.33 28.90 -40.22
C LYS B 1130 -1.26 28.09 -39.51
N ARG B 1131 -1.61 27.40 -38.43
CA ARG B 1131 -0.60 26.67 -37.64
C ARG B 1131 -0.22 25.45 -38.44
N VAL B 1132 1.06 25.33 -38.75
CA VAL B 1132 1.46 24.24 -39.65
C VAL B 1132 1.43 22.91 -38.96
N ASP B 1133 0.88 21.90 -39.62
CA ASP B 1133 0.85 20.50 -39.12
C ASP B 1133 -0.10 20.35 -37.95
N PHE B 1134 -0.81 21.39 -37.59
CA PHE B 1134 -1.84 21.28 -36.54
C PHE B 1134 -3.02 20.49 -37.06
N CYS B 1135 -3.46 20.76 -38.28
CA CYS B 1135 -4.65 20.09 -38.78
C CYS B 1135 -4.35 19.44 -40.12
N GLY B 1136 -3.39 18.52 -40.11
CA GLY B 1136 -3.14 17.74 -41.32
C GLY B 1136 -1.85 18.08 -41.98
N LYS B 1137 -1.23 17.11 -42.62
CA LYS B 1137 0.09 17.40 -43.21
C LYS B 1137 -0.21 18.07 -44.53
N GLY B 1138 -0.16 19.40 -44.52
CA GLY B 1138 -0.41 20.13 -45.76
C GLY B 1138 -0.83 21.52 -45.43
N TYR B 1139 -1.41 22.21 -46.39
CA TYR B 1139 -1.95 23.55 -46.15
C TYR B 1139 -3.43 23.33 -45.84
N HIS B 1140 -3.92 23.94 -44.79
CA HIS B 1140 -5.28 23.62 -44.33
C HIS B 1140 -6.33 24.46 -45.00
N LEU B 1141 -7.37 23.81 -45.49
CA LEU B 1141 -8.49 24.54 -46.10
C LEU B 1141 -9.70 24.55 -45.17
N MET B 1142 -10.13 23.39 -44.72
CA MET B 1142 -11.30 23.30 -43.86
C MET B 1142 -11.32 21.93 -43.21
N SER B 1143 -12.12 21.76 -42.17
CA SER B 1143 -12.25 20.45 -41.53
C SER B 1143 -13.70 20.12 -41.21
N PHE B 1144 -14.01 18.85 -41.10
CA PHE B 1144 -15.37 18.38 -40.81
C PHE B 1144 -15.32 17.42 -39.63
N PRO B 1145 -16.02 17.71 -38.52
CA PRO B 1145 -15.93 16.87 -37.39
C PRO B 1145 -16.85 15.68 -37.52
N GLN B 1146 -16.45 14.56 -36.96
CA GLN B 1146 -17.33 13.39 -36.96
C GLN B 1146 -17.28 12.73 -35.61
N SER B 1147 -18.44 12.45 -35.05
CA SER B 1147 -18.51 11.80 -33.74
C SER B 1147 -18.11 10.34 -33.84
N ALA B 1148 -17.51 9.82 -32.80
CA ALA B 1148 -17.14 8.40 -32.72
C ALA B 1148 -17.32 8.06 -31.26
N PRO B 1149 -17.45 6.78 -30.86
CA PRO B 1149 -17.74 6.53 -29.48
C PRO B 1149 -16.59 6.92 -28.59
N HIS B 1150 -16.87 7.75 -27.61
CA HIS B 1150 -15.83 8.22 -26.68
C HIS B 1150 -14.75 8.98 -27.41
N GLY B 1151 -15.12 9.73 -28.44
CA GLY B 1151 -14.09 10.52 -29.12
C GLY B 1151 -14.60 11.28 -30.29
N VAL B 1152 -13.72 12.02 -30.94
CA VAL B 1152 -14.08 12.79 -32.15
C VAL B 1152 -13.09 12.46 -33.23
N VAL B 1153 -13.58 12.30 -34.44
CA VAL B 1153 -12.74 11.99 -35.61
C VAL B 1153 -12.85 13.16 -36.56
N PHE B 1154 -11.72 13.78 -36.88
CA PHE B 1154 -11.76 14.99 -37.71
C PHE B 1154 -11.45 14.61 -39.14
N LEU B 1155 -11.97 15.36 -40.08
CA LEU B 1155 -11.63 15.12 -41.49
C LEU B 1155 -10.96 16.38 -42.02
N HIS B 1156 -9.64 16.43 -41.94
CA HIS B 1156 -8.95 17.66 -42.33
C HIS B 1156 -8.84 17.68 -43.83
N VAL B 1157 -9.25 18.78 -44.45
CA VAL B 1157 -9.12 18.92 -45.92
C VAL B 1157 -7.93 19.81 -46.16
N THR B 1158 -6.96 19.30 -46.89
CA THR B 1158 -5.71 20.05 -47.11
C THR B 1158 -5.41 20.26 -48.58
N TYR B 1159 -4.77 21.36 -48.90
CA TYR B 1159 -4.31 21.63 -50.27
C TYR B 1159 -2.84 21.29 -50.29
N VAL B 1160 -2.43 20.41 -51.19
CA VAL B 1160 -1.02 19.99 -51.27
C VAL B 1160 -0.46 20.36 -52.63
N PRO B 1161 0.69 21.06 -52.73
CA PRO B 1161 1.29 21.30 -54.04
C PRO B 1161 1.64 19.98 -54.73
N ALA B 1162 1.53 19.92 -56.05
CA ALA B 1162 1.67 18.61 -56.71
C ALA B 1162 2.82 18.50 -57.70
N GLN B 1163 2.83 19.26 -58.78
CA GLN B 1163 3.86 19.05 -59.82
C GLN B 1163 4.80 20.23 -59.90
N GLU B 1164 6.00 20.06 -59.37
CA GLU B 1164 6.93 21.20 -59.27
C GLU B 1164 7.85 21.25 -60.47
N LYS B 1165 8.17 22.46 -60.91
CA LYS B 1165 9.09 22.65 -62.04
C LYS B 1165 10.18 23.61 -61.62
N ASN B 1166 11.40 23.35 -62.03
CA ASN B 1166 12.54 24.20 -61.61
C ASN B 1166 12.66 25.40 -62.53
N PHE B 1167 12.62 26.60 -61.95
CA PHE B 1167 12.69 27.82 -62.75
C PHE B 1167 13.86 28.66 -62.27
N THR B 1168 14.44 29.44 -63.16
CA THR B 1168 15.51 30.32 -62.71
C THR B 1168 14.89 31.50 -62.00
N THR B 1169 15.64 32.14 -61.11
CA THR B 1169 15.06 33.24 -60.32
C THR B 1169 16.06 34.36 -60.10
N ALA B 1170 15.59 35.48 -59.60
CA ALA B 1170 16.46 36.62 -59.28
C ALA B 1170 15.79 37.44 -58.20
N PRO B 1171 16.54 38.08 -57.30
CA PRO B 1171 15.91 38.88 -56.29
C PRO B 1171 15.15 40.10 -56.80
N ALA B 1172 15.72 40.83 -57.74
CA ALA B 1172 15.07 42.06 -58.21
C ALA B 1172 15.23 42.25 -59.70
N ILE B 1173 14.44 43.14 -60.25
CA ILE B 1173 14.55 43.47 -61.69
C ILE B 1173 15.00 44.91 -61.80
N CYS B 1174 15.96 45.17 -62.66
CA CYS B 1174 16.48 46.55 -62.86
C CYS B 1174 16.08 47.01 -64.27
N HIS B 1175 15.49 48.18 -64.35
CA HIS B 1175 15.05 48.70 -65.67
C HIS B 1175 15.63 50.07 -65.95
N ASP B 1176 15.33 51.07 -65.12
CA ASP B 1176 15.77 52.46 -65.41
C ASP B 1176 16.78 52.89 -64.37
N GLY B 1177 17.54 51.94 -63.84
CA GLY B 1177 18.47 52.28 -62.76
C GLY B 1177 17.74 52.24 -61.44
N LYS B 1178 16.47 51.81 -61.47
CA LYS B 1178 15.66 51.68 -60.26
C LYS B 1178 15.42 50.20 -59.99
N ALA B 1179 15.38 49.80 -58.73
CA ALA B 1179 15.05 48.40 -58.44
C ALA B 1179 13.56 48.17 -58.58
N HIS B 1180 13.19 46.91 -58.73
CA HIS B 1180 11.75 46.57 -58.79
C HIS B 1180 11.55 45.28 -58.01
N PHE B 1181 10.59 45.26 -57.10
CA PHE B 1181 10.43 44.06 -56.26
C PHE B 1181 9.01 43.56 -56.40
N PRO B 1182 8.77 42.24 -56.47
CA PRO B 1182 7.44 41.74 -56.72
C PRO B 1182 6.51 42.04 -55.56
N ARG B 1183 5.33 42.57 -55.83
CA ARG B 1183 4.50 42.99 -54.67
C ARG B 1183 4.15 41.75 -53.88
N GLU B 1184 3.68 40.72 -54.58
CA GLU B 1184 3.46 39.39 -53.96
C GLU B 1184 3.76 38.40 -55.07
N GLY B 1185 4.57 37.40 -54.78
CA GLY B 1185 4.99 36.51 -55.85
C GLY B 1185 6.49 36.54 -56.02
N VAL B 1186 6.98 35.80 -56.99
CA VAL B 1186 8.43 35.68 -57.17
C VAL B 1186 8.75 35.75 -58.65
N PHE B 1187 9.98 36.13 -58.97
CA PHE B 1187 10.41 36.29 -60.38
C PHE B 1187 10.88 34.96 -60.93
N VAL B 1188 10.34 34.58 -62.05
CA VAL B 1188 10.70 33.27 -62.65
C VAL B 1188 10.83 33.45 -64.15
N SER B 1189 11.75 32.70 -64.73
CA SER B 1189 12.01 32.81 -66.18
C SER B 1189 11.95 31.43 -66.81
N ASN B 1190 11.31 31.33 -67.96
CA ASN B 1190 11.16 30.03 -68.65
C ASN B 1190 12.42 29.78 -69.47
N GLY B 1191 13.43 30.62 -69.29
CA GLY B 1191 14.72 30.51 -70.00
C GLY B 1191 15.01 31.74 -70.83
N THR B 1192 13.98 32.43 -71.30
CA THR B 1192 14.18 33.57 -72.20
C THR B 1192 13.54 34.82 -71.61
N HIS B 1193 12.26 34.73 -71.26
CA HIS B 1193 11.56 35.93 -70.77
C HIS B 1193 11.61 35.93 -69.25
N TRP B 1194 10.94 36.89 -68.63
CA TRP B 1194 10.82 36.90 -67.16
C TRP B 1194 9.35 37.12 -66.80
N PHE B 1195 8.83 36.29 -65.92
CA PHE B 1195 7.43 36.45 -65.49
C PHE B 1195 7.35 36.35 -63.99
N VAL B 1196 6.38 37.05 -63.40
CA VAL B 1196 6.20 37.04 -61.93
C VAL B 1196 5.04 36.13 -61.64
N THR B 1197 5.23 35.17 -60.75
CA THR B 1197 4.17 34.20 -60.46
C THR B 1197 3.99 34.02 -58.98
N GLN B 1198 2.82 33.53 -58.58
CA GLN B 1198 2.48 33.39 -57.16
C GLN B 1198 3.29 32.23 -56.60
N ARG B 1199 3.71 32.32 -55.36
CA ARG B 1199 4.62 31.33 -54.79
C ARG B 1199 4.02 29.93 -54.77
N ASN B 1200 2.71 29.78 -54.72
CA ASN B 1200 2.12 28.43 -54.57
C ASN B 1200 1.42 27.94 -55.82
N PHE B 1201 1.52 28.63 -56.93
CA PHE B 1201 1.00 28.08 -58.20
C PHE B 1201 1.77 28.70 -59.36
N TYR B 1202 1.95 27.94 -60.43
CA TYR B 1202 2.61 28.51 -61.62
C TYR B 1202 1.59 29.21 -62.47
N GLU B 1203 1.41 30.50 -62.23
CA GLU B 1203 0.56 31.34 -63.09
C GLU B 1203 1.44 32.50 -63.54
N PRO B 1204 2.19 32.36 -64.65
CA PRO B 1204 3.10 33.40 -65.05
C PRO B 1204 2.41 34.64 -65.56
N GLN B 1205 2.89 35.80 -65.12
CA GLN B 1205 2.28 37.08 -65.50
C GLN B 1205 3.38 38.01 -65.94
N ILE B 1206 3.04 38.97 -66.76
CA ILE B 1206 4.10 39.86 -67.33
C ILE B 1206 4.50 40.88 -66.27
N ILE B 1207 5.78 41.19 -66.19
CA ILE B 1207 6.20 42.08 -65.09
C ILE B 1207 5.81 43.47 -65.47
N THR B 1208 4.87 44.03 -64.75
CA THR B 1208 4.41 45.40 -65.02
C THR B 1208 4.89 46.31 -63.91
N THR B 1209 4.47 47.55 -63.96
CA THR B 1209 4.82 48.49 -62.88
C THR B 1209 3.65 48.56 -61.91
N ASP B 1210 2.60 47.79 -62.17
CA ASP B 1210 1.49 47.70 -61.19
C ASP B 1210 1.78 46.64 -60.13
N ASN B 1211 2.41 45.53 -60.51
CA ASN B 1211 2.64 44.42 -59.57
C ASN B 1211 4.04 44.44 -59.00
N THR B 1212 4.70 45.57 -59.07
CA THR B 1212 6.04 45.72 -58.52
C THR B 1212 6.16 47.08 -57.86
N PHE B 1213 7.11 47.23 -56.98
CA PHE B 1213 7.35 48.55 -56.37
C PHE B 1213 8.82 48.87 -56.46
N VAL B 1214 9.14 50.15 -56.37
CA VAL B 1214 10.54 50.57 -56.57
C VAL B 1214 11.19 50.90 -55.24
N SER B 1215 12.40 50.41 -55.04
CA SER B 1215 13.15 50.79 -53.84
C SER B 1215 14.65 50.87 -54.17
N GLY B 1216 15.13 52.06 -54.49
CA GLY B 1216 16.60 52.22 -54.65
C GLY B 1216 17.18 51.83 -55.98
N ASN B 1217 18.47 52.08 -56.10
CA ASN B 1217 19.15 51.81 -57.39
C ASN B 1217 19.57 50.35 -57.47
N CYS B 1218 20.09 49.95 -58.61
CA CYS B 1218 20.33 48.51 -58.82
C CYS B 1218 21.65 48.03 -58.26
N ASP B 1219 22.51 48.93 -57.79
CA ASP B 1219 23.86 48.50 -57.32
C ASP B 1219 23.81 47.75 -56.00
N VAL B 1220 22.99 48.20 -55.08
CA VAL B 1220 22.95 47.61 -53.72
C VAL B 1220 22.45 46.18 -53.72
N VAL B 1221 21.46 45.87 -54.55
CA VAL B 1221 20.87 44.51 -54.47
C VAL B 1221 21.73 43.48 -55.17
N ILE B 1222 22.10 42.42 -54.46
CA ILE B 1222 22.98 41.40 -55.04
C ILE B 1222 22.14 40.50 -55.93
N GLY B 1223 22.60 40.22 -57.14
CA GLY B 1223 21.89 39.28 -58.02
C GLY B 1223 20.88 39.92 -58.94
N ILE B 1224 20.77 41.23 -58.93
CA ILE B 1224 19.72 41.89 -59.75
C ILE B 1224 19.96 41.63 -61.22
N VAL B 1225 18.89 41.28 -61.94
CA VAL B 1225 19.01 41.01 -63.39
C VAL B 1225 18.28 42.08 -64.18
N ASN B 1226 18.92 42.62 -65.20
CA ASN B 1226 18.30 43.69 -66.01
C ASN B 1226 17.23 43.09 -66.89
N ASN B 1227 16.06 43.68 -66.87
CA ASN B 1227 14.97 43.25 -67.77
C ASN B 1227 13.99 44.39 -67.89
N THR B 1228 12.85 44.11 -68.54
CA THR B 1228 11.90 45.19 -68.83
C THR B 1228 10.70 45.10 -67.91
N VAL B 1229 10.27 46.25 -67.42
CA VAL B 1229 9.03 46.31 -66.62
C VAL B 1229 8.00 47.08 -67.44
N TYR B 1230 7.03 46.37 -67.96
CA TYR B 1230 6.09 47.03 -68.87
C TYR B 1230 5.28 48.07 -68.11
N ASP B 1231 4.87 49.12 -68.81
CA ASP B 1231 4.05 50.17 -68.19
C ASP B 1231 2.74 50.31 -68.97
N PRO B 1232 1.57 50.24 -68.31
CA PRO B 1232 0.31 50.35 -69.03
C PRO B 1232 -0.01 51.74 -69.58
N LEU B 1233 0.62 52.78 -69.03
CA LEU B 1233 0.33 54.17 -69.48
C LEU B 1233 0.76 54.38 -70.92
N GLN B 1234 1.92 53.85 -71.30
CA GLN B 1234 2.46 54.18 -72.64
C GLN B 1234 1.55 53.74 -73.79
N PRO B 1235 0.97 52.52 -73.83
CA PRO B 1235 0.18 52.15 -75.00
C PRO B 1235 -1.03 53.08 -75.21
N GLU B 1236 -1.72 53.41 -74.13
CA GLU B 1236 -2.87 54.34 -74.25
C GLU B 1236 -2.38 55.76 -74.53
N LEU B 1237 -1.20 56.12 -74.05
CA LEU B 1237 -0.67 57.46 -74.41
C LEU B 1237 -0.35 57.53 -75.89
N ASP B 1238 0.15 56.45 -76.48
CA ASP B 1238 0.62 56.48 -77.89
C ASP B 1238 -0.52 56.92 -78.82
N SER B 1239 -1.71 56.36 -78.64
CA SER B 1239 -2.83 56.69 -79.57
C SER B 1239 -4.02 57.28 -78.80
N ALA C 119 -54.47 6.43 22.57
CA ALA C 119 -54.07 7.78 22.11
C ALA C 119 -52.66 7.79 21.56
N TYR C 120 -52.45 8.51 20.47
CA TYR C 120 -51.11 8.48 19.84
C TYR C 120 -50.67 9.89 19.51
N THR C 121 -49.37 10.08 19.38
CA THR C 121 -48.86 11.39 18.92
C THR C 121 -47.48 11.14 18.32
N ASN C 122 -46.87 12.20 17.78
CA ASN C 122 -45.54 12.07 17.16
C ASN C 122 -44.56 12.99 17.86
N SER C 123 -43.28 12.62 17.84
CA SER C 123 -42.23 13.40 18.52
C SER C 123 -41.56 14.33 17.51
N PHE C 124 -41.79 15.63 17.63
CA PHE C 124 -41.25 16.55 16.62
C PHE C 124 -39.73 16.64 16.72
N THR C 125 -39.22 17.02 17.88
CA THR C 125 -37.76 17.23 18.02
C THR C 125 -37.24 16.61 19.31
N ARG C 126 -38.13 16.04 20.11
CA ARG C 126 -37.70 15.53 21.43
C ARG C 126 -36.87 14.25 21.27
N GLY C 127 -35.89 14.05 22.15
CA GLY C 127 -35.20 12.74 22.09
C GLY C 127 -33.74 12.70 21.70
N VAL C 128 -33.00 13.80 21.88
CA VAL C 128 -31.54 13.75 21.63
C VAL C 128 -30.82 14.06 22.95
N TYR C 129 -29.85 13.23 23.29
CA TYR C 129 -29.12 13.39 24.58
C TYR C 129 -27.63 13.44 24.31
N TYR C 130 -26.88 14.07 25.21
CA TYR C 130 -25.46 14.26 24.88
C TYR C 130 -24.83 12.89 24.83
N PRO C 131 -24.31 12.45 23.68
CA PRO C 131 -23.85 11.07 23.58
C PRO C 131 -22.67 10.70 24.48
N ASP C 132 -21.68 11.58 24.57
CA ASP C 132 -20.45 11.22 25.32
C ASP C 132 -20.07 12.32 26.27
N LYS C 133 -19.18 12.01 27.19
CA LYS C 133 -18.79 13.00 28.23
C LYS C 133 -17.66 13.87 27.71
N VAL C 134 -17.95 14.69 26.73
CA VAL C 134 -16.88 15.50 26.10
C VAL C 134 -17.46 16.87 25.80
N PHE C 135 -16.61 17.87 25.70
CA PHE C 135 -17.11 19.20 25.34
C PHE C 135 -16.63 19.50 23.93
N ARG C 136 -17.56 19.72 23.02
CA ARG C 136 -17.21 20.01 21.63
C ARG C 136 -17.85 21.34 21.24
N SER C 137 -17.07 22.20 20.59
CA SER C 137 -17.56 23.54 20.27
C SER C 137 -17.50 23.80 18.78
N SER C 138 -18.57 24.33 18.21
CA SER C 138 -18.58 24.71 16.78
C SER C 138 -18.13 23.56 15.87
N VAL C 139 -18.76 22.40 16.02
CA VAL C 139 -18.41 21.25 15.17
C VAL C 139 -19.68 20.53 14.80
N LEU C 140 -19.62 19.72 13.76
CA LEU C 140 -20.80 18.90 13.37
C LEU C 140 -20.38 17.45 13.59
N HIS C 141 -20.62 16.95 14.80
CA HIS C 141 -20.18 15.59 15.15
C HIS C 141 -21.25 14.59 14.77
N SER C 142 -20.83 13.42 14.32
CA SER C 142 -21.79 12.34 14.02
C SER C 142 -21.54 11.19 14.99
N THR C 143 -22.57 10.80 15.73
CA THR C 143 -22.44 9.68 16.68
C THR C 143 -23.45 8.60 16.33
N GLN C 144 -22.97 7.36 16.25
CA GLN C 144 -23.93 6.26 16.03
C GLN C 144 -24.36 5.79 17.41
N ASP C 145 -25.60 6.07 17.78
CA ASP C 145 -26.06 5.70 19.13
C ASP C 145 -27.57 5.61 19.12
N LEU C 146 -28.13 4.93 20.12
CA LEU C 146 -29.59 4.83 20.23
C LEU C 146 -30.18 6.22 20.46
N PHE C 147 -31.20 6.56 19.70
CA PHE C 147 -31.91 7.84 19.94
C PHE C 147 -33.33 7.62 19.46
N LEU C 148 -34.21 8.55 19.79
CA LEU C 148 -35.63 8.32 19.46
C LEU C 148 -35.87 8.85 18.05
N PRO C 149 -36.32 8.01 17.09
CA PRO C 149 -36.45 8.48 15.75
C PRO C 149 -37.39 9.68 15.67
N PHE C 150 -37.01 10.68 14.89
CA PHE C 150 -37.83 11.91 14.85
C PHE C 150 -39.18 11.63 14.23
N PHE C 151 -40.18 12.38 14.67
CA PHE C 151 -41.55 12.25 14.11
C PHE C 151 -42.04 10.81 14.20
N SER C 152 -41.76 10.13 15.32
CA SER C 152 -42.12 8.70 15.43
C SER C 152 -43.34 8.51 16.30
N ASN C 153 -43.89 7.30 16.27
CA ASN C 153 -45.13 7.05 17.04
C ASN C 153 -44.76 6.92 18.50
N VAL C 154 -45.26 7.83 19.32
CA VAL C 154 -45.03 7.72 20.77
C VAL C 154 -46.39 7.50 21.43
N THR C 155 -46.51 6.45 22.22
CA THR C 155 -47.84 6.13 22.80
C THR C 155 -48.22 7.13 23.89
N TRP C 156 -49.52 7.26 24.13
CA TRP C 156 -50.00 8.23 25.14
C TRP C 156 -50.82 7.54 26.22
N PHE C 157 -50.57 7.90 27.47
CA PHE C 157 -51.35 7.36 28.60
C PHE C 157 -51.80 8.52 29.48
N HIS C 158 -53.04 8.48 29.94
CA HIS C 158 -53.61 9.63 30.67
C HIS C 158 -53.85 9.32 32.14
N ALA C 159 -53.86 10.36 32.97
CA ALA C 159 -54.04 10.18 34.43
C ALA C 159 -54.75 11.42 35.00
N PRO C 174 -50.24 0.20 33.77
CA PRO C 174 -50.16 -0.07 32.34
C PRO C 174 -48.81 -0.66 31.91
N VAL C 175 -48.75 -1.98 31.78
CA VAL C 175 -47.47 -2.66 31.44
C VAL C 175 -46.99 -2.22 30.07
N LEU C 176 -45.68 -2.05 29.93
CA LEU C 176 -45.10 -1.67 28.62
C LEU C 176 -43.80 -2.41 28.42
N PRO C 177 -43.50 -2.85 27.21
CA PRO C 177 -42.22 -3.46 26.94
C PRO C 177 -41.05 -2.49 27.01
N PHE C 178 -39.85 -3.05 27.02
CA PHE C 178 -38.60 -2.23 27.07
C PHE C 178 -37.64 -2.96 26.14
N ASN C 179 -37.51 -2.50 24.91
CA ASN C 179 -36.73 -3.34 23.96
C ASN C 179 -35.25 -3.00 23.96
N ASP C 180 -34.89 -1.75 23.63
CA ASP C 180 -33.46 -1.35 23.72
C ASP C 180 -33.32 -0.19 24.70
N GLY C 181 -34.39 0.57 24.88
CA GLY C 181 -34.39 1.72 25.78
C GLY C 181 -35.73 2.37 25.69
N VAL C 182 -35.97 3.38 26.51
CA VAL C 182 -37.30 4.00 26.53
C VAL C 182 -37.16 5.50 26.63
N TYR C 183 -37.95 6.22 25.85
CA TYR C 183 -37.96 7.68 25.99
C TYR C 183 -39.20 7.98 26.78
N PHE C 184 -39.03 8.67 27.89
CA PHE C 184 -40.19 8.92 28.77
C PHE C 184 -40.34 10.41 28.98
N ALA C 185 -41.53 10.92 28.68
CA ALA C 185 -41.80 12.34 28.95
C ALA C 185 -43.14 12.42 29.65
N SER C 186 -43.14 12.97 30.87
CA SER C 186 -44.39 13.16 31.62
C SER C 186 -44.62 14.66 31.74
N THR C 187 -45.80 15.10 31.36
CA THR C 187 -46.12 16.53 31.50
C THR C 187 -47.05 16.67 32.69
N GLU C 188 -46.65 17.46 33.68
CA GLU C 188 -47.45 17.47 34.92
C GLU C 188 -47.37 18.79 35.66
N LYS C 189 -48.29 18.97 36.61
CA LYS C 189 -48.25 20.16 37.50
C LYS C 189 -48.18 19.72 38.95
N SER C 190 -48.64 18.50 39.26
CA SER C 190 -48.75 18.07 40.68
C SER C 190 -47.67 17.09 41.11
N ASN C 191 -46.76 16.69 40.23
CA ASN C 191 -45.79 15.63 40.57
C ASN C 191 -46.57 14.38 40.97
N ILE C 192 -47.70 14.15 40.33
CA ILE C 192 -48.55 12.97 40.65
C ILE C 192 -47.81 11.70 40.29
N ILE C 193 -47.03 11.74 39.23
CA ILE C 193 -46.19 10.57 38.88
C ILE C 193 -44.99 10.55 39.83
N ARG C 194 -44.65 9.37 40.33
CA ARG C 194 -43.58 9.37 41.35
C ARG C 194 -42.37 8.63 40.82
N GLY C 195 -42.58 7.69 39.91
CA GLY C 195 -41.43 6.88 39.51
C GLY C 195 -41.85 5.67 38.74
N TRP C 196 -40.89 4.80 38.46
CA TRP C 196 -41.20 3.65 37.58
C TRP C 196 -40.39 2.45 38.00
N ILE C 197 -40.84 1.28 37.61
CA ILE C 197 -40.19 0.04 38.06
C ILE C 197 -39.90 -0.84 36.86
N PHE C 198 -38.92 -1.71 36.97
CA PHE C 198 -38.48 -2.48 35.79
C PHE C 198 -38.35 -3.93 36.20
N GLY C 199 -37.89 -4.77 35.28
CA GLY C 199 -37.66 -6.17 35.63
C GLY C 199 -38.33 -7.14 34.69
N THR C 200 -37.81 -8.36 34.62
CA THR C 200 -38.34 -9.32 33.64
C THR C 200 -39.77 -9.73 33.99
N THR C 201 -40.04 -9.99 35.26
CA THR C 201 -41.38 -10.52 35.65
C THR C 201 -42.09 -9.61 36.65
N LEU C 202 -41.37 -8.69 37.28
CA LEU C 202 -41.94 -7.82 38.35
C LEU C 202 -42.57 -8.70 39.45
N ASP C 203 -41.87 -9.76 39.85
CA ASP C 203 -42.37 -10.63 40.92
C ASP C 203 -41.22 -11.23 41.71
N SER C 204 -41.57 -11.87 42.83
CA SER C 204 -40.55 -12.44 43.74
C SER C 204 -40.11 -13.80 43.20
N LYS C 205 -39.39 -13.81 42.10
CA LYS C 205 -38.90 -15.11 41.59
C LYS C 205 -37.96 -15.72 42.63
N SER C 208 -36.10 -5.08 38.20
CA SER C 208 -36.46 -5.18 39.63
C SER C 208 -36.21 -3.83 40.26
N LEU C 209 -35.95 -2.83 39.43
CA LEU C 209 -35.62 -1.49 39.94
C LEU C 209 -36.85 -0.85 40.57
N LEU C 210 -36.61 0.16 41.35
CA LEU C 210 -37.73 0.93 41.93
C LEU C 210 -37.16 2.32 42.17
N ILE C 211 -37.67 3.30 41.47
CA ILE C 211 -37.26 4.69 41.74
C ILE C 211 -38.51 5.43 42.20
N VAL C 212 -38.46 5.98 43.39
CA VAL C 212 -39.61 6.77 43.88
C VAL C 212 -39.12 8.01 44.62
N ASN C 213 -39.88 9.09 44.51
CA ASN C 213 -39.58 10.28 45.34
C ASN C 213 -40.24 10.11 46.72
N ASN C 214 -39.62 10.67 47.74
CA ASN C 214 -40.16 10.56 49.12
C ASN C 214 -40.32 11.98 49.67
N ALA C 215 -40.35 12.12 51.00
CA ALA C 215 -40.61 13.46 51.57
C ALA C 215 -39.54 14.46 51.12
N THR C 216 -38.26 14.08 51.14
CA THR C 216 -37.25 15.03 50.61
C THR C 216 -36.28 14.37 49.64
N ASN C 217 -36.08 13.07 49.73
CA ASN C 217 -35.01 12.42 48.93
C ASN C 217 -35.59 11.44 47.91
N VAL C 218 -34.70 10.73 47.24
CA VAL C 218 -35.13 9.75 46.21
C VAL C 218 -34.59 8.39 46.61
N VAL C 219 -35.28 7.33 46.19
CA VAL C 219 -34.85 5.97 46.61
C VAL C 219 -34.65 5.11 45.39
N ILE C 220 -33.58 4.33 45.39
CA ILE C 220 -33.35 3.34 44.30
C ILE C 220 -33.06 2.00 44.97
N LYS C 221 -33.78 0.96 44.58
CA LYS C 221 -33.56 -0.33 45.25
C LYS C 221 -33.65 -1.44 44.22
N VAL C 222 -32.94 -2.52 44.47
CA VAL C 222 -33.03 -3.70 43.58
C VAL C 222 -33.21 -4.93 44.45
N CYS C 223 -34.43 -5.42 44.56
CA CYS C 223 -34.66 -6.68 45.30
C CYS C 223 -35.92 -7.30 44.73
N GLU C 224 -35.98 -8.62 44.68
CA GLU C 224 -37.13 -9.25 44.00
C GLU C 224 -38.32 -9.37 44.94
N PHE C 225 -38.96 -8.23 45.25
CA PHE C 225 -40.16 -8.33 46.10
C PHE C 225 -41.41 -8.49 45.25
N GLN C 226 -42.46 -9.03 45.85
CA GLN C 226 -43.75 -9.14 45.14
C GLN C 226 -44.26 -7.73 44.82
N PHE C 227 -44.72 -7.57 43.57
CA PHE C 227 -45.14 -6.22 43.14
C PHE C 227 -46.60 -6.01 43.49
N CYS C 228 -46.94 -4.79 43.88
CA CYS C 228 -48.37 -4.48 44.12
C CYS C 228 -49.10 -4.69 42.79
N ASN C 229 -50.28 -5.29 42.82
CA ASN C 229 -50.93 -5.63 41.52
C ASN C 229 -51.21 -4.35 40.76
N ASP C 230 -51.65 -3.31 41.45
CA ASP C 230 -51.89 -2.01 40.79
C ASP C 230 -51.12 -1.00 41.62
N PRO C 231 -49.80 -0.87 41.43
CA PRO C 231 -49.02 -0.02 42.30
C PRO C 231 -49.43 1.45 42.21
N PHE C 232 -49.36 2.12 43.35
CA PHE C 232 -49.62 3.57 43.37
C PHE C 232 -49.11 4.12 44.69
N LEU C 233 -49.21 5.43 44.87
CA LEU C 233 -48.69 6.07 46.10
C LEU C 233 -49.79 6.94 46.70
N GLY C 234 -49.65 7.23 47.99
CA GLY C 234 -50.69 8.04 48.67
C GLY C 234 -50.82 9.41 48.05
N VAL C 235 -52.06 9.86 47.88
CA VAL C 235 -52.29 11.16 47.20
C VAL C 235 -52.23 12.28 48.23
N THR C 259 -30.79 -2.88 46.98
CA THR C 259 -29.33 -2.93 47.23
C THR C 259 -28.69 -1.56 47.00
N PHE C 260 -29.48 -0.49 47.06
CA PHE C 260 -28.91 0.84 46.75
C PHE C 260 -29.70 1.94 47.43
N GLU C 261 -29.21 3.17 47.33
CA GLU C 261 -29.95 4.36 47.80
C GLU C 261 -29.16 5.54 47.27
N TYR C 262 -29.82 6.63 46.90
CA TYR C 262 -29.11 7.84 46.47
C TYR C 262 -29.90 9.07 46.89
N VAL C 263 -29.38 10.25 46.57
CA VAL C 263 -30.11 11.50 46.84
C VAL C 263 -30.03 12.36 45.58
N SER C 264 -31.04 13.22 45.35
CA SER C 264 -31.11 14.01 44.11
C SER C 264 -30.22 15.23 44.23
N PHE C 278 -49.18 23.48 32.62
CA PHE C 278 -47.97 22.74 33.08
C PHE C 278 -46.69 23.49 32.76
N LYS C 279 -46.13 24.15 33.77
CA LYS C 279 -44.88 24.91 33.56
C LYS C 279 -43.73 23.98 33.25
N ASN C 280 -43.67 22.80 33.89
CA ASN C 280 -42.48 21.95 33.71
C ASN C 280 -42.80 20.60 33.07
N LEU C 281 -41.90 20.13 32.21
CA LEU C 281 -42.05 18.79 31.60
C LEU C 281 -40.76 18.02 31.86
N ARG C 282 -40.88 16.86 32.47
CA ARG C 282 -39.70 16.02 32.72
C ARG C 282 -39.51 15.08 31.53
N GLU C 283 -38.31 15.09 30.96
CA GLU C 283 -38.00 14.18 29.85
C GLU C 283 -36.91 13.23 30.32
N PHE C 284 -37.04 11.97 29.95
CA PHE C 284 -36.09 10.97 30.44
C PHE C 284 -35.77 9.95 29.38
N VAL C 285 -34.56 9.45 29.41
CA VAL C 285 -34.16 8.35 28.51
C VAL C 285 -33.54 7.28 29.40
N PHE C 286 -34.02 6.06 29.25
CA PHE C 286 -33.48 4.94 30.04
C PHE C 286 -32.85 3.97 29.08
N LYS C 287 -31.70 3.43 29.43
CA LYS C 287 -31.11 2.42 28.54
C LYS C 287 -30.38 1.37 29.37
N ASN C 288 -30.60 0.11 29.04
CA ASN C 288 -29.85 -0.96 29.72
C ASN C 288 -28.73 -1.33 28.77
N ILE C 289 -27.57 -0.76 29.00
CA ILE C 289 -26.41 -1.05 28.12
C ILE C 289 -25.25 -1.58 28.96
N ASP C 290 -24.60 -2.64 28.50
CA ASP C 290 -23.36 -3.13 29.15
C ASP C 290 -23.63 -3.59 30.59
N GLY C 291 -24.86 -3.99 30.87
CA GLY C 291 -25.17 -4.35 32.25
C GLY C 291 -25.26 -3.15 33.18
N TYR C 292 -25.36 -1.95 32.61
CA TYR C 292 -25.55 -0.75 33.46
C TYR C 292 -26.85 -0.07 33.07
N PHE C 293 -27.34 0.77 33.97
CA PHE C 293 -28.58 1.53 33.71
C PHE C 293 -28.22 3.00 33.63
N LYS C 294 -28.55 3.63 32.49
CA LYS C 294 -28.17 5.05 32.29
C LYS C 294 -29.40 5.93 32.20
N ILE C 295 -29.33 7.11 32.79
CA ILE C 295 -30.51 8.00 32.82
C ILE C 295 -30.13 9.39 32.36
N TYR C 296 -30.96 10.01 31.54
CA TYR C 296 -30.73 11.39 31.08
C TYR C 296 -31.97 12.23 31.33
N SER C 297 -31.80 13.51 31.57
CA SER C 297 -33.00 14.28 31.94
C SER C 297 -32.91 15.76 31.65
N LYS C 298 -34.06 16.41 31.57
CA LYS C 298 -34.12 17.88 31.41
C LYS C 298 -35.47 18.34 31.95
N HIS C 299 -35.54 19.56 32.49
CA HIS C 299 -36.79 20.01 33.16
C HIS C 299 -37.71 20.80 32.22
N THR C 300 -37.16 21.45 31.20
CA THR C 300 -38.04 22.07 30.18
C THR C 300 -39.15 22.93 30.76
N PRO C 301 -38.89 24.13 31.30
CA PRO C 301 -39.99 24.97 31.76
C PRO C 301 -40.70 25.73 30.65
N ILE C 302 -41.75 25.11 30.09
CA ILE C 302 -42.57 25.79 29.06
C ILE C 302 -44.04 25.73 29.47
N ASN C 303 -44.88 26.60 28.92
CA ASN C 303 -46.33 26.54 29.18
C ASN C 303 -47.07 25.97 27.98
N LEU C 304 -47.48 24.72 28.08
CA LEU C 304 -48.29 24.11 27.00
C LEU C 304 -49.40 23.33 27.68
N VAL C 305 -50.49 23.09 26.96
CA VAL C 305 -51.66 22.47 27.63
C VAL C 305 -51.94 21.04 27.16
N ARG C 306 -51.75 20.72 25.88
CA ARG C 306 -52.22 19.38 25.46
C ARG C 306 -51.19 18.42 24.86
N ASP C 307 -50.04 18.89 24.37
CA ASP C 307 -49.16 17.93 23.67
C ASP C 307 -47.68 18.26 23.85
N LEU C 308 -46.84 17.59 23.07
CA LEU C 308 -45.37 17.81 23.13
C LEU C 308 -45.04 19.18 22.58
N PRO C 309 -43.98 19.82 23.06
CA PRO C 309 -43.53 21.06 22.46
C PRO C 309 -42.81 20.91 21.13
N GLN C 310 -42.94 21.91 20.26
CA GLN C 310 -42.20 21.89 18.97
C GLN C 310 -40.72 22.27 19.14
N GLY C 311 -40.33 22.84 20.29
CA GLY C 311 -38.96 23.32 20.49
C GLY C 311 -37.93 22.20 20.60
N PHE C 312 -36.65 22.57 20.59
CA PHE C 312 -35.58 21.55 20.64
C PHE C 312 -34.76 21.65 21.91
N SER C 313 -34.37 20.51 22.48
CA SER C 313 -33.45 20.53 23.64
C SER C 313 -32.78 19.17 23.77
N ALA C 314 -31.62 19.12 24.41
CA ALA C 314 -30.86 17.86 24.51
C ALA C 314 -30.69 17.49 25.97
N LEU C 315 -30.87 16.22 26.29
CA LEU C 315 -30.88 15.80 27.71
C LEU C 315 -29.49 15.55 28.26
N GLU C 316 -29.14 16.23 29.34
CA GLU C 316 -27.84 15.99 29.99
C GLU C 316 -27.87 14.71 30.81
N PRO C 317 -26.74 14.00 30.95
CA PRO C 317 -26.74 12.75 31.68
C PRO C 317 -26.97 12.94 33.19
N LEU C 318 -27.58 11.94 33.83
CA LEU C 318 -27.92 12.12 35.26
C LEU C 318 -27.15 11.13 36.13
N VAL C 319 -27.20 9.84 35.78
CA VAL C 319 -26.54 8.84 36.66
C VAL C 319 -26.34 7.56 35.90
N ASP C 320 -25.38 6.76 36.32
CA ASP C 320 -25.20 5.40 35.76
C ASP C 320 -25.23 4.46 36.96
N LEU C 321 -26.07 3.45 36.89
CA LEU C 321 -26.17 2.49 38.01
C LEU C 321 -25.93 1.09 37.46
N PRO C 322 -24.95 0.33 37.98
CA PRO C 322 -24.76 -1.03 37.52
C PRO C 322 -25.75 -1.94 38.26
N ILE C 323 -26.62 -2.60 37.51
CA ILE C 323 -27.69 -3.42 38.14
C ILE C 323 -27.54 -4.88 37.70
N GLY C 324 -27.12 -5.12 36.46
CA GLY C 324 -26.99 -6.50 35.96
C GLY C 324 -28.27 -7.28 35.97
N ILE C 325 -29.39 -6.67 35.54
CA ILE C 325 -30.65 -7.44 35.45
C ILE C 325 -31.27 -7.36 34.06
N ASN C 326 -31.94 -8.43 33.65
CA ASN C 326 -32.53 -8.50 32.30
C ASN C 326 -33.85 -7.75 32.32
N ILE C 327 -33.77 -6.43 32.17
CA ILE C 327 -35.02 -5.65 32.08
C ILE C 327 -35.70 -5.91 30.74
N THR C 328 -36.99 -6.22 30.77
CA THR C 328 -37.74 -6.48 29.53
C THR C 328 -39.01 -5.65 29.54
N ARG C 329 -39.52 -5.33 30.73
CA ARG C 329 -40.80 -4.61 30.81
C ARG C 329 -40.72 -3.64 31.97
N PHE C 330 -41.63 -2.70 31.99
CA PHE C 330 -41.59 -1.69 33.08
C PHE C 330 -42.98 -1.11 33.29
N GLN C 331 -43.15 -0.47 34.43
CA GLN C 331 -44.45 0.14 34.76
C GLN C 331 -44.17 1.56 35.21
N THR C 332 -45.21 2.23 35.69
CA THR C 332 -44.97 3.57 36.26
C THR C 332 -45.74 3.69 37.56
N LEU C 333 -45.26 4.55 38.44
CA LEU C 333 -45.89 4.67 39.78
C LEU C 333 -46.53 6.05 39.87
N LEU C 334 -47.82 6.09 40.21
CA LEU C 334 -48.53 7.39 40.24
C LEU C 334 -49.39 7.54 41.51
N ALA C 355 -50.21 15.42 34.00
CA ALA C 355 -51.07 14.32 34.44
C ALA C 355 -51.11 13.23 33.37
N ALA C 356 -50.14 13.25 32.45
CA ALA C 356 -50.04 12.17 31.45
C ALA C 356 -48.60 12.03 31.02
N TYR C 357 -48.30 10.88 30.44
CA TYR C 357 -46.90 10.62 30.04
C TYR C 357 -46.83 9.87 28.72
N TYR C 358 -45.81 10.18 27.92
CA TYR C 358 -45.62 9.57 26.59
C TYR C 358 -44.40 8.67 26.62
N VAL C 359 -44.52 7.52 25.99
CA VAL C 359 -43.42 6.53 26.00
C VAL C 359 -43.00 6.20 24.59
N GLY C 360 -41.72 6.37 24.30
CA GLY C 360 -41.20 6.13 22.95
C GLY C 360 -39.99 5.24 23.01
N TYR C 361 -39.93 4.28 22.11
CA TYR C 361 -38.84 3.29 22.21
C TYR C 361 -37.67 3.73 21.34
N LEU C 362 -36.49 3.75 21.95
CA LEU C 362 -35.28 4.12 21.21
C LEU C 362 -34.93 3.04 20.20
N GLN C 363 -34.34 3.46 19.09
CA GLN C 363 -33.92 2.50 18.05
C GLN C 363 -32.52 2.90 17.62
N PRO C 364 -31.67 1.97 17.16
CA PRO C 364 -30.30 2.35 16.85
C PRO C 364 -30.22 3.16 15.56
N ARG C 365 -29.86 4.44 15.67
CA ARG C 365 -29.90 5.33 14.50
C ARG C 365 -28.69 6.25 14.51
N THR C 366 -28.13 6.49 13.33
CA THR C 366 -26.99 7.41 13.22
C THR C 366 -27.48 8.83 13.33
N PHE C 367 -26.84 9.63 14.15
CA PHE C 367 -27.22 11.04 14.22
C PHE C 367 -26.01 11.92 13.99
N LEU C 368 -26.25 13.04 13.32
CA LEU C 368 -25.20 14.04 13.07
C LEU C 368 -25.61 15.19 13.96
N LEU C 369 -24.75 15.57 14.89
CA LEU C 369 -25.13 16.58 15.88
C LEU C 369 -24.38 17.88 15.66
N LYS C 370 -25.07 18.97 15.90
CA LYS C 370 -24.48 20.30 15.70
C LYS C 370 -24.24 20.97 17.04
N TYR C 371 -23.03 21.42 17.29
CA TYR C 371 -22.74 22.13 18.53
C TYR C 371 -22.55 23.60 18.22
N ASN C 372 -23.09 24.45 19.08
CA ASN C 372 -22.99 25.91 18.88
C ASN C 372 -21.68 26.44 19.47
N GLU C 373 -21.46 27.74 19.36
CA GLU C 373 -20.18 28.30 19.84
C GLU C 373 -20.07 28.09 21.34
N ASN C 374 -21.17 28.25 22.06
CA ASN C 374 -21.14 28.11 23.52
C ASN C 374 -20.86 26.66 23.92
N GLY C 375 -20.99 25.74 22.98
CA GLY C 375 -20.75 24.31 23.28
C GLY C 375 -21.99 23.50 23.59
N THR C 376 -23.17 24.06 23.39
CA THR C 376 -24.42 23.32 23.64
C THR C 376 -25.09 22.88 22.34
N ILE C 377 -25.66 21.68 22.34
CA ILE C 377 -26.34 21.17 21.13
C ILE C 377 -27.51 22.08 20.81
N THR C 378 -27.69 22.36 19.53
CA THR C 378 -28.83 23.19 19.11
C THR C 378 -29.66 22.47 18.06
N ASP C 379 -29.07 21.57 17.28
CA ASP C 379 -29.83 20.92 16.20
C ASP C 379 -29.24 19.54 15.93
N ALA C 380 -29.91 18.79 15.08
CA ALA C 380 -29.45 17.44 14.74
C ALA C 380 -30.20 16.98 13.51
N VAL C 381 -29.73 15.90 12.89
CA VAL C 381 -30.49 15.35 11.74
C VAL C 381 -30.60 13.84 11.89
N ASP C 382 -31.76 13.31 11.54
CA ASP C 382 -31.97 11.85 11.60
C ASP C 382 -31.50 11.34 10.25
N CYS C 383 -30.47 10.51 10.27
CA CYS C 383 -29.84 10.12 8.99
C CYS C 383 -30.62 9.03 8.28
N ALA C 384 -31.80 8.67 8.75
CA ALA C 384 -32.64 7.72 7.98
C ALA C 384 -34.07 8.23 7.84
N LEU C 385 -34.36 9.43 8.27
CA LEU C 385 -35.75 9.94 8.25
C LEU C 385 -36.24 10.08 6.80
N ASP C 386 -35.42 10.62 5.92
CA ASP C 386 -35.86 10.90 4.53
C ASP C 386 -34.62 11.00 3.66
N PRO C 387 -34.73 11.02 2.32
CA PRO C 387 -33.53 11.16 1.53
C PRO C 387 -32.75 12.46 1.79
N LEU C 388 -33.47 13.55 1.99
CA LEU C 388 -32.75 14.83 2.14
C LEU C 388 -31.86 14.72 3.35
N SER C 389 -32.35 14.12 4.42
CA SER C 389 -31.56 14.01 5.66
C SER C 389 -30.34 13.14 5.37
N GLU C 390 -30.52 12.09 4.60
CA GLU C 390 -29.39 11.18 4.35
C GLU C 390 -28.28 11.94 3.64
N THR C 391 -28.61 12.81 2.69
CA THR C 391 -27.57 13.63 2.06
C THR C 391 -26.98 14.61 3.05
N LYS C 392 -27.81 15.18 3.91
CA LYS C 392 -27.26 16.19 4.83
C LYS C 392 -26.28 15.46 5.72
N CYS C 393 -26.43 14.15 5.85
CA CYS C 393 -25.61 13.35 6.77
C CYS C 393 -24.41 12.75 6.05
N THR C 394 -24.43 12.67 4.74
CA THR C 394 -23.24 12.18 4.00
C THR C 394 -22.26 13.30 3.75
N LEU C 395 -22.75 14.53 3.58
CA LEU C 395 -21.87 15.69 3.30
C LEU C 395 -21.39 16.28 4.62
N LYS C 396 -21.93 15.81 5.75
CA LYS C 396 -21.62 16.38 7.07
C LYS C 396 -21.94 17.87 7.07
N SER C 397 -23.09 18.22 6.54
CA SER C 397 -23.49 19.64 6.62
C SER C 397 -25.00 19.78 6.77
N PHE C 398 -25.45 20.96 7.19
CA PHE C 398 -26.91 21.21 7.24
C PHE C 398 -27.35 22.08 6.07
N THR C 399 -26.41 22.52 5.24
CA THR C 399 -26.81 23.26 4.03
C THR C 399 -26.40 22.39 2.85
N VAL C 400 -27.34 22.18 1.93
CA VAL C 400 -26.99 21.42 0.71
C VAL C 400 -27.22 22.30 -0.51
N GLU C 401 -26.17 22.52 -1.29
CA GLU C 401 -26.29 23.34 -2.50
C GLU C 401 -27.00 22.55 -3.58
N LYS C 402 -27.55 23.24 -4.56
CA LYS C 402 -28.33 22.52 -5.58
C LYS C 402 -27.45 21.54 -6.32
N GLY C 403 -28.04 20.41 -6.69
CA GLY C 403 -27.28 19.43 -7.46
C GLY C 403 -27.75 18.03 -7.21
N ILE C 404 -27.06 17.06 -7.78
CA ILE C 404 -27.38 15.64 -7.56
C ILE C 404 -26.29 15.13 -6.63
N TYR C 405 -26.69 14.45 -5.57
CA TYR C 405 -25.73 13.91 -4.60
C TYR C 405 -25.91 12.42 -4.44
N GLN C 406 -24.85 11.66 -4.58
CA GLN C 406 -24.94 10.23 -4.34
C GLN C 406 -25.04 10.05 -2.83
N THR C 407 -25.97 9.23 -2.39
CA THR C 407 -26.17 9.05 -0.95
C THR C 407 -26.02 7.57 -0.65
N SER C 408 -26.46 7.15 0.52
CA SER C 408 -26.24 5.73 0.90
C SER C 408 -26.92 4.83 -0.12
N ASN C 409 -26.44 3.61 -0.24
CA ASN C 409 -26.94 2.70 -1.29
C ASN C 409 -28.30 2.10 -0.90
N PHE C 410 -28.74 1.15 -1.68
CA PHE C 410 -30.04 0.49 -1.43
C PHE C 410 -29.81 -1.01 -1.46
N ARG C 411 -30.59 -1.77 -0.71
CA ARG C 411 -30.47 -3.24 -0.77
C ARG C 411 -31.80 -3.88 -0.39
N VAL C 412 -32.23 -4.88 -1.15
CA VAL C 412 -33.47 -5.59 -0.79
C VAL C 412 -33.12 -6.64 0.26
N GLN C 413 -33.78 -6.58 1.40
CA GLN C 413 -33.44 -7.51 2.50
C GLN C 413 -34.09 -8.88 2.28
N PRO C 414 -33.62 -9.93 2.96
CA PRO C 414 -34.21 -11.25 2.76
C PRO C 414 -35.59 -11.41 3.38
N THR C 415 -36.34 -12.40 2.89
CA THR C 415 -37.66 -12.70 3.48
C THR C 415 -37.55 -13.86 4.49
N GLU C 416 -37.02 -15.00 4.06
CA GLU C 416 -36.96 -16.18 4.93
C GLU C 416 -35.53 -16.45 5.39
N SER C 417 -35.34 -17.53 6.14
CA SER C 417 -33.97 -17.97 6.53
C SER C 417 -33.90 -19.47 6.22
N ILE C 418 -33.84 -19.83 4.94
CA ILE C 418 -33.90 -21.27 4.61
C ILE C 418 -32.66 -22.01 5.08
N VAL C 419 -32.82 -23.29 5.41
CA VAL C 419 -31.66 -24.17 5.71
C VAL C 419 -31.88 -25.47 4.95
N ARG C 420 -30.87 -25.95 4.25
CA ARG C 420 -31.01 -27.27 3.60
C ARG C 420 -29.80 -28.16 3.95
N PHE C 421 -30.06 -29.32 4.54
CA PHE C 421 -28.97 -30.27 4.85
C PHE C 421 -29.39 -31.62 4.31
N PRO C 422 -28.47 -32.53 3.94
CA PRO C 422 -28.88 -33.75 3.31
C PRO C 422 -29.64 -34.69 4.23
N ASN C 423 -30.42 -35.59 3.65
CA ASN C 423 -31.28 -36.50 4.46
C ASN C 423 -30.47 -37.70 4.94
N ILE C 424 -29.48 -37.44 5.79
CA ILE C 424 -28.68 -38.55 6.36
C ILE C 424 -29.14 -38.75 7.81
N THR C 425 -29.33 -40.02 8.21
CA THR C 425 -29.96 -40.27 9.53
C THR C 425 -29.01 -40.85 10.57
N ASN C 426 -27.85 -41.30 10.15
CA ASN C 426 -26.95 -41.98 11.12
C ASN C 426 -26.46 -41.00 12.17
N LEU C 427 -26.18 -41.51 13.36
CA LEU C 427 -25.57 -40.65 14.40
C LEU C 427 -24.09 -41.02 14.53
N CYS C 428 -23.22 -40.04 14.40
CA CYS C 428 -21.77 -40.35 14.35
C CYS C 428 -21.31 -40.93 15.68
N PRO C 429 -20.53 -42.02 15.65
CA PRO C 429 -20.02 -42.61 16.87
C PRO C 429 -18.80 -41.91 17.47
N PHE C 430 -19.06 -40.87 18.26
CA PHE C 430 -17.95 -40.14 18.93
C PHE C 430 -17.66 -40.68 20.32
N GLY C 431 -18.64 -41.20 21.01
CA GLY C 431 -18.34 -41.85 22.30
C GLY C 431 -17.45 -43.07 22.09
N GLU C 432 -17.68 -43.84 21.04
CA GLU C 432 -16.90 -45.09 20.89
C GLU C 432 -15.43 -44.77 20.67
N VAL C 433 -15.11 -43.54 20.27
CA VAL C 433 -13.67 -43.15 20.13
C VAL C 433 -13.24 -42.31 21.33
N PHE C 434 -14.12 -42.11 22.31
CA PHE C 434 -13.82 -41.24 23.47
C PHE C 434 -14.04 -42.00 24.79
N ASN C 435 -14.74 -43.15 24.74
CA ASN C 435 -14.92 -43.98 25.95
C ASN C 435 -14.36 -45.38 25.73
N ALA C 436 -13.63 -45.59 24.65
CA ALA C 436 -13.16 -46.95 24.32
C ALA C 436 -12.18 -47.48 25.36
N THR C 437 -12.17 -48.79 25.52
CA THR C 437 -11.28 -49.43 26.51
C THR C 437 -9.81 -49.30 26.13
N ARG C 438 -9.47 -49.59 24.86
CA ARG C 438 -8.03 -49.66 24.51
C ARG C 438 -7.67 -48.61 23.47
N PHE C 439 -6.58 -47.88 23.72
CA PHE C 439 -6.06 -46.91 22.73
C PHE C 439 -4.68 -47.35 22.31
N ALA C 440 -4.41 -47.30 21.02
CA ALA C 440 -3.13 -47.79 20.50
C ALA C 440 -2.03 -46.82 20.89
N SER C 441 -0.80 -47.32 20.87
CA SER C 441 0.35 -46.47 21.24
C SER C 441 0.55 -45.37 20.22
N VAL C 442 1.22 -44.30 20.61
CA VAL C 442 1.37 -43.13 19.71
C VAL C 442 2.15 -43.53 18.48
N TYR C 443 2.98 -44.56 18.57
CA TYR C 443 3.82 -44.89 17.39
C TYR C 443 3.00 -45.67 16.37
N ALA C 444 1.78 -46.08 16.72
CA ALA C 444 0.93 -46.85 15.79
C ALA C 444 -0.49 -46.30 15.87
N TRP C 445 -0.63 -44.98 15.88
CA TRP C 445 -1.97 -44.38 16.11
C TRP C 445 -2.98 -44.86 15.08
N ASN C 446 -4.13 -45.29 15.56
CA ASN C 446 -5.17 -45.82 14.65
C ASN C 446 -6.00 -44.67 14.10
N ARG C 447 -6.44 -44.81 12.85
CA ARG C 447 -7.25 -43.76 12.21
C ARG C 447 -8.61 -44.35 11.90
N LYS C 448 -9.64 -43.75 12.50
CA LYS C 448 -11.01 -44.28 12.30
C LYS C 448 -11.78 -43.25 11.51
N ARG C 449 -12.28 -43.65 10.35
CA ARG C 449 -13.00 -42.70 9.48
C ARG C 449 -14.37 -42.42 10.05
N ILE C 450 -14.73 -41.14 10.10
CA ILE C 450 -16.10 -40.79 10.56
C ILE C 450 -16.80 -40.17 9.37
N SER C 451 -17.86 -40.83 8.92
CA SER C 451 -18.55 -40.34 7.70
C SER C 451 -19.94 -40.98 7.62
N ASN C 452 -20.77 -40.49 6.70
CA ASN C 452 -22.10 -41.08 6.48
C ASN C 452 -22.94 -41.01 7.75
N CYS C 453 -22.91 -39.87 8.43
CA CYS C 453 -23.65 -39.77 9.70
C CYS C 453 -23.91 -38.32 10.08
N VAL C 454 -24.50 -38.11 11.24
CA VAL C 454 -24.73 -36.75 11.77
C VAL C 454 -24.05 -36.69 13.13
N ALA C 455 -23.55 -35.53 13.51
CA ALA C 455 -22.72 -35.42 14.72
C ALA C 455 -23.26 -34.38 15.66
N ASP C 456 -22.70 -34.35 16.86
CA ASP C 456 -23.08 -33.31 17.86
C ASP C 456 -21.86 -33.04 18.72
N TYR C 457 -21.07 -32.05 18.32
CA TYR C 457 -19.82 -31.77 19.05
C TYR C 457 -20.10 -31.00 20.33
N SER C 458 -21.32 -30.50 20.50
CA SER C 458 -21.65 -29.69 21.69
C SER C 458 -21.47 -30.53 22.96
N VAL C 459 -21.98 -31.75 22.96
CA VAL C 459 -21.79 -32.63 24.13
C VAL C 459 -20.31 -32.94 24.29
N LEU C 460 -19.61 -33.14 23.18
CA LEU C 460 -18.18 -33.53 23.27
C LEU C 460 -17.37 -32.43 23.96
N TYR C 461 -17.59 -31.17 23.62
CA TYR C 461 -16.73 -30.14 24.26
C TYR C 461 -17.32 -29.64 25.57
N ASN C 462 -18.63 -29.72 25.73
CA ASN C 462 -19.28 -29.24 26.98
C ASN C 462 -18.89 -30.12 28.15
N SER C 463 -18.77 -31.42 27.93
CA SER C 463 -18.54 -32.35 29.06
C SER C 463 -17.29 -31.95 29.83
N ALA C 464 -17.39 -31.96 31.15
CA ALA C 464 -16.26 -31.54 32.02
C ALA C 464 -15.11 -32.56 31.95
N SER C 465 -15.35 -33.74 31.40
CA SER C 465 -14.33 -34.82 31.40
C SER C 465 -13.10 -34.39 30.61
N PHE C 466 -13.29 -33.48 29.65
CA PHE C 466 -12.19 -33.07 28.76
C PHE C 466 -11.52 -31.86 29.38
N SER C 467 -10.46 -32.11 30.16
CA SER C 467 -9.66 -31.01 30.73
C SER C 467 -8.89 -30.30 29.62
N THR C 468 -8.58 -31.02 28.53
CA THR C 468 -7.93 -30.35 27.37
C THR C 468 -8.80 -30.49 26.12
N PHE C 469 -9.16 -29.35 25.52
CA PHE C 469 -9.93 -29.38 24.24
C PHE C 469 -9.57 -28.13 23.47
N LYS C 470 -8.76 -28.28 22.42
CA LYS C 470 -8.26 -27.08 21.71
C LYS C 470 -8.56 -27.19 20.22
N CYS C 471 -9.24 -26.18 19.69
CA CYS C 471 -9.62 -26.18 18.26
C CYS C 471 -8.74 -25.20 17.50
N TYR C 472 -8.35 -25.60 16.29
CA TYR C 472 -7.46 -24.78 15.47
C TYR C 472 -8.14 -24.48 14.14
N GLY C 473 -8.30 -23.19 13.85
CA GLY C 473 -8.86 -22.77 12.55
C GLY C 473 -10.36 -22.81 12.52
N VAL C 474 -11.01 -23.29 13.59
CA VAL C 474 -12.49 -23.30 13.68
C VAL C 474 -12.81 -23.03 15.14
N SER C 475 -13.92 -22.38 15.41
CA SER C 475 -14.23 -22.17 16.83
C SER C 475 -15.38 -23.09 17.20
N PRO C 476 -15.32 -23.78 18.35
CA PRO C 476 -16.30 -24.81 18.65
C PRO C 476 -17.75 -24.33 18.70
N THR C 477 -17.96 -23.07 19.03
CA THR C 477 -19.34 -22.56 19.26
C THR C 477 -20.22 -22.83 18.04
N LYS C 478 -19.64 -22.81 16.84
CA LYS C 478 -20.47 -22.97 15.62
C LYS C 478 -20.18 -24.29 14.90
N LEU C 479 -19.63 -25.28 15.59
CA LEU C 479 -19.39 -26.58 14.93
C LEU C 479 -20.72 -27.26 14.61
N ASN C 480 -21.78 -26.94 15.34
CA ASN C 480 -23.06 -27.69 15.18
C ASN C 480 -23.67 -27.48 13.80
N ASP C 481 -23.63 -26.26 13.28
CA ASP C 481 -24.38 -25.96 12.02
C ASP C 481 -23.52 -26.01 10.75
N LEU C 482 -22.25 -26.41 10.84
CA LEU C 482 -21.46 -26.52 9.59
C LEU C 482 -21.09 -27.97 9.28
N CYS C 483 -21.30 -28.39 8.03
CA CYS C 483 -21.05 -29.78 7.58
C CYS C 483 -19.61 -29.96 7.11
N PHE C 484 -19.16 -31.21 7.04
CA PHE C 484 -17.75 -31.49 6.65
C PHE C 484 -17.72 -32.69 5.73
N THR C 485 -16.74 -32.70 4.83
CA THR C 485 -16.64 -33.80 3.84
C THR C 485 -16.20 -35.08 4.51
N ASN C 486 -15.15 -35.00 5.33
CA ASN C 486 -14.68 -36.19 6.06
C ASN C 486 -14.05 -35.74 7.36
N VAL C 487 -14.20 -36.57 8.40
CA VAL C 487 -13.58 -36.26 9.70
C VAL C 487 -12.71 -37.46 10.05
N TYR C 488 -11.49 -37.18 10.48
CA TYR C 488 -10.56 -38.25 10.86
C TYR C 488 -10.40 -38.26 12.36
N ALA C 489 -10.51 -39.43 12.98
CA ALA C 489 -10.24 -39.52 14.42
C ALA C 489 -9.04 -40.43 14.63
N ASP C 490 -7.98 -39.88 15.19
CA ASP C 490 -6.75 -40.67 15.45
C ASP C 490 -6.59 -40.83 16.96
N SER C 491 -6.54 -42.07 17.42
CA SER C 491 -6.46 -42.29 18.87
C SER C 491 -5.04 -42.68 19.27
N PHE C 492 -4.49 -41.98 20.25
CA PHE C 492 -3.18 -42.39 20.81
C PHE C 492 -3.05 -41.80 22.21
N VAL C 493 -2.34 -42.51 23.08
CA VAL C 493 -2.19 -42.04 24.49
C VAL C 493 -0.76 -41.61 24.71
N ILE C 494 -0.59 -40.39 25.20
CA ILE C 494 0.78 -39.82 25.32
C ILE C 494 1.06 -39.55 26.78
N ARG C 495 2.33 -39.36 27.08
CA ARG C 495 2.68 -39.03 28.47
C ARG C 495 2.17 -37.63 28.76
N GLY C 496 1.92 -37.34 30.01
CA GLY C 496 1.28 -36.06 30.34
C GLY C 496 2.10 -34.86 29.95
N ASP C 497 3.41 -34.94 30.10
CA ASP C 497 4.22 -33.71 29.93
C ASP C 497 4.26 -33.25 28.47
N GLU C 498 3.82 -34.09 27.54
CA GLU C 498 4.01 -33.74 26.10
C GLU C 498 2.70 -33.41 25.39
N VAL C 499 1.65 -33.08 26.11
CA VAL C 499 0.40 -32.64 25.45
C VAL C 499 0.53 -31.28 24.77
N ARG C 500 1.16 -30.32 25.42
CA ARG C 500 1.14 -28.94 24.86
C ARG C 500 2.03 -28.81 23.62
N GLN C 501 2.94 -29.73 23.40
CA GLN C 501 3.75 -29.68 22.15
C GLN C 501 2.96 -30.14 20.93
N ILE C 502 1.98 -31.02 21.11
CA ILE C 502 1.30 -31.56 19.89
C ILE C 502 0.30 -30.54 19.37
N ALA C 503 0.82 -29.54 18.64
CA ALA C 503 -0.02 -28.47 18.08
C ALA C 503 0.66 -28.06 16.78
N PRO C 504 -0.06 -27.47 15.81
CA PRO C 504 0.57 -27.13 14.56
C PRO C 504 1.66 -26.08 14.76
N GLY C 505 2.86 -26.40 14.29
CA GLY C 505 3.98 -25.45 14.34
C GLY C 505 4.98 -25.77 15.42
N GLN C 506 4.56 -26.56 16.41
CA GLN C 506 5.45 -26.85 17.55
C GLN C 506 6.19 -28.16 17.33
N THR C 507 7.30 -28.31 18.02
CA THR C 507 8.15 -29.51 17.87
C THR C 507 8.34 -30.18 19.22
N GLY C 508 9.24 -31.14 19.26
CA GLY C 508 9.43 -31.96 20.46
C GLY C 508 9.79 -33.34 19.96
N LYS C 509 10.30 -34.20 20.80
CA LYS C 509 10.80 -35.49 20.27
C LYS C 509 9.67 -36.31 19.66
N ILE C 510 8.57 -36.46 20.37
CA ILE C 510 7.40 -37.18 19.79
C ILE C 510 6.79 -36.32 18.69
N ALA C 511 6.76 -35.01 18.90
CA ALA C 511 6.19 -34.10 17.90
C ALA C 511 6.99 -34.21 16.61
N ASP C 512 8.24 -34.65 16.70
CA ASP C 512 9.08 -34.66 15.48
C ASP C 512 9.14 -36.05 14.88
N TYR C 513 9.51 -37.05 15.67
CA TYR C 513 9.77 -38.39 15.07
C TYR C 513 8.60 -39.35 15.30
N ASN C 514 7.55 -38.93 16.01
CA ASN C 514 6.49 -39.89 16.37
C ASN C 514 5.13 -39.49 15.80
N TYR C 515 4.65 -38.29 16.12
CA TYR C 515 3.40 -37.82 15.49
C TYR C 515 3.50 -36.32 15.25
N LYS C 516 3.23 -35.88 14.03
CA LYS C 516 3.26 -34.42 13.77
C LYS C 516 2.06 -33.96 12.96
N LEU C 517 1.59 -32.75 13.26
CA LEU C 517 0.40 -32.16 12.60
C LEU C 517 0.88 -31.21 11.51
N PRO C 518 0.10 -30.94 10.46
CA PRO C 518 0.51 -29.96 9.49
C PRO C 518 0.63 -28.61 10.22
N ASP C 519 1.57 -27.78 9.77
CA ASP C 519 1.70 -26.45 10.39
C ASP C 519 0.47 -25.62 10.05
N ASP C 520 -0.34 -26.05 9.08
CA ASP C 520 -1.57 -25.34 8.67
C ASP C 520 -2.80 -26.19 8.99
N PHE C 521 -2.78 -26.87 10.13
CA PHE C 521 -3.87 -27.81 10.46
C PHE C 521 -5.17 -27.11 10.81
N THR C 522 -6.28 -27.75 10.46
CA THR C 522 -7.60 -27.20 10.86
C THR C 522 -8.38 -28.29 11.59
N GLY C 523 -8.93 -27.94 12.76
CA GLY C 523 -9.72 -28.92 13.51
C GLY C 523 -9.53 -28.73 15.00
N CYS C 524 -9.67 -29.83 15.75
CA CYS C 524 -9.55 -29.75 17.23
C CYS C 524 -8.67 -30.88 17.77
N VAL C 525 -7.97 -30.60 18.86
CA VAL C 525 -7.16 -31.64 19.56
C VAL C 525 -7.77 -31.83 20.94
N ILE C 526 -7.99 -33.09 21.31
CA ILE C 526 -8.69 -33.41 22.59
C ILE C 526 -7.84 -34.32 23.48
N ALA C 527 -7.75 -33.99 24.76
CA ALA C 527 -6.94 -34.78 25.71
C ALA C 527 -7.53 -34.73 27.12
N TRP C 528 -7.29 -35.78 27.91
CA TRP C 528 -7.74 -35.80 29.31
C TRP C 528 -6.95 -36.85 30.09
N ASN C 529 -6.97 -36.75 31.41
CA ASN C 529 -6.26 -37.71 32.28
C ASN C 529 -6.82 -39.13 32.12
N SER C 530 -5.94 -40.11 32.04
CA SER C 530 -6.41 -41.50 31.76
C SER C 530 -5.81 -42.52 32.74
N ASN C 531 -5.36 -42.10 33.90
CA ASN C 531 -4.82 -43.06 34.89
C ASN C 531 -5.92 -44.02 35.33
N ASN C 532 -7.14 -43.53 35.44
CA ASN C 532 -8.22 -44.37 36.02
C ASN C 532 -8.50 -45.63 35.21
N LEU C 533 -8.56 -45.54 33.90
CA LEU C 533 -8.99 -46.72 33.09
C LEU C 533 -7.81 -47.47 32.50
N ASP C 534 -6.70 -46.79 32.21
CA ASP C 534 -5.59 -47.48 31.50
C ASP C 534 -4.50 -47.96 32.46
N SER C 535 -3.99 -47.06 33.31
CA SER C 535 -2.81 -47.41 34.15
C SER C 535 -3.17 -48.47 35.18
N LYS C 536 -2.25 -49.42 35.39
CA LYS C 536 -2.49 -50.52 36.35
C LYS C 536 -1.42 -50.48 37.42
N VAL C 537 -1.79 -50.91 38.62
CA VAL C 537 -0.81 -50.96 39.74
C VAL C 537 0.30 -51.94 39.39
N GLY C 538 1.53 -51.58 39.76
CA GLY C 538 2.69 -52.42 39.43
C GLY C 538 3.37 -51.99 38.16
N GLY C 539 2.77 -51.09 37.39
CA GLY C 539 3.44 -50.56 36.20
C GLY C 539 2.80 -50.99 34.89
N ASN C 540 2.32 -50.02 34.12
CA ASN C 540 1.69 -50.31 32.81
C ASN C 540 2.73 -50.01 31.73
N TYR C 541 3.17 -51.05 31.03
CA TYR C 541 4.25 -50.84 30.04
C TYR C 541 3.85 -51.35 28.66
N ASN C 542 2.57 -51.62 28.43
CA ASN C 542 2.15 -52.24 27.15
C ASN C 542 2.15 -51.19 26.04
N TYR C 543 2.52 -49.94 26.36
CA TYR C 543 2.53 -48.83 25.37
C TYR C 543 3.97 -48.47 25.02
N LEU C 544 4.18 -48.09 23.76
CA LEU C 544 5.55 -47.74 23.31
C LEU C 544 5.47 -46.45 22.50
N TYR C 545 6.62 -45.86 22.22
CA TYR C 545 6.63 -44.70 21.30
C TYR C 545 8.02 -44.57 20.69
N ARG C 546 8.08 -44.08 19.47
CA ARG C 546 9.37 -43.99 18.76
C ARG C 546 10.08 -42.72 19.19
N LEU C 547 11.37 -42.83 19.47
CA LEU C 547 12.09 -41.65 20.00
C LEU C 547 13.15 -41.19 19.00
N PHE C 548 13.93 -42.11 18.46
CA PHE C 548 15.04 -41.71 17.58
C PHE C 548 14.74 -42.20 16.18
N ARG C 549 14.89 -41.31 15.20
CA ARG C 549 14.75 -41.77 13.79
C ARG C 549 15.74 -40.97 12.94
N LYS C 550 16.08 -41.49 11.77
CA LYS C 550 16.96 -40.71 10.87
C LYS C 550 16.24 -39.46 10.39
N SER C 551 14.94 -39.59 10.08
CA SER C 551 14.22 -38.42 9.51
C SER C 551 12.96 -38.10 10.29
N ASN C 552 12.55 -36.84 10.27
CA ASN C 552 11.32 -36.41 10.96
C ASN C 552 10.09 -36.92 10.23
N LEU C 553 8.96 -36.90 10.91
CA LEU C 553 7.73 -37.43 10.29
C LEU C 553 6.93 -36.27 9.71
N LYS C 554 6.60 -36.38 8.44
CA LYS C 554 5.79 -35.33 7.79
C LYS C 554 4.35 -35.51 8.26
N PRO C 555 3.44 -34.56 7.97
CA PRO C 555 2.09 -34.67 8.48
C PRO C 555 1.37 -35.99 8.23
N PHE C 556 0.71 -36.49 9.28
CA PHE C 556 -0.12 -37.72 9.19
C PHE C 556 0.66 -38.89 8.61
N GLU C 557 1.83 -39.16 9.17
CA GLU C 557 2.59 -40.35 8.72
C GLU C 557 2.76 -41.32 9.88
N ARG C 558 2.60 -42.61 9.61
CA ARG C 558 2.67 -43.61 10.70
C ARG C 558 3.81 -44.57 10.40
N ASP C 559 4.69 -44.76 11.38
CA ASP C 559 5.87 -45.65 11.19
C ASP C 559 5.84 -46.77 12.23
N ILE C 560 5.72 -48.01 11.77
CA ILE C 560 5.76 -49.16 12.71
C ILE C 560 6.86 -50.14 12.29
N SER C 561 7.75 -49.72 11.40
CA SER C 561 8.85 -50.61 10.97
C SER C 561 9.75 -50.91 12.17
N THR C 562 10.45 -52.05 12.13
CA THR C 562 11.21 -52.45 13.33
C THR C 562 12.66 -52.73 12.99
N GLU C 563 13.46 -51.67 12.79
CA GLU C 563 14.91 -51.87 12.61
C GLU C 563 15.61 -51.03 13.68
N ILE C 564 16.83 -51.40 14.02
CA ILE C 564 17.53 -50.66 15.12
C ILE C 564 17.86 -49.24 14.66
N TYR C 565 18.06 -48.34 15.61
CA TYR C 565 18.51 -46.99 15.21
C TYR C 565 20.04 -46.95 15.17
N GLN C 566 20.61 -46.60 14.02
CA GLN C 566 22.09 -46.46 13.93
C GLN C 566 22.57 -45.06 14.35
N ALA C 567 23.02 -44.92 15.60
CA ALA C 567 23.49 -43.60 16.07
C ALA C 567 25.00 -43.45 16.01
N GLY C 568 25.75 -44.56 16.11
CA GLY C 568 27.22 -44.48 16.18
C GLY C 568 27.88 -44.30 14.84
N SER C 569 29.19 -44.17 14.84
CA SER C 569 29.93 -44.08 13.55
C SER C 569 29.81 -45.38 12.75
N THR C 570 29.96 -46.52 13.41
CA THR C 570 29.97 -47.82 12.70
C THR C 570 28.53 -48.34 12.54
N PRO C 571 28.11 -48.84 11.37
CA PRO C 571 26.75 -49.27 11.22
C PRO C 571 26.48 -50.48 12.11
N CYS C 572 25.34 -50.44 12.80
CA CYS C 572 24.95 -51.58 13.67
C CYS C 572 24.64 -52.80 12.79
N ASN C 573 23.95 -52.60 11.68
CA ASN C 573 23.61 -53.72 10.77
C ASN C 573 22.87 -54.83 11.52
N GLY C 574 21.92 -54.46 12.37
CA GLY C 574 21.17 -55.46 13.14
C GLY C 574 21.80 -55.86 14.47
N VAL C 575 22.88 -55.21 14.89
CA VAL C 575 23.44 -55.51 16.23
C VAL C 575 22.92 -54.50 17.24
N GLU C 576 22.42 -54.99 18.38
CA GLU C 576 21.99 -54.07 19.44
C GLU C 576 23.18 -53.89 20.38
N GLY C 577 23.43 -52.65 20.81
CA GLY C 577 24.62 -52.40 21.63
C GLY C 577 24.91 -50.95 21.93
N PHE C 578 26.19 -50.64 22.14
CA PHE C 578 26.52 -49.21 22.34
C PHE C 578 26.18 -48.32 21.19
N ASN C 579 25.40 -47.27 21.47
CA ASN C 579 24.97 -46.33 20.40
C ASN C 579 24.01 -47.00 19.41
N CYS C 580 23.58 -48.24 19.69
CA CYS C 580 22.57 -48.91 18.82
C CYS C 580 21.31 -49.12 19.69
N TYR C 581 20.44 -48.11 19.75
CA TYR C 581 19.20 -48.21 20.56
C TYR C 581 18.04 -48.56 19.63
N PHE C 582 17.20 -49.51 20.04
CA PHE C 582 15.98 -49.76 19.24
C PHE C 582 15.12 -48.51 19.44
N PRO C 583 14.43 -48.00 18.40
CA PRO C 583 13.71 -46.75 18.54
C PRO C 583 12.57 -46.79 19.56
N LEU C 584 11.85 -47.90 19.66
CA LEU C 584 10.65 -47.92 20.53
C LEU C 584 11.05 -47.86 22.01
N GLN C 585 10.50 -46.90 22.74
CA GLN C 585 10.74 -46.86 24.20
C GLN C 585 9.39 -46.93 24.88
N SER C 586 9.31 -47.70 25.95
CA SER C 586 8.01 -47.92 26.59
C SER C 586 7.64 -46.80 27.56
N TYR C 587 6.35 -46.69 27.84
CA TYR C 587 5.93 -45.75 28.90
C TYR C 587 5.95 -46.49 30.22
N GLY C 588 6.56 -45.87 31.24
CA GLY C 588 6.47 -46.46 32.58
C GLY C 588 5.30 -45.84 33.31
N PHE C 589 4.15 -46.52 33.29
CA PHE C 589 2.95 -45.94 33.92
C PHE C 589 2.65 -46.58 35.27
N GLN C 590 2.95 -45.85 36.33
CA GLN C 590 2.61 -46.32 37.69
C GLN C 590 1.46 -45.43 38.13
N PRO C 591 0.33 -45.96 38.62
CA PRO C 591 -0.83 -45.11 38.89
C PRO C 591 -0.61 -44.00 39.92
N THR C 592 0.54 -44.01 40.60
CA THR C 592 0.77 -43.00 41.65
C THR C 592 1.69 -41.87 41.19
N ASN C 593 2.16 -41.90 39.96
CA ASN C 593 3.18 -40.89 39.58
C ASN C 593 2.58 -39.50 39.46
N GLY C 594 3.43 -38.49 39.31
CA GLY C 594 2.93 -37.13 39.11
C GLY C 594 2.21 -36.99 37.79
N VAL C 595 1.32 -36.00 37.69
CA VAL C 595 0.49 -35.84 36.47
C VAL C 595 1.38 -35.56 35.27
N GLY C 596 2.56 -34.97 35.50
CA GLY C 596 3.50 -34.67 34.41
C GLY C 596 3.92 -35.93 33.68
N TYR C 597 3.93 -37.04 34.39
CA TYR C 597 4.25 -38.35 33.75
C TYR C 597 2.98 -39.19 33.51
N GLN C 598 1.82 -38.69 33.90
CA GLN C 598 0.60 -39.50 33.79
C GLN C 598 0.18 -39.66 32.34
N PRO C 599 -0.63 -40.66 32.00
CA PRO C 599 -1.09 -40.80 30.63
C PRO C 599 -2.33 -39.98 30.29
N TYR C 600 -2.25 -39.21 29.20
CA TYR C 600 -3.43 -38.48 28.73
C TYR C 600 -3.95 -39.19 27.49
N ARG C 601 -5.26 -39.43 27.44
CA ARG C 601 -5.82 -40.03 26.22
C ARG C 601 -5.96 -38.92 25.19
N VAL C 602 -5.63 -39.21 23.93
CA VAL C 602 -5.69 -38.14 22.91
C VAL C 602 -6.42 -38.59 21.66
N VAL C 603 -7.33 -37.75 21.17
CA VAL C 603 -7.96 -38.00 19.85
C VAL C 603 -7.92 -36.68 19.10
N VAL C 604 -7.56 -36.72 17.83
CA VAL C 604 -7.44 -35.46 17.05
C VAL C 604 -8.52 -35.48 15.98
N LEU C 605 -9.50 -34.61 16.13
CA LEU C 605 -10.55 -34.52 15.09
C LEU C 605 -10.00 -33.54 14.05
N SER C 606 -9.45 -34.08 12.98
CA SER C 606 -8.88 -33.20 11.93
C SER C 606 -10.02 -32.88 10.99
N PHE C 607 -10.61 -31.70 11.18
CA PHE C 607 -11.79 -31.38 10.37
C PHE C 607 -11.27 -31.02 8.99
N GLU C 608 -11.51 -31.91 8.04
CA GLU C 608 -11.08 -31.60 6.66
C GLU C 608 -12.22 -30.88 5.96
N LEU C 609 -12.23 -29.56 6.07
CA LEU C 609 -13.35 -28.81 5.48
C LEU C 609 -13.00 -28.66 4.02
N LEU C 610 -13.62 -29.50 3.20
CA LEU C 610 -13.28 -29.48 1.76
C LEU C 610 -14.51 -29.13 0.93
N HIS C 611 -14.25 -28.70 -0.29
CA HIS C 611 -15.38 -28.49 -1.22
C HIS C 611 -15.65 -29.85 -1.84
N ALA C 612 -16.58 -30.59 -1.27
CA ALA C 612 -16.98 -31.89 -1.83
C ALA C 612 -18.33 -32.24 -1.22
N PRO C 613 -19.05 -33.27 -1.70
CA PRO C 613 -20.29 -33.58 -1.05
C PRO C 613 -19.94 -33.93 0.40
N ALA C 614 -20.53 -33.18 1.32
CA ALA C 614 -20.22 -33.38 2.75
C ALA C 614 -21.02 -34.54 3.36
N THR C 615 -20.47 -35.12 4.42
CA THR C 615 -21.12 -36.28 5.07
C THR C 615 -21.62 -35.96 6.49
N VAL C 616 -20.75 -35.46 7.37
CA VAL C 616 -21.17 -35.20 8.77
C VAL C 616 -21.70 -33.78 8.84
N CYS C 617 -23.02 -33.65 8.92
CA CYS C 617 -23.61 -32.29 8.77
C CYS C 617 -24.07 -31.59 10.06
N GLY C 618 -23.87 -32.17 11.22
CA GLY C 618 -24.30 -31.40 12.40
C GLY C 618 -25.78 -31.50 12.67
N PRO C 619 -26.22 -31.18 13.89
CA PRO C 619 -27.62 -31.33 14.27
C PRO C 619 -28.68 -30.51 13.53
N LYS C 620 -28.38 -29.28 13.12
CA LYS C 620 -29.43 -28.39 12.59
C LYS C 620 -30.27 -29.03 11.48
N LYS C 621 -31.58 -28.84 11.60
CA LYS C 621 -32.54 -29.46 10.65
C LYS C 621 -32.79 -28.60 9.44
N SER C 622 -33.37 -29.21 8.41
CA SER C 622 -33.61 -28.52 7.13
C SER C 622 -34.84 -27.63 7.16
N THR C 623 -35.08 -26.93 6.05
CA THR C 623 -36.30 -26.09 5.90
C THR C 623 -36.75 -26.26 4.46
N ASN C 624 -38.04 -26.07 4.20
CA ASN C 624 -38.56 -26.38 2.86
C ASN C 624 -37.89 -25.53 1.80
N LEU C 625 -37.72 -26.09 0.61
CA LEU C 625 -37.02 -25.36 -0.48
C LEU C 625 -37.78 -24.09 -0.84
N VAL C 626 -37.05 -22.99 -0.92
CA VAL C 626 -37.67 -21.68 -1.26
C VAL C 626 -37.12 -21.23 -2.62
N LYS C 627 -37.92 -20.54 -3.41
CA LYS C 627 -37.42 -20.17 -4.75
C LYS C 627 -37.89 -18.79 -5.20
N ASN C 628 -37.10 -18.12 -6.04
CA ASN C 628 -37.49 -16.83 -6.65
C ASN C 628 -37.72 -15.71 -5.65
N LYS C 629 -37.15 -15.80 -4.45
CA LYS C 629 -37.29 -14.70 -3.49
C LYS C 629 -36.05 -14.59 -2.62
N CYS C 630 -35.86 -13.42 -2.03
CA CYS C 630 -34.61 -13.19 -1.28
C CYS C 630 -34.64 -13.95 0.04
N VAL C 631 -33.64 -14.78 0.26
CA VAL C 631 -33.61 -15.63 1.47
C VAL C 631 -32.17 -15.81 1.92
N ASN C 632 -31.95 -15.88 3.23
CA ASN C 632 -30.59 -16.14 3.77
C ASN C 632 -30.33 -17.64 3.70
N PHE C 633 -29.97 -18.13 2.51
CA PHE C 633 -29.85 -19.59 2.33
C PHE C 633 -28.64 -20.15 3.06
N ASN C 634 -28.68 -21.45 3.31
CA ASN C 634 -27.55 -22.11 4.00
C ASN C 634 -27.52 -23.55 3.52
N PHE C 635 -26.61 -23.88 2.62
CA PHE C 635 -26.49 -25.26 2.11
C PHE C 635 -25.18 -25.84 2.58
N ASN C 636 -25.24 -26.94 3.33
CA ASN C 636 -24.02 -27.66 3.74
C ASN C 636 -23.11 -26.81 4.62
N GLY C 637 -23.63 -25.70 5.15
CA GLY C 637 -22.81 -24.82 6.00
C GLY C 637 -22.22 -23.61 5.30
N LEU C 638 -22.55 -23.37 4.02
CA LEU C 638 -22.10 -22.13 3.37
C LEU C 638 -23.19 -21.08 3.51
N THR C 639 -22.92 -20.04 4.28
CA THR C 639 -23.95 -19.03 4.59
C THR C 639 -24.07 -18.00 3.47
N GLY C 640 -25.28 -17.87 2.91
CA GLY C 640 -25.42 -16.98 1.76
C GLY C 640 -26.76 -16.31 1.66
N THR C 641 -26.82 -15.20 0.91
CA THR C 641 -28.08 -14.47 0.68
C THR C 641 -28.25 -14.24 -0.81
N GLY C 642 -29.38 -14.66 -1.35
CA GLY C 642 -29.58 -14.56 -2.80
C GLY C 642 -30.83 -15.27 -3.24
N VAL C 643 -31.12 -15.16 -4.53
CA VAL C 643 -32.37 -15.71 -5.09
C VAL C 643 -32.06 -17.00 -5.85
N LEU C 644 -32.75 -18.07 -5.50
CA LEU C 644 -32.52 -19.37 -6.15
C LEU C 644 -33.29 -19.46 -7.46
N THR C 645 -32.62 -19.91 -8.51
CA THR C 645 -33.32 -20.13 -9.80
C THR C 645 -32.61 -21.31 -10.47
N GLU C 646 -33.37 -22.21 -11.08
CA GLU C 646 -32.72 -23.40 -11.66
C GLU C 646 -31.79 -22.96 -12.78
N SER C 647 -30.61 -23.56 -12.84
CA SER C 647 -29.61 -23.21 -13.87
C SER C 647 -29.61 -24.22 -15.00
N ASN C 648 -28.88 -23.89 -16.06
CA ASN C 648 -28.75 -24.83 -17.20
C ASN C 648 -27.55 -25.73 -16.98
N LYS C 649 -26.86 -25.55 -15.86
CA LYS C 649 -25.60 -26.29 -15.65
C LYS C 649 -25.84 -27.77 -15.41
N LYS C 650 -24.90 -28.60 -15.86
CA LYS C 650 -24.97 -30.05 -15.57
C LYS C 650 -23.67 -30.45 -14.88
N PHE C 651 -23.79 -30.91 -13.65
CA PHE C 651 -22.57 -31.18 -12.86
C PHE C 651 -21.98 -32.55 -13.13
N LEU C 652 -20.67 -32.67 -12.94
CA LEU C 652 -20.02 -33.99 -13.05
C LEU C 652 -20.40 -34.72 -11.77
N PRO C 653 -20.51 -36.05 -11.78
CA PRO C 653 -21.05 -36.75 -10.60
C PRO C 653 -20.40 -36.39 -9.26
N PHE C 654 -19.14 -35.97 -9.25
CA PHE C 654 -18.56 -35.52 -7.96
C PHE C 654 -18.65 -34.02 -7.78
N GLN C 655 -19.19 -33.30 -8.75
CA GLN C 655 -19.22 -31.81 -8.65
C GLN C 655 -20.25 -31.37 -7.61
N GLN C 656 -19.92 -30.37 -6.81
CA GLN C 656 -20.84 -29.93 -5.74
C GLN C 656 -21.39 -28.53 -5.98
N PHE C 657 -20.53 -27.52 -6.10
CA PHE C 657 -21.04 -26.17 -6.40
C PHE C 657 -20.09 -25.42 -7.29
N GLY C 658 -20.64 -24.51 -8.09
CA GLY C 658 -19.81 -23.76 -9.05
C GLY C 658 -19.15 -22.57 -8.40
N ARG C 659 -18.64 -21.65 -9.21
CA ARG C 659 -18.05 -20.43 -8.64
C ARG C 659 -18.18 -19.29 -9.64
N ASP C 660 -17.88 -18.08 -9.17
CA ASP C 660 -17.85 -16.90 -10.05
C ASP C 660 -16.40 -16.43 -10.16
N ILE C 661 -16.13 -15.54 -11.10
CA ILE C 661 -14.74 -15.01 -11.26
C ILE C 661 -14.31 -14.30 -9.98
N ALA C 662 -15.25 -13.74 -9.23
CA ALA C 662 -14.92 -12.99 -8.00
C ALA C 662 -14.95 -13.91 -6.80
N ASP C 663 -14.83 -15.22 -7.00
CA ASP C 663 -14.75 -16.18 -5.88
C ASP C 663 -16.00 -16.08 -5.02
N THR C 664 -17.13 -15.93 -5.69
CA THR C 664 -18.44 -15.92 -5.00
C THR C 664 -19.26 -17.08 -5.58
N THR C 665 -19.95 -17.79 -4.71
CA THR C 665 -20.68 -18.97 -5.20
C THR C 665 -21.73 -18.53 -6.20
N ASP C 666 -21.84 -19.25 -7.30
CA ASP C 666 -22.76 -18.84 -8.38
C ASP C 666 -23.75 -19.97 -8.63
N ALA C 667 -23.44 -21.19 -8.20
CA ALA C 667 -24.44 -22.25 -8.39
C ALA C 667 -24.25 -23.32 -7.33
N VAL C 668 -25.31 -24.07 -7.05
CA VAL C 668 -25.21 -25.18 -6.08
C VAL C 668 -26.15 -26.27 -6.56
N ARG C 669 -25.76 -27.52 -6.35
CA ARG C 669 -26.68 -28.65 -6.62
C ARG C 669 -27.27 -28.97 -5.25
N ASP C 670 -28.59 -28.92 -5.14
CA ASP C 670 -29.21 -29.02 -3.80
C ASP C 670 -28.78 -30.32 -3.13
N PRO C 671 -28.50 -30.33 -1.81
CA PRO C 671 -28.03 -31.56 -1.22
C PRO C 671 -29.00 -32.77 -1.29
N GLN C 672 -30.27 -32.59 -0.96
CA GLN C 672 -31.17 -33.76 -0.92
C GLN C 672 -31.82 -34.01 -2.27
N THR C 673 -31.72 -33.07 -3.20
CA THR C 673 -32.25 -33.34 -4.56
C THR C 673 -31.29 -32.75 -5.57
N LEU C 674 -31.16 -33.39 -6.72
CA LEU C 674 -30.15 -32.91 -7.68
C LEU C 674 -30.76 -31.72 -8.41
N GLU C 675 -30.86 -30.60 -7.71
CA GLU C 675 -31.45 -29.39 -8.30
C GLU C 675 -30.30 -28.43 -8.62
N ILE C 676 -30.10 -28.18 -9.91
CA ILE C 676 -29.07 -27.19 -10.27
C ILE C 676 -29.64 -25.81 -10.02
N LEU C 677 -28.93 -24.97 -9.28
CA LEU C 677 -29.50 -23.67 -8.89
C LEU C 677 -28.62 -22.53 -9.37
N ASP C 678 -29.21 -21.34 -9.45
CA ASP C 678 -28.45 -20.12 -9.83
C ASP C 678 -28.56 -19.15 -8.67
N ILE C 679 -27.45 -18.88 -8.00
CA ILE C 679 -27.53 -18.00 -6.80
C ILE C 679 -27.40 -16.56 -7.29
N THR C 680 -28.43 -16.04 -7.91
CA THR C 680 -28.39 -14.62 -8.30
C THR C 680 -28.57 -13.73 -7.07
N PRO C 681 -27.66 -12.76 -6.82
CA PRO C 681 -27.83 -11.87 -5.69
C PRO C 681 -29.09 -11.01 -5.79
N CYS C 682 -29.63 -10.63 -4.63
CA CYS C 682 -30.89 -9.85 -4.62
C CYS C 682 -30.64 -8.48 -5.20
N SER C 683 -31.67 -7.88 -5.79
CA SER C 683 -31.46 -6.60 -6.51
C SER C 683 -30.97 -5.49 -5.59
N PHE C 684 -30.05 -4.67 -6.11
CA PHE C 684 -29.57 -3.50 -5.34
C PHE C 684 -29.07 -2.45 -6.34
N GLY C 685 -29.09 -1.20 -5.92
CA GLY C 685 -28.62 -0.13 -6.80
C GLY C 685 -28.38 1.13 -6.02
N GLY C 686 -27.58 2.05 -6.55
CA GLY C 686 -27.38 3.33 -5.90
C GLY C 686 -28.59 4.23 -5.95
N VAL C 687 -28.71 5.10 -4.96
CA VAL C 687 -29.82 6.08 -4.97
C VAL C 687 -29.18 7.46 -4.79
N SER C 688 -29.59 8.41 -5.62
CA SER C 688 -29.02 9.76 -5.53
C SER C 688 -30.14 10.78 -5.46
N VAL C 689 -30.06 11.68 -4.51
CA VAL C 689 -31.12 12.68 -4.39
C VAL C 689 -30.91 13.76 -5.44
N ILE C 690 -31.98 14.43 -5.83
CA ILE C 690 -31.86 15.56 -6.78
C ILE C 690 -32.38 16.73 -5.98
N THR C 691 -31.47 17.51 -5.44
CA THR C 691 -31.99 18.54 -4.53
C THR C 691 -31.83 19.94 -5.06
N PRO C 692 -32.90 20.75 -5.06
CA PRO C 692 -32.75 22.16 -5.33
C PRO C 692 -32.10 22.74 -4.09
N GLY C 693 -31.64 23.96 -4.15
CA GLY C 693 -30.88 24.45 -3.00
C GLY C 693 -31.68 24.35 -1.73
N THR C 694 -31.02 24.01 -0.62
CA THR C 694 -31.72 23.92 0.67
C THR C 694 -32.28 25.28 1.06
N ASN C 695 -31.58 26.36 0.74
CA ASN C 695 -32.12 27.70 1.02
C ASN C 695 -33.44 27.90 0.28
N THR C 696 -33.50 27.54 -1.00
CA THR C 696 -34.73 27.77 -1.77
C THR C 696 -35.84 26.83 -1.35
N SER C 697 -35.51 25.57 -1.11
CA SER C 697 -36.59 24.60 -0.81
C SER C 697 -36.02 23.35 -0.18
N ASN C 698 -36.90 22.54 0.40
CA ASN C 698 -36.47 21.29 1.08
C ASN C 698 -37.12 20.11 0.38
N GLN C 699 -37.57 20.30 -0.85
CA GLN C 699 -38.26 19.23 -1.59
C GLN C 699 -37.25 18.52 -2.48
N VAL C 700 -37.15 17.21 -2.36
CA VAL C 700 -36.12 16.50 -3.14
C VAL C 700 -36.75 15.40 -3.95
N ALA C 701 -36.04 14.96 -4.98
CA ALA C 701 -36.49 13.82 -5.78
C ALA C 701 -35.42 12.77 -5.65
N VAL C 702 -35.74 11.54 -5.97
CA VAL C 702 -34.76 10.45 -5.73
C VAL C 702 -34.59 9.66 -7.01
N LEU C 703 -33.34 9.41 -7.37
CA LEU C 703 -33.05 8.67 -8.61
C LEU C 703 -32.54 7.31 -8.22
N TYR C 704 -33.35 6.29 -8.44
CA TYR C 704 -32.88 4.92 -8.18
C TYR C 704 -32.07 4.53 -9.38
N GLN C 705 -30.85 4.06 -9.17
CA GLN C 705 -29.97 3.85 -10.32
C GLN C 705 -30.06 2.45 -10.90
N ASP C 706 -30.26 2.37 -12.20
CA ASP C 706 -30.25 1.09 -12.95
C ASP C 706 -31.29 0.08 -12.45
N VAL C 707 -32.49 0.54 -12.10
CA VAL C 707 -33.56 -0.42 -11.76
C VAL C 707 -34.83 -0.02 -12.48
N ASN C 708 -35.53 -0.97 -13.08
CA ASN C 708 -36.86 -0.63 -13.65
C ASN C 708 -37.75 -0.57 -12.43
N CYS C 709 -38.42 0.55 -12.21
CA CYS C 709 -39.01 0.65 -10.86
C CYS C 709 -40.32 -0.08 -10.64
N THR C 710 -40.31 -1.35 -10.99
CA THR C 710 -41.45 -2.21 -10.64
C THR C 710 -40.94 -3.03 -9.46
N GLU C 711 -39.68 -2.80 -9.07
CA GLU C 711 -39.04 -3.57 -7.97
C GLU C 711 -39.08 -2.79 -6.65
N VAL C 712 -39.52 -1.54 -6.68
CA VAL C 712 -39.48 -0.71 -5.44
C VAL C 712 -40.91 -0.50 -4.91
N ASN C 733 -45.24 11.50 -11.31
CA ASN C 733 -44.65 11.17 -9.99
C ASN C 733 -43.55 10.16 -10.19
N VAL C 734 -43.70 9.25 -11.12
CA VAL C 734 -42.64 8.26 -11.44
C VAL C 734 -42.35 8.31 -12.92
N PHE C 735 -41.10 8.54 -13.29
CA PHE C 735 -40.73 8.50 -14.73
C PHE C 735 -39.47 7.66 -14.88
N GLN C 736 -39.57 6.57 -15.62
CA GLN C 736 -38.39 5.68 -15.76
C GLN C 736 -37.51 6.22 -16.86
N THR C 737 -36.24 6.44 -16.55
CA THR C 737 -35.28 6.99 -17.52
C THR C 737 -34.29 5.90 -17.91
N ARG C 738 -33.26 6.26 -18.67
CA ARG C 738 -32.25 5.23 -18.98
C ARG C 738 -31.17 5.22 -17.91
N ALA C 739 -31.29 6.07 -16.89
CA ALA C 739 -30.31 6.10 -15.78
C ALA C 739 -30.94 5.53 -14.52
N GLY C 740 -31.98 4.73 -14.69
CA GLY C 740 -32.76 4.25 -13.53
C GLY C 740 -34.10 4.91 -13.63
N CYS C 741 -34.81 5.03 -12.53
CA CYS C 741 -36.06 5.80 -12.61
C CYS C 741 -36.11 6.87 -11.54
N LEU C 742 -36.73 7.99 -11.87
CA LEU C 742 -36.75 9.15 -10.98
C LEU C 742 -38.10 9.19 -10.29
N ILE C 743 -38.09 9.41 -8.99
CA ILE C 743 -39.33 9.50 -8.19
C ILE C 743 -39.39 10.90 -7.62
N GLY C 744 -40.53 11.56 -7.76
CA GLY C 744 -40.71 12.89 -7.17
C GLY C 744 -40.68 14.02 -8.17
N ALA C 745 -40.40 13.72 -9.43
CA ALA C 745 -40.29 14.79 -10.45
C ALA C 745 -41.17 14.46 -11.63
N GLU C 746 -41.86 15.47 -12.16
CA GLU C 746 -42.84 15.22 -13.22
C GLU C 746 -42.22 15.43 -14.59
N HIS C 747 -42.44 14.48 -15.49
CA HIS C 747 -41.87 14.62 -16.83
C HIS C 747 -42.56 15.74 -17.58
N VAL C 748 -41.80 16.70 -18.06
CA VAL C 748 -42.38 17.86 -18.77
C VAL C 748 -41.91 17.79 -20.22
N ASN C 749 -42.84 17.83 -21.16
CA ASN C 749 -42.49 17.70 -22.59
C ASN C 749 -41.71 18.91 -23.04
N ASN C 750 -41.93 20.05 -22.42
CA ASN C 750 -41.12 21.23 -22.78
C ASN C 750 -39.65 20.95 -22.50
N SER C 751 -38.76 21.51 -23.33
CA SER C 751 -37.31 21.35 -23.14
C SER C 751 -36.69 22.69 -22.76
N TYR C 752 -35.71 22.67 -21.88
CA TYR C 752 -35.04 23.90 -21.46
C TYR C 752 -33.54 23.64 -21.36
N GLU C 753 -32.78 24.64 -20.99
CA GLU C 753 -31.33 24.48 -20.78
C GLU C 753 -31.18 23.95 -19.38
N CYS C 754 -30.63 22.76 -19.22
CA CYS C 754 -30.67 22.16 -17.86
C CYS C 754 -29.58 22.57 -16.91
N ASP C 755 -29.88 22.46 -15.62
CA ASP C 755 -28.93 22.90 -14.58
C ASP C 755 -28.56 21.75 -13.64
N ILE C 756 -29.44 20.79 -13.42
CA ILE C 756 -29.04 19.61 -12.60
C ILE C 756 -29.01 18.41 -13.53
N PRO C 757 -27.84 17.86 -13.89
CA PRO C 757 -27.81 16.75 -14.80
C PRO C 757 -28.13 15.41 -14.17
N ILE C 758 -29.05 14.67 -14.76
CA ILE C 758 -29.44 13.35 -14.23
C ILE C 758 -28.67 12.28 -14.99
N GLY C 759 -28.70 12.33 -16.31
CA GLY C 759 -28.03 11.33 -17.14
C GLY C 759 -28.87 10.93 -18.31
N ALA C 760 -28.26 10.44 -19.36
CA ALA C 760 -28.98 9.92 -20.53
C ALA C 760 -29.78 10.99 -21.19
N GLY C 761 -29.41 12.23 -21.03
CA GLY C 761 -30.08 13.31 -21.76
C GLY C 761 -31.18 13.97 -20.99
N ILE C 762 -31.50 13.45 -19.81
CA ILE C 762 -32.59 14.01 -18.98
C ILE C 762 -31.96 14.85 -17.88
N CYS C 763 -32.50 16.02 -17.65
CA CYS C 763 -32.01 16.89 -16.57
C CYS C 763 -33.18 17.23 -15.67
N ALA C 764 -32.91 17.91 -14.56
CA ALA C 764 -34.01 18.32 -13.68
C ALA C 764 -33.77 19.71 -13.16
N SER C 765 -34.83 20.37 -12.74
CA SER C 765 -34.69 21.71 -12.14
C SER C 765 -35.90 22.06 -11.29
N TYR C 766 -35.76 23.13 -10.51
CA TYR C 766 -36.87 23.64 -9.68
C TYR C 766 -37.57 24.79 -10.41
N GLN C 767 -38.76 24.53 -10.93
CA GLN C 767 -39.49 25.55 -11.69
C GLN C 767 -40.54 26.22 -10.80
N THR C 768 -41.48 26.93 -11.41
CA THR C 768 -42.60 27.52 -10.62
C THR C 768 -43.94 27.15 -11.28
N GLN C 782 -44.49 25.15 -7.39
CA GLN C 782 -43.10 24.78 -7.04
C GLN C 782 -42.98 23.27 -6.95
N SER C 783 -42.11 22.69 -7.78
CA SER C 783 -41.87 21.25 -7.75
C SER C 783 -40.63 20.93 -8.55
N ILE C 784 -40.26 19.66 -8.63
CA ILE C 784 -39.10 19.24 -9.46
C ILE C 784 -39.62 18.74 -10.79
N ILE C 785 -39.03 19.23 -11.87
CA ILE C 785 -39.43 18.79 -13.23
C ILE C 785 -38.26 18.10 -13.88
N ALA C 786 -38.53 17.14 -14.74
CA ALA C 786 -37.44 16.50 -15.48
C ALA C 786 -37.75 16.59 -16.97
N TYR C 787 -36.85 17.19 -17.72
CA TYR C 787 -37.10 17.36 -19.16
C TYR C 787 -35.94 16.89 -19.99
N THR C 788 -36.22 16.50 -21.23
CA THR C 788 -35.10 16.16 -22.11
C THR C 788 -34.38 17.47 -22.39
N MET C 789 -33.07 17.49 -22.23
CA MET C 789 -32.39 18.80 -22.31
C MET C 789 -32.43 19.34 -23.72
N SER C 790 -32.38 20.65 -23.85
CA SER C 790 -32.45 21.30 -25.17
C SER C 790 -31.05 21.73 -25.54
N LEU C 791 -30.56 21.25 -26.67
CA LEU C 791 -29.17 21.59 -27.05
C LEU C 791 -29.04 23.06 -27.38
N GLY C 792 -29.98 23.59 -28.14
CA GLY C 792 -29.90 25.03 -28.41
C GLY C 792 -31.06 25.53 -29.24
N ALA C 793 -31.04 26.82 -29.51
CA ALA C 793 -32.12 27.41 -30.32
C ALA C 793 -32.00 26.95 -31.76
N GLU C 794 -33.09 26.44 -32.31
CA GLU C 794 -33.07 26.06 -33.73
C GLU C 794 -32.96 27.30 -34.63
N ASN C 795 -32.13 27.23 -35.65
CA ASN C 795 -31.91 28.37 -36.55
C ASN C 795 -31.34 27.83 -37.84
N SER C 796 -32.12 27.83 -38.91
CA SER C 796 -31.61 27.37 -40.22
C SER C 796 -31.28 28.58 -41.08
N VAL C 797 -30.13 28.55 -41.73
CA VAL C 797 -29.71 29.75 -42.48
C VAL C 797 -29.92 29.52 -43.97
N ALA C 798 -30.53 30.48 -44.65
CA ALA C 798 -30.86 30.26 -46.07
C ALA C 798 -29.57 30.11 -46.86
N TYR C 799 -29.54 29.12 -47.73
CA TYR C 799 -28.37 28.97 -48.62
C TYR C 799 -28.84 28.99 -50.06
N SER C 800 -28.12 29.73 -50.89
CA SER C 800 -28.44 29.73 -52.34
C SER C 800 -27.15 29.96 -53.09
N ASN C 801 -27.08 29.53 -54.34
CA ASN C 801 -25.77 29.60 -55.05
C ASN C 801 -25.39 31.04 -55.41
N ASN C 802 -26.24 32.01 -55.16
CA ASN C 802 -25.95 33.38 -55.60
C ASN C 802 -26.19 34.39 -54.50
N SER C 803 -26.36 33.94 -53.27
CA SER C 803 -26.74 34.86 -52.17
C SER C 803 -25.56 35.11 -51.24
N ILE C 804 -25.43 36.34 -50.73
CA ILE C 804 -24.38 36.65 -49.75
C ILE C 804 -25.02 37.50 -48.69
N ALA C 805 -24.43 37.52 -47.51
CA ALA C 805 -24.92 38.37 -46.42
C ALA C 805 -23.74 39.10 -45.82
N ILE C 806 -23.74 40.41 -45.80
CA ILE C 806 -22.54 41.14 -45.38
C ILE C 806 -22.89 41.98 -44.16
N PRO C 807 -22.04 42.07 -43.14
CA PRO C 807 -22.34 42.91 -42.03
C PRO C 807 -22.44 44.39 -42.38
N THR C 808 -23.26 45.12 -41.64
CA THR C 808 -23.45 46.57 -41.89
C THR C 808 -23.06 47.40 -40.67
N ASN C 809 -22.98 46.78 -39.51
CA ASN C 809 -22.70 47.51 -38.26
C ASN C 809 -22.15 46.49 -37.30
N PHE C 810 -21.46 46.93 -36.28
CA PHE C 810 -20.79 45.96 -35.40
C PHE C 810 -21.01 46.30 -33.96
N THR C 811 -20.81 45.33 -33.09
CA THR C 811 -20.93 45.55 -31.64
C THR C 811 -19.63 45.15 -30.98
N ILE C 812 -18.96 46.09 -30.33
CA ILE C 812 -17.74 45.76 -29.56
C ILE C 812 -18.19 45.04 -28.31
N SER C 813 -17.50 43.98 -27.95
CA SER C 813 -17.92 43.19 -26.78
C SER C 813 -16.74 42.84 -25.91
N VAL C 814 -16.87 43.02 -24.61
CA VAL C 814 -15.82 42.61 -23.65
C VAL C 814 -16.35 41.42 -22.86
N THR C 815 -15.66 40.30 -22.99
CA THR C 815 -16.03 39.09 -22.27
C THR C 815 -14.94 38.81 -21.25
N THR C 816 -15.12 37.79 -20.46
CA THR C 816 -14.16 37.55 -19.39
C THR C 816 -13.75 36.08 -19.34
N GLU C 817 -12.53 35.84 -18.92
CA GLU C 817 -12.07 34.45 -18.74
C GLU C 817 -11.35 34.36 -17.41
N ILE C 818 -11.68 33.36 -16.60
CA ILE C 818 -11.05 33.19 -15.28
C ILE C 818 -10.27 31.90 -15.29
N LEU C 819 -9.02 31.95 -14.88
CA LEU C 819 -8.17 30.76 -14.88
C LEU C 819 -7.44 30.64 -13.54
N PRO C 820 -7.34 29.45 -12.95
CA PRO C 820 -6.52 29.31 -11.78
C PRO C 820 -5.04 29.32 -12.14
N VAL C 821 -4.23 30.03 -11.39
CA VAL C 821 -2.80 30.14 -11.75
C VAL C 821 -1.92 29.52 -10.67
N SER C 822 -2.31 29.61 -9.41
CA SER C 822 -1.53 29.00 -8.33
C SER C 822 -2.39 28.42 -7.22
N MET C 823 -1.85 27.46 -6.49
CA MET C 823 -2.53 26.81 -5.36
C MET C 823 -1.97 27.43 -4.08
N THR C 824 -2.21 26.78 -2.94
CA THR C 824 -1.71 27.29 -1.65
C THR C 824 -0.52 26.45 -1.28
N LYS C 825 0.55 27.10 -0.82
CA LYS C 825 1.79 26.36 -0.59
C LYS C 825 1.72 25.76 0.81
N THR C 826 1.16 24.56 0.90
CA THR C 826 0.97 23.93 2.21
C THR C 826 1.96 22.80 2.37
N SER C 827 2.65 22.77 3.50
CA SER C 827 3.61 21.70 3.80
C SER C 827 3.19 21.02 5.09
N VAL C 828 3.23 19.70 5.10
CA VAL C 828 2.84 18.92 6.32
C VAL C 828 4.04 18.10 6.74
N ASP C 829 4.42 18.20 8.01
CA ASP C 829 5.61 17.48 8.49
C ASP C 829 5.20 16.05 8.79
N CYS C 830 5.89 15.07 8.22
CA CYS C 830 5.46 13.68 8.41
C CYS C 830 5.68 13.23 9.84
N THR C 831 6.81 13.50 10.46
CA THR C 831 7.01 12.99 11.82
C THR C 831 6.09 13.68 12.81
N MET C 832 5.93 14.98 12.71
CA MET C 832 5.12 15.72 13.71
C MET C 832 3.63 15.48 13.50
N TYR C 833 3.25 14.92 12.36
CA TYR C 833 1.85 14.54 12.15
C TYR C 833 1.64 13.10 12.59
N ILE C 834 2.50 12.19 12.15
CA ILE C 834 2.31 10.76 12.46
C ILE C 834 2.60 10.50 13.93
N CYS C 835 3.75 10.94 14.40
CA CYS C 835 4.13 10.72 15.82
C CYS C 835 4.11 12.08 16.51
N GLY C 836 3.15 12.28 17.38
CA GLY C 836 3.00 13.63 17.93
C GLY C 836 3.92 13.95 19.08
N ASP C 837 5.19 14.21 18.81
CA ASP C 837 6.14 14.69 19.86
C ASP C 837 6.45 13.62 20.89
N SER C 838 6.13 12.36 20.58
CA SER C 838 6.48 11.25 21.49
C SER C 838 7.65 10.48 20.90
N THR C 839 8.80 10.53 21.57
CA THR C 839 10.02 9.90 21.03
C THR C 839 9.85 8.41 20.88
N GLU C 840 9.04 7.80 21.73
CA GLU C 840 8.79 6.35 21.62
C GLU C 840 8.18 6.07 20.27
N CYS C 841 7.29 6.93 19.80
CA CYS C 841 6.73 6.78 18.44
C CYS C 841 7.77 7.03 17.36
N SER C 842 8.60 8.06 17.52
CA SER C 842 9.57 8.41 16.46
C SER C 842 10.54 7.27 16.26
N ASN C 843 10.94 6.61 17.33
CA ASN C 843 11.94 5.53 17.22
C ASN C 843 11.33 4.40 16.37
N LEU C 844 10.06 4.12 16.55
CA LEU C 844 9.40 3.11 15.70
C LEU C 844 9.32 3.64 14.29
N LEU C 845 9.04 4.91 14.13
CA LEU C 845 8.78 5.47 12.79
C LEU C 845 10.03 5.39 11.95
N LEU C 846 11.19 5.56 12.54
CA LEU C 846 12.44 5.65 11.73
C LEU C 846 12.70 4.34 11.03
N GLN C 847 11.98 3.28 11.40
CA GLN C 847 12.24 1.94 10.83
C GLN C 847 11.45 1.74 9.56
N TYR C 848 10.70 2.74 9.12
CA TYR C 848 9.89 2.64 7.90
C TYR C 848 10.64 3.28 6.75
N GLY C 849 11.95 3.43 6.90
CA GLY C 849 12.79 3.92 5.80
C GLY C 849 12.62 5.36 5.46
N SER C 850 12.46 5.67 4.18
CA SER C 850 12.45 7.05 3.70
C SER C 850 11.03 7.59 3.55
N PHE C 851 10.02 6.91 4.06
CA PHE C 851 8.62 7.34 3.81
C PHE C 851 8.45 8.75 4.35
N CYS C 852 9.05 9.06 5.48
CA CYS C 852 8.85 10.39 6.07
C CYS C 852 9.46 11.46 5.18
N THR C 853 10.62 11.22 4.58
CA THR C 853 11.27 12.30 3.82
C THR C 853 10.75 12.37 2.38
N GLN C 854 10.23 11.29 1.85
CA GLN C 854 9.70 11.37 0.49
C GLN C 854 8.52 12.33 0.44
N LEU C 855 7.64 12.26 1.42
CA LEU C 855 6.45 13.12 1.44
C LEU C 855 6.84 14.58 1.61
N ASN C 856 7.81 14.86 2.44
CA ASN C 856 8.30 16.25 2.57
C ASN C 856 8.89 16.70 1.24
N ARG C 857 9.64 15.84 0.57
CA ARG C 857 10.28 16.29 -0.68
C ARG C 857 9.20 16.59 -1.70
N ALA C 858 8.19 15.75 -1.81
CA ALA C 858 7.16 15.96 -2.82
C ALA C 858 6.44 17.27 -2.53
N LEU C 859 6.09 17.50 -1.29
CA LEU C 859 5.30 18.71 -0.98
C LEU C 859 6.15 19.93 -1.27
N THR C 860 7.44 19.84 -1.05
CA THR C 860 8.32 20.98 -1.31
C THR C 860 8.32 21.25 -2.81
N GLY C 861 8.26 20.19 -3.59
CA GLY C 861 8.26 20.37 -5.04
C GLY C 861 7.03 21.11 -5.49
N ILE C 862 5.89 20.75 -4.92
CA ILE C 862 4.62 21.42 -5.28
C ILE C 862 4.73 22.88 -4.87
N ALA C 863 5.29 23.15 -3.71
CA ALA C 863 5.32 24.51 -3.19
C ALA C 863 6.19 25.40 -4.05
N VAL C 864 7.31 24.91 -4.49
CA VAL C 864 8.15 25.70 -5.43
C VAL C 864 7.42 25.85 -6.75
N GLU C 865 6.73 24.83 -7.22
CA GLU C 865 6.11 24.92 -8.56
C GLU C 865 5.10 26.04 -8.55
N GLN C 866 4.45 26.31 -7.42
CA GLN C 866 3.37 27.33 -7.41
C GLN C 866 3.99 28.67 -7.72
N ASP C 867 5.15 28.92 -7.17
CA ASP C 867 5.85 30.20 -7.43
C ASP C 867 6.31 30.27 -8.88
N LYS C 868 6.78 29.16 -9.42
CA LYS C 868 7.19 29.17 -10.82
C LYS C 868 5.99 29.47 -11.70
N ASN C 869 4.83 28.94 -11.38
CA ASN C 869 3.62 29.18 -12.18
C ASN C 869 3.31 30.66 -12.16
N THR C 870 3.33 31.29 -11.01
CA THR C 870 2.98 32.70 -10.97
C THR C 870 4.01 33.52 -11.73
N GLN C 871 5.29 33.21 -11.60
CA GLN C 871 6.33 34.01 -12.26
C GLN C 871 6.13 33.86 -13.76
N GLU C 872 5.81 32.67 -14.21
CA GLU C 872 5.67 32.43 -15.67
C GLU C 872 4.49 33.20 -16.21
N VAL C 873 3.36 33.19 -15.54
CA VAL C 873 2.15 33.86 -16.07
C VAL C 873 2.29 35.36 -16.02
N PHE C 874 2.78 35.92 -14.92
CA PHE C 874 2.77 37.39 -14.76
C PHE C 874 4.05 38.09 -15.17
N ALA C 875 5.21 37.52 -14.86
CA ALA C 875 6.47 38.23 -15.13
C ALA C 875 6.87 38.06 -16.58
N GLN C 876 6.11 38.72 -17.46
CA GLN C 876 6.46 38.71 -18.89
C GLN C 876 7.05 40.05 -19.33
N VAL C 877 7.29 40.96 -18.40
CA VAL C 877 7.74 42.31 -18.79
C VAL C 877 9.16 42.54 -18.30
N LYS C 878 9.99 43.09 -19.18
CA LYS C 878 11.39 43.39 -18.81
C LYS C 878 11.46 44.76 -18.14
N GLN C 879 10.40 45.53 -18.21
CA GLN C 879 10.36 46.87 -17.60
C GLN C 879 9.01 47.04 -16.93
N ILE C 880 8.89 47.96 -16.00
CA ILE C 880 7.58 48.25 -15.38
C ILE C 880 7.05 49.53 -16.00
N TYR C 881 6.23 49.40 -17.02
CA TYR C 881 5.76 50.60 -17.74
C TYR C 881 4.75 51.33 -16.90
N LYS C 882 4.51 52.59 -17.25
CA LYS C 882 3.60 53.42 -16.44
C LYS C 882 2.59 54.09 -17.36
N THR C 883 1.44 54.44 -16.82
CA THR C 883 0.45 55.19 -17.62
C THR C 883 0.86 56.63 -17.74
N PRO C 884 0.44 57.36 -18.79
CA PRO C 884 0.68 58.79 -18.85
C PRO C 884 -0.21 59.46 -17.80
N PRO C 885 0.16 60.64 -17.25
CA PRO C 885 -0.67 61.21 -16.19
C PRO C 885 -2.11 61.49 -16.64
N ILE C 886 -2.28 62.11 -17.79
CA ILE C 886 -3.64 62.48 -18.26
C ILE C 886 -4.18 61.32 -19.08
N LYS C 887 -5.48 61.29 -19.29
CA LYS C 887 -6.08 60.12 -19.97
C LYS C 887 -6.72 60.57 -21.28
N ASP C 888 -5.91 61.12 -22.18
CA ASP C 888 -6.45 61.50 -23.52
C ASP C 888 -6.35 60.33 -24.49
N PHE C 889 -7.14 59.29 -24.28
CA PHE C 889 -7.05 58.12 -25.16
C PHE C 889 -8.12 58.19 -26.24
N GLY C 890 -8.43 59.37 -26.76
CA GLY C 890 -9.33 59.44 -27.91
C GLY C 890 -10.69 58.87 -27.66
N GLY C 891 -11.21 59.02 -26.45
CA GLY C 891 -12.59 58.60 -26.20
C GLY C 891 -12.71 57.34 -25.40
N PHE C 892 -11.59 56.72 -25.08
CA PHE C 892 -11.62 55.45 -24.32
C PHE C 892 -11.38 55.74 -22.86
N ASN C 893 -12.35 55.37 -22.02
CA ASN C 893 -12.20 55.54 -20.56
C ASN C 893 -11.80 54.20 -19.99
N PHE C 894 -10.64 54.13 -19.37
CA PHE C 894 -10.11 52.85 -18.87
C PHE C 894 -10.07 52.88 -17.35
N SER C 895 -10.88 53.71 -16.72
CA SER C 895 -10.80 53.84 -15.25
C SER C 895 -11.10 52.50 -14.59
N GLN C 896 -11.91 51.66 -15.21
CA GLN C 896 -12.30 50.41 -14.54
C GLN C 896 -11.23 49.33 -14.65
N ILE C 897 -10.20 49.52 -15.44
CA ILE C 897 -9.10 48.52 -15.47
C ILE C 897 -7.80 49.09 -14.92
N LEU C 898 -7.57 50.38 -15.01
CA LEU C 898 -6.25 50.91 -14.62
C LEU C 898 -6.13 50.92 -13.11
N PRO C 899 -4.92 51.02 -12.54
CA PRO C 899 -4.80 51.09 -11.12
C PRO C 899 -5.32 52.41 -10.56
N ASP C 900 -6.01 52.34 -9.44
CA ASP C 900 -6.61 53.55 -8.83
C ASP C 900 -5.86 53.92 -7.56
N PRO C 901 -5.24 55.11 -7.48
CA PRO C 901 -4.42 55.46 -6.30
C PRO C 901 -5.24 55.75 -5.04
N SER C 902 -6.56 55.92 -5.16
CA SER C 902 -7.38 56.33 -3.99
C SER C 902 -7.32 55.28 -2.88
N LYS C 903 -7.07 54.02 -3.24
CA LYS C 903 -6.99 52.96 -2.23
C LYS C 903 -5.54 52.60 -1.93
N SER C 905 -4.20 49.86 -0.84
CA SER C 905 -3.60 49.04 -1.94
C SER C 905 -4.10 49.55 -3.28
N LYS C 906 -3.17 49.80 -4.21
CA LYS C 906 -3.56 50.38 -5.50
C LYS C 906 -3.91 49.22 -6.42
N ARG C 907 -5.20 48.95 -6.54
CA ARG C 907 -5.67 47.89 -7.44
C ARG C 907 -6.87 48.43 -8.20
N SER C 908 -7.12 47.90 -9.38
CA SER C 908 -8.18 48.42 -10.25
C SER C 908 -9.56 48.16 -9.68
N PRO C 909 -10.58 48.96 -10.05
CA PRO C 909 -11.92 48.68 -9.61
C PRO C 909 -12.42 47.28 -9.95
N ILE C 910 -12.01 46.69 -11.06
CA ILE C 910 -12.41 45.28 -11.33
C ILE C 910 -11.70 44.39 -10.32
N GLU C 911 -10.44 44.66 -10.05
CA GLU C 911 -9.66 43.75 -9.19
C GLU C 911 -10.18 43.79 -7.75
N ASP C 912 -10.69 44.92 -7.31
CA ASP C 912 -11.27 44.99 -5.96
C ASP C 912 -12.50 44.09 -5.84
N LEU C 913 -13.36 44.12 -6.83
CA LEU C 913 -14.53 43.23 -6.82
C LEU C 913 -14.08 41.78 -6.89
N LEU C 914 -13.08 41.51 -7.70
CA LEU C 914 -12.55 40.12 -7.79
C LEU C 914 -12.03 39.70 -6.42
N PHE C 915 -11.26 40.57 -5.77
CA PHE C 915 -10.67 40.16 -4.49
C PHE C 915 -11.76 39.91 -3.48
N ASN C 916 -12.75 40.79 -3.45
CA ASN C 916 -13.79 40.69 -2.41
C ASN C 916 -14.58 39.40 -2.58
N LYS C 917 -14.85 39.00 -3.80
CA LYS C 917 -15.73 37.82 -3.93
C LYS C 917 -15.10 36.54 -3.43
N VAL C 918 -13.85 36.29 -3.74
CA VAL C 918 -13.27 34.98 -3.35
C VAL C 918 -12.89 35.00 -1.87
N THR C 919 -13.35 34.00 -1.12
CA THR C 919 -13.12 33.98 0.35
C THR C 919 -12.27 32.77 0.74
N PHE C 947 -2.02 17.53 14.33
CA PHE C 947 -2.32 18.76 13.57
C PHE C 947 -1.10 19.63 13.47
N ASN C 948 -0.23 19.59 14.46
CA ASN C 948 0.86 20.58 14.52
C ASN C 948 1.74 20.52 13.27
N GLY C 949 1.72 19.42 12.54
CA GLY C 949 2.64 19.29 11.40
C GLY C 949 2.37 20.27 10.30
N LEU C 950 1.11 20.56 10.05
CA LEU C 950 0.75 21.34 8.84
C LEU C 950 0.86 22.83 8.99
N THR C 951 1.42 23.46 7.97
CA THR C 951 1.63 24.92 7.97
C THR C 951 1.45 25.43 6.55
N VAL C 952 1.16 26.71 6.42
CA VAL C 952 0.98 27.32 5.08
C VAL C 952 2.13 28.28 4.80
N LEU C 953 2.80 28.09 3.68
CA LEU C 953 3.97 28.94 3.42
C LEU C 953 3.50 30.14 2.63
N PRO C 954 4.16 31.32 2.75
CA PRO C 954 3.66 32.48 2.08
C PRO C 954 4.10 32.54 0.62
N PRO C 955 3.28 33.10 -0.30
CA PRO C 955 3.65 33.16 -1.67
C PRO C 955 4.87 34.04 -1.85
N LEU C 956 5.74 33.71 -2.80
CA LEU C 956 6.91 34.57 -3.06
C LEU C 956 6.47 35.93 -3.57
N LEU C 957 5.50 35.98 -4.45
CA LEU C 957 5.03 37.25 -5.02
C LEU C 957 3.79 37.70 -4.25
N THR C 958 3.82 38.89 -3.70
CA THR C 958 2.68 39.31 -2.90
C THR C 958 1.56 39.74 -3.83
N ASP C 959 0.40 40.06 -3.29
CA ASP C 959 -0.69 40.57 -4.12
C ASP C 959 -0.37 41.96 -4.65
N GLU C 960 0.40 42.74 -3.91
CA GLU C 960 0.78 44.07 -4.42
C GLU C 960 1.66 43.94 -5.66
N MET C 961 2.63 43.04 -5.64
CA MET C 961 3.52 42.90 -6.78
C MET C 961 2.78 42.28 -7.95
N ILE C 962 1.86 41.37 -7.69
CA ILE C 962 1.05 40.78 -8.78
C ILE C 962 0.24 41.90 -9.43
N ALA C 963 -0.31 42.81 -8.64
CA ALA C 963 -1.03 43.96 -9.21
C ALA C 963 -0.06 44.86 -9.95
N GLN C 964 1.16 45.01 -9.49
CA GLN C 964 2.08 45.86 -10.25
C GLN C 964 2.32 45.24 -11.63
N TYR C 965 2.47 43.93 -11.72
CA TYR C 965 2.74 43.34 -13.03
C TYR C 965 1.50 43.49 -13.91
N THR C 966 0.31 43.29 -13.37
CA THR C 966 -0.89 43.49 -14.18
C THR C 966 -0.99 44.95 -14.62
N SER C 967 -0.63 45.88 -13.75
CA SER C 967 -0.63 47.31 -14.13
C SER C 967 0.36 47.55 -15.25
N ALA C 968 1.51 46.91 -15.21
CA ALA C 968 2.54 47.14 -16.23
C ALA C 968 2.05 46.62 -17.55
N LEU C 969 1.43 45.47 -17.57
CA LEU C 969 0.96 44.89 -18.83
C LEU C 969 -0.16 45.74 -19.41
N LEU C 970 -1.07 46.22 -18.60
CA LEU C 970 -2.14 47.13 -19.09
C LEU C 970 -1.53 48.43 -19.58
N ALA C 971 -0.57 49.00 -18.86
CA ALA C 971 -0.02 50.28 -19.29
C ALA C 971 0.74 50.12 -20.61
N GLY C 972 1.50 49.07 -20.76
CA GLY C 972 2.16 48.87 -22.05
C GLY C 972 1.17 48.60 -23.14
N THR C 973 0.15 47.80 -22.89
CA THR C 973 -0.75 47.42 -24.00
C THR C 973 -1.63 48.58 -24.36
N ILE C 974 -1.67 49.61 -23.55
CA ILE C 974 -2.51 50.80 -23.84
C ILE C 974 -1.68 51.86 -24.53
N THR C 975 -0.57 52.26 -23.95
CA THR C 975 0.29 53.23 -24.63
C THR C 975 1.09 52.67 -25.79
N SER C 976 1.87 51.62 -25.60
CA SER C 976 2.81 51.19 -26.65
C SER C 976 2.27 50.12 -27.56
N GLY C 977 1.14 49.55 -27.23
CA GLY C 977 0.55 48.60 -28.16
C GLY C 977 1.23 47.26 -28.13
N TRP C 978 1.11 46.50 -29.18
CA TRP C 978 1.62 45.13 -29.18
C TRP C 978 3.12 45.11 -29.37
N THR C 979 3.76 46.27 -29.49
CA THR C 979 5.20 46.33 -29.77
C THR C 979 6.07 46.15 -28.54
N PHE C 980 5.50 46.27 -27.35
CA PHE C 980 6.29 46.20 -26.11
C PHE C 980 6.72 44.79 -25.76
N GLY C 981 6.00 43.80 -26.26
CA GLY C 981 6.30 42.42 -25.88
C GLY C 981 7.31 41.78 -26.80
N ALA C 982 7.55 42.40 -27.95
CA ALA C 982 8.48 41.81 -28.93
C ALA C 982 9.84 42.49 -28.94
N GLY C 983 9.98 43.63 -28.28
CA GLY C 983 11.23 44.39 -28.32
C GLY C 983 11.09 45.64 -27.51
N PRO C 984 11.72 46.76 -27.88
CA PRO C 984 11.50 47.99 -27.17
C PRO C 984 10.09 48.52 -27.34
N ALA C 985 9.58 49.21 -26.34
CA ALA C 985 8.20 49.69 -26.37
C ALA C 985 8.12 50.96 -27.20
N LEU C 986 7.31 50.93 -28.24
CA LEU C 986 7.20 52.06 -29.16
C LEU C 986 5.82 52.68 -28.98
N GLN C 987 5.77 53.98 -28.75
CA GLN C 987 4.46 54.58 -28.46
C GLN C 987 3.59 54.59 -29.68
N ILE C 988 2.28 54.69 -29.49
CA ILE C 988 1.38 54.81 -30.65
C ILE C 988 0.12 55.50 -30.16
N PRO C 989 -0.57 56.34 -30.95
CA PRO C 989 -1.82 56.86 -30.51
C PRO C 989 -2.83 55.72 -30.39
N PHE C 990 -3.67 55.76 -29.37
CA PHE C 990 -4.57 54.61 -29.17
C PHE C 990 -5.50 54.45 -30.34
N PRO C 991 -6.16 55.48 -30.89
CA PRO C 991 -7.05 55.21 -32.00
C PRO C 991 -6.30 54.57 -33.18
N MET C 992 -5.07 54.98 -33.43
CA MET C 992 -4.30 54.33 -34.50
C MET C 992 -4.07 52.88 -34.16
N GLN C 993 -3.83 52.58 -32.90
CA GLN C 993 -3.61 51.19 -32.47
C GLN C 993 -4.87 50.38 -32.73
N MET C 994 -6.02 50.91 -32.42
CA MET C 994 -7.26 50.19 -32.71
C MET C 994 -7.46 50.06 -34.22
N ALA C 995 -7.01 51.01 -35.00
CA ALA C 995 -7.16 50.90 -36.46
C ALA C 995 -6.33 49.75 -36.98
N TYR C 996 -5.14 49.56 -36.48
CA TYR C 996 -4.31 48.42 -36.88
C TYR C 996 -4.93 47.14 -36.41
N ARG C 997 -5.56 47.12 -35.24
CA ARG C 997 -6.25 45.90 -34.83
C ARG C 997 -7.42 45.59 -35.77
N PHE C 998 -8.19 46.57 -36.17
CA PHE C 998 -9.26 46.30 -37.14
C PHE C 998 -8.65 45.78 -38.44
N ASN C 999 -7.57 46.36 -38.88
CA ASN C 999 -6.95 45.96 -40.14
C ASN C 999 -6.48 44.55 -39.96
N GLY C 1000 -6.19 44.17 -38.75
CA GLY C 1000 -5.79 42.79 -38.48
C GLY C 1000 -6.93 41.83 -38.66
N ILE C 1001 -8.13 42.19 -38.25
CA ILE C 1001 -9.25 41.22 -38.26
C ILE C 1001 -9.90 41.22 -39.62
N GLY C 1002 -9.44 42.05 -40.54
CA GLY C 1002 -9.94 42.05 -41.93
C GLY C 1002 -10.73 43.27 -42.32
N VAL C 1003 -10.89 44.23 -41.43
CA VAL C 1003 -11.74 45.41 -41.69
C VAL C 1003 -10.84 46.62 -41.86
N THR C 1004 -11.07 47.41 -42.90
CA THR C 1004 -10.20 48.54 -43.22
C THR C 1004 -10.26 49.58 -42.12
N GLN C 1005 -9.25 50.42 -42.04
CA GLN C 1005 -9.19 51.33 -40.91
C GLN C 1005 -10.05 52.55 -41.09
N ASN C 1006 -10.61 52.78 -42.26
CA ASN C 1006 -11.54 53.94 -42.38
C ASN C 1006 -12.70 53.70 -41.45
N VAL C 1007 -13.06 52.45 -41.22
CA VAL C 1007 -14.26 52.15 -40.41
C VAL C 1007 -14.08 52.68 -38.99
N LEU C 1008 -12.92 52.45 -38.40
CA LEU C 1008 -12.72 53.00 -37.06
C LEU C 1008 -12.61 54.50 -37.12
N TYR C 1009 -11.89 55.02 -38.08
CA TYR C 1009 -11.65 56.48 -38.06
C TYR C 1009 -12.97 57.18 -38.19
N GLU C 1010 -13.91 56.58 -38.90
CA GLU C 1010 -15.22 57.20 -39.20
C GLU C 1010 -16.29 56.81 -38.19
N ASN C 1011 -16.04 55.87 -37.30
CA ASN C 1011 -17.02 55.53 -36.25
C ASN C 1011 -16.35 55.60 -34.87
N GLN C 1012 -15.37 56.48 -34.68
CA GLN C 1012 -14.59 56.44 -33.43
C GLN C 1012 -15.49 56.66 -32.26
N LYS C 1013 -16.43 57.59 -32.34
CA LYS C 1013 -17.25 57.90 -31.14
C LYS C 1013 -18.08 56.68 -30.80
N LEU C 1014 -18.65 56.01 -31.78
CA LEU C 1014 -19.50 54.86 -31.46
C LEU C 1014 -18.65 53.76 -30.86
N ILE C 1015 -17.47 53.53 -31.40
CA ILE C 1015 -16.59 52.43 -30.91
C ILE C 1015 -16.13 52.74 -29.49
N ALA C 1016 -15.75 53.97 -29.21
CA ALA C 1016 -15.40 54.33 -27.84
C ALA C 1016 -16.61 54.18 -26.92
N ASN C 1017 -17.80 54.58 -27.37
CA ASN C 1017 -18.98 54.50 -26.49
C ASN C 1017 -19.25 53.03 -26.21
N GLN C 1018 -19.15 52.20 -27.21
CA GLN C 1018 -19.49 50.79 -27.01
C GLN C 1018 -18.48 50.19 -26.05
N PHE C 1019 -17.23 50.53 -26.21
CA PHE C 1019 -16.17 49.91 -25.38
C PHE C 1019 -16.35 50.35 -23.95
N ASN C 1020 -16.62 51.62 -23.74
CA ASN C 1020 -16.81 52.14 -22.37
C ASN C 1020 -18.00 51.47 -21.72
N SER C 1021 -19.10 51.33 -22.44
CA SER C 1021 -20.31 50.71 -21.88
C SER C 1021 -20.04 49.25 -21.54
N ALA C 1022 -19.35 48.53 -22.41
CA ALA C 1022 -19.06 47.11 -22.16
C ALA C 1022 -18.18 46.96 -20.92
N ILE C 1023 -17.16 47.79 -20.80
CA ILE C 1023 -16.24 47.66 -19.66
C ILE C 1023 -17.01 48.00 -18.39
N GLY C 1024 -17.88 49.00 -18.45
CA GLY C 1024 -18.67 49.31 -17.26
C GLY C 1024 -19.61 48.19 -16.88
N LYS C 1025 -20.24 47.58 -17.85
CA LYS C 1025 -21.18 46.48 -17.60
C LYS C 1025 -20.48 45.27 -17.01
N ILE C 1026 -19.25 45.03 -17.38
CA ILE C 1026 -18.56 43.79 -16.90
C ILE C 1026 -18.45 43.84 -15.37
N GLN C 1027 -18.21 45.01 -14.80
CA GLN C 1027 -18.11 45.14 -13.33
C GLN C 1027 -19.44 44.75 -12.66
N ASP C 1028 -20.54 45.25 -13.18
CA ASP C 1028 -21.86 44.87 -12.64
C ASP C 1028 -22.08 43.37 -12.88
N SER C 1029 -21.66 42.88 -14.02
CA SER C 1029 -21.93 41.45 -14.32
C SER C 1029 -21.21 40.63 -13.27
N LEU C 1030 -19.99 41.00 -12.93
CA LEU C 1030 -19.24 40.17 -11.98
C LEU C 1030 -19.95 40.25 -10.64
N SER C 1031 -20.38 41.44 -10.24
CA SER C 1031 -21.00 41.63 -8.90
C SER C 1031 -22.37 40.95 -8.82
N SER C 1032 -23.16 41.05 -9.88
CA SER C 1032 -24.55 40.55 -9.84
C SER C 1032 -24.57 39.04 -9.65
N THR C 1033 -23.69 38.32 -10.35
CA THR C 1033 -23.66 36.87 -10.12
C THR C 1033 -22.54 36.58 -9.12
N PRO C 1034 -22.85 36.05 -7.92
CA PRO C 1034 -21.78 35.68 -7.00
C PRO C 1034 -20.92 34.49 -7.47
N SER C 1035 -21.37 33.74 -8.47
CA SER C 1035 -20.66 32.51 -8.88
C SER C 1035 -19.77 32.72 -10.09
N ALA C 1036 -19.48 33.97 -10.43
CA ALA C 1036 -18.60 34.24 -11.58
C ALA C 1036 -17.21 33.64 -11.36
N LEU C 1037 -16.71 33.67 -10.12
CA LEU C 1037 -15.33 33.21 -9.82
C LEU C 1037 -15.35 31.77 -9.31
N GLY C 1038 -16.18 30.96 -9.92
CA GLY C 1038 -16.30 29.57 -9.49
C GLY C 1038 -15.02 28.79 -9.63
N LYS C 1039 -14.25 29.01 -10.67
CA LYS C 1039 -13.04 28.19 -10.86
C LYS C 1039 -12.06 28.43 -9.71
N LEU C 1040 -11.84 29.68 -9.35
CA LEU C 1040 -10.89 29.97 -8.27
C LEU C 1040 -11.46 29.45 -6.95
N GLN C 1041 -12.74 29.63 -6.74
CA GLN C 1041 -13.31 29.22 -5.44
C GLN C 1041 -13.22 27.72 -5.37
N ASP C 1042 -13.42 27.05 -6.47
CA ASP C 1042 -13.42 25.58 -6.47
C ASP C 1042 -12.04 25.10 -6.08
N VAL C 1043 -11.02 25.75 -6.60
CA VAL C 1043 -9.64 25.30 -6.30
C VAL C 1043 -9.42 25.48 -4.79
N VAL C 1044 -9.86 26.59 -4.25
CA VAL C 1044 -9.60 26.86 -2.81
C VAL C 1044 -10.34 25.83 -1.97
N ASN C 1045 -11.57 25.54 -2.32
CA ASN C 1045 -12.38 24.60 -1.55
C ASN C 1045 -11.75 23.22 -1.62
N GLN C 1046 -11.27 22.81 -2.78
CA GLN C 1046 -10.74 21.43 -2.89
C GLN C 1046 -9.53 21.28 -1.98
N ASN C 1047 -8.66 22.27 -1.97
CA ASN C 1047 -7.47 22.20 -1.12
C ASN C 1047 -7.89 22.18 0.35
N ALA C 1048 -8.83 23.03 0.73
CA ALA C 1048 -9.21 23.12 2.15
C ALA C 1048 -9.85 21.83 2.61
N GLN C 1049 -10.72 21.27 1.82
CA GLN C 1049 -11.40 20.04 2.22
C GLN C 1049 -10.38 18.93 2.36
N ALA C 1050 -9.39 18.87 1.48
CA ALA C 1050 -8.45 17.74 1.54
C ALA C 1050 -7.63 17.86 2.81
N LEU C 1051 -7.23 19.07 3.16
CA LEU C 1051 -6.45 19.27 4.40
C LEU C 1051 -7.32 18.91 5.59
N ASN C 1052 -8.60 19.24 5.54
CA ASN C 1052 -9.50 18.98 6.67
C ASN C 1052 -9.65 17.48 6.84
N THR C 1053 -9.80 16.76 5.78
CA THR C 1053 -9.89 15.29 5.89
C THR C 1053 -8.59 14.75 6.48
N LEU C 1054 -7.46 15.31 6.11
CA LEU C 1054 -6.17 14.81 6.61
C LEU C 1054 -6.15 15.02 8.11
N VAL C 1055 -6.65 16.15 8.59
CA VAL C 1055 -6.66 16.45 10.04
C VAL C 1055 -7.64 15.51 10.73
N LYS C 1056 -8.75 15.22 10.11
CA LYS C 1056 -9.76 14.32 10.69
C LYS C 1056 -9.21 12.92 10.86
N GLN C 1057 -8.35 12.47 9.97
CA GLN C 1057 -7.89 11.07 10.05
C GLN C 1057 -7.05 10.84 11.27
N LEU C 1058 -6.71 11.86 12.03
CA LEU C 1058 -5.96 11.67 13.29
C LEU C 1058 -6.93 11.34 14.42
N SER C 1059 -8.21 11.20 14.13
CA SER C 1059 -9.24 10.85 15.15
C SER C 1059 -9.70 9.41 15.00
N SER C 1060 -9.01 8.60 14.19
CA SER C 1060 -9.46 7.23 13.92
C SER C 1060 -8.52 6.23 14.57
N ASN C 1061 -9.06 5.22 15.22
CA ASN C 1061 -8.25 4.22 15.95
C ASN C 1061 -7.48 3.31 15.02
N PHE C 1062 -7.96 3.05 13.82
CA PHE C 1062 -7.21 2.26 12.82
C PHE C 1062 -6.97 0.85 13.33
N GLY C 1063 -7.78 0.41 14.27
CA GLY C 1063 -7.65 -0.97 14.80
C GLY C 1063 -6.89 -1.03 16.11
N ALA C 1064 -6.59 0.11 16.70
CA ALA C 1064 -5.90 0.17 18.00
C ALA C 1064 -6.92 0.34 19.12
N ILE C 1065 -6.45 0.68 20.30
CA ILE C 1065 -7.36 0.88 21.45
C ILE C 1065 -7.72 2.36 21.59
N SER C 1066 -6.84 3.27 21.20
CA SER C 1066 -7.22 4.69 21.24
C SER C 1066 -6.50 5.46 20.15
N SER C 1067 -7.14 6.47 19.59
CA SER C 1067 -6.48 7.33 18.61
C SER C 1067 -5.38 8.13 19.28
N VAL C 1068 -5.59 8.52 20.53
CA VAL C 1068 -4.61 9.45 21.18
C VAL C 1068 -3.34 8.70 21.52
N LEU C 1069 -2.21 9.21 21.06
CA LEU C 1069 -0.93 8.51 21.25
C LEU C 1069 -0.52 8.58 22.69
N ASN C 1070 -0.67 9.73 23.31
CA ASN C 1070 -0.16 9.90 24.69
C ASN C 1070 -0.92 8.95 25.61
N ASP C 1071 -2.23 8.83 25.45
CA ASP C 1071 -3.03 7.88 26.26
C ASP C 1071 -2.65 6.44 25.99
N ILE C 1072 -2.45 6.07 24.75
CA ILE C 1072 -2.08 4.68 24.41
C ILE C 1072 -0.69 4.39 24.93
N LEU C 1073 0.09 5.41 25.29
CA LEU C 1073 1.42 5.20 25.92
C LEU C 1073 1.34 5.45 27.41
N SER C 1074 0.24 6.02 27.91
CA SER C 1074 0.06 6.26 29.36
C SER C 1074 -0.54 5.04 30.02
N ARG C 1075 -0.86 4.01 29.26
CA ARG C 1075 -1.55 2.87 29.87
C ARG C 1075 -0.90 1.54 29.56
N LEU C 1076 0.22 1.50 28.83
CA LEU C 1076 0.78 0.17 28.49
C LEU C 1076 2.31 0.19 28.61
N ASP C 1077 2.89 -1.00 28.73
CA ASP C 1077 4.36 -1.13 28.79
C ASP C 1077 4.92 -1.27 27.37
N PRO C 1078 6.24 -1.11 27.15
CA PRO C 1078 6.75 -1.08 25.81
C PRO C 1078 6.36 -2.27 24.93
N PRO C 1079 6.45 -3.52 25.38
CA PRO C 1079 6.14 -4.61 24.48
C PRO C 1079 4.69 -4.58 24.00
N GLU C 1080 3.79 -3.99 24.79
CA GLU C 1080 2.35 -4.04 24.43
C GLU C 1080 1.92 -2.73 23.80
N ALA C 1081 2.58 -1.64 24.17
CA ALA C 1081 2.29 -0.34 23.56
C ALA C 1081 2.77 -0.31 22.12
N GLU C 1082 3.89 -0.96 21.83
CA GLU C 1082 4.49 -0.91 20.48
C GLU C 1082 3.54 -1.48 19.45
N VAL C 1083 2.82 -2.53 19.75
CA VAL C 1083 1.96 -3.13 18.70
C VAL C 1083 0.87 -2.13 18.31
N GLN C 1084 0.25 -1.51 19.29
CA GLN C 1084 -0.77 -0.49 18.99
C GLN C 1084 -0.15 0.72 18.28
N ILE C 1085 1.03 1.13 18.69
CA ILE C 1085 1.69 2.26 18.00
C ILE C 1085 1.88 1.86 16.56
N ASP C 1086 2.27 0.63 16.29
CA ASP C 1086 2.57 0.24 14.91
C ASP C 1086 1.30 0.33 14.10
N ARG C 1087 0.18 -0.06 14.69
CA ARG C 1087 -1.10 -0.04 13.96
C ARG C 1087 -1.44 1.40 13.60
N LEU C 1088 -1.24 2.32 14.52
CA LEU C 1088 -1.50 3.74 14.22
C LEU C 1088 -0.53 4.23 13.16
N ILE C 1089 0.73 3.81 13.22
CA ILE C 1089 1.73 4.34 12.27
C ILE C 1089 1.35 3.93 10.86
N THR C 1090 0.93 2.71 10.68
CA THR C 1090 0.51 2.28 9.35
C THR C 1090 -0.68 3.10 8.89
N GLY C 1091 -1.65 3.31 9.75
CA GLY C 1091 -2.86 4.01 9.29
C GLY C 1091 -2.58 5.45 8.97
N ARG C 1092 -1.87 6.15 9.83
CA ARG C 1092 -1.59 7.57 9.62
C ARG C 1092 -0.67 7.77 8.43
N LEU C 1093 0.35 6.95 8.27
CA LEU C 1093 1.23 7.06 7.09
C LEU C 1093 0.45 6.79 5.82
N GLN C 1094 -0.45 5.83 5.81
CA GLN C 1094 -1.27 5.59 4.61
C GLN C 1094 -2.11 6.82 4.32
N SER C 1095 -2.69 7.44 5.33
CA SER C 1095 -3.58 8.59 5.08
C SER C 1095 -2.78 9.77 4.55
N LEU C 1096 -1.61 10.03 5.11
CA LEU C 1096 -0.79 11.14 4.62
C LEU C 1096 -0.35 10.84 3.20
N GLN C 1097 -0.01 9.61 2.89
CA GLN C 1097 0.46 9.26 1.53
C GLN C 1097 -0.65 9.50 0.53
N THR C 1098 -1.87 9.17 0.88
CA THR C 1098 -3.01 9.44 -0.02
C THR C 1098 -3.12 10.94 -0.23
N TYR C 1099 -2.93 11.72 0.81
CA TYR C 1099 -3.09 13.17 0.67
C TYR C 1099 -2.02 13.71 -0.25
N VAL C 1100 -0.80 13.24 -0.12
CA VAL C 1100 0.32 13.77 -0.93
C VAL C 1100 0.06 13.45 -2.39
N THR C 1101 -0.40 12.26 -2.69
CA THR C 1101 -0.67 11.86 -4.08
C THR C 1101 -1.80 12.69 -4.68
N GLN C 1102 -2.85 12.96 -3.94
CA GLN C 1102 -3.93 13.81 -4.46
C GLN C 1102 -3.40 15.20 -4.71
N GLN C 1103 -2.53 15.72 -3.86
CA GLN C 1103 -1.95 17.05 -4.11
C GLN C 1103 -1.08 17.05 -5.35
N LEU C 1104 -0.34 16.00 -5.63
CA LEU C 1104 0.44 15.96 -6.87
C LEU C 1104 -0.46 15.96 -8.10
N ILE C 1105 -1.54 15.21 -8.09
CA ILE C 1105 -2.44 15.25 -9.26
C ILE C 1105 -3.06 16.63 -9.38
N ARG C 1106 -3.48 17.21 -8.29
CA ARG C 1106 -4.16 18.51 -8.38
C ARG C 1106 -3.16 19.55 -8.86
N ALA C 1107 -1.94 19.48 -8.41
CA ALA C 1107 -0.93 20.46 -8.80
C ALA C 1107 -0.72 20.37 -10.29
N ALA C 1108 -0.76 19.18 -10.83
CA ALA C 1108 -0.57 18.99 -12.28
C ALA C 1108 -1.69 19.65 -13.07
N GLU C 1109 -2.93 19.53 -12.65
CA GLU C 1109 -4.00 20.24 -13.38
C GLU C 1109 -3.85 21.75 -13.26
N ILE C 1110 -3.49 22.25 -12.10
CA ILE C 1110 -3.25 23.71 -11.92
C ILE C 1110 -2.06 24.12 -12.76
N ARG C 1111 -1.06 23.28 -12.92
CA ARG C 1111 0.09 23.59 -13.80
C ARG C 1111 -0.37 23.69 -15.24
N ALA C 1112 -1.25 22.84 -15.67
CA ALA C 1112 -1.79 22.96 -17.04
C ALA C 1112 -2.53 24.28 -17.20
N SER C 1113 -3.33 24.68 -16.22
CA SER C 1113 -4.04 25.98 -16.28
C SER C 1113 -3.07 27.13 -16.23
N ALA C 1114 -1.99 27.07 -15.47
CA ALA C 1114 -0.96 28.12 -15.51
C ALA C 1114 -0.27 28.19 -16.84
N ASN C 1115 0.06 27.08 -17.46
CA ASN C 1115 0.66 27.09 -18.82
C ASN C 1115 -0.35 27.64 -19.83
N LEU C 1116 -1.60 27.28 -19.73
CA LEU C 1116 -2.62 27.89 -20.63
C LEU C 1116 -2.71 29.37 -20.36
N ALA C 1117 -2.63 29.81 -19.11
CA ALA C 1117 -2.79 31.23 -18.81
C ALA C 1117 -1.59 31.99 -19.31
N ALA C 1118 -0.41 31.43 -19.21
CA ALA C 1118 0.77 32.10 -19.76
C ALA C 1118 0.66 32.17 -21.27
N THR C 1119 0.17 31.14 -21.92
CA THR C 1119 -0.03 31.21 -23.36
C THR C 1119 -1.03 32.29 -23.67
N LYS C 1120 -2.13 32.38 -22.95
CA LYS C 1120 -3.13 33.39 -23.30
C LYS C 1120 -2.56 34.77 -23.05
N MET C 1121 -1.79 34.94 -22.00
CA MET C 1121 -1.23 36.26 -21.72
C MET C 1121 -0.32 36.66 -22.85
N SER C 1122 0.59 35.81 -23.28
CA SER C 1122 1.56 36.18 -24.31
C SER C 1122 0.89 36.33 -25.66
N GLU C 1123 0.01 35.43 -26.02
CA GLU C 1123 -0.60 35.42 -27.37
C GLU C 1123 -1.77 36.36 -27.52
N CYS C 1124 -2.35 36.81 -26.44
CA CYS C 1124 -3.57 37.62 -26.49
C CYS C 1124 -3.35 39.01 -25.89
N VAL C 1125 -2.78 39.13 -24.70
CA VAL C 1125 -2.46 40.45 -24.14
C VAL C 1125 -1.31 41.11 -24.86
N LEU C 1126 -0.29 40.36 -25.23
CA LEU C 1126 0.94 40.97 -25.79
C LEU C 1126 0.92 40.90 -27.30
N GLY C 1127 -0.26 40.82 -27.91
CA GLY C 1127 -0.35 40.81 -29.37
C GLY C 1127 -1.79 40.80 -29.80
N GLN C 1128 -2.08 40.18 -30.92
CA GLN C 1128 -3.46 39.99 -31.36
C GLN C 1128 -3.54 38.57 -31.85
N SER C 1129 -4.59 37.86 -31.51
CA SER C 1129 -4.63 36.42 -31.83
C SER C 1129 -5.47 36.15 -33.05
N LYS C 1130 -4.97 35.34 -33.96
CA LYS C 1130 -5.77 34.93 -35.13
C LYS C 1130 -6.46 33.63 -34.83
N ARG C 1131 -6.30 33.11 -33.62
CA ARG C 1131 -6.85 31.80 -33.27
C ARG C 1131 -8.28 31.98 -32.82
N VAL C 1132 -9.20 31.26 -33.45
CA VAL C 1132 -10.63 31.49 -33.19
C VAL C 1132 -11.06 30.90 -31.86
N ASP C 1133 -11.85 31.65 -31.10
CA ASP C 1133 -12.43 31.19 -29.82
C ASP C 1133 -11.38 31.12 -28.73
N PHE C 1134 -10.17 31.54 -29.01
CA PHE C 1134 -9.08 31.43 -28.01
C PHE C 1134 -9.06 32.67 -27.15
N CYS C 1135 -9.60 33.79 -27.63
CA CYS C 1135 -9.74 34.99 -26.79
C CYS C 1135 -11.16 35.53 -26.96
N GLY C 1136 -12.13 34.71 -26.63
CA GLY C 1136 -13.52 35.18 -26.66
C GLY C 1136 -14.19 34.94 -27.96
N LYS C 1137 -15.50 34.84 -27.95
CA LYS C 1137 -16.22 34.66 -29.22
C LYS C 1137 -16.08 35.91 -30.05
N GLY C 1138 -15.99 35.76 -31.36
CA GLY C 1138 -15.86 36.91 -32.24
C GLY C 1138 -14.43 37.17 -32.56
N TYR C 1139 -14.18 38.06 -33.49
CA TYR C 1139 -12.79 38.41 -33.81
C TYR C 1139 -12.18 39.13 -32.64
N HIS C 1140 -10.92 38.84 -32.38
CA HIS C 1140 -10.26 39.40 -31.21
C HIS C 1140 -9.51 40.65 -31.59
N LEU C 1141 -9.66 41.68 -30.78
CA LEU C 1141 -8.93 42.92 -31.03
C LEU C 1141 -7.79 43.08 -30.03
N MET C 1142 -8.09 43.13 -28.76
CA MET C 1142 -7.03 43.31 -27.77
C MET C 1142 -7.55 42.93 -26.39
N SER C 1143 -6.69 42.47 -25.50
CA SER C 1143 -7.15 41.95 -24.21
C SER C 1143 -6.48 42.62 -23.04
N PHE C 1144 -7.06 42.46 -21.87
CA PHE C 1144 -6.58 43.13 -20.65
C PHE C 1144 -6.53 42.12 -19.52
N PRO C 1145 -5.41 42.02 -18.78
CA PRO C 1145 -5.37 41.10 -17.72
C PRO C 1145 -5.79 41.73 -16.41
N GLN C 1146 -6.29 40.93 -15.50
CA GLN C 1146 -6.59 41.46 -14.16
C GLN C 1146 -6.18 40.40 -13.15
N SER C 1147 -5.63 40.85 -12.04
CA SER C 1147 -5.26 39.88 -11.00
C SER C 1147 -6.51 39.37 -10.30
N ALA C 1148 -6.36 38.31 -9.54
CA ALA C 1148 -7.47 37.75 -8.74
C ALA C 1148 -6.81 36.86 -7.70
N PRO C 1149 -7.47 36.45 -6.61
CA PRO C 1149 -6.76 35.65 -5.67
C PRO C 1149 -6.47 34.27 -6.26
N HIS C 1150 -5.20 33.91 -6.32
CA HIS C 1150 -4.78 32.60 -6.88
C HIS C 1150 -5.25 32.44 -8.31
N GLY C 1151 -5.23 33.51 -9.09
CA GLY C 1151 -5.76 33.39 -10.45
C GLY C 1151 -5.60 34.62 -11.27
N VAL C 1152 -5.94 34.51 -12.55
CA VAL C 1152 -5.89 35.66 -13.46
C VAL C 1152 -7.19 35.76 -14.21
N VAL C 1153 -7.71 36.97 -14.37
CA VAL C 1153 -8.97 37.20 -15.08
C VAL C 1153 -8.64 38.02 -16.32
N PHE C 1154 -9.07 37.54 -17.48
CA PHE C 1154 -8.72 38.21 -18.73
C PHE C 1154 -9.95 38.93 -19.24
N LEU C 1155 -9.73 40.06 -19.88
CA LEU C 1155 -10.85 40.80 -20.45
C LEU C 1155 -10.61 40.87 -21.96
N HIS C 1156 -11.31 40.05 -22.70
CA HIS C 1156 -11.08 39.99 -24.15
C HIS C 1156 -12.00 40.98 -24.84
N VAL C 1157 -11.45 41.87 -25.66
CA VAL C 1157 -12.28 42.80 -26.45
C VAL C 1157 -12.44 42.21 -27.83
N THR C 1158 -13.67 41.93 -28.21
CA THR C 1158 -13.94 41.26 -29.49
C THR C 1158 -14.88 42.07 -30.38
N TYR C 1159 -14.61 42.10 -31.66
CA TYR C 1159 -15.45 42.82 -32.61
C TYR C 1159 -16.43 41.83 -33.18
N VAL C 1160 -17.72 42.06 -32.99
CA VAL C 1160 -18.72 41.07 -33.45
C VAL C 1160 -19.55 41.68 -34.57
N PRO C 1161 -19.71 41.02 -35.72
CA PRO C 1161 -20.59 41.52 -36.74
C PRO C 1161 -22.04 41.54 -36.26
N ALA C 1162 -22.82 42.52 -36.70
CA ALA C 1162 -24.15 42.68 -36.10
C ALA C 1162 -25.32 42.68 -37.08
N GLN C 1163 -25.55 43.77 -37.80
CA GLN C 1163 -26.76 43.88 -38.65
C GLN C 1163 -26.50 43.34 -40.06
N GLU C 1164 -26.71 42.06 -40.23
CA GLU C 1164 -26.47 41.42 -41.54
C GLU C 1164 -27.51 41.83 -42.58
N LYS C 1165 -27.07 42.11 -43.79
CA LYS C 1165 -27.99 42.43 -44.89
C LYS C 1165 -27.69 41.51 -46.07
N ASN C 1166 -28.70 40.88 -46.65
CA ASN C 1166 -28.48 39.86 -47.69
C ASN C 1166 -28.44 40.46 -49.07
N PHE C 1167 -27.34 40.26 -49.78
CA PHE C 1167 -27.15 40.79 -51.14
C PHE C 1167 -26.87 39.63 -52.08
N THR C 1168 -27.11 39.86 -53.36
CA THR C 1168 -26.91 38.78 -54.34
C THR C 1168 -25.47 38.85 -54.79
N THR C 1169 -24.92 37.74 -55.25
CA THR C 1169 -23.49 37.77 -55.56
C THR C 1169 -23.10 36.93 -56.77
N ALA C 1170 -21.89 37.16 -57.27
CA ALA C 1170 -21.36 36.45 -58.43
C ALA C 1170 -19.86 36.29 -58.25
N PRO C 1171 -19.24 35.20 -58.71
CA PRO C 1171 -17.83 35.07 -58.56
C PRO C 1171 -16.98 36.08 -59.31
N ALA C 1172 -17.29 36.35 -60.57
CA ALA C 1172 -16.48 37.26 -61.37
C ALA C 1172 -17.33 38.09 -62.32
N ILE C 1173 -16.82 39.24 -62.72
CA ILE C 1173 -17.55 40.08 -63.70
C ILE C 1173 -16.74 40.16 -64.98
N CYS C 1174 -17.42 40.25 -66.11
CA CYS C 1174 -16.75 40.32 -67.43
C CYS C 1174 -17.02 41.67 -68.05
N HIS C 1175 -15.98 42.32 -68.56
CA HIS C 1175 -16.14 43.68 -69.09
C HIS C 1175 -15.75 43.74 -70.57
N ASP C 1176 -14.59 43.21 -70.93
CA ASP C 1176 -14.14 43.31 -72.33
C ASP C 1176 -13.63 41.95 -72.78
N GLY C 1177 -14.38 40.90 -72.48
CA GLY C 1177 -13.85 39.57 -72.81
C GLY C 1177 -12.81 39.13 -71.81
N LYS C 1178 -12.82 39.76 -70.64
CA LYS C 1178 -11.89 39.38 -69.56
C LYS C 1178 -12.71 39.14 -68.29
N ALA C 1179 -12.23 38.29 -67.39
CA ALA C 1179 -12.92 38.09 -66.09
C ALA C 1179 -12.18 38.85 -65.00
N HIS C 1180 -12.89 39.70 -64.28
CA HIS C 1180 -12.29 40.49 -63.19
C HIS C 1180 -12.63 39.88 -61.84
N PHE C 1181 -11.64 39.70 -60.98
CA PHE C 1181 -11.84 39.12 -59.65
C PHE C 1181 -11.56 40.18 -58.60
N PRO C 1182 -12.31 40.23 -57.48
CA PRO C 1182 -12.14 41.32 -56.53
C PRO C 1182 -10.79 41.27 -55.86
N ARG C 1183 -10.11 42.40 -55.73
CA ARG C 1183 -8.74 42.30 -55.17
C ARG C 1183 -8.85 41.89 -53.72
N GLU C 1184 -9.70 42.56 -52.96
CA GLU C 1184 -10.00 42.17 -51.57
C GLU C 1184 -11.45 42.56 -51.36
N GLY C 1185 -12.26 41.62 -50.96
CA GLY C 1185 -13.66 41.98 -50.89
C GLY C 1185 -14.51 41.01 -51.65
N VAL C 1186 -15.77 41.37 -51.86
CA VAL C 1186 -16.70 40.45 -52.52
C VAL C 1186 -17.58 41.26 -53.45
N PHE C 1187 -18.14 40.61 -54.47
CA PHE C 1187 -19.04 41.29 -55.42
C PHE C 1187 -20.47 41.19 -54.92
N VAL C 1188 -21.14 42.32 -54.85
CA VAL C 1188 -22.53 42.36 -54.34
C VAL C 1188 -23.35 43.28 -55.21
N SER C 1189 -24.66 43.09 -55.20
CA SER C 1189 -25.56 43.99 -55.94
C SER C 1189 -26.64 44.49 -55.01
N ASN C 1190 -27.01 45.76 -55.14
CA ASN C 1190 -28.10 46.35 -54.33
C ASN C 1190 -29.42 46.04 -55.03
N GLY C 1191 -29.36 45.18 -56.05
CA GLY C 1191 -30.53 44.78 -56.86
C GLY C 1191 -30.42 45.25 -58.29
N THR C 1192 -29.74 46.37 -58.53
CA THR C 1192 -29.63 46.93 -59.90
C THR C 1192 -28.18 47.03 -60.32
N HIS C 1193 -27.35 47.72 -59.52
CA HIS C 1193 -25.93 47.93 -59.86
C HIS C 1193 -25.06 46.88 -59.20
N TRP C 1194 -23.76 46.92 -59.46
CA TRP C 1194 -22.82 46.01 -58.79
C TRP C 1194 -21.77 46.79 -58.04
N PHE C 1195 -21.31 46.23 -56.95
CA PHE C 1195 -20.32 46.92 -56.13
C PHE C 1195 -19.45 45.89 -55.43
N VAL C 1196 -18.23 46.28 -55.11
CA VAL C 1196 -17.29 45.37 -54.43
C VAL C 1196 -17.11 45.92 -53.02
N THR C 1197 -17.31 45.07 -52.03
CA THR C 1197 -17.26 45.55 -50.64
C THR C 1197 -16.47 44.58 -49.80
N GLN C 1198 -15.92 45.08 -48.70
CA GLN C 1198 -15.10 44.21 -47.83
C GLN C 1198 -15.98 43.14 -47.22
N ARG C 1199 -15.43 41.95 -47.00
CA ARG C 1199 -16.26 40.84 -46.53
C ARG C 1199 -16.79 41.12 -45.14
N ASN C 1200 -16.08 41.84 -44.29
CA ASN C 1200 -16.54 41.99 -42.89
C ASN C 1200 -17.17 43.35 -42.62
N PHE C 1201 -17.48 44.13 -43.63
CA PHE C 1201 -18.25 45.38 -43.40
C PHE C 1201 -18.96 45.73 -44.69
N TYR C 1202 -20.04 46.49 -44.60
CA TYR C 1202 -20.71 46.93 -45.83
C TYR C 1202 -20.29 48.36 -46.13
N GLU C 1203 -19.32 48.50 -47.01
CA GLU C 1203 -18.91 49.83 -47.50
C GLU C 1203 -18.90 49.68 -49.01
N PRO C 1204 -20.05 49.80 -49.70
CA PRO C 1204 -20.09 49.51 -51.12
C PRO C 1204 -19.27 50.47 -51.95
N GLN C 1205 -18.56 49.94 -52.93
CA GLN C 1205 -17.62 50.78 -53.71
C GLN C 1205 -17.76 50.48 -55.19
N ILE C 1206 -17.41 51.44 -56.02
CA ILE C 1206 -17.60 51.27 -57.49
C ILE C 1206 -16.51 50.34 -57.99
N ILE C 1207 -16.82 49.53 -58.97
CA ILE C 1207 -15.83 48.54 -59.41
C ILE C 1207 -14.89 49.25 -60.35
N THR C 1208 -13.75 49.69 -59.84
CA THR C 1208 -12.73 50.26 -60.75
C THR C 1208 -11.79 49.16 -61.19
N THR C 1209 -10.76 49.50 -61.93
CA THR C 1209 -9.77 48.46 -62.24
C THR C 1209 -8.68 48.52 -61.19
N ASP C 1210 -8.75 49.47 -60.26
CA ASP C 1210 -7.79 49.52 -59.14
C ASP C 1210 -8.08 48.39 -58.15
N ASN C 1211 -9.34 48.06 -57.94
CA ASN C 1211 -9.67 47.08 -56.88
C ASN C 1211 -9.99 45.72 -57.44
N THR C 1212 -9.53 45.45 -58.65
CA THR C 1212 -9.73 44.09 -59.18
C THR C 1212 -8.53 43.73 -60.07
N PHE C 1213 -8.46 42.48 -60.47
CA PHE C 1213 -7.38 42.05 -61.36
C PHE C 1213 -8.00 41.20 -62.44
N VAL C 1214 -7.20 40.79 -63.41
CA VAL C 1214 -7.78 40.05 -64.55
C VAL C 1214 -7.13 38.71 -64.71
N SER C 1215 -7.93 37.70 -65.02
CA SER C 1215 -7.36 36.38 -65.37
C SER C 1215 -8.35 35.59 -66.20
N GLY C 1216 -7.98 35.20 -67.39
CA GLY C 1216 -8.81 34.25 -68.16
C GLY C 1216 -9.91 34.79 -69.00
N ASN C 1217 -10.44 33.92 -69.85
CA ASN C 1217 -11.61 34.28 -70.67
C ASN C 1217 -12.86 34.06 -69.84
N CYS C 1218 -13.93 34.75 -70.20
CA CYS C 1218 -15.14 34.73 -69.36
C CYS C 1218 -15.76 33.34 -69.23
N ASP C 1219 -15.57 32.47 -70.19
CA ASP C 1219 -16.29 31.18 -70.15
C ASP C 1219 -15.79 30.25 -69.05
N VAL C 1220 -14.52 30.36 -68.69
CA VAL C 1220 -13.94 29.39 -67.72
C VAL C 1220 -14.60 29.48 -66.34
N VAL C 1221 -14.88 30.68 -65.86
CA VAL C 1221 -15.55 30.84 -64.55
C VAL C 1221 -17.04 30.58 -64.65
N ILE C 1222 -17.59 29.89 -63.66
CA ILE C 1222 -19.03 29.51 -63.71
C ILE C 1222 -19.78 30.50 -62.87
N GLY C 1223 -20.77 31.15 -63.44
CA GLY C 1223 -21.51 32.19 -62.72
C GLY C 1223 -21.07 33.61 -63.04
N ILE C 1224 -20.21 33.80 -64.03
CA ILE C 1224 -19.69 35.12 -64.36
C ILE C 1224 -20.83 36.01 -64.80
N VAL C 1225 -20.79 37.27 -64.40
CA VAL C 1225 -21.85 38.22 -64.77
C VAL C 1225 -21.26 39.36 -65.57
N ASN C 1226 -22.10 40.03 -66.34
CA ASN C 1226 -21.62 41.14 -67.17
C ASN C 1226 -21.89 42.44 -66.43
N ASN C 1227 -20.88 43.29 -66.38
CA ASN C 1227 -21.07 44.63 -65.79
C ASN C 1227 -19.97 45.52 -66.34
N THR C 1228 -19.95 46.75 -65.87
CA THR C 1228 -18.96 47.72 -66.36
C THR C 1228 -17.97 47.99 -65.26
N VAL C 1229 -16.70 47.86 -65.59
CA VAL C 1229 -15.64 48.19 -64.62
C VAL C 1229 -15.10 49.57 -65.00
N TYR C 1230 -15.30 50.52 -64.13
CA TYR C 1230 -14.84 51.89 -64.41
C TYR C 1230 -13.34 51.90 -64.46
N ASP C 1231 -12.80 52.76 -65.28
CA ASP C 1231 -11.32 52.88 -65.40
C ASP C 1231 -10.94 54.35 -65.20
N PRO C 1232 -10.11 54.68 -64.20
CA PRO C 1232 -9.80 56.06 -63.94
C PRO C 1232 -9.07 56.72 -65.12
N LEU C 1233 -8.49 55.89 -65.97
CA LEU C 1233 -7.74 56.44 -67.14
C LEU C 1233 -8.69 57.14 -68.10
N GLN C 1234 -9.90 56.62 -68.27
CA GLN C 1234 -10.78 57.15 -69.33
C GLN C 1234 -11.14 58.62 -69.14
N PRO C 1235 -11.56 59.13 -67.96
CA PRO C 1235 -11.91 60.54 -67.90
C PRO C 1235 -10.73 61.47 -68.16
N GLU C 1236 -9.59 61.19 -67.53
CA GLU C 1236 -8.44 62.10 -67.66
C GLU C 1236 -7.76 61.93 -69.03
N LEU C 1237 -8.09 60.86 -69.74
CA LEU C 1237 -7.54 60.70 -71.12
C LEU C 1237 -8.48 61.32 -72.14
N ASP C 1238 -9.79 61.25 -71.90
CA ASP C 1238 -10.74 61.89 -72.84
C ASP C 1238 -10.58 63.41 -72.78
N SER C 1239 -10.39 63.98 -71.57
CA SER C 1239 -10.24 65.44 -71.43
C SER C 1239 -9.02 65.89 -72.23
N GLN D 17 -17.50 -46.10 45.00
CA GLN D 17 -18.87 -45.59 44.72
C GLN D 17 -19.54 -45.21 46.05
N VAL D 18 -20.62 -44.43 45.95
CA VAL D 18 -21.34 -44.02 47.17
C VAL D 18 -22.65 -44.80 47.25
N GLN D 19 -23.02 -45.23 48.45
CA GLN D 19 -24.24 -46.05 48.63
C GLN D 19 -25.13 -45.41 49.68
N LEU D 20 -26.43 -45.61 49.53
CA LEU D 20 -27.42 -45.03 50.46
C LEU D 20 -28.35 -46.16 50.91
N VAL D 21 -28.68 -46.17 52.20
CA VAL D 21 -29.56 -47.21 52.77
C VAL D 21 -30.70 -46.53 53.52
N GLU D 22 -31.92 -47.04 53.32
CA GLU D 22 -33.11 -46.42 53.94
C GLU D 22 -33.55 -47.23 55.14
N SER D 23 -33.90 -46.54 56.23
CA SER D 23 -34.42 -47.24 57.42
C SER D 23 -35.53 -46.41 58.06
N GLY D 24 -36.30 -47.04 58.94
CA GLY D 24 -37.31 -46.28 59.70
C GLY D 24 -38.69 -46.29 59.11
N GLY D 25 -38.94 -47.12 58.10
CA GLY D 25 -40.29 -47.20 57.51
C GLY D 25 -41.20 -48.16 58.25
N GLY D 26 -42.39 -47.68 58.63
CA GLY D 26 -43.33 -48.54 59.36
C GLY D 26 -44.70 -47.91 59.43
N LEU D 27 -45.69 -48.71 59.82
CA LEU D 27 -47.08 -48.18 59.88
C LEU D 27 -47.21 -47.17 61.02
N VAL D 28 -47.96 -46.11 60.77
CA VAL D 28 -48.22 -45.11 61.84
C VAL D 28 -49.72 -44.79 61.83
N GLN D 29 -50.26 -44.43 62.99
CA GLN D 29 -51.68 -44.06 63.06
C GLN D 29 -51.90 -42.71 62.36
N ALA D 30 -53.16 -42.37 62.11
CA ALA D 30 -53.47 -41.08 61.47
C ALA D 30 -52.98 -39.91 62.33
N GLY D 31 -52.32 -38.95 61.67
CA GLY D 31 -51.83 -37.76 62.41
C GLY D 31 -50.47 -37.95 63.05
N GLY D 32 -49.86 -39.12 62.91
CA GLY D 32 -48.57 -39.40 63.56
C GLY D 32 -47.39 -38.73 62.88
N SER D 33 -46.28 -38.61 63.62
CA SER D 33 -45.05 -38.04 63.01
C SER D 33 -43.94 -39.09 63.05
N LEU D 34 -43.57 -39.61 61.88
CA LEU D 34 -42.47 -40.60 61.79
C LEU D 34 -41.34 -39.96 61.00
N ARG D 35 -40.12 -40.04 61.54
CA ARG D 35 -38.99 -39.33 60.90
C ARG D 35 -38.22 -40.31 60.04
N LEU D 36 -38.34 -40.14 58.73
CA LEU D 36 -37.65 -41.08 57.79
C LEU D 36 -36.19 -40.62 57.67
N SER D 37 -35.28 -41.50 58.09
CA SER D 37 -33.84 -41.12 58.07
C SER D 37 -33.06 -42.21 57.33
N CYS D 38 -32.43 -41.83 56.23
CA CYS D 38 -31.66 -42.82 55.44
C CYS D 38 -30.18 -42.52 55.59
N ALA D 39 -29.38 -43.56 55.78
CA ALA D 39 -27.93 -43.36 55.89
C ALA D 39 -27.31 -43.21 54.50
N VAL D 40 -26.22 -42.45 54.43
CA VAL D 40 -25.53 -42.23 53.14
C VAL D 40 -24.05 -42.51 53.34
N SER D 41 -23.44 -43.17 52.36
CA SER D 41 -21.97 -43.40 52.40
C SER D 41 -21.31 -42.34 51.53
N GLY D 42 -20.31 -41.63 52.08
CA GLY D 42 -19.58 -40.61 51.30
C GLY D 42 -20.42 -39.44 50.85
N LEU D 43 -21.29 -38.94 51.71
CA LEU D 43 -22.12 -37.76 51.37
C LEU D 43 -21.30 -36.47 51.36
N GLY D 44 -21.76 -35.49 50.60
CA GLY D 44 -21.08 -34.18 50.58
C GLY D 44 -20.89 -33.66 49.18
N ALA D 45 -20.50 -34.54 48.29
CA ALA D 45 -20.33 -34.13 46.87
C ALA D 45 -21.69 -34.21 46.17
N HIS D 46 -22.73 -34.64 46.89
CA HIS D 46 -24.01 -34.88 46.20
C HIS D 46 -25.19 -34.17 46.86
N ARG D 47 -26.22 -33.96 46.08
CA ARG D 47 -27.47 -33.47 46.68
C ARG D 47 -28.45 -34.63 46.64
N VAL D 48 -29.12 -34.85 47.75
CA VAL D 48 -30.00 -36.05 47.88
C VAL D 48 -31.45 -35.64 47.81
N GLY D 49 -32.27 -36.51 47.23
CA GLY D 49 -33.68 -36.17 47.06
C GLY D 49 -34.61 -37.24 47.59
N TRP D 50 -35.84 -36.83 47.94
CA TRP D 50 -36.85 -37.76 48.48
C TRP D 50 -38.03 -37.82 47.53
N PHE D 51 -38.27 -39.00 46.99
CA PHE D 51 -39.44 -39.21 46.11
C PHE D 51 -40.22 -40.39 46.67
N ARG D 52 -41.50 -40.44 46.35
CA ARG D 52 -42.35 -41.54 46.86
C ARG D 52 -43.19 -42.14 45.74
N ARG D 53 -43.48 -43.43 45.85
CA ARG D 53 -44.34 -44.10 44.85
C ARG D 53 -45.75 -44.25 45.41
N ALA D 54 -46.71 -43.64 44.73
CA ALA D 54 -48.12 -43.84 45.11
C ALA D 54 -48.51 -45.26 44.69
N PRO D 55 -49.56 -45.87 45.27
CA PRO D 55 -49.90 -47.25 44.95
C PRO D 55 -50.14 -47.45 43.44
N GLY D 56 -50.72 -46.44 42.77
CA GLY D 56 -50.96 -46.56 41.32
C GLY D 56 -50.19 -45.53 40.49
N LYS D 57 -49.15 -44.93 41.05
CA LYS D 57 -48.44 -43.86 40.32
C LYS D 57 -46.93 -44.03 40.45
N GLU D 58 -46.20 -43.33 39.59
CA GLU D 58 -44.71 -43.37 39.65
C GLU D 58 -44.15 -42.34 40.63
N ARG D 59 -42.83 -42.40 40.85
CA ARG D 59 -42.19 -41.52 41.85
C ARG D 59 -42.42 -40.04 41.56
N GLU D 60 -42.63 -39.27 42.62
CA GLU D 60 -42.77 -37.80 42.47
C GLU D 60 -41.94 -37.13 43.54
N PHE D 61 -41.57 -35.88 43.28
CA PHE D 61 -40.69 -35.17 44.24
C PHE D 61 -41.40 -34.74 45.51
N VAL D 62 -40.71 -34.93 46.64
CA VAL D 62 -41.23 -34.47 47.95
C VAL D 62 -40.21 -33.52 48.61
N ALA D 63 -38.97 -33.95 48.76
CA ALA D 63 -37.97 -33.10 49.43
C ALA D 63 -36.56 -33.36 48.91
N ALA D 64 -35.70 -32.34 48.95
CA ALA D 64 -34.27 -32.53 48.60
C ALA D 64 -33.49 -31.40 49.25
N ILE D 65 -32.27 -31.71 49.68
CA ILE D 65 -31.44 -30.67 50.33
C ILE D 65 -29.99 -30.81 49.87
N GLY D 66 -29.36 -29.68 49.56
CA GLY D 66 -27.95 -29.68 49.19
C GLY D 66 -27.06 -29.62 50.41
N ALA D 67 -25.81 -30.07 50.27
CA ALA D 67 -24.92 -30.15 51.44
C ALA D 67 -24.75 -28.78 52.08
N ASN D 68 -24.99 -28.71 53.39
CA ASN D 68 -24.84 -27.44 54.16
C ASN D 68 -25.65 -26.37 53.45
N GLY D 69 -26.71 -26.79 52.76
CA GLY D 69 -27.42 -25.82 51.92
C GLY D 69 -28.79 -25.47 52.45
N GLY D 70 -29.26 -24.26 52.13
CA GLY D 70 -30.62 -23.85 52.50
C GLY D 70 -31.54 -23.93 51.30
N ASN D 71 -31.11 -24.63 50.25
CA ASN D 71 -31.96 -24.73 49.03
C ASN D 71 -32.98 -25.82 49.29
N THR D 72 -34.24 -25.41 49.43
CA THR D 72 -35.31 -26.38 49.76
C THR D 72 -36.40 -26.32 48.70
N ASN D 73 -36.76 -27.49 48.17
CA ASN D 73 -37.89 -27.57 47.24
C ASN D 73 -38.84 -28.63 47.78
N TYR D 74 -40.15 -28.40 47.64
CA TYR D 74 -41.14 -29.41 48.09
C TYR D 74 -42.35 -29.40 47.17
N LEU D 75 -43.08 -30.51 47.15
CA LEU D 75 -44.35 -30.53 46.40
C LEU D 75 -45.42 -29.72 47.15
N ASP D 76 -46.35 -29.15 46.41
CA ASP D 76 -47.41 -28.32 47.04
C ASP D 76 -48.24 -29.19 47.98
N SER D 77 -48.50 -30.44 47.62
CA SER D 77 -49.28 -31.33 48.51
C SER D 77 -48.54 -31.56 49.83
N VAL D 78 -47.24 -31.84 49.75
CA VAL D 78 -46.45 -32.12 50.98
C VAL D 78 -46.01 -30.80 51.62
N LYS D 79 -46.33 -29.68 50.98
CA LYS D 79 -45.93 -28.39 51.55
C LYS D 79 -46.69 -28.11 52.84
N GLY D 80 -46.08 -27.35 53.73
CA GLY D 80 -46.80 -26.92 54.95
C GLY D 80 -46.63 -27.85 56.13
N ARG D 81 -46.24 -29.12 55.88
CA ARG D 81 -45.96 -30.02 57.03
C ARG D 81 -44.78 -30.96 56.80
N PHE D 82 -43.83 -30.60 55.94
CA PHE D 82 -42.60 -31.40 55.80
C PHE D 82 -41.38 -30.51 55.87
N THR D 83 -40.29 -31.04 56.44
CA THR D 83 -38.99 -30.32 56.37
C THR D 83 -37.94 -31.40 56.15
N ILE D 84 -36.85 -31.01 55.50
CA ILE D 84 -35.74 -31.97 55.26
C ILE D 84 -34.48 -31.41 55.89
N SER D 85 -33.60 -32.30 56.33
CA SER D 85 -32.38 -31.86 57.04
C SER D 85 -31.20 -32.76 56.68
N ARG D 86 -30.00 -32.21 56.89
CA ARG D 86 -28.75 -32.98 56.64
C ARG D 86 -27.84 -32.78 57.86
N ASP D 87 -27.50 -33.85 58.57
CA ASP D 87 -26.78 -33.68 59.85
C ASP D 87 -25.34 -33.21 59.62
N ASN D 88 -24.72 -33.70 58.54
CA ASN D 88 -23.32 -33.34 58.18
C ASN D 88 -22.31 -34.12 59.00
N ALA D 89 -22.74 -34.92 59.98
CA ALA D 89 -21.75 -35.59 60.85
C ALA D 89 -21.82 -37.10 60.67
N LYS D 90 -23.00 -37.66 60.83
CA LYS D 90 -23.16 -39.13 60.72
C LYS D 90 -23.40 -39.55 59.26
N ASN D 91 -23.36 -38.61 58.33
CA ASN D 91 -23.58 -38.90 56.90
C ASN D 91 -24.96 -39.53 56.72
N THR D 92 -25.94 -39.05 57.48
CA THR D 92 -27.32 -39.54 57.32
C THR D 92 -28.26 -38.36 57.15
N ILE D 93 -29.27 -38.53 56.33
CA ILE D 93 -30.22 -37.41 56.08
C ILE D 93 -31.52 -37.72 56.80
N TYR D 94 -32.23 -36.66 57.18
CA TYR D 94 -33.47 -36.85 57.97
C TYR D 94 -34.65 -36.20 57.27
N LEU D 95 -35.75 -36.94 57.16
CA LEU D 95 -37.01 -36.34 56.64
C LEU D 95 -38.09 -36.55 57.70
N GLN D 96 -38.80 -35.47 58.02
CA GLN D 96 -39.85 -35.58 59.05
C GLN D 96 -41.22 -35.46 58.42
N MET D 97 -42.10 -36.39 58.77
CA MET D 97 -43.52 -36.26 58.38
C MET D 97 -44.24 -35.71 59.61
N ASN D 98 -45.19 -34.80 59.39
CA ASN D 98 -45.95 -34.23 60.51
C ASN D 98 -47.44 -34.34 60.21
N SER D 99 -48.14 -35.20 60.94
CA SER D 99 -49.61 -35.36 60.73
C SER D 99 -49.93 -35.71 59.27
N LEU D 100 -49.47 -36.87 58.81
CA LEU D 100 -49.72 -37.27 57.40
C LEU D 100 -51.21 -37.49 57.14
N LYS D 101 -51.72 -36.90 56.06
CA LYS D 101 -53.11 -37.18 55.65
C LYS D 101 -53.10 -38.58 55.06
N PRO D 102 -54.06 -39.46 55.43
CA PRO D 102 -53.94 -40.88 55.11
C PRO D 102 -53.61 -41.26 53.65
N GLN D 103 -54.12 -40.51 52.69
CA GLN D 103 -53.89 -40.87 51.27
C GLN D 103 -52.43 -40.61 50.86
N ASP D 104 -51.63 -40.03 51.75
CA ASP D 104 -50.23 -39.68 51.39
C ASP D 104 -49.27 -40.85 51.64
N THR D 105 -49.79 -42.00 52.05
CA THR D 105 -48.91 -43.15 52.27
C THR D 105 -48.19 -43.53 50.97
N ALA D 106 -46.89 -43.79 51.09
CA ALA D 106 -46.12 -44.22 49.91
C ALA D 106 -44.77 -44.76 50.34
N VAL D 107 -44.02 -45.28 49.38
CA VAL D 107 -42.65 -45.77 49.67
C VAL D 107 -41.66 -44.70 49.21
N TYR D 108 -40.82 -44.25 50.13
CA TYR D 108 -39.90 -43.13 49.81
C TYR D 108 -38.51 -43.67 49.48
N TYR D 109 -37.84 -43.02 48.53
CA TYR D 109 -36.51 -43.50 48.08
C TYR D 109 -35.47 -42.39 48.17
N CYS D 110 -34.30 -42.71 48.71
CA CYS D 110 -33.19 -41.73 48.71
C CYS D 110 -32.45 -41.84 47.38
N ALA D 111 -32.13 -40.69 46.79
CA ALA D 111 -31.38 -40.69 45.52
C ALA D 111 -30.43 -39.49 45.51
N ALA D 112 -29.33 -39.60 44.78
CA ALA D 112 -28.30 -38.54 44.81
C ALA D 112 -27.86 -38.17 43.40
N ARG D 113 -27.27 -36.98 43.28
CA ARG D 113 -26.83 -36.49 41.96
C ARG D 113 -25.34 -36.24 41.92
N ASP D 114 -24.67 -36.70 40.86
CA ASP D 114 -23.26 -36.28 40.64
C ASP D 114 -23.33 -35.21 39.54
N ILE D 115 -23.79 -35.60 38.36
CA ILE D 115 -24.09 -34.61 37.28
C ILE D 115 -25.38 -35.13 36.67
N GLU D 116 -26.52 -34.51 37.00
CA GLU D 116 -27.80 -35.09 36.55
C GLU D 116 -27.95 -34.97 35.03
N THR D 117 -28.18 -36.08 34.37
CA THR D 117 -28.34 -36.06 32.90
C THR D 117 -29.74 -36.53 32.57
N ALA D 118 -30.18 -37.65 33.14
CA ALA D 118 -31.56 -38.13 32.95
C ALA D 118 -32.30 -38.01 34.29
N GLU D 119 -31.78 -38.66 35.32
CA GLU D 119 -32.37 -38.57 36.68
C GLU D 119 -31.19 -38.60 37.68
N TYR D 120 -31.49 -38.80 38.96
CA TYR D 120 -30.41 -38.83 39.98
C TYR D 120 -29.50 -40.02 39.73
N THR D 121 -28.23 -39.89 40.10
CA THR D 121 -27.24 -40.94 39.76
C THR D 121 -27.55 -42.28 40.41
N TYR D 122 -27.84 -42.30 41.71
CA TYR D 122 -28.04 -43.59 42.41
C TYR D 122 -29.44 -43.67 43.00
N TRP D 123 -29.98 -44.88 43.05
CA TRP D 123 -31.31 -45.10 43.65
C TRP D 123 -31.16 -46.00 44.88
N GLY D 124 -31.70 -45.58 46.01
CA GLY D 124 -31.69 -46.44 47.19
C GLY D 124 -32.73 -47.53 47.12
N GLN D 125 -32.59 -48.56 47.97
CA GLN D 125 -33.58 -49.67 48.00
C GLN D 125 -34.92 -49.18 48.56
N GLY D 126 -34.87 -48.19 49.45
CA GLY D 126 -36.12 -47.60 49.95
C GLY D 126 -36.76 -48.30 51.11
N THR D 127 -37.97 -47.86 51.45
CA THR D 127 -38.68 -48.43 52.61
C THR D 127 -40.16 -48.11 52.45
N GLN D 128 -40.98 -48.73 53.30
CA GLN D 128 -42.45 -48.53 53.22
C GLN D 128 -42.94 -47.86 54.49
N VAL D 129 -43.70 -46.79 54.32
CA VAL D 129 -44.37 -46.18 55.50
C VAL D 129 -45.84 -46.00 55.15
N THR D 130 -46.72 -46.43 56.04
CA THR D 130 -48.16 -46.39 55.74
C THR D 130 -48.90 -45.90 56.96
N VAL D 131 -50.09 -45.34 56.73
CA VAL D 131 -50.83 -44.73 57.86
C VAL D 131 -52.24 -45.32 57.93
N SER D 132 -52.66 -45.67 59.14
CA SER D 132 -54.02 -46.22 59.35
C SER D 132 -54.93 -45.11 59.89
N SER D 133 -56.12 -44.97 59.30
CA SER D 133 -57.01 -43.86 59.69
C SER D 133 -57.66 -44.17 61.04
N GLN E 17 18.71 -46.83 42.90
CA GLN E 17 18.88 -47.09 41.45
C GLN E 17 18.53 -48.56 41.20
N VAL E 18 18.87 -49.03 40.01
CA VAL E 18 18.56 -50.44 39.62
C VAL E 18 19.85 -51.26 39.66
N GLN E 19 19.80 -52.42 40.28
CA GLN E 19 20.99 -53.28 40.43
C GLN E 19 20.71 -54.64 39.82
N LEU E 20 21.73 -55.24 39.20
CA LEU E 20 21.52 -56.51 38.49
C LEU E 20 22.37 -57.63 39.10
N VAL E 21 21.78 -58.82 39.26
CA VAL E 21 22.53 -60.01 39.76
C VAL E 21 22.07 -61.19 38.92
N GLU E 22 23.01 -62.07 38.56
CA GLU E 22 22.70 -63.21 37.64
C GLU E 22 22.77 -64.54 38.38
N SER E 23 21.91 -65.47 38.02
CA SER E 23 21.96 -66.83 38.61
C SER E 23 21.66 -67.90 37.56
N GLY E 24 22.15 -69.13 37.78
CA GLY E 24 21.81 -70.23 36.87
C GLY E 24 22.84 -70.57 35.79
N GLY E 25 24.01 -69.96 35.80
CA GLY E 25 25.06 -70.29 34.82
C GLY E 25 25.95 -71.43 35.28
N GLY E 26 26.36 -72.30 34.36
CA GLY E 26 27.20 -73.43 34.75
C GLY E 26 27.63 -74.27 33.58
N LEU E 27 28.22 -75.43 33.87
CA LEU E 27 28.63 -76.36 32.80
C LEU E 27 27.49 -77.31 32.44
N VAL E 28 27.23 -77.43 31.14
CA VAL E 28 26.17 -78.35 30.68
C VAL E 28 26.68 -79.10 29.46
N GLN E 29 26.03 -80.22 29.16
CA GLN E 29 26.45 -81.03 28.00
C GLN E 29 26.05 -80.36 26.69
N ALA E 30 26.71 -80.74 25.60
CA ALA E 30 26.34 -80.18 24.28
C ALA E 30 24.91 -80.58 23.97
N GLY E 31 24.10 -79.62 23.52
CA GLY E 31 22.68 -79.91 23.29
C GLY E 31 21.82 -79.72 24.53
N GLY E 32 22.44 -79.35 25.66
CA GLY E 32 21.70 -79.22 26.92
C GLY E 32 20.89 -77.94 26.99
N SER E 33 19.82 -77.94 27.78
CA SER E 33 19.06 -76.69 28.01
C SER E 33 19.26 -76.25 29.45
N LEU E 34 19.91 -75.11 29.65
CA LEU E 34 20.19 -74.61 31.01
C LEU E 34 19.21 -73.49 31.36
N ARG E 35 19.12 -73.14 32.64
CA ARG E 35 18.28 -71.98 33.04
C ARG E 35 19.13 -70.83 33.56
N LEU E 36 19.30 -69.79 32.73
CA LEU E 36 19.99 -68.58 33.24
C LEU E 36 18.88 -67.62 33.68
N SER E 37 18.93 -67.19 34.93
CA SER E 37 17.90 -66.28 35.46
C SER E 37 18.60 -65.19 36.27
N CYS E 38 18.47 -63.93 35.82
CA CYS E 38 19.15 -62.81 36.52
C CYS E 38 18.11 -61.95 37.23
N ALA E 39 18.37 -61.65 38.50
CA ALA E 39 17.45 -60.82 39.29
C ALA E 39 17.85 -59.37 39.22
N VAL E 40 16.85 -58.49 39.26
CA VAL E 40 17.11 -57.03 39.13
C VAL E 40 16.42 -56.33 40.27
N SER E 41 16.85 -55.10 40.58
CA SER E 41 16.21 -54.31 41.65
C SER E 41 15.46 -53.13 41.04
N GLY E 42 14.15 -53.04 41.28
CA GLY E 42 13.38 -51.87 40.81
C GLY E 42 13.19 -51.81 39.30
N LEU E 43 13.26 -52.96 38.61
CA LEU E 43 13.08 -52.95 37.14
C LEU E 43 11.61 -52.72 36.79
N GLY E 44 11.35 -52.58 35.50
CA GLY E 44 9.95 -52.41 35.04
C GLY E 44 9.85 -51.42 33.89
N ALA E 45 10.75 -50.42 33.89
CA ALA E 45 10.71 -49.37 32.86
C ALA E 45 11.96 -49.43 31.96
N HIS E 46 12.62 -50.59 31.90
CA HIS E 46 13.89 -50.66 31.15
C HIS E 46 13.85 -51.86 30.19
N ARG E 47 14.47 -51.68 29.03
CA ARG E 47 14.49 -52.76 28.02
C ARG E 47 15.65 -53.66 28.43
N VAL E 48 15.32 -54.80 29.00
CA VAL E 48 16.40 -55.69 29.49
C VAL E 48 17.10 -56.35 28.30
N GLY E 49 18.35 -56.76 28.50
CA GLY E 49 19.10 -57.48 27.46
C GLY E 49 20.07 -58.48 28.06
N TRP E 50 20.40 -59.50 27.29
CA TRP E 50 21.38 -60.53 27.75
C TRP E 50 22.62 -60.43 26.86
N PHE E 51 23.79 -60.44 27.49
CA PHE E 51 25.03 -60.30 26.71
C PHE E 51 26.09 -61.30 27.18
N ARG E 52 26.99 -61.64 26.26
CA ARG E 52 28.03 -62.63 26.57
C ARG E 52 29.43 -62.15 26.15
N ARG E 53 30.43 -62.56 26.94
CA ARG E 53 31.82 -62.27 26.57
C ARG E 53 32.43 -63.57 26.05
N ALA E 54 32.70 -63.61 24.75
CA ALA E 54 33.37 -64.80 24.19
C ALA E 54 34.80 -64.81 24.74
N PRO E 55 35.43 -66.00 24.91
CA PRO E 55 36.80 -66.04 25.42
C PRO E 55 37.76 -65.23 24.54
N GLY E 56 37.55 -65.22 23.23
CA GLY E 56 38.43 -64.45 22.33
C GLY E 56 37.76 -63.24 21.69
N LYS E 57 36.54 -62.92 22.12
CA LYS E 57 35.80 -61.81 21.49
C LYS E 57 35.12 -60.95 22.55
N GLU E 58 34.76 -59.73 22.18
CA GLU E 58 34.12 -58.83 23.15
C GLU E 58 32.64 -59.16 23.27
N ARG E 59 31.94 -58.32 24.04
CA ARG E 59 30.49 -58.55 24.27
C ARG E 59 29.67 -58.37 23.00
N GLU E 60 28.71 -59.25 22.80
CA GLU E 60 27.81 -59.09 21.64
C GLU E 60 26.37 -59.33 22.08
N PHE E 61 25.44 -58.76 21.32
CA PHE E 61 24.00 -58.87 21.66
C PHE E 61 23.53 -60.32 21.63
N VAL E 62 22.59 -60.64 22.51
CA VAL E 62 21.94 -61.99 22.46
C VAL E 62 20.42 -61.81 22.29
N ALA E 63 19.79 -61.08 23.22
CA ALA E 63 18.33 -60.92 23.18
C ALA E 63 17.95 -59.63 23.87
N ALA E 64 16.80 -59.07 23.48
CA ALA E 64 16.32 -57.84 24.13
C ALA E 64 14.80 -57.78 24.04
N ILE E 65 14.17 -57.48 25.18
CA ILE E 65 12.69 -57.37 25.22
C ILE E 65 12.33 -56.17 26.07
N GLY E 66 11.33 -55.39 25.63
CA GLY E 66 10.85 -54.27 26.44
C GLY E 66 9.88 -54.72 27.50
N ALA E 67 9.54 -53.83 28.43
CA ALA E 67 8.60 -54.20 29.50
C ALA E 67 7.23 -54.54 28.93
N ASN E 68 6.70 -55.70 29.30
CA ASN E 68 5.40 -56.17 28.75
C ASN E 68 5.48 -56.10 27.24
N GLY E 69 6.62 -56.51 26.71
CA GLY E 69 6.81 -56.26 25.28
C GLY E 69 6.90 -57.48 24.42
N GLY E 70 6.69 -57.29 23.12
CA GLY E 70 6.88 -58.37 22.13
C GLY E 70 8.02 -58.00 21.20
N ASN E 71 8.76 -56.93 21.52
CA ASN E 71 9.84 -56.49 20.60
C ASN E 71 11.02 -57.42 20.81
N THR E 72 11.12 -58.45 19.97
CA THR E 72 12.22 -59.44 20.14
C THR E 72 13.17 -59.39 18.94
N ASN E 73 14.46 -59.32 19.21
CA ASN E 73 15.46 -59.42 18.13
C ASN E 73 16.50 -60.44 18.58
N TYR E 74 16.96 -61.29 17.66
CA TYR E 74 18.05 -62.23 18.03
C TYR E 74 19.11 -62.23 16.93
N LEU E 75 20.34 -62.45 17.34
CA LEU E 75 21.42 -62.57 16.34
C LEU E 75 21.17 -63.83 15.50
N ASP E 76 21.68 -63.82 14.28
CA ASP E 76 21.48 -64.99 13.39
C ASP E 76 22.06 -66.24 14.04
N SER E 77 23.16 -66.11 14.78
CA SER E 77 23.74 -67.28 15.49
C SER E 77 22.73 -67.83 16.49
N VAL E 78 22.05 -66.93 17.22
CA VAL E 78 21.06 -67.38 18.24
C VAL E 78 19.68 -67.47 17.60
N LYS E 79 19.59 -67.25 16.28
CA LYS E 79 18.27 -67.23 15.62
C LYS E 79 17.61 -68.60 15.62
N GLY E 80 16.35 -68.66 16.03
CA GLY E 80 15.59 -69.92 15.99
C GLY E 80 15.91 -70.84 17.14
N ARG E 81 16.82 -70.43 18.03
CA ARG E 81 17.24 -71.38 19.09
C ARG E 81 17.45 -70.76 20.47
N PHE E 82 17.29 -69.45 20.62
CA PHE E 82 17.32 -68.86 21.99
C PHE E 82 16.18 -67.85 22.11
N THR E 83 15.44 -67.94 23.21
CA THR E 83 14.35 -66.96 23.46
C THR E 83 14.47 -66.42 24.89
N ILE E 84 14.10 -65.16 25.06
CA ILE E 84 14.16 -64.52 26.40
C ILE E 84 12.73 -64.27 26.85
N SER E 85 12.53 -64.24 28.14
CA SER E 85 11.18 -64.01 28.68
C SER E 85 11.24 -63.01 29.82
N ARG E 86 10.15 -62.29 30.01
CA ARG E 86 10.07 -61.32 31.13
C ARG E 86 8.88 -61.71 31.99
N ASP E 87 9.11 -61.84 33.29
CA ASP E 87 8.01 -62.25 34.20
C ASP E 87 7.10 -61.07 34.52
N ASN E 88 7.68 -59.92 34.82
CA ASN E 88 6.91 -58.73 35.29
C ASN E 88 6.31 -59.02 36.67
N ALA E 89 6.59 -60.20 37.24
CA ALA E 89 6.00 -60.58 38.55
C ALA E 89 7.10 -60.77 39.60
N LYS E 90 8.14 -61.54 39.27
CA LYS E 90 9.19 -61.86 40.29
C LYS E 90 10.44 -61.00 40.10
N ASN E 91 10.39 -59.99 39.24
CA ASN E 91 11.55 -59.06 39.10
C ASN E 91 12.81 -59.82 38.64
N THR E 92 12.63 -60.75 37.71
CA THR E 92 13.79 -61.47 37.14
C THR E 92 13.43 -61.81 35.69
N ILE E 93 14.43 -62.24 34.92
CA ILE E 93 14.19 -62.53 33.49
C ILE E 93 14.67 -63.91 33.18
N TYR E 94 14.15 -64.47 32.09
CA TYR E 94 14.48 -65.86 31.72
C TYR E 94 14.92 -65.93 30.26
N LEU E 95 16.03 -66.61 29.98
CA LEU E 95 16.42 -66.79 28.57
C LEU E 95 16.47 -68.29 28.28
N GLN E 96 15.87 -68.70 27.17
CA GLN E 96 15.76 -70.13 26.83
C GLN E 96 16.97 -70.58 26.02
N MET E 97 17.78 -71.44 26.61
CA MET E 97 18.88 -72.05 25.85
C MET E 97 18.38 -73.40 25.34
N ASN E 98 18.44 -73.59 24.02
CA ASN E 98 17.98 -74.86 23.42
C ASN E 98 19.08 -75.46 22.56
N SER E 99 19.50 -76.68 22.87
CA SER E 99 20.52 -77.39 22.05
C SER E 99 21.73 -76.49 21.84
N LEU E 100 22.23 -75.86 22.92
CA LEU E 100 23.32 -74.88 22.74
C LEU E 100 24.57 -75.57 22.19
N LYS E 101 24.94 -75.21 20.96
CA LYS E 101 26.10 -75.85 20.30
C LYS E 101 27.35 -75.43 21.06
N PRO E 102 28.43 -76.22 21.08
CA PRO E 102 29.52 -75.97 22.00
C PRO E 102 30.22 -74.62 21.88
N GLN E 103 30.32 -74.09 20.67
CA GLN E 103 31.10 -72.85 20.46
C GLN E 103 30.34 -71.62 20.94
N ASP E 104 29.18 -71.81 21.59
CA ASP E 104 28.45 -70.63 22.14
C ASP E 104 28.76 -70.42 23.63
N THR E 105 29.72 -71.15 24.17
CA THR E 105 30.08 -70.94 25.59
C THR E 105 30.65 -69.53 25.79
N ALA E 106 30.38 -68.95 26.95
CA ALA E 106 30.90 -67.60 27.26
C ALA E 106 30.53 -67.29 28.71
N VAL E 107 30.80 -66.06 29.12
CA VAL E 107 30.28 -65.59 30.43
C VAL E 107 29.11 -64.66 30.09
N TYR E 108 27.95 -64.94 30.69
CA TYR E 108 26.72 -64.21 30.33
C TYR E 108 26.48 -63.05 31.29
N TYR E 109 25.79 -62.03 30.80
CA TYR E 109 25.48 -60.84 31.62
C TYR E 109 24.12 -60.25 31.22
N CYS E 110 23.46 -59.59 32.17
CA CYS E 110 22.23 -58.85 31.84
C CYS E 110 22.57 -57.36 31.75
N ALA E 111 21.76 -56.60 31.03
CA ALA E 111 21.94 -55.13 30.98
C ALA E 111 20.62 -54.45 30.64
N ALA E 112 20.46 -53.21 31.11
CA ALA E 112 19.19 -52.46 30.88
C ALA E 112 19.41 -50.96 30.66
N ARG E 113 18.46 -50.31 29.99
CA ARG E 113 18.53 -48.86 29.72
C ARG E 113 17.39 -48.02 30.27
N ASP E 114 17.73 -46.87 30.86
CA ASP E 114 16.66 -45.90 31.25
C ASP E 114 16.85 -44.74 30.29
N ILE E 115 17.99 -44.05 30.37
CA ILE E 115 18.35 -43.00 29.38
C ILE E 115 19.84 -43.18 29.18
N GLU E 116 20.27 -43.44 27.93
CA GLU E 116 21.69 -43.83 27.77
C GLU E 116 22.48 -43.03 26.74
N THR E 117 23.79 -42.96 26.97
CA THR E 117 24.72 -42.35 25.98
C THR E 117 25.71 -43.45 25.60
N ALA E 118 25.96 -44.39 26.53
CA ALA E 118 26.80 -45.56 26.20
C ALA E 118 25.90 -46.71 25.75
N GLU E 119 26.46 -47.92 25.73
CA GLU E 119 25.63 -49.04 25.25
C GLU E 119 24.37 -49.16 26.08
N TYR E 120 24.52 -49.28 27.40
CA TYR E 120 23.37 -49.35 28.33
C TYR E 120 23.87 -48.74 29.64
N THR E 121 22.97 -48.08 30.36
CA THR E 121 23.41 -47.37 31.60
C THR E 121 23.75 -48.34 32.72
N TYR E 122 22.91 -49.36 32.93
CA TYR E 122 23.12 -50.26 34.09
C TYR E 122 23.42 -51.67 33.62
N TRP E 123 24.29 -52.36 34.34
CA TRP E 123 24.81 -53.67 33.85
C TRP E 123 24.64 -54.76 34.88
N GLY E 124 24.90 -55.99 34.47
CA GLY E 124 24.95 -57.09 35.43
C GLY E 124 26.35 -57.68 35.51
N GLN E 125 26.80 -58.07 36.70
CA GLN E 125 28.13 -58.70 36.87
C GLN E 125 28.15 -60.07 36.19
N GLY E 126 26.99 -60.68 36.01
CA GLY E 126 26.93 -61.91 35.21
C GLY E 126 27.50 -63.16 35.84
N THR E 127 27.67 -64.18 34.98
CA THR E 127 28.19 -65.48 35.45
C THR E 127 28.75 -66.24 34.27
N GLN E 128 29.27 -67.43 34.53
CA GLN E 128 29.93 -68.23 33.48
C GLN E 128 29.03 -69.36 32.98
N VAL E 129 28.98 -69.53 31.67
CA VAL E 129 28.26 -70.70 31.10
C VAL E 129 29.25 -71.47 30.23
N THR E 130 29.37 -72.78 30.50
CA THR E 130 30.37 -73.60 29.79
C THR E 130 29.69 -74.85 29.24
N VAL E 131 30.07 -75.22 28.02
CA VAL E 131 29.44 -76.42 27.38
C VAL E 131 30.52 -77.38 26.91
N SER E 132 30.34 -78.66 27.25
CA SER E 132 31.33 -79.70 26.87
C SER E 132 30.77 -80.54 25.73
N SER E 133 31.57 -80.74 24.68
CA SER E 133 31.13 -81.56 23.53
C SER E 133 30.99 -83.04 23.91
#